data_8TQP
#
_entry.id   8TQP
#
_cell.length_a   89.845
_cell.length_b   89.956
_cell.length_c   115.400
_cell.angle_alpha   87.012
_cell.angle_beta   78.394
_cell.angle_gamma   60.335
#
_symmetry.space_group_name_H-M   'P 1'
#
loop_
_entity.id
_entity.type
_entity.pdbx_description
1 polymer 'Gag polyprotein'
2 non-polymer 2-[4-(4-aminobenzene-1-sulfonyl)-2-oxopiperazin-1-yl]-N-{(1R)-2-(3,5-difluorophenyl)-1-[3-(4-methoxyphenyl)-4-oxo-3,4-dihydroquinazolin-2-yl]ethyl}acetamide
3 water water
#
_entity_poly.entity_id   1
_entity_poly.type   'polypeptide(L)'
_entity_poly.pdbx_seq_one_letter_code
;PIVQNLQGQMVHQCISPRTLNAWVKVVEEKAFSPEVIPMFSALSCGATPQDLNTMLNTVGGHQAAMQMLKETINEEAAEW
DRLHPVHAGPIAPGQMREPRGSDIAGTTSTLQEQIGWMTHNPPIPVGEIYKRWIILGLNKIVRMYSPTSILDIRQGPKEP
FRDYVDRFYKTLRAEQASQEVKNAATETLLVQNANPDCKTILKALGPGATLEEMMTACQGVGGPGHKARVL
;
_entity_poly.pdbx_strand_id   A,B,C,D,E,F,G,I,J,K,L,H
#
loop_
_chem_comp.id
_chem_comp.type
_chem_comp.name
_chem_comp.formula
K3L non-polymer 2-[4-(4-aminobenzene-1-sulfonyl)-2-oxopiperazin-1-yl]-N-{(1R)-2-(3,5-difluorophenyl)-1-[3-(4-methoxyphenyl)-4-oxo-3,4-dihydroquinazolin-2-yl]ethyl}acetamide 'C35 H32 F2 N6 O6 S'
#
# COMPACT_ATOMS: atom_id res chain seq x y z
N PRO A 1 -1.70 -22.21 1.76
CA PRO A 1 -0.95 -21.98 2.99
C PRO A 1 -1.46 -20.74 3.70
N ILE A 2 -0.86 -20.45 4.87
CA ILE A 2 -1.03 -19.17 5.53
C ILE A 2 0.30 -18.43 5.42
N VAL A 3 0.24 -17.19 4.91
CA VAL A 3 1.43 -16.38 4.68
C VAL A 3 1.06 -14.91 4.88
N GLN A 4 2.09 -14.03 4.83
CA GLN A 4 1.96 -12.66 5.29
C GLN A 4 1.90 -11.67 4.12
N ASN A 5 0.81 -10.88 4.04
CA ASN A 5 0.63 -9.91 2.96
C ASN A 5 1.62 -8.76 3.17
N LEU A 6 2.09 -8.17 2.05
CA LEU A 6 3.12 -7.14 2.09
C LEU A 6 2.75 -6.01 3.04
N GLN A 7 1.44 -5.85 3.35
CA GLN A 7 0.99 -5.02 4.45
C GLN A 7 1.60 -5.53 5.77
N GLY A 8 1.09 -6.66 6.29
CA GLY A 8 1.44 -7.10 7.63
C GLY A 8 0.58 -8.27 8.13
N GLN A 9 -0.69 -8.35 7.70
CA GLN A 9 -1.68 -9.34 8.14
C GLN A 9 -1.31 -10.75 7.63
N MET A 10 -1.80 -11.79 8.33
CA MET A 10 -1.62 -13.19 7.97
C MET A 10 -2.87 -13.68 7.22
N VAL A 11 -2.67 -14.22 6.02
CA VAL A 11 -3.79 -14.52 5.13
C VAL A 11 -3.60 -15.89 4.51
N HIS A 12 -4.74 -16.55 4.18
CA HIS A 12 -4.75 -17.81 3.48
C HIS A 12 -4.52 -17.59 1.99
N GLN A 13 -3.54 -18.30 1.42
CA GLN A 13 -3.41 -18.43 -0.01
C GLN A 13 -3.71 -19.85 -0.45
N CYS A 14 -4.04 -19.99 -1.72
CA CYS A 14 -4.11 -21.28 -2.39
C CYS A 14 -2.70 -21.87 -2.49
N ILE A 15 -2.63 -23.20 -2.66
CA ILE A 15 -1.36 -23.81 -2.98
C ILE A 15 -1.03 -23.43 -4.41
N SER A 16 0.22 -23.08 -4.68
CA SER A 16 0.60 -22.73 -6.05
C SER A 16 0.59 -24.02 -6.86
N PRO A 17 0.32 -23.94 -8.18
CA PRO A 17 0.65 -25.05 -9.09
C PRO A 17 2.12 -25.45 -9.02
N ARG A 18 3.01 -24.46 -8.80
CA ARG A 18 4.45 -24.68 -8.73
C ARG A 18 4.70 -25.67 -7.61
N THR A 19 4.06 -25.44 -6.45
CA THR A 19 4.22 -26.27 -5.27
C THR A 19 3.63 -27.67 -5.48
N LEU A 20 2.41 -27.71 -6.05
CA LEU A 20 1.76 -28.97 -6.34
C LEU A 20 2.66 -29.82 -7.22
N ASN A 21 3.11 -29.21 -8.31
CA ASN A 21 3.87 -29.93 -9.32
C ASN A 21 5.17 -30.41 -8.69
N ALA A 22 5.78 -29.51 -7.91
CA ALA A 22 7.05 -29.79 -7.26
C ALA A 22 6.93 -31.06 -6.43
N TRP A 23 5.80 -31.18 -5.69
CA TRP A 23 5.60 -32.27 -4.76
C TRP A 23 5.41 -33.57 -5.51
N VAL A 24 4.65 -33.52 -6.59
CA VAL A 24 4.34 -34.71 -7.34
C VAL A 24 5.63 -35.23 -7.94
N LYS A 25 6.44 -34.30 -8.50
CA LYS A 25 7.69 -34.65 -9.15
C LYS A 25 8.62 -35.32 -8.15
N VAL A 26 8.74 -34.70 -6.97
CA VAL A 26 9.56 -35.22 -5.90
C VAL A 26 9.22 -36.68 -5.69
N VAL A 27 7.92 -36.97 -5.57
CA VAL A 27 7.46 -38.30 -5.21
C VAL A 27 7.67 -39.24 -6.40
N GLU A 28 7.43 -38.74 -7.61
CA GLU A 28 7.62 -39.52 -8.83
C GLU A 28 9.10 -39.87 -8.96
N GLU A 29 9.98 -38.85 -8.91
CA GLU A 29 11.39 -39.04 -9.15
C GLU A 29 12.05 -39.79 -8.00
N LYS A 30 11.80 -39.39 -6.74
CA LYS A 30 12.62 -39.80 -5.59
C LYS A 30 11.92 -40.82 -4.67
N ALA A 31 10.70 -41.27 -5.00
CA ALA A 31 9.97 -42.29 -4.24
C ALA A 31 9.92 -41.90 -2.78
N PHE A 32 10.47 -42.74 -1.89
CA PHE A 32 10.63 -42.42 -0.47
C PHE A 32 12.09 -42.53 -0.06
N SER A 33 12.95 -41.99 -0.92
CA SER A 33 14.30 -41.62 -0.54
C SER A 33 14.18 -40.63 0.63
N PRO A 34 15.15 -40.60 1.58
CA PRO A 34 15.01 -39.75 2.75
C PRO A 34 14.81 -38.27 2.44
N GLU A 35 15.42 -37.76 1.35
CA GLU A 35 15.40 -36.33 1.08
C GLU A 35 14.00 -35.89 0.64
N VAL A 36 13.06 -36.83 0.57
CA VAL A 36 11.67 -36.47 0.32
C VAL A 36 11.08 -35.74 1.53
N ILE A 37 11.44 -36.18 2.74
CA ILE A 37 10.89 -35.60 3.97
C ILE A 37 11.15 -34.09 4.01
N PRO A 38 12.43 -33.64 3.94
CA PRO A 38 12.74 -32.22 4.03
C PRO A 38 12.11 -31.46 2.89
N MET A 39 12.01 -32.15 1.75
CA MET A 39 11.42 -31.54 0.56
C MET A 39 9.92 -31.36 0.78
N PHE A 40 9.26 -32.35 1.37
CA PHE A 40 7.86 -32.24 1.74
C PHE A 40 7.68 -31.11 2.74
N SER A 41 8.54 -31.10 3.76
CA SER A 41 8.44 -30.11 4.82
C SER A 41 8.57 -28.69 4.25
N ALA A 42 9.51 -28.50 3.32
CA ALA A 42 9.76 -27.21 2.71
C ALA A 42 8.57 -26.80 1.85
N LEU A 43 8.10 -27.75 1.04
CA LEU A 43 7.00 -27.48 0.11
C LEU A 43 5.70 -27.28 0.87
N SER A 44 5.64 -27.71 2.13
CA SER A 44 4.46 -27.53 2.97
C SER A 44 4.65 -26.36 3.94
N CYS A 45 5.68 -25.53 3.71
CA CYS A 45 5.83 -24.31 4.48
C CYS A 45 4.49 -23.57 4.47
N GLY A 46 4.00 -23.23 5.67
CA GLY A 46 2.81 -22.41 5.80
C GLY A 46 1.50 -23.20 5.80
N ALA A 47 1.58 -24.51 5.52
CA ALA A 47 0.44 -25.30 5.15
C ALA A 47 -0.59 -25.40 6.27
N THR A 48 -1.88 -25.22 5.90
CA THR A 48 -2.98 -25.71 6.69
C THR A 48 -3.04 -27.22 6.59
N PRO A 49 -3.70 -27.93 7.54
CA PRO A 49 -3.97 -29.36 7.39
C PRO A 49 -4.66 -29.69 6.08
N GLN A 50 -5.52 -28.78 5.62
CA GLN A 50 -6.17 -28.97 4.33
C GLN A 50 -5.13 -29.08 3.22
N ASP A 51 -4.13 -28.20 3.27
CA ASP A 51 -3.08 -28.16 2.25
C ASP A 51 -2.26 -29.44 2.32
N LEU A 52 -2.03 -29.93 3.54
CA LEU A 52 -1.28 -31.15 3.75
C LEU A 52 -2.03 -32.36 3.16
N ASN A 53 -3.37 -32.37 3.34
CA ASN A 53 -4.22 -33.41 2.77
C ASN A 53 -4.17 -33.35 1.25
N THR A 54 -4.35 -32.14 0.71
CA THR A 54 -4.24 -31.90 -0.71
C THR A 54 -2.95 -32.52 -1.24
N MET A 55 -1.84 -32.18 -0.58
CA MET A 55 -0.55 -32.64 -1.04
C MET A 55 -0.49 -34.16 -1.04
N LEU A 56 -0.96 -34.81 0.04
CA LEU A 56 -0.89 -36.26 0.14
C LEU A 56 -1.84 -36.92 -0.85
N ASN A 57 -2.98 -36.27 -1.07
CA ASN A 57 -3.97 -36.80 -2.00
C ASN A 57 -3.41 -36.79 -3.42
N THR A 58 -2.57 -35.81 -3.76
CA THR A 58 -2.10 -35.71 -5.14
C THR A 58 -1.11 -36.83 -5.44
N VAL A 59 -0.55 -37.44 -4.39
CA VAL A 59 0.24 -38.63 -4.57
C VAL A 59 -0.66 -39.76 -5.00
N GLY A 60 -0.50 -40.17 -6.26
CA GLY A 60 -0.95 -41.46 -6.75
C GLY A 60 0.20 -42.48 -6.71
N GLY A 61 -0.16 -43.75 -6.65
CA GLY A 61 0.85 -44.76 -6.40
C GLY A 61 1.31 -44.71 -4.96
N HIS A 62 2.21 -45.63 -4.60
CA HIS A 62 2.67 -45.72 -3.22
C HIS A 62 1.50 -45.76 -2.25
N GLN A 63 0.42 -46.42 -2.63
CA GLN A 63 -0.80 -46.36 -1.85
C GLN A 63 -0.68 -47.23 -0.59
N ALA A 64 0.19 -48.25 -0.63
CA ALA A 64 0.54 -48.98 0.58
C ALA A 64 1.18 -48.03 1.58
N ALA A 65 2.24 -47.32 1.15
CA ALA A 65 2.89 -46.32 1.98
C ALA A 65 1.86 -45.33 2.53
N MET A 66 0.90 -44.93 1.71
CA MET A 66 -0.02 -43.87 2.08
C MET A 66 -1.05 -44.38 3.08
N GLN A 67 -1.40 -45.66 3.00
CA GLN A 67 -2.26 -46.26 4.02
C GLN A 67 -1.46 -46.39 5.33
N MET A 68 -0.23 -46.90 5.26
CA MET A 68 0.69 -46.90 6.39
C MET A 68 0.74 -45.52 7.04
N LEU A 69 0.79 -44.49 6.20
CA LEU A 69 0.86 -43.12 6.68
C LEU A 69 -0.40 -42.79 7.49
N LYS A 70 -1.59 -43.16 6.97
CA LYS A 70 -2.86 -42.91 7.63
C LYS A 70 -2.85 -43.58 9.01
N GLU A 71 -2.31 -44.80 9.09
CA GLU A 71 -2.22 -45.50 10.36
C GLU A 71 -1.36 -44.69 11.33
N THR A 72 -0.20 -44.23 10.88
CA THR A 72 0.65 -43.42 11.74
C THR A 72 -0.07 -42.16 12.20
N ILE A 73 -0.92 -41.59 11.36
CA ILE A 73 -1.66 -40.40 11.74
C ILE A 73 -2.70 -40.76 12.80
N ASN A 74 -3.43 -41.88 12.61
CA ASN A 74 -4.39 -42.33 13.62
C ASN A 74 -3.74 -42.46 14.99
N GLU A 75 -2.59 -43.15 15.05
CA GLU A 75 -1.85 -43.34 16.28
C GLU A 75 -1.62 -41.99 16.97
N GLU A 76 -1.16 -40.98 16.21
CA GLU A 76 -0.69 -39.72 16.79
C GLU A 76 -1.87 -38.82 17.16
N ALA A 77 -3.02 -38.99 16.47
CA ALA A 77 -4.22 -38.22 16.74
C ALA A 77 -4.87 -38.72 18.03
N ALA A 78 -4.92 -40.06 18.17
CA ALA A 78 -5.41 -40.73 19.37
C ALA A 78 -4.59 -40.32 20.59
N GLU A 79 -3.27 -40.28 20.43
CA GLU A 79 -2.37 -39.83 21.47
C GLU A 79 -2.60 -38.36 21.79
N TRP A 80 -2.87 -37.54 20.76
CA TRP A 80 -3.18 -36.13 20.98
C TRP A 80 -4.43 -36.01 21.85
N ASP A 81 -5.42 -36.88 21.58
CA ASP A 81 -6.71 -36.87 22.25
C ASP A 81 -6.55 -37.31 23.71
N ARG A 82 -5.63 -38.24 23.97
CA ARG A 82 -5.25 -38.59 25.33
C ARG A 82 -4.71 -37.36 26.05
N LEU A 83 -3.68 -36.70 25.49
CA LEU A 83 -2.97 -35.62 26.16
C LEU A 83 -3.80 -34.33 26.26
N HIS A 84 -4.82 -34.15 25.40
CA HIS A 84 -5.59 -32.91 25.40
C HIS A 84 -7.05 -33.21 25.15
N PRO A 85 -7.83 -33.70 26.14
CA PRO A 85 -9.26 -33.94 25.95
C PRO A 85 -10.03 -32.62 25.82
N VAL A 86 -11.21 -32.68 25.20
CA VAL A 86 -11.85 -31.49 24.66
C VAL A 86 -13.01 -31.07 25.56
N HIS A 87 -13.27 -29.75 25.70
CA HIS A 87 -14.17 -29.24 26.73
C HIS A 87 -15.55 -29.89 26.55
N GLY A 89 -18.96 -29.73 27.06
CA GLY A 89 -20.28 -29.10 26.87
C GLY A 89 -20.57 -28.83 25.39
N PRO A 90 -21.45 -27.85 25.07
CA PRO A 90 -21.45 -27.18 23.78
C PRO A 90 -20.63 -25.88 23.85
N ILE A 91 -19.79 -25.66 22.83
CA ILE A 91 -18.79 -24.60 22.84
C ILE A 91 -19.46 -23.24 23.08
N ALA A 92 -18.72 -22.35 23.75
CA ALA A 92 -19.06 -20.94 23.84
C ALA A 92 -19.38 -20.36 22.46
N PRO A 93 -20.54 -19.72 22.27
CA PRO A 93 -20.82 -19.01 21.01
C PRO A 93 -19.77 -17.96 20.66
N GLY A 94 -19.37 -17.93 19.38
CA GLY A 94 -18.41 -16.96 18.89
C GLY A 94 -16.98 -17.44 19.07
N GLN A 95 -16.73 -18.05 20.24
CA GLN A 95 -15.39 -18.41 20.66
C GLN A 95 -14.88 -19.62 19.88
N MET A 96 -13.57 -19.80 19.95
CA MET A 96 -12.84 -20.77 19.18
C MET A 96 -12.58 -22.01 20.05
N ARG A 97 -12.93 -23.19 19.51
CA ARG A 97 -12.91 -24.43 20.26
C ARG A 97 -11.54 -25.08 20.24
N GLU A 98 -11.27 -25.96 21.20
CA GLU A 98 -10.06 -26.75 21.22
C GLU A 98 -10.17 -27.82 20.13
N PRO A 99 -9.12 -28.03 19.30
CA PRO A 99 -9.13 -29.06 18.26
C PRO A 99 -8.84 -30.46 18.80
N ARG A 100 -9.68 -31.41 18.41
CA ARG A 100 -9.42 -32.82 18.62
C ARG A 100 -8.33 -33.26 17.63
N GLY A 101 -7.81 -34.48 17.83
CA GLY A 101 -6.86 -35.07 16.91
C GLY A 101 -7.34 -34.99 15.47
N SER A 102 -8.60 -35.34 15.23
CA SER A 102 -9.12 -35.44 13.88
C SER A 102 -9.32 -34.06 13.27
N ASP A 103 -9.34 -33.01 14.11
CA ASP A 103 -9.47 -31.65 13.63
C ASP A 103 -8.12 -31.21 13.06
N ILE A 104 -7.04 -31.74 13.64
CA ILE A 104 -5.67 -31.42 13.24
C ILE A 104 -5.34 -32.09 11.91
N ALA A 105 -5.87 -33.29 11.68
CA ALA A 105 -5.65 -33.99 10.41
C ALA A 105 -6.55 -33.40 9.33
N GLY A 106 -7.35 -32.42 9.70
CA GLY A 106 -8.19 -31.71 8.76
C GLY A 106 -9.40 -32.54 8.35
N THR A 107 -9.67 -33.63 9.09
CA THR A 107 -10.79 -34.52 8.81
C THR A 107 -12.11 -33.90 9.26
N THR A 108 -12.13 -33.36 10.49
CA THR A 108 -13.36 -32.89 11.10
C THR A 108 -13.40 -31.36 11.21
N SER A 109 -12.29 -30.68 10.90
CA SER A 109 -12.24 -29.22 10.93
C SER A 109 -12.56 -28.65 9.54
N THR A 110 -13.09 -27.42 9.52
CA THR A 110 -13.22 -26.66 8.29
C THR A 110 -11.95 -25.84 8.10
N LEU A 111 -11.76 -25.33 6.90
CA LEU A 111 -10.63 -24.47 6.63
C LEU A 111 -10.62 -23.30 7.60
N GLN A 112 -11.81 -22.73 7.88
CA GLN A 112 -11.90 -21.52 8.69
C GLN A 112 -11.37 -21.84 10.08
N GLU A 113 -11.81 -22.97 10.63
CA GLU A 113 -11.32 -23.39 11.95
C GLU A 113 -9.79 -23.45 11.93
N GLN A 114 -9.25 -24.11 10.88
CA GLN A 114 -7.82 -24.36 10.75
C GLN A 114 -7.07 -23.03 10.74
N ILE A 115 -7.61 -22.05 9.99
CA ILE A 115 -7.03 -20.71 9.92
C ILE A 115 -7.12 -20.04 11.28
N GLY A 116 -8.33 -20.08 11.87
CA GLY A 116 -8.57 -19.57 13.21
C GLY A 116 -7.49 -20.03 14.19
N TRP A 117 -7.23 -21.35 14.22
CA TRP A 117 -6.30 -21.92 15.19
C TRP A 117 -4.89 -21.39 14.92
N MET A 118 -4.53 -21.27 13.65
CA MET A 118 -3.15 -21.00 13.26
C MET A 118 -2.85 -19.51 13.44
N THR A 119 -3.81 -18.64 13.13
CA THR A 119 -3.62 -17.21 13.11
C THR A 119 -3.96 -16.57 14.45
N HIS A 120 -4.74 -17.27 15.29
CA HIS A 120 -5.02 -16.84 16.65
C HIS A 120 -3.72 -16.54 17.39
N ASN A 121 -3.81 -15.67 18.41
CA ASN A 121 -2.68 -15.32 19.26
C ASN A 121 -3.04 -15.66 20.70
N PRO A 122 -2.38 -16.65 21.36
CA PRO A 122 -1.27 -17.41 20.78
C PRO A 122 -1.78 -18.42 19.74
N PRO A 123 -0.94 -18.81 18.75
CA PRO A 123 -1.35 -19.78 17.74
C PRO A 123 -1.50 -21.20 18.29
N ILE A 124 -2.53 -21.91 17.82
CA ILE A 124 -2.58 -23.37 17.89
C ILE A 124 -2.11 -23.90 16.52
N PRO A 125 -0.83 -24.32 16.35
CA PRO A 125 -0.25 -24.51 15.02
C PRO A 125 -0.61 -25.88 14.45
N VAL A 126 -1.90 -26.05 14.14
CA VAL A 126 -2.43 -27.33 13.71
C VAL A 126 -1.69 -27.80 12.45
N GLY A 127 -1.35 -26.84 11.59
CA GLY A 127 -0.55 -27.13 10.41
C GLY A 127 0.75 -27.81 10.82
N GLU A 128 1.46 -27.20 11.78
CA GLU A 128 2.77 -27.69 12.19
C GLU A 128 2.65 -29.02 12.93
N ILE A 129 1.56 -29.20 13.69
CA ILE A 129 1.34 -30.42 14.45
C ILE A 129 1.11 -31.58 13.48
N TYR A 130 0.12 -31.43 12.59
CA TYR A 130 -0.19 -32.44 11.59
C TYR A 130 1.06 -32.77 10.77
N LYS A 131 1.83 -31.72 10.40
CA LYS A 131 3.06 -31.88 9.65
C LYS A 131 4.01 -32.80 10.41
N ARG A 132 4.12 -32.57 11.73
CA ARG A 132 4.93 -33.39 12.63
C ARG A 132 4.51 -34.84 12.47
N TRP A 133 3.20 -35.08 12.48
CA TRP A 133 2.66 -36.44 12.40
C TRP A 133 3.00 -37.04 11.04
N ILE A 134 2.74 -36.28 9.98
CA ILE A 134 2.99 -36.78 8.64
C ILE A 134 4.45 -37.16 8.52
N ILE A 135 5.33 -36.28 9.00
CA ILE A 135 6.75 -36.56 8.92
C ILE A 135 7.10 -37.80 9.74
N LEU A 136 6.45 -38.02 10.90
CA LEU A 136 6.66 -39.28 11.60
C LEU A 136 6.39 -40.43 10.64
N GLY A 137 5.21 -40.41 10.01
CA GLY A 137 4.78 -41.49 9.15
C GLY A 137 5.70 -41.67 7.95
N LEU A 138 6.20 -40.53 7.46
CA LEU A 138 7.08 -40.54 6.29
C LEU A 138 8.41 -41.20 6.65
N ASN A 139 8.88 -41.02 7.90
CA ASN A 139 10.10 -41.66 8.33
C ASN A 139 9.93 -43.17 8.35
N LYS A 140 8.77 -43.65 8.86
CA LYS A 140 8.54 -45.08 9.00
C LYS A 140 8.55 -45.71 7.61
N ILE A 141 7.90 -45.01 6.65
CA ILE A 141 7.88 -45.40 5.26
C ILE A 141 9.31 -45.45 4.70
N VAL A 142 10.10 -44.39 4.91
CA VAL A 142 11.43 -44.31 4.31
C VAL A 142 12.27 -45.51 4.77
N ARG A 143 12.14 -45.87 6.07
CA ARG A 143 12.84 -47.01 6.62
C ARG A 143 12.31 -48.29 5.96
N MET A 144 10.97 -48.35 5.84
CA MET A 144 10.33 -49.48 5.19
C MET A 144 10.90 -49.65 3.79
N TYR A 145 10.74 -48.61 2.96
CA TYR A 145 11.20 -48.63 1.58
C TYR A 145 12.75 -48.77 1.51
N SER A 146 13.50 -48.59 2.62
CA SER A 146 14.94 -48.77 2.59
C SER A 146 15.29 -50.23 2.30
N PRO A 147 16.07 -50.50 1.21
CA PRO A 147 16.34 -51.87 0.78
C PRO A 147 17.30 -52.62 1.70
N THR A 148 18.33 -51.93 2.20
CA THR A 148 19.48 -52.61 2.76
C THR A 148 19.73 -52.12 4.18
N SER A 149 20.15 -53.07 5.03
CA SER A 149 20.63 -52.76 6.35
C SER A 149 22.04 -52.19 6.28
N ILE A 150 22.35 -51.31 7.23
CA ILE A 150 23.68 -50.70 7.35
C ILE A 150 24.74 -51.77 7.53
N LEU A 151 24.35 -52.93 8.07
CA LEU A 151 25.26 -54.03 8.31
C LEU A 151 25.71 -54.64 6.98
N ASP A 152 24.87 -54.53 5.95
CA ASP A 152 25.11 -55.18 4.67
C ASP A 152 25.77 -54.19 3.70
N ILE A 153 26.06 -52.96 4.17
CA ILE A 153 26.84 -52.01 3.39
C ILE A 153 28.31 -52.26 3.67
N ARG A 154 28.90 -53.12 2.83
CA ARG A 154 30.32 -53.45 2.88
C ARG A 154 30.99 -52.86 1.63
N GLN A 155 32.17 -52.25 1.83
CA GLN A 155 32.92 -51.67 0.72
C GLN A 155 33.30 -52.79 -0.24
N GLY A 156 32.88 -52.65 -1.50
CA GLY A 156 33.29 -53.56 -2.55
C GLY A 156 34.81 -53.59 -2.69
N PRO A 157 35.39 -54.70 -3.20
CA PRO A 157 36.85 -54.82 -3.30
C PRO A 157 37.48 -53.84 -4.29
N LYS A 158 36.70 -53.42 -5.29
CA LYS A 158 37.14 -52.41 -6.25
C LYS A 158 36.33 -51.13 -6.08
N GLU A 159 35.75 -50.90 -4.89
CA GLU A 159 34.90 -49.74 -4.67
C GLU A 159 35.73 -48.62 -4.02
N PRO A 160 35.80 -47.41 -4.64
CA PRO A 160 36.47 -46.28 -4.02
C PRO A 160 35.83 -46.00 -2.66
N PHE A 161 36.65 -45.66 -1.68
CA PHE A 161 36.14 -45.44 -0.34
C PHE A 161 34.96 -44.46 -0.37
N ARG A 162 35.11 -43.35 -1.10
CA ARG A 162 34.12 -42.28 -1.07
C ARG A 162 32.74 -42.84 -1.43
N ASP A 163 32.71 -43.74 -2.42
CA ASP A 163 31.47 -44.32 -2.91
C ASP A 163 30.82 -45.15 -1.81
N TYR A 164 31.65 -46.00 -1.21
CA TYR A 164 31.28 -46.82 -0.06
C TYR A 164 30.65 -45.98 1.05
N VAL A 165 31.37 -44.93 1.43
CA VAL A 165 30.91 -44.02 2.48
C VAL A 165 29.56 -43.41 2.06
N ASP A 166 29.46 -42.94 0.81
CA ASP A 166 28.23 -42.38 0.26
C ASP A 166 27.09 -43.39 0.48
N ARG A 167 27.34 -44.65 0.15
CA ARG A 167 26.34 -45.69 0.33
C ARG A 167 26.06 -45.88 1.82
N PHE A 168 27.15 -45.95 2.60
CA PHE A 168 27.06 -46.16 4.03
C PHE A 168 26.08 -45.15 4.63
N TYR A 169 26.35 -43.87 4.42
CA TYR A 169 25.63 -42.81 5.10
C TYR A 169 24.24 -42.64 4.47
N LYS A 170 24.11 -42.86 3.15
CA LYS A 170 22.78 -42.84 2.54
C LYS A 170 21.92 -43.90 3.23
N THR A 171 22.49 -45.10 3.39
CA THR A 171 21.77 -46.21 3.97
C THR A 171 21.43 -45.89 5.42
N LEU A 172 22.40 -45.31 6.11
CA LEU A 172 22.26 -45.00 7.51
C LEU A 172 21.15 -43.97 7.72
N ARG A 173 21.05 -43.02 6.79
CA ARG A 173 20.05 -41.96 6.84
C ARG A 173 18.64 -42.57 6.75
N ALA A 174 18.49 -43.63 5.95
CA ALA A 174 17.20 -44.29 5.78
C ALA A 174 16.71 -44.94 7.08
N GLU A 175 17.61 -45.35 8.00
CA GLU A 175 17.18 -46.18 9.11
C GLU A 175 16.79 -45.32 10.32
N GLN A 179 19.96 -40.55 17.64
CA GLN A 179 21.27 -40.31 17.02
C GLN A 179 22.37 -40.81 17.96
N GLU A 180 22.02 -41.22 19.19
CA GLU A 180 22.92 -41.98 20.07
C GLU A 180 23.19 -43.36 19.45
N VAL A 181 22.12 -44.03 18.99
CA VAL A 181 22.17 -45.36 18.38
C VAL A 181 22.84 -45.28 16.99
N LYS A 182 22.72 -44.12 16.34
CA LYS A 182 23.24 -43.92 15.00
C LYS A 182 24.71 -43.51 15.09
N ASN A 183 25.07 -42.84 16.18
CA ASN A 183 26.46 -42.51 16.49
C ASN A 183 27.24 -43.81 16.76
N THR A 186 29.59 -44.29 14.84
CA THR A 186 29.31 -44.30 13.37
C THR A 186 30.55 -44.74 12.60
N GLU A 187 31.63 -43.99 12.82
CA GLU A 187 32.98 -44.32 12.36
C GLU A 187 33.58 -45.48 13.18
N THR A 188 32.87 -46.62 13.12
CA THR A 188 33.18 -47.85 13.87
C THR A 188 32.78 -49.08 13.07
N LEU A 189 31.53 -49.01 12.56
CA LEU A 189 31.02 -49.94 11.57
C LEU A 189 31.48 -49.53 10.16
N LEU A 190 31.72 -48.23 10.00
CA LEU A 190 32.26 -47.71 8.75
C LEU A 190 33.61 -48.35 8.48
N VAL A 191 34.44 -48.45 9.53
CA VAL A 191 35.77 -49.02 9.39
C VAL A 191 35.65 -50.53 9.31
N GLN A 192 34.79 -51.12 10.15
CA GLN A 192 34.62 -52.55 10.16
C GLN A 192 34.33 -53.03 8.74
N ASN A 193 33.35 -52.38 8.09
CA ASN A 193 32.83 -52.84 6.82
C ASN A 193 33.72 -52.42 5.64
N ALA A 194 34.66 -51.50 5.88
CA ALA A 194 35.66 -51.16 4.87
C ALA A 194 36.32 -52.44 4.38
N ASN A 195 36.84 -52.41 3.15
CA ASN A 195 37.54 -53.56 2.61
C ASN A 195 38.91 -53.61 3.27
N PRO A 196 39.57 -54.79 3.28
CA PRO A 196 40.91 -54.94 3.89
C PRO A 196 41.90 -53.80 3.67
N ASP A 197 42.15 -53.46 2.40
CA ASP A 197 43.15 -52.46 2.05
C ASP A 197 42.94 -51.17 2.84
N CYS A 198 41.68 -50.73 2.88
CA CYS A 198 41.30 -49.52 3.60
C CYS A 198 41.30 -49.71 5.11
N LYS A 199 40.81 -50.87 5.56
CA LYS A 199 40.65 -51.12 6.97
C LYS A 199 42.02 -51.03 7.65
N THR A 200 43.05 -51.61 7.00
CA THR A 200 44.41 -51.49 7.46
C THR A 200 44.74 -50.02 7.70
N ILE A 201 44.56 -49.23 6.63
CA ILE A 201 44.95 -47.84 6.60
C ILE A 201 44.21 -47.07 7.68
N LEU A 202 42.91 -47.35 7.82
CA LEU A 202 42.05 -46.61 8.74
C LEU A 202 42.36 -47.01 10.18
N LYS A 203 42.59 -48.31 10.42
CA LYS A 203 42.94 -48.81 11.75
C LYS A 203 44.24 -48.17 12.22
N ALA A 204 45.15 -47.86 11.28
CA ALA A 204 46.42 -47.20 11.58
C ALA A 204 46.24 -45.85 12.29
N LEU A 205 45.09 -45.19 12.13
CA LEU A 205 44.83 -43.90 12.75
C LEU A 205 44.03 -44.08 14.04
N GLY A 206 44.20 -43.15 14.99
CA GLY A 206 43.68 -43.36 16.35
C GLY A 206 42.21 -42.99 16.41
N PRO A 207 41.25 -43.94 16.59
CA PRO A 207 39.83 -43.58 16.45
C PRO A 207 39.44 -42.37 17.32
N ALA A 209 39.82 -39.85 14.46
CA ALA A 209 40.07 -39.32 13.09
C ALA A 209 38.79 -38.73 12.51
N THR A 210 38.93 -37.60 11.80
CA THR A 210 37.81 -37.07 11.03
C THR A 210 37.55 -37.99 9.84
N LEU A 211 36.34 -37.84 9.29
CA LEU A 211 35.93 -38.53 8.07
C LEU A 211 36.79 -37.99 6.91
N GLU A 212 37.03 -36.66 6.90
CA GLU A 212 37.91 -36.05 5.93
C GLU A 212 39.24 -36.80 5.88
N GLU A 213 39.80 -37.07 7.07
CA GLU A 213 41.09 -37.75 7.20
C GLU A 213 40.99 -39.17 6.68
N MET A 214 39.93 -39.89 7.09
CA MET A 214 39.73 -41.27 6.67
C MET A 214 39.60 -41.37 5.15
N MET A 215 38.98 -40.37 4.53
CA MET A 215 38.71 -40.38 3.10
C MET A 215 39.96 -40.00 2.32
N THR A 216 40.77 -39.08 2.86
CA THR A 216 42.07 -38.78 2.28
C THR A 216 42.93 -40.05 2.32
N ALA A 217 43.01 -40.65 3.51
CA ALA A 217 43.86 -41.82 3.77
C ALA A 217 43.56 -42.95 2.79
N CYS A 218 42.32 -43.02 2.28
CA CYS A 218 41.86 -44.17 1.53
C CYS A 218 41.59 -43.80 0.06
N GLN A 219 42.37 -42.85 -0.49
CA GLN A 219 42.03 -42.19 -1.74
C GLN A 219 43.11 -42.43 -2.79
N PRO B 1 13.32 -17.58 3.78
CA PRO B 1 14.33 -16.55 4.01
C PRO B 1 13.72 -15.38 4.79
N ILE B 2 14.56 -14.38 5.09
CA ILE B 2 14.09 -13.11 5.60
C ILE B 2 14.32 -12.07 4.48
N VAL B 3 13.24 -11.35 4.14
CA VAL B 3 13.25 -10.41 3.03
C VAL B 3 12.25 -9.30 3.33
N GLN B 4 12.26 -8.26 2.47
CA GLN B 4 11.65 -6.98 2.80
C GLN B 4 10.33 -6.75 2.06
N ASN B 5 9.25 -6.54 2.82
CA ASN B 5 7.92 -6.33 2.23
C ASN B 5 7.88 -4.96 1.55
N LEU B 6 7.11 -4.86 0.47
CA LEU B 6 7.05 -3.65 -0.36
C LEU B 6 6.78 -2.41 0.50
N GLN B 7 6.19 -2.60 1.70
CA GLN B 7 6.14 -1.55 2.72
C GLN B 7 7.56 -1.13 3.09
N GLY B 8 8.27 -1.97 3.86
CA GLY B 8 9.55 -1.58 4.43
C GLY B 8 10.08 -2.57 5.48
N GLN B 9 9.18 -3.28 6.19
CA GLN B 9 9.51 -4.22 7.27
C GLN B 9 10.21 -5.47 6.73
N MET B 10 10.98 -6.15 7.59
CA MET B 10 11.68 -7.40 7.29
C MET B 10 10.83 -8.57 7.79
N VAL B 11 10.53 -9.52 6.88
CA VAL B 11 9.59 -10.57 7.20
C VAL B 11 10.13 -11.92 6.71
N HIS B 12 9.71 -12.99 7.39
CA HIS B 12 10.06 -14.36 7.00
C HIS B 12 9.17 -14.81 5.84
N GLN B 13 9.79 -15.30 4.76
CA GLN B 13 9.09 -16.04 3.72
C GLN B 13 9.53 -17.50 3.75
N CYS B 14 8.68 -18.34 3.17
CA CYS B 14 9.04 -19.70 2.83
C CYS B 14 10.10 -19.72 1.76
N ILE B 15 10.83 -20.84 1.65
CA ILE B 15 11.72 -21.02 0.52
C ILE B 15 10.83 -21.29 -0.68
N SER B 16 11.14 -20.69 -1.83
CA SER B 16 10.34 -20.94 -3.01
C SER B 16 10.65 -22.36 -3.46
N PRO B 17 9.70 -23.04 -4.14
CA PRO B 17 10.02 -24.23 -4.91
C PRO B 17 11.10 -23.98 -5.97
N ARG B 18 11.10 -22.76 -6.53
CA ARG B 18 12.05 -22.37 -7.58
C ARG B 18 13.45 -22.53 -6.99
N THR B 19 13.62 -22.01 -5.76
CA THR B 19 14.91 -22.06 -5.07
C THR B 19 15.31 -23.48 -4.69
N LEU B 20 14.36 -24.22 -4.15
CA LEU B 20 14.60 -25.61 -3.77
C LEU B 20 15.08 -26.38 -4.98
N ASN B 21 14.32 -26.27 -6.07
CA ASN B 21 14.58 -27.06 -7.27
C ASN B 21 15.94 -26.65 -7.82
N ALA B 22 16.18 -25.32 -7.82
CA ALA B 22 17.41 -24.78 -8.34
C ALA B 22 18.60 -25.44 -7.63
N TRP B 23 18.49 -25.59 -6.31
CA TRP B 23 19.58 -26.08 -5.47
C TRP B 23 19.83 -27.55 -5.75
N VAL B 24 18.74 -28.30 -5.89
CA VAL B 24 18.86 -29.73 -6.10
C VAL B 24 19.52 -29.96 -7.44
N LYS B 25 19.08 -29.20 -8.46
CA LYS B 25 19.60 -29.33 -9.82
C LYS B 25 21.09 -29.03 -9.82
N VAL B 26 21.46 -27.93 -9.16
CA VAL B 26 22.85 -27.54 -9.06
C VAL B 26 23.67 -28.72 -8.60
N VAL B 27 23.20 -29.36 -7.52
CA VAL B 27 23.97 -30.41 -6.88
C VAL B 27 23.96 -31.65 -7.77
N GLU B 28 22.81 -31.93 -8.42
CA GLU B 28 22.69 -33.07 -9.32
C GLU B 28 23.64 -32.86 -10.50
N GLU B 29 23.53 -31.70 -11.17
CA GLU B 29 24.28 -31.45 -12.39
C GLU B 29 25.77 -31.22 -12.08
N LYS B 30 26.10 -30.40 -11.07
CA LYS B 30 27.48 -29.89 -10.91
C LYS B 30 28.24 -30.52 -9.74
N ALA B 31 27.65 -31.50 -9.02
CA ALA B 31 28.30 -32.23 -7.93
C ALA B 31 28.87 -31.22 -6.95
N PHE B 32 30.21 -31.27 -6.73
CA PHE B 32 30.91 -30.28 -5.92
C PHE B 32 32.03 -29.62 -6.74
N SER B 33 31.69 -29.28 -7.97
CA SER B 33 32.44 -28.32 -8.74
C SER B 33 32.46 -27.02 -7.95
N PRO B 34 33.52 -26.19 -8.04
CA PRO B 34 33.62 -24.98 -7.23
C PRO B 34 32.43 -24.03 -7.37
N GLU B 35 31.84 -23.94 -8.57
CA GLU B 35 30.80 -22.94 -8.81
C GLU B 35 29.51 -23.30 -8.06
N VAL B 36 29.52 -24.42 -7.33
CA VAL B 36 28.41 -24.76 -6.49
C VAL B 36 28.35 -23.80 -5.28
N ILE B 37 29.52 -23.46 -4.73
CA ILE B 37 29.58 -22.59 -3.54
C ILE B 37 28.83 -21.29 -3.79
N PRO B 38 29.22 -20.49 -4.83
CA PRO B 38 28.59 -19.20 -5.08
C PRO B 38 27.11 -19.38 -5.40
N MET B 39 26.81 -20.52 -6.03
CA MET B 39 25.44 -20.82 -6.41
C MET B 39 24.63 -21.12 -5.14
N PHE B 40 25.20 -21.87 -4.21
CA PHE B 40 24.59 -22.12 -2.92
C PHE B 40 24.38 -20.79 -2.19
N SER B 41 25.45 -19.98 -2.16
CA SER B 41 25.42 -18.73 -1.44
C SER B 41 24.31 -17.82 -1.96
N ALA B 42 24.17 -17.77 -3.30
CA ALA B 42 23.17 -16.94 -3.95
C ALA B 42 21.78 -17.46 -3.65
N LEU B 43 21.60 -18.77 -3.78
CA LEU B 43 20.31 -19.40 -3.58
C LEU B 43 19.90 -19.35 -2.11
N SER B 44 20.87 -19.12 -1.21
CA SER B 44 20.59 -19.02 0.21
C SER B 44 20.58 -17.54 0.65
N CYS B 45 20.52 -16.61 -0.30
CA CYS B 45 20.35 -15.21 0.05
C CYS B 45 19.15 -15.10 1.00
N GLY B 46 19.37 -14.46 2.15
CA GLY B 46 18.29 -14.17 3.08
C GLY B 46 18.04 -15.28 4.10
N ALA B 47 18.71 -16.43 3.93
CA ALA B 47 18.33 -17.67 4.58
C ALA B 47 18.48 -17.59 6.09
N THR B 48 17.45 -18.07 6.81
CA THR B 48 17.57 -18.50 8.19
C THR B 48 18.40 -19.79 8.24
N PRO B 49 19.02 -20.13 9.41
CA PRO B 49 19.62 -21.44 9.58
C PRO B 49 18.67 -22.59 9.26
N GLN B 50 17.39 -22.39 9.55
CA GLN B 50 16.39 -23.39 9.21
C GLN B 50 16.39 -23.63 7.71
N ASP B 51 16.44 -22.54 6.93
CA ASP B 51 16.40 -22.62 5.48
C ASP B 51 17.66 -23.31 4.99
N LEU B 52 18.80 -23.04 5.64
CA LEU B 52 20.06 -23.65 5.27
C LEU B 52 20.02 -25.16 5.51
N ASN B 53 19.40 -25.58 6.63
CA ASN B 53 19.23 -26.99 6.94
C ASN B 53 18.33 -27.65 5.90
N THR B 54 17.19 -27.00 5.63
CA THR B 54 16.29 -27.44 4.57
C THR B 54 17.05 -27.72 3.29
N MET B 55 17.84 -26.73 2.88
CA MET B 55 18.57 -26.84 1.63
C MET B 55 19.52 -28.04 1.66
N LEU B 56 20.26 -28.21 2.75
CA LEU B 56 21.23 -29.30 2.84
C LEU B 56 20.52 -30.65 2.93
N ASN B 57 19.37 -30.66 3.61
CA ASN B 57 18.62 -31.88 3.76
C ASN B 57 18.08 -32.34 2.40
N THR B 58 17.75 -31.41 1.50
CA THR B 58 17.15 -31.80 0.24
C THR B 58 18.20 -32.47 -0.66
N VAL B 59 19.48 -32.27 -0.36
CA VAL B 59 20.53 -33.03 -1.01
C VAL B 59 20.44 -34.47 -0.56
N GLY B 60 20.03 -35.33 -1.50
CA GLY B 60 20.28 -36.77 -1.43
C GLY B 60 21.53 -37.16 -2.21
N GLY B 61 22.13 -38.28 -1.83
CA GLY B 61 23.44 -38.61 -2.37
C GLY B 61 24.50 -37.70 -1.78
N HIS B 62 25.75 -37.91 -2.15
CA HIS B 62 26.87 -37.17 -1.59
C HIS B 62 26.80 -37.16 -0.08
N GLN B 63 26.40 -38.28 0.51
CA GLN B 63 26.14 -38.30 1.94
C GLN B 63 27.46 -38.34 2.71
N ALA B 64 28.53 -38.85 2.09
CA ALA B 64 29.87 -38.73 2.65
C ALA B 64 30.23 -37.26 2.78
N ALA B 65 30.13 -36.51 1.67
CA ALA B 65 30.35 -35.08 1.68
C ALA B 65 29.53 -34.41 2.78
N MET B 66 28.28 -34.84 2.95
CA MET B 66 27.36 -34.15 3.84
C MET B 66 27.68 -34.47 5.28
N GLN B 67 28.23 -35.66 5.55
CA GLN B 67 28.70 -35.97 6.89
C GLN B 67 29.97 -35.16 7.18
N MET B 68 30.91 -35.14 6.23
CA MET B 68 32.08 -34.26 6.28
C MET B 68 31.65 -32.84 6.62
N LEU B 69 30.57 -32.40 5.98
CA LEU B 69 30.06 -31.05 6.19
C LEU B 69 29.65 -30.87 7.65
N LYS B 70 28.92 -31.85 8.21
CA LYS B 70 28.46 -31.79 9.59
C LYS B 70 29.66 -31.66 10.53
N GLU B 71 30.74 -32.41 10.22
CA GLU B 71 31.95 -32.33 11.01
C GLU B 71 32.51 -30.91 10.98
N THR B 72 32.60 -30.32 9.79
CA THR B 72 33.11 -28.97 9.67
C THR B 72 32.23 -28.00 10.47
N ILE B 73 30.93 -28.25 10.53
CA ILE B 73 30.05 -27.37 11.26
C ILE B 73 30.29 -27.54 12.77
N ASN B 74 30.44 -28.79 13.25
CA ASN B 74 30.78 -29.03 14.66
C ASN B 74 32.02 -28.23 15.07
N GLU B 75 33.09 -28.34 14.28
CA GLU B 75 34.34 -27.64 14.56
C GLU B 75 34.06 -26.15 14.75
N GLU B 76 33.28 -25.54 13.84
CA GLU B 76 33.13 -24.08 13.82
C GLU B 76 32.17 -23.60 14.90
N ALA B 77 31.24 -24.47 15.31
CA ALA B 77 30.28 -24.15 16.36
C ALA B 77 30.97 -24.17 17.71
N ALA B 78 31.82 -25.20 17.92
CA ALA B 78 32.65 -25.34 19.11
C ALA B 78 33.58 -24.14 19.27
N GLU B 79 34.18 -23.71 18.16
CA GLU B 79 35.02 -22.53 18.14
C GLU B 79 34.21 -21.28 18.45
N TRP B 80 32.98 -21.20 17.94
CA TRP B 80 32.10 -20.08 18.24
C TRP B 80 31.84 -20.02 19.74
N ASP B 81 31.65 -21.20 20.36
CA ASP B 81 31.32 -21.32 21.77
C ASP B 81 32.53 -20.93 22.63
N ARG B 82 33.74 -21.23 22.15
CA ARG B 82 34.95 -20.73 22.79
C ARG B 82 34.94 -19.19 22.79
N LEU B 83 34.80 -18.57 21.61
CA LEU B 83 34.94 -17.13 21.44
C LEU B 83 33.78 -16.33 22.06
N HIS B 84 32.61 -16.96 22.26
CA HIS B 84 31.45 -16.24 22.77
C HIS B 84 30.67 -17.12 23.74
N PRO B 85 31.12 -17.32 25.00
CA PRO B 85 30.35 -18.10 25.97
C PRO B 85 29.07 -17.35 26.39
N VAL B 86 28.07 -18.11 26.87
CA VAL B 86 26.71 -17.64 26.87
C VAL B 86 26.25 -17.23 28.27
N ILE B 91 17.88 -16.82 31.12
CA ILE B 91 17.87 -15.53 30.37
C ILE B 91 16.86 -14.59 31.05
N ALA B 92 17.09 -13.29 30.88
CA ALA B 92 16.11 -12.25 31.20
C ALA B 92 14.76 -12.59 30.55
N PRO B 93 13.64 -12.61 31.32
CA PRO B 93 12.31 -12.75 30.71
C PRO B 93 12.01 -11.68 29.66
N GLY B 94 11.42 -12.11 28.54
CA GLY B 94 11.03 -11.21 27.47
C GLY B 94 12.17 -11.02 26.48
N GLN B 95 13.37 -10.84 27.03
CA GLN B 95 14.55 -10.48 26.25
C GLN B 95 15.04 -11.66 25.41
N MET B 96 15.91 -11.30 24.49
CA MET B 96 16.48 -12.20 23.50
C MET B 96 17.86 -12.67 23.98
N ARG B 97 18.06 -13.99 23.96
CA ARG B 97 19.24 -14.61 24.52
C ARG B 97 20.38 -14.65 23.51
N GLU B 98 21.61 -14.80 24.01
CA GLU B 98 22.78 -14.96 23.16
C GLU B 98 22.75 -16.38 22.57
N PRO B 99 22.98 -16.54 21.23
CA PRO B 99 22.99 -17.85 20.60
C PRO B 99 24.30 -18.60 20.80
N ARG B 100 24.17 -19.87 21.20
CA ARG B 100 25.30 -20.79 21.21
C ARG B 100 25.58 -21.22 19.77
N GLY B 101 26.71 -21.90 19.58
CA GLY B 101 27.05 -22.48 18.29
C GLY B 101 25.89 -23.28 17.71
N SER B 102 25.26 -24.12 18.54
CA SER B 102 24.25 -25.05 18.05
C SER B 102 22.95 -24.30 17.72
N ASP B 103 22.81 -23.08 18.23
CA ASP B 103 21.64 -22.25 17.92
C ASP B 103 21.79 -21.69 16.52
N ILE B 104 23.04 -21.45 16.11
CA ILE B 104 23.37 -20.90 14.80
C ILE B 104 23.17 -21.96 13.71
N ALA B 105 23.46 -23.22 14.03
CA ALA B 105 23.26 -24.31 13.07
C ALA B 105 21.78 -24.69 13.01
N GLY B 106 20.98 -24.01 13.81
CA GLY B 106 19.53 -24.21 13.78
C GLY B 106 19.13 -25.51 14.47
N THR B 107 20.07 -26.11 15.22
CA THR B 107 19.83 -27.36 15.92
C THR B 107 18.98 -27.11 17.18
N THR B 108 19.37 -26.10 17.97
CA THR B 108 18.78 -25.87 19.28
C THR B 108 17.91 -24.62 19.30
N SER B 109 17.92 -23.81 18.22
CA SER B 109 17.09 -22.62 18.13
C SER B 109 15.77 -22.95 17.43
N THR B 110 14.72 -22.18 17.74
CA THR B 110 13.47 -22.22 16.99
C THR B 110 13.57 -21.18 15.87
N LEU B 111 12.66 -21.28 14.91
CA LEU B 111 12.62 -20.31 13.84
C LEU B 111 12.50 -18.90 14.42
N GLN B 112 11.66 -18.75 15.46
CA GLN B 112 11.37 -17.44 16.00
C GLN B 112 12.66 -16.83 16.53
N GLU B 113 13.42 -17.63 17.29
CA GLU B 113 14.70 -17.16 17.80
C GLU B 113 15.57 -16.66 16.65
N GLN B 114 15.65 -17.49 15.58
CA GLN B 114 16.51 -17.24 14.44
C GLN B 114 16.13 -15.90 13.81
N ILE B 115 14.81 -15.67 13.67
CA ILE B 115 14.29 -14.43 13.11
C ILE B 115 14.63 -13.27 14.05
N GLY B 116 14.33 -13.46 15.34
CA GLY B 116 14.68 -12.50 16.38
C GLY B 116 16.13 -12.01 16.24
N TRP B 117 17.07 -12.95 16.12
CA TRP B 117 18.48 -12.61 16.09
C TRP B 117 18.80 -11.81 14.82
N MET B 118 18.18 -12.20 13.71
CA MET B 118 18.54 -11.67 12.41
C MET B 118 17.93 -10.27 12.21
N THR B 119 16.70 -10.08 12.70
CA THR B 119 15.94 -8.87 12.45
C THR B 119 16.16 -7.84 13.56
N HIS B 120 16.63 -8.28 14.74
CA HIS B 120 17.02 -7.39 15.81
C HIS B 120 18.00 -6.33 15.31
N ASN B 121 18.02 -5.18 16.00
CA ASN B 121 18.91 -4.08 15.69
C ASN B 121 19.77 -3.79 16.92
N PRO B 122 21.11 -4.02 16.90
CA PRO B 122 21.83 -4.51 15.72
C PRO B 122 21.54 -5.99 15.48
N PRO B 123 21.67 -6.47 14.22
CA PRO B 123 21.43 -7.89 13.91
C PRO B 123 22.52 -8.82 14.46
N ILE B 124 22.09 -9.99 14.96
CA ILE B 124 22.99 -11.14 15.11
C ILE B 124 22.75 -12.05 13.90
N PRO B 125 23.60 -12.00 12.84
CA PRO B 125 23.25 -12.57 11.55
C PRO B 125 23.54 -14.07 11.52
N VAL B 126 22.76 -14.82 12.30
CA VAL B 126 22.98 -16.25 12.47
C VAL B 126 22.92 -16.95 11.11
N GLY B 127 22.03 -16.48 10.24
CA GLY B 127 21.96 -16.98 8.89
C GLY B 127 23.32 -16.86 8.20
N GLU B 128 23.89 -15.66 8.27
CA GLU B 128 25.13 -15.38 7.56
C GLU B 128 26.30 -16.13 8.21
N ILE B 129 26.26 -16.30 9.54
CA ILE B 129 27.32 -16.99 10.25
C ILE B 129 27.31 -18.46 9.86
N TYR B 130 26.17 -19.13 10.03
CA TYR B 130 26.00 -20.53 9.64
C TYR B 130 26.41 -20.74 8.19
N LYS B 131 25.99 -19.80 7.32
CA LYS B 131 26.32 -19.84 5.90
C LYS B 131 27.83 -19.86 5.74
N ARG B 132 28.53 -19.01 6.50
CA ARG B 132 29.99 -18.94 6.52
C ARG B 132 30.53 -20.32 6.82
N TRP B 133 29.96 -20.99 7.82
CA TRP B 133 30.43 -22.30 8.24
C TRP B 133 30.19 -23.32 7.12
N ILE B 134 28.97 -23.31 6.58
CA ILE B 134 28.62 -24.26 5.54
C ILE B 134 29.59 -24.08 4.37
N ILE B 135 29.83 -22.83 4.00
CA ILE B 135 30.72 -22.56 2.89
C ILE B 135 32.14 -23.04 3.22
N LEU B 136 32.58 -22.90 4.49
CA LEU B 136 33.87 -23.50 4.85
C LEU B 136 33.85 -24.97 4.47
N GLY B 137 32.83 -25.68 4.94
CA GLY B 137 32.73 -27.12 4.75
C GLY B 137 32.64 -27.48 3.28
N LEU B 138 31.95 -26.63 2.52
CA LEU B 138 31.75 -26.86 1.09
C LEU B 138 33.10 -26.73 0.36
N ASN B 139 33.98 -25.82 0.82
CA ASN B 139 35.29 -25.69 0.22
C ASN B 139 36.11 -26.97 0.46
N LYS B 140 36.04 -27.53 1.67
CA LYS B 140 36.83 -28.70 2.01
C LYS B 140 36.39 -29.86 1.12
N ILE B 141 35.07 -29.97 0.93
CA ILE B 141 34.47 -30.95 0.03
C ILE B 141 34.96 -30.72 -1.40
N VAL B 142 34.89 -29.48 -1.90
CA VAL B 142 35.26 -29.20 -3.28
C VAL B 142 36.70 -29.64 -3.55
N ARG B 143 37.60 -29.37 -2.58
CA ARG B 143 38.98 -29.80 -2.69
CA ARG B 143 38.98 -29.80 -2.69
C ARG B 143 39.04 -31.32 -2.68
N MET B 144 38.26 -31.94 -1.76
CA MET B 144 38.18 -33.39 -1.68
C MET B 144 37.78 -33.93 -3.04
N TYR B 145 36.60 -33.53 -3.52
CA TYR B 145 36.07 -34.01 -4.79
C TYR B 145 36.96 -33.57 -5.97
N SER B 146 37.93 -32.64 -5.79
CA SER B 146 38.84 -32.28 -6.87
C SER B 146 39.73 -33.46 -7.25
N PRO B 147 39.72 -33.92 -8.52
CA PRO B 147 40.48 -35.10 -8.93
C PRO B 147 41.99 -34.90 -8.95
N THR B 148 42.44 -33.73 -9.40
CA THR B 148 43.84 -33.56 -9.78
C THR B 148 44.45 -32.39 -9.02
N SER B 149 45.74 -32.58 -8.68
CA SER B 149 46.55 -31.50 -8.15
C SER B 149 46.97 -30.56 -9.27
N ILE B 150 47.15 -29.28 -8.92
CA ILE B 150 47.60 -28.25 -9.85
C ILE B 150 48.96 -28.62 -10.43
N LEU B 151 49.74 -29.43 -9.68
CA LEU B 151 51.06 -29.87 -10.12
C LEU B 151 50.94 -30.80 -11.31
N ASP B 152 49.82 -31.52 -11.40
CA ASP B 152 49.62 -32.55 -12.41
C ASP B 152 48.87 -31.99 -13.61
N ILE B 153 48.57 -30.69 -13.60
CA ILE B 153 47.99 -30.03 -14.75
C ILE B 153 49.12 -29.55 -15.65
N ARG B 154 49.50 -30.42 -16.60
CA ARG B 154 50.52 -30.12 -17.59
C ARG B 154 49.87 -29.99 -18.97
N GLN B 155 50.26 -28.99 -19.74
CA GLN B 155 49.73 -28.76 -21.08
C GLN B 155 50.10 -29.97 -21.93
N GLY B 156 49.09 -30.63 -22.49
CA GLY B 156 49.30 -31.69 -23.45
C GLY B 156 50.10 -31.21 -24.66
N PRO B 157 50.81 -32.13 -25.36
CA PRO B 157 51.69 -31.72 -26.46
C PRO B 157 50.93 -31.15 -27.67
N LYS B 158 49.68 -31.58 -27.86
CA LYS B 158 48.81 -31.03 -28.89
C LYS B 158 47.63 -30.30 -28.26
N GLU B 159 47.81 -29.77 -27.03
CA GLU B 159 46.72 -29.10 -26.32
C GLU B 159 46.85 -27.59 -26.56
N PRO B 160 45.81 -26.92 -27.10
CA PRO B 160 45.83 -25.47 -27.24
C PRO B 160 46.05 -24.83 -25.88
N PHE B 161 46.85 -23.78 -25.86
CA PHE B 161 47.18 -23.15 -24.59
C PHE B 161 45.90 -22.84 -23.80
N ARG B 162 44.89 -22.25 -24.46
CA ARG B 162 43.69 -21.78 -23.79
C ARG B 162 43.06 -22.93 -22.99
N ASP B 163 43.04 -24.12 -23.57
CA ASP B 163 42.43 -25.28 -22.94
C ASP B 163 43.18 -25.63 -21.67
N TYR B 164 44.52 -25.70 -21.81
CA TYR B 164 45.44 -25.93 -20.72
C TYR B 164 45.17 -24.95 -19.56
N VAL B 165 45.14 -23.66 -19.91
CA VAL B 165 44.90 -22.60 -18.94
C VAL B 165 43.54 -22.84 -18.27
N ASP B 166 42.50 -23.14 -19.08
CA ASP B 166 41.18 -23.42 -18.56
C ASP B 166 41.27 -24.51 -17.49
N ARG B 167 42.00 -25.58 -17.80
CA ARG B 167 42.17 -26.68 -16.87
C ARG B 167 42.96 -26.20 -15.66
N PHE B 168 44.05 -25.47 -15.94
CA PHE B 168 44.93 -24.96 -14.90
C PHE B 168 44.10 -24.25 -13.82
N TYR B 169 43.36 -23.23 -14.27
CA TYR B 169 42.69 -22.33 -13.35
C TYR B 169 41.46 -23.02 -12.75
N LYS B 170 40.78 -23.89 -13.51
CA LYS B 170 39.68 -24.66 -12.95
C LYS B 170 40.22 -25.47 -11.77
N THR B 171 41.36 -26.14 -12.01
CA THR B 171 41.95 -27.01 -11.02
C THR B 171 42.39 -26.18 -9.82
N LEU B 172 42.96 -25.02 -10.11
CA LEU B 172 43.51 -24.15 -9.08
C LEU B 172 42.38 -23.65 -8.19
N ARG B 173 41.22 -23.38 -8.80
CA ARG B 173 40.04 -22.89 -8.08
C ARG B 173 39.59 -23.93 -7.05
N ALA B 174 39.71 -25.22 -7.41
CA ALA B 174 39.29 -26.29 -6.52
C ALA B 174 40.14 -26.37 -5.24
N GLU B 175 41.40 -25.91 -5.28
CA GLU B 175 42.31 -26.16 -4.16
C GLU B 175 42.25 -25.03 -3.13
N GLN B 179 45.25 -16.78 -1.17
CA GLN B 179 45.51 -16.37 -2.58
C GLN B 179 46.95 -15.87 -2.69
N GLU B 180 47.65 -15.69 -1.55
CA GLU B 180 49.11 -15.53 -1.51
C GLU B 180 49.77 -16.84 -1.97
N VAL B 181 49.28 -17.97 -1.42
CA VAL B 181 49.77 -19.32 -1.72
C VAL B 181 49.40 -19.71 -3.16
N LYS B 182 48.29 -19.18 -3.67
CA LYS B 182 47.79 -19.51 -5.00
C LYS B 182 48.48 -18.63 -6.03
N ASN B 183 48.87 -17.41 -5.62
CA ASN B 183 49.67 -16.52 -6.43
C ASN B 183 51.06 -17.16 -6.64
N THR B 186 50.10 -19.31 -9.83
CA THR B 186 49.71 -18.38 -10.93
C THR B 186 50.88 -18.40 -11.89
N GLU B 187 51.43 -17.28 -12.34
CA GLU B 187 52.08 -17.17 -13.65
C GLU B 187 53.55 -17.64 -13.51
N THR B 188 53.72 -18.86 -12.96
CA THR B 188 55.02 -19.41 -12.59
C THR B 188 55.04 -20.92 -12.77
N LEU B 189 53.99 -21.54 -12.24
CA LEU B 189 53.70 -22.95 -12.48
C LEU B 189 52.92 -23.11 -13.78
N LEU B 190 52.19 -22.05 -14.15
CA LEU B 190 51.48 -22.03 -15.42
C LEU B 190 52.47 -22.17 -16.55
N VAL B 191 53.59 -21.44 -16.44
CA VAL B 191 54.62 -21.46 -17.47
C VAL B 191 55.41 -22.76 -17.35
N GLN B 192 55.74 -23.15 -16.12
CA GLN B 192 56.52 -24.35 -15.91
C GLN B 192 55.84 -25.50 -16.63
N ASN B 193 54.53 -25.67 -16.38
CA ASN B 193 53.79 -26.83 -16.84
C ASN B 193 53.39 -26.71 -18.30
N ALA B 194 53.51 -25.53 -18.89
CA ALA B 194 53.29 -25.36 -20.33
C ALA B 194 54.17 -26.36 -21.07
N ASN B 195 53.77 -26.72 -22.28
CA ASN B 195 54.57 -27.63 -23.08
C ASN B 195 55.75 -26.84 -23.64
N PRO B 196 56.85 -27.53 -24.03
CA PRO B 196 58.04 -26.87 -24.58
C PRO B 196 57.80 -25.69 -25.54
N ASP B 197 57.00 -25.94 -26.60
CA ASP B 197 56.79 -24.96 -27.66
C ASP B 197 56.35 -23.63 -27.04
N CYS B 198 55.37 -23.71 -26.13
CA CYS B 198 54.83 -22.55 -25.43
C CYS B 198 55.79 -21.98 -24.40
N LYS B 199 56.46 -22.86 -23.66
CA LYS B 199 57.31 -22.43 -22.57
C LYS B 199 58.41 -21.53 -23.13
N THR B 200 58.99 -21.91 -24.28
CA THR B 200 59.94 -21.08 -24.98
C THR B 200 59.36 -19.68 -25.17
N ILE B 201 58.17 -19.65 -25.81
CA ILE B 201 57.53 -18.41 -26.21
C ILE B 201 57.24 -17.56 -24.97
N LEU B 202 56.76 -18.21 -23.90
CA LEU B 202 56.34 -17.51 -22.69
C LEU B 202 57.56 -17.00 -21.92
N LYS B 203 58.62 -17.82 -21.85
CA LYS B 203 59.85 -17.42 -21.18
C LYS B 203 60.44 -16.19 -21.86
N ALA B 204 60.25 -16.06 -23.19
CA ALA B 204 60.71 -14.91 -23.95
C ALA B 204 60.15 -13.58 -23.43
N LEU B 205 59.01 -13.58 -22.74
CA LEU B 205 58.39 -12.36 -22.22
C LEU B 205 58.76 -12.17 -20.75
N GLY B 206 58.70 -10.93 -20.26
CA GLY B 206 58.95 -10.64 -18.85
C GLY B 206 57.80 -11.06 -17.94
N ALA B 209 54.07 -10.30 -17.61
CA ALA B 209 53.14 -10.43 -18.76
C ALA B 209 51.72 -10.73 -18.26
N THR B 210 50.73 -10.13 -18.92
CA THR B 210 49.34 -10.50 -18.66
C THR B 210 49.09 -11.90 -19.25
N LEU B 211 48.00 -12.51 -18.76
CA LEU B 211 47.52 -13.77 -19.28
C LEU B 211 47.06 -13.58 -20.73
N GLU B 212 46.37 -12.46 -20.99
CA GLU B 212 45.97 -12.09 -22.34
C GLU B 212 47.17 -12.20 -23.28
N GLU B 213 48.30 -11.61 -22.84
CA GLU B 213 49.54 -11.59 -23.64
C GLU B 213 50.06 -13.01 -23.84
N MET B 214 50.11 -13.77 -22.75
CA MET B 214 50.61 -15.15 -22.81
C MET B 214 49.77 -16.01 -23.75
N MET B 215 48.45 -15.75 -23.78
CA MET B 215 47.52 -16.54 -24.56
C MET B 215 47.57 -16.17 -26.03
N THR B 216 47.77 -14.87 -26.30
CA THR B 216 48.00 -14.43 -27.67
C THR B 216 49.28 -15.08 -28.19
N ALA B 217 50.36 -14.93 -27.40
CA ALA B 217 51.68 -15.42 -27.76
C ALA B 217 51.68 -16.91 -28.13
N CYS B 218 50.74 -17.67 -27.57
CA CYS B 218 50.76 -19.12 -27.66
C CYS B 218 49.58 -19.64 -28.49
N GLN B 219 49.16 -18.86 -29.49
CA GLN B 219 47.86 -19.08 -30.14
C GLN B 219 48.06 -19.36 -31.63
N PRO C 1 -3.60 -6.67 -20.88
CA PRO C 1 -4.99 -6.77 -20.43
C PRO C 1 -5.33 -5.58 -19.53
N ILE C 2 -6.59 -5.55 -19.07
CA ILE C 2 -7.01 -4.66 -18.00
C ILE C 2 -7.28 -5.52 -16.78
N VAL C 3 -6.64 -5.18 -15.65
CA VAL C 3 -6.70 -5.98 -14.43
C VAL C 3 -6.54 -5.05 -13.24
N GLN C 4 -6.74 -5.61 -12.03
CA GLN C 4 -7.00 -4.80 -10.85
C GLN C 4 -5.80 -4.76 -9.91
N ASN C 5 -5.29 -3.54 -9.63
CA ASN C 5 -4.13 -3.37 -8.77
C ASN C 5 -4.53 -3.68 -7.32
N LEU C 6 -3.60 -4.21 -6.53
CA LEU C 6 -3.88 -4.69 -5.18
C LEU C 6 -4.55 -3.59 -4.35
N GLN C 7 -4.38 -2.31 -4.75
CA GLN C 7 -5.20 -1.21 -4.23
C GLN C 7 -6.68 -1.49 -4.52
N GLY C 8 -7.10 -1.33 -5.78
CA GLY C 8 -8.52 -1.40 -6.14
C GLY C 8 -8.83 -0.92 -7.55
N GLN C 9 -8.00 0.00 -8.11
CA GLN C 9 -8.17 0.58 -9.44
C GLN C 9 -7.95 -0.46 -10.55
N MET C 10 -8.57 -0.23 -11.73
CA MET C 10 -8.43 -1.05 -12.92
C MET C 10 -7.39 -0.42 -13.83
N VAL C 11 -6.36 -1.20 -14.20
CA VAL C 11 -5.20 -0.66 -14.90
C VAL C 11 -4.79 -1.57 -16.04
N HIS C 12 -4.15 -0.99 -17.06
CA HIS C 12 -3.64 -1.74 -18.21
C HIS C 12 -2.30 -2.38 -17.84
N GLN C 13 -2.19 -3.69 -18.07
CA GLN C 13 -0.91 -4.37 -18.07
C GLN C 13 -0.58 -4.85 -19.48
N CYS C 14 0.70 -5.11 -19.70
CA CYS C 14 1.19 -5.82 -20.86
C CYS C 14 0.72 -7.26 -20.82
N ILE C 15 0.69 -7.92 -21.98
CA ILE C 15 0.46 -9.35 -22.00
C ILE C 15 1.71 -10.02 -21.44
N SER C 16 1.54 -11.03 -20.58
CA SER C 16 2.71 -11.70 -20.05
C SER C 16 3.33 -12.50 -21.17
N PRO C 17 4.66 -12.74 -21.13
CA PRO C 17 5.28 -13.77 -21.97
C PRO C 17 4.64 -15.14 -21.74
N ARG C 18 4.23 -15.42 -20.48
CA ARG C 18 3.66 -16.71 -20.10
C ARG C 18 2.41 -16.90 -20.95
N THR C 19 1.58 -15.84 -21.05
CA THR C 19 0.34 -15.87 -21.80
C THR C 19 0.58 -16.00 -23.30
N LEU C 20 1.52 -15.20 -23.82
CA LEU C 20 1.88 -15.26 -25.22
C LEU C 20 2.28 -16.69 -25.58
N ASN C 21 3.22 -17.23 -24.79
CA ASN C 21 3.79 -18.53 -25.09
C ASN C 21 2.68 -19.58 -25.00
N ALA C 22 1.84 -19.44 -23.97
CA ALA C 22 0.76 -20.37 -23.73
C ALA C 22 -0.12 -20.47 -24.97
N TRP C 23 -0.41 -19.31 -25.58
CA TRP C 23 -1.32 -19.22 -26.70
C TRP C 23 -0.71 -19.86 -27.94
N VAL C 24 0.56 -19.60 -28.15
CA VAL C 24 1.24 -20.11 -29.33
C VAL C 24 1.28 -21.62 -29.23
N LYS C 25 1.62 -22.12 -28.03
CA LYS C 25 1.74 -23.56 -27.79
C LYS C 25 0.40 -24.23 -28.07
N VAL C 26 -0.67 -23.64 -27.52
CA VAL C 26 -2.01 -24.15 -27.70
C VAL C 26 -2.25 -24.38 -29.18
N VAL C 27 -1.92 -23.36 -29.99
CA VAL C 27 -2.23 -23.37 -31.41
C VAL C 27 -1.32 -24.37 -32.11
N GLU C 28 -0.04 -24.42 -31.69
CA GLU C 28 0.93 -25.34 -32.26
C GLU C 28 0.47 -26.77 -31.96
N GLU C 29 0.23 -27.08 -30.68
CA GLU C 29 -0.08 -28.43 -30.26
C GLU C 29 -1.49 -28.84 -30.71
N LYS C 30 -2.51 -28.00 -30.52
CA LYS C 30 -3.91 -28.41 -30.64
C LYS C 30 -4.62 -27.90 -31.88
N ALA C 31 -3.92 -27.18 -32.78
CA ALA C 31 -4.48 -26.69 -34.05
C ALA C 31 -5.78 -25.95 -33.78
N PHE C 32 -6.90 -26.42 -34.37
CA PHE C 32 -8.22 -25.90 -34.06
C PHE C 32 -9.15 -27.01 -33.58
N SER C 33 -8.60 -27.84 -32.69
CA SER C 33 -9.39 -28.69 -31.83
C SER C 33 -10.32 -27.78 -31.03
N PRO C 34 -11.54 -28.23 -30.65
CA PRO C 34 -12.48 -27.34 -29.96
C PRO C 34 -11.96 -26.72 -28.69
N GLU C 35 -11.10 -27.43 -27.93
CA GLU C 35 -10.67 -26.94 -26.63
C GLU C 35 -9.71 -25.76 -26.78
N VAL C 36 -9.44 -25.35 -28.02
CA VAL C 36 -8.67 -24.14 -28.26
C VAL C 36 -9.51 -22.91 -27.88
N ILE C 37 -10.82 -22.93 -28.19
CA ILE C 37 -11.69 -21.79 -27.94
C ILE C 37 -11.64 -21.40 -26.47
N PRO C 38 -11.98 -22.31 -25.52
CA PRO C 38 -12.02 -21.96 -24.10
C PRO C 38 -10.63 -21.55 -23.62
N MET C 39 -9.61 -22.17 -24.24
CA MET C 39 -8.25 -21.87 -23.88
C MET C 39 -7.89 -20.46 -24.34
N PHE C 40 -8.32 -20.08 -25.55
CA PHE C 40 -8.15 -18.73 -26.04
C PHE C 40 -8.90 -17.76 -25.14
N SER C 41 -10.15 -18.09 -24.82
CA SER C 41 -10.99 -17.23 -24.03
C SER C 41 -10.35 -16.96 -22.65
N ALA C 42 -9.80 -18.03 -22.04
CA ALA C 42 -9.17 -17.93 -20.73
C ALA C 42 -7.90 -17.09 -20.82
N LEU C 43 -7.09 -17.37 -21.83
CA LEU C 43 -5.82 -16.69 -22.00
C LEU C 43 -6.03 -15.23 -22.39
N SER C 44 -7.24 -14.89 -22.87
CA SER C 44 -7.56 -13.52 -23.24
C SER C 44 -8.41 -12.85 -22.14
N CYS C 45 -8.47 -13.47 -20.95
CA CYS C 45 -9.12 -12.81 -19.83
C CYS C 45 -8.53 -11.40 -19.69
N GLY C 46 -9.41 -10.41 -19.65
CA GLY C 46 -9.00 -9.04 -19.38
C GLY C 46 -8.63 -8.26 -20.65
N ALA C 47 -8.57 -8.95 -21.79
CA ALA C 47 -7.89 -8.44 -22.99
C ALA C 47 -8.57 -7.20 -23.53
N THR C 48 -7.76 -6.19 -23.88
CA THR C 48 -8.14 -5.15 -24.83
C THR C 48 -8.20 -5.75 -26.23
N PRO C 49 -8.93 -5.13 -27.18
CA PRO C 49 -8.86 -5.53 -28.59
C PRO C 49 -7.43 -5.56 -29.13
N GLN C 50 -6.59 -4.65 -28.63
CA GLN C 50 -5.20 -4.66 -29.01
C GLN C 50 -4.55 -5.98 -28.63
N ASP C 51 -4.85 -6.46 -27.41
CA ASP C 51 -4.27 -7.69 -26.90
C ASP C 51 -4.78 -8.86 -27.74
N LEU C 52 -6.05 -8.80 -28.14
CA LEU C 52 -6.64 -9.85 -28.95
C LEU C 52 -5.97 -9.91 -30.34
N ASN C 53 -5.65 -8.73 -30.90
CA ASN C 53 -4.94 -8.65 -32.17
C ASN C 53 -3.54 -9.25 -32.02
N THR C 54 -2.84 -8.80 -30.97
CA THR C 54 -1.53 -9.34 -30.63
C THR C 54 -1.57 -10.85 -30.64
N MET C 55 -2.54 -11.40 -29.90
CA MET C 55 -2.64 -12.84 -29.76
C MET C 55 -2.83 -13.51 -31.12
N LEU C 56 -3.73 -12.96 -31.95
CA LEU C 56 -4.02 -13.57 -33.24
C LEU C 56 -2.83 -13.41 -34.19
N ASN C 57 -2.13 -12.27 -34.07
CA ASN C 57 -0.99 -12.02 -34.91
C ASN C 57 0.14 -13.01 -34.59
N THR C 58 0.26 -13.44 -33.34
CA THR C 58 1.37 -14.32 -32.98
C THR C 58 1.17 -15.71 -33.57
N VAL C 59 -0.07 -16.02 -33.96
CA VAL C 59 -0.33 -17.23 -34.72
C VAL C 59 0.27 -17.08 -36.10
N GLY C 60 1.35 -17.85 -36.33
CA GLY C 60 1.82 -18.17 -37.67
C GLY C 60 1.28 -19.52 -38.13
N GLY C 61 1.22 -19.69 -39.44
CA GLY C 61 0.53 -20.84 -40.00
C GLY C 61 -0.98 -20.69 -39.82
N HIS C 62 -1.74 -21.67 -40.29
CA HIS C 62 -3.19 -21.60 -40.25
C HIS C 62 -3.67 -20.26 -40.82
N GLN C 63 -3.00 -19.76 -41.86
CA GLN C 63 -3.29 -18.41 -42.34
C GLN C 63 -4.59 -18.39 -43.14
N ALA C 64 -4.98 -19.53 -43.72
CA ALA C 64 -6.30 -19.67 -44.29
C ALA C 64 -7.36 -19.47 -43.22
N ALA C 65 -7.26 -20.23 -42.12
CA ALA C 65 -8.15 -20.07 -40.99
C ALA C 65 -8.20 -18.62 -40.54
N MET C 66 -7.04 -17.95 -40.51
CA MET C 66 -6.94 -16.62 -39.94
C MET C 66 -7.54 -15.59 -40.87
N GLN C 67 -7.49 -15.84 -42.19
CA GLN C 67 -8.19 -14.98 -43.13
C GLN C 67 -9.70 -15.18 -42.99
N MET C 68 -10.13 -16.46 -42.95
CA MET C 68 -11.51 -16.81 -42.62
C MET C 68 -11.98 -16.06 -41.37
N LEU C 69 -11.10 -16.00 -40.38
CA LEU C 69 -11.42 -15.34 -39.12
C LEU C 69 -11.69 -13.86 -39.38
N LYS C 70 -10.82 -13.20 -40.18
CA LYS C 70 -10.96 -11.78 -40.49
C LYS C 70 -12.31 -11.54 -41.17
N GLU C 71 -12.71 -12.45 -42.05
CA GLU C 71 -14.00 -12.34 -42.72
C GLU C 71 -15.12 -12.38 -41.67
N THR C 72 -15.06 -13.35 -40.74
CA THR C 72 -16.07 -13.43 -39.71
C THR C 72 -16.11 -12.15 -38.88
N ILE C 73 -14.97 -11.52 -38.67
CA ILE C 73 -14.92 -10.29 -37.90
C ILE C 73 -15.58 -9.16 -38.70
N ASN C 74 -15.28 -9.05 -40.01
CA ASN C 74 -15.93 -8.07 -40.87
C ASN C 74 -17.46 -8.16 -40.77
N GLU C 75 -17.99 -9.39 -40.93
CA GLU C 75 -19.42 -9.66 -40.86
C GLU C 75 -19.99 -9.06 -39.57
N GLU C 76 -19.32 -9.33 -38.42
CA GLU C 76 -19.89 -9.01 -37.12
C GLU C 76 -19.74 -7.52 -36.79
N ALA C 77 -18.72 -6.88 -37.39
CA ALA C 77 -18.47 -5.46 -37.18
C ALA C 77 -19.50 -4.65 -37.96
N ALA C 78 -19.76 -5.08 -39.21
CA ALA C 78 -20.78 -4.50 -40.08
C ALA C 78 -22.16 -4.58 -39.42
N GLU C 79 -22.45 -5.75 -38.83
CA GLU C 79 -23.69 -5.94 -38.10
C GLU C 79 -23.75 -5.04 -36.87
N TRP C 80 -22.61 -4.87 -36.20
CA TRP C 80 -22.55 -3.97 -35.05
C TRP C 80 -22.91 -2.55 -35.49
N ASP C 81 -22.41 -2.16 -36.68
CA ASP C 81 -22.59 -0.82 -37.21
C ASP C 81 -24.05 -0.60 -37.62
N ARG C 82 -24.71 -1.65 -38.11
CA ARG C 82 -26.15 -1.61 -38.33
C ARG C 82 -26.87 -1.31 -37.01
N LEU C 83 -26.63 -2.12 -35.97
CA LEU C 83 -27.38 -2.05 -34.73
C LEU C 83 -27.05 -0.80 -33.90
N HIS C 84 -25.87 -0.18 -34.11
CA HIS C 84 -25.47 0.96 -33.30
C HIS C 84 -24.75 1.99 -34.18
N PRO C 85 -25.45 2.80 -34.98
CA PRO C 85 -24.79 3.84 -35.78
C PRO C 85 -24.28 4.98 -34.90
N VAL C 86 -23.26 5.71 -35.40
CA VAL C 86 -22.78 6.93 -34.77
C VAL C 86 -21.53 6.63 -33.92
N ILE C 91 -17.88 15.53 -32.76
CA ILE C 91 -18.14 14.78 -31.49
C ILE C 91 -17.62 15.59 -30.29
N ALA C 92 -18.31 15.40 -29.16
CA ALA C 92 -18.17 16.29 -28.01
C ALA C 92 -16.72 16.36 -27.55
N PRO C 93 -16.13 17.57 -27.43
CA PRO C 93 -14.78 17.70 -26.88
C PRO C 93 -14.67 17.13 -25.45
N GLY C 94 -13.57 16.41 -25.19
CA GLY C 94 -13.29 15.84 -23.89
C GLY C 94 -13.96 14.48 -23.71
N GLN C 95 -15.21 14.39 -24.20
CA GLN C 95 -16.03 13.22 -24.00
C GLN C 95 -15.55 12.04 -24.82
N MET C 96 -16.07 10.88 -24.42
CA MET C 96 -15.73 9.60 -24.98
C MET C 96 -16.80 9.21 -26.01
N ARG C 97 -16.33 8.84 -27.21
CA ARG C 97 -17.19 8.63 -28.36
C ARG C 97 -17.71 7.20 -28.37
N GLU C 98 -18.80 6.98 -29.12
CA GLU C 98 -19.32 5.64 -29.34
C GLU C 98 -18.39 4.92 -30.31
N PRO C 99 -18.01 3.64 -30.02
CA PRO C 99 -17.15 2.86 -30.91
C PRO C 99 -17.92 2.26 -32.08
N ARG C 100 -17.35 2.45 -33.28
CA ARG C 100 -17.82 1.75 -34.47
C ARG C 100 -17.31 0.31 -34.39
N GLY C 101 -17.81 -0.54 -35.30
CA GLY C 101 -17.36 -1.91 -35.41
C GLY C 101 -15.84 -1.99 -35.47
N SER C 102 -15.21 -1.15 -36.29
CA SER C 102 -13.78 -1.25 -36.53
C SER C 102 -12.99 -0.74 -35.33
N ASP C 103 -13.65 -0.02 -34.43
CA ASP C 103 -13.01 0.45 -33.21
C ASP C 103 -12.90 -0.71 -32.23
N ILE C 104 -13.88 -1.62 -32.30
CA ILE C 104 -13.95 -2.79 -31.43
C ILE C 104 -12.90 -3.83 -31.85
N ALA C 105 -12.63 -3.94 -33.16
CA ALA C 105 -11.61 -4.86 -33.65
C ALA C 105 -10.22 -4.27 -33.44
N GLY C 106 -10.19 -3.05 -32.87
CA GLY C 106 -8.93 -2.41 -32.53
C GLY C 106 -8.21 -1.87 -33.77
N THR C 107 -8.94 -1.80 -34.90
CA THR C 107 -8.38 -1.32 -36.15
C THR C 107 -8.27 0.22 -36.14
N THR C 108 -9.34 0.89 -35.73
CA THR C 108 -9.44 2.34 -35.83
C THR C 108 -9.36 3.01 -34.45
N SER C 109 -9.37 2.23 -33.36
CA SER C 109 -9.25 2.78 -32.01
C SER C 109 -7.79 2.76 -31.58
N THR C 110 -7.44 3.68 -30.67
CA THR C 110 -6.15 3.64 -29.98
C THR C 110 -6.33 2.82 -28.70
N LEU C 111 -5.21 2.44 -28.11
CA LEU C 111 -5.26 1.71 -26.85
C LEU C 111 -6.04 2.54 -25.82
N GLN C 112 -5.81 3.85 -25.80
CA GLN C 112 -6.40 4.71 -24.78
C GLN C 112 -7.92 4.64 -24.91
N GLU C 113 -8.42 4.78 -26.15
CA GLU C 113 -9.85 4.68 -26.38
C GLU C 113 -10.38 3.36 -25.82
N GLN C 114 -9.66 2.26 -26.14
CA GLN C 114 -10.06 0.92 -25.77
C GLN C 114 -10.18 0.82 -24.26
N ILE C 115 -9.18 1.38 -23.55
CA ILE C 115 -9.17 1.41 -22.09
C ILE C 115 -10.34 2.25 -21.58
N GLY C 116 -10.46 3.47 -22.15
CA GLY C 116 -11.57 4.35 -21.84
C GLY C 116 -12.91 3.62 -21.86
N TRP C 117 -13.18 2.88 -22.96
CA TRP C 117 -14.46 2.22 -23.12
C TRP C 117 -14.66 1.15 -22.06
N MET C 118 -13.58 0.43 -21.75
CA MET C 118 -13.66 -0.75 -20.91
C MET C 118 -13.77 -0.35 -19.44
N THR C 119 -13.04 0.69 -19.04
CA THR C 119 -12.91 1.08 -17.65
C THR C 119 -13.98 2.12 -17.26
N HIS C 120 -14.56 2.80 -18.26
CA HIS C 120 -15.70 3.69 -18.04
C HIS C 120 -16.80 2.98 -17.27
N ASN C 121 -17.61 3.78 -16.55
CA ASN C 121 -18.74 3.27 -15.80
C ASN C 121 -20.02 3.96 -16.30
N PRO C 122 -20.98 3.25 -16.96
CA PRO C 122 -20.89 1.81 -17.18
C PRO C 122 -19.88 1.47 -18.27
N PRO C 123 -19.30 0.24 -18.25
CA PRO C 123 -18.32 -0.16 -19.26
C PRO C 123 -18.95 -0.39 -20.64
N ILE C 124 -18.23 0.01 -21.69
CA ILE C 124 -18.44 -0.51 -23.03
C ILE C 124 -17.39 -1.60 -23.27
N PRO C 125 -17.73 -2.91 -23.11
CA PRO C 125 -16.71 -3.96 -23.00
C PRO C 125 -16.23 -4.40 -24.37
N VAL C 126 -15.50 -3.50 -25.04
CA VAL C 126 -15.05 -3.71 -26.40
C VAL C 126 -14.19 -4.98 -26.46
N GLY C 127 -13.40 -5.21 -25.41
CA GLY C 127 -12.62 -6.43 -25.30
C GLY C 127 -13.53 -7.65 -25.40
N GLU C 128 -14.61 -7.64 -24.60
CA GLU C 128 -15.50 -8.79 -24.52
C GLU C 128 -16.29 -8.94 -25.81
N ILE C 129 -16.63 -7.82 -26.46
CA ILE C 129 -17.40 -7.85 -27.70
C ILE C 129 -16.55 -8.47 -28.80
N TYR C 130 -15.36 -7.90 -29.04
CA TYR C 130 -14.44 -8.41 -30.03
C TYR C 130 -14.15 -9.89 -29.78
N LYS C 131 -13.96 -10.25 -28.50
CA LYS C 131 -13.72 -11.63 -28.11
C LYS C 131 -14.88 -12.51 -28.58
N ARG C 132 -16.11 -12.02 -28.39
CA ARG C 132 -17.33 -12.70 -28.84
C ARG C 132 -17.19 -12.99 -30.34
N TRP C 133 -16.76 -11.97 -31.09
CA TRP C 133 -16.65 -12.09 -32.54
C TRP C 133 -15.58 -13.12 -32.89
N ILE C 134 -14.41 -13.00 -32.26
CA ILE C 134 -13.31 -13.89 -32.55
C ILE C 134 -13.77 -15.32 -32.27
N ILE C 135 -14.44 -15.52 -31.14
CA ILE C 135 -14.90 -16.85 -30.80
C ILE C 135 -15.92 -17.35 -31.83
N LEU C 136 -16.79 -16.46 -32.35
CA LEU C 136 -17.66 -16.87 -33.44
C LEU C 136 -16.81 -17.47 -34.55
N GLY C 137 -15.81 -16.71 -34.99
CA GLY C 137 -14.97 -17.11 -36.11
C GLY C 137 -14.21 -18.39 -35.83
N LEU C 138 -13.80 -18.54 -34.56
CA LEU C 138 -13.04 -19.70 -34.14
C LEU C 138 -13.91 -20.95 -34.21
N ASN C 139 -15.22 -20.81 -33.91
CA ASN C 139 -16.12 -21.94 -34.01
C ASN C 139 -16.25 -22.39 -35.47
N LYS C 140 -16.37 -21.42 -36.39
CA LYS C 140 -16.57 -21.76 -37.80
C LYS C 140 -15.35 -22.51 -38.30
N ILE C 141 -14.16 -22.04 -37.88
CA ILE C 141 -12.89 -22.69 -38.17
C ILE C 141 -12.88 -24.11 -37.59
N VAL C 142 -13.24 -24.27 -36.31
CA VAL C 142 -13.18 -25.57 -35.65
C VAL C 142 -14.02 -26.58 -36.41
N ARG C 143 -15.21 -26.15 -36.87
CA ARG C 143 -16.08 -27.00 -37.67
CA ARG C 143 -16.08 -27.00 -37.67
C ARG C 143 -15.40 -27.30 -38.99
N MET C 144 -14.81 -26.27 -39.61
CA MET C 144 -14.06 -26.43 -40.85
C MET C 144 -12.98 -27.49 -40.65
N TYR C 145 -12.08 -27.25 -39.71
CA TYR C 145 -10.96 -28.16 -39.44
C TYR C 145 -11.47 -29.51 -38.91
N SER C 146 -12.76 -29.66 -38.52
CA SER C 146 -13.28 -30.96 -38.10
C SER C 146 -13.27 -31.94 -39.27
N PRO C 147 -12.58 -33.10 -39.14
CA PRO C 147 -12.42 -34.04 -40.25
C PRO C 147 -13.70 -34.78 -40.63
N THR C 148 -14.50 -35.17 -39.64
CA THR C 148 -15.54 -36.15 -39.85
C THR C 148 -16.88 -35.61 -39.37
N SER C 149 -17.94 -36.01 -40.10
CA SER C 149 -19.30 -35.77 -39.66
C SER C 149 -19.68 -36.75 -38.56
N ILE C 150 -20.56 -36.31 -37.67
CA ILE C 150 -21.08 -37.13 -36.58
C ILE C 150 -21.77 -38.37 -37.13
N LEU C 151 -22.27 -38.28 -38.38
CA LEU C 151 -22.94 -39.39 -39.03
C LEU C 151 -21.97 -40.52 -39.34
N ASP C 152 -20.69 -40.17 -39.53
CA ASP C 152 -19.67 -41.12 -39.94
C ASP C 152 -18.91 -41.65 -38.72
N ILE C 153 -19.31 -41.23 -37.51
CA ILE C 153 -18.75 -41.78 -36.29
C ILE C 153 -19.56 -43.00 -35.92
N ARG C 154 -19.10 -44.17 -36.42
CA ARG C 154 -19.70 -45.46 -36.14
C ARG C 154 -18.74 -46.27 -35.28
N GLN C 155 -19.27 -46.94 -34.25
CA GLN C 155 -18.47 -47.76 -33.36
C GLN C 155 -17.86 -48.88 -34.18
N GLY C 156 -16.52 -48.97 -34.18
CA GLY C 156 -15.82 -50.08 -34.78
C GLY C 156 -16.27 -51.41 -34.18
N PRO C 157 -16.16 -52.54 -34.92
CA PRO C 157 -16.62 -53.84 -34.42
C PRO C 157 -15.82 -54.35 -33.22
N LYS C 158 -14.54 -53.92 -33.12
CA LYS C 158 -13.70 -54.26 -31.98
C LYS C 158 -13.38 -52.99 -31.18
N GLU C 159 -14.24 -51.97 -31.25
CA GLU C 159 -13.99 -50.72 -30.55
C GLU C 159 -14.75 -50.72 -29.23
N PRO C 160 -14.06 -50.54 -28.08
CA PRO C 160 -14.75 -50.41 -26.80
C PRO C 160 -15.73 -49.24 -26.87
N PHE C 161 -16.90 -49.41 -26.27
CA PHE C 161 -17.92 -48.40 -26.34
C PHE C 161 -17.34 -47.04 -25.92
N ARG C 162 -16.60 -46.99 -24.82
CA ARG C 162 -16.13 -45.73 -24.26
C ARG C 162 -15.35 -44.94 -25.32
N ASP C 163 -14.53 -45.65 -26.11
CA ASP C 163 -13.71 -45.02 -27.12
C ASP C 163 -14.58 -44.38 -28.18
N TYR C 164 -15.56 -45.19 -28.65
CA TYR C 164 -16.57 -44.77 -29.60
C TYR C 164 -17.26 -43.48 -29.13
N VAL C 165 -17.75 -43.52 -27.89
CA VAL C 165 -18.43 -42.38 -27.29
C VAL C 165 -17.49 -41.17 -27.28
N ASP C 166 -16.24 -41.39 -26.85
CA ASP C 166 -15.22 -40.35 -26.82
C ASP C 166 -15.13 -39.69 -28.20
N ARG C 167 -15.06 -40.53 -29.24
CA ARG C 167 -15.00 -40.03 -30.61
C ARG C 167 -16.30 -39.31 -30.96
N PHE C 168 -17.41 -39.95 -30.61
CA PHE C 168 -18.73 -39.41 -30.89
C PHE C 168 -18.80 -37.96 -30.40
N TYR C 169 -18.56 -37.77 -29.10
CA TYR C 169 -18.78 -36.48 -28.47
C TYR C 169 -17.69 -35.50 -28.88
N LYS C 170 -16.44 -35.98 -29.08
CA LYS C 170 -15.40 -35.09 -29.58
C LYS C 170 -15.86 -34.51 -30.92
N THR C 171 -16.35 -35.41 -31.79
CA THR C 171 -16.75 -35.02 -33.11
C THR C 171 -17.95 -34.07 -33.03
N LEU C 172 -18.86 -34.39 -32.13
CA LEU C 172 -20.09 -33.64 -31.98
C LEU C 172 -19.77 -32.22 -31.50
N ARG C 173 -18.75 -32.11 -30.63
CA ARG C 173 -18.33 -30.83 -30.08
C ARG C 173 -17.83 -29.93 -31.20
N ALA C 174 -17.15 -30.51 -32.20
CA ALA C 174 -16.62 -29.75 -33.30
C ALA C 174 -17.71 -29.10 -34.17
N GLU C 175 -18.93 -29.67 -34.22
CA GLU C 175 -19.92 -29.23 -35.18
C GLU C 175 -20.79 -28.11 -34.60
N GLN C 176 -21.33 -27.25 -35.48
CA GLN C 176 -22.06 -26.04 -35.10
C GLN C 176 -23.57 -26.20 -35.32
N ALA C 177 -24.35 -26.26 -34.23
CA ALA C 177 -25.78 -26.06 -34.29
C ALA C 177 -26.29 -25.65 -32.91
N SER C 178 -27.52 -25.13 -32.82
CA SER C 178 -28.13 -24.91 -31.50
C SER C 178 -28.03 -26.23 -30.72
N GLN C 179 -27.78 -26.18 -29.40
CA GLN C 179 -27.73 -27.39 -28.58
C GLN C 179 -29.11 -28.05 -28.54
N GLU C 180 -30.15 -27.38 -29.08
CA GLU C 180 -31.43 -27.99 -29.40
C GLU C 180 -31.24 -29.01 -30.52
N VAL C 181 -30.50 -28.61 -31.58
CA VAL C 181 -30.20 -29.43 -32.76
C VAL C 181 -29.23 -30.56 -32.38
N LYS C 182 -28.39 -30.33 -31.38
CA LYS C 182 -27.39 -31.28 -30.95
C LYS C 182 -28.01 -32.28 -29.98
N ASN C 183 -29.01 -31.82 -29.22
CA ASN C 183 -29.81 -32.68 -28.35
C ASN C 183 -30.61 -33.64 -29.25
N THR C 188 -29.22 -40.96 -29.36
CA THR C 188 -30.21 -41.32 -30.42
C THR C 188 -29.47 -41.86 -31.64
N LEU C 189 -28.52 -41.05 -32.07
CA LEU C 189 -27.54 -41.36 -33.09
C LEU C 189 -26.37 -42.10 -32.44
N LEU C 190 -26.16 -41.86 -31.14
CA LEU C 190 -25.15 -42.58 -30.39
C LEU C 190 -25.47 -44.07 -30.41
N VAL C 191 -26.75 -44.39 -30.21
CA VAL C 191 -27.18 -45.78 -30.19
C VAL C 191 -27.24 -46.30 -31.61
N GLN C 192 -27.77 -45.49 -32.53
CA GLN C 192 -27.89 -45.90 -33.91
C GLN C 192 -26.52 -46.40 -34.40
N ASN C 193 -25.50 -45.57 -34.19
CA ASN C 193 -24.18 -45.80 -34.75
C ASN C 193 -23.37 -46.83 -33.95
N ALA C 194 -23.84 -47.16 -32.74
CA ALA C 194 -23.24 -48.25 -31.97
C ALA C 194 -23.18 -49.49 -32.84
N ASN C 195 -22.24 -50.39 -32.54
CA ASN C 195 -22.13 -51.64 -33.29
C ASN C 195 -23.25 -52.55 -32.81
N PRO C 196 -23.66 -53.55 -33.62
CA PRO C 196 -24.72 -54.49 -33.25
C PRO C 196 -24.75 -54.97 -31.79
N ASP C 197 -23.62 -55.53 -31.31
CA ASP C 197 -23.55 -56.12 -29.99
C ASP C 197 -24.06 -55.13 -28.94
N CYS C 198 -23.57 -53.89 -29.03
CA CYS C 198 -23.95 -52.82 -28.11
C CYS C 198 -25.37 -52.31 -28.36
N LYS C 199 -25.74 -52.19 -29.64
CA LYS C 199 -27.02 -51.61 -29.99
C LYS C 199 -28.13 -52.45 -29.37
N THR C 200 -27.99 -53.79 -29.47
CA THR C 200 -28.89 -54.72 -28.80
C THR C 200 -29.04 -54.33 -27.34
N ILE C 201 -27.88 -54.28 -26.66
CA ILE C 201 -27.82 -54.07 -25.22
C ILE C 201 -28.46 -52.73 -24.87
N LEU C 202 -28.16 -51.70 -25.67
CA LEU C 202 -28.61 -50.34 -25.38
C LEU C 202 -30.11 -50.21 -25.66
N LYS C 203 -30.57 -50.82 -26.76
CA LYS C 203 -31.98 -50.80 -27.13
C LYS C 203 -32.82 -51.47 -26.03
N ALA C 204 -32.23 -52.47 -25.35
CA ALA C 204 -32.89 -53.17 -24.24
C ALA C 204 -33.31 -52.23 -23.11
N LEU C 205 -32.66 -51.07 -22.96
CA LEU C 205 -32.97 -50.12 -21.89
C LEU C 205 -33.90 -49.03 -22.43
N GLY C 206 -34.70 -48.44 -21.51
CA GLY C 206 -35.80 -47.58 -21.91
C GLY C 206 -35.30 -46.19 -22.21
N PRO C 207 -35.43 -45.69 -23.47
CA PRO C 207 -35.04 -44.31 -23.79
C PRO C 207 -35.38 -43.26 -22.70
N ALA C 209 -32.23 -43.50 -20.44
CA ALA C 209 -31.02 -44.07 -19.78
C ALA C 209 -29.91 -43.02 -19.73
N THR C 210 -29.18 -42.98 -18.61
CA THR C 210 -28.00 -42.15 -18.53
C THR C 210 -26.91 -42.76 -19.41
N LEU C 211 -25.92 -41.91 -19.74
CA LEU C 211 -24.74 -42.34 -20.46
C LEU C 211 -23.94 -43.29 -19.58
N GLU C 212 -23.85 -42.97 -18.27
CA GLU C 212 -23.21 -43.85 -17.30
C GLU C 212 -23.76 -45.26 -17.45
N GLU C 213 -25.10 -45.36 -17.51
CA GLU C 213 -25.79 -46.65 -17.61
C GLU C 213 -25.44 -47.33 -18.92
N MET C 214 -25.50 -46.57 -20.02
CA MET C 214 -25.20 -47.12 -21.35
C MET C 214 -23.76 -47.63 -21.42
N MET C 215 -22.84 -46.97 -20.73
CA MET C 215 -21.43 -47.30 -20.78
C MET C 215 -21.13 -48.49 -19.89
N THR C 216 -21.82 -48.60 -18.75
CA THR C 216 -21.75 -49.80 -17.93
C THR C 216 -22.25 -50.99 -18.73
N ALA C 217 -23.45 -50.84 -19.30
CA ALA C 217 -24.13 -51.89 -20.04
C ALA C 217 -23.25 -52.46 -21.16
N CYS C 218 -22.33 -51.65 -21.69
CA CYS C 218 -21.60 -52.00 -22.90
C CYS C 218 -20.11 -52.20 -22.60
N GLN C 219 -19.78 -52.71 -21.40
CA GLN C 219 -18.43 -52.65 -20.88
C GLN C 219 -17.85 -54.03 -20.66
N PRO D 1 -10.15 -16.73 -10.54
CA PRO D 1 -10.59 -17.07 -9.18
C PRO D 1 -10.95 -15.82 -8.42
N ILE D 2 -11.39 -16.00 -7.16
CA ILE D 2 -11.54 -14.92 -6.22
C ILE D 2 -10.45 -15.08 -5.16
N VAL D 3 -9.67 -14.01 -4.94
CA VAL D 3 -8.54 -14.05 -4.02
C VAL D 3 -8.35 -12.64 -3.44
N GLN D 4 -7.44 -12.54 -2.45
CA GLN D 4 -7.42 -11.39 -1.55
C GLN D 4 -6.24 -10.45 -1.86
N ASN D 5 -6.55 -9.17 -2.16
CA ASN D 5 -5.52 -8.19 -2.51
C ASN D 5 -4.72 -7.85 -1.24
N LEU D 6 -3.43 -7.52 -1.41
CA LEU D 6 -2.51 -7.30 -0.30
C LEU D 6 -3.08 -6.26 0.68
N GLN D 7 -4.02 -5.42 0.21
CA GLN D 7 -4.83 -4.59 1.09
C GLN D 7 -5.63 -5.48 2.04
N GLY D 8 -6.68 -6.14 1.54
CA GLY D 8 -7.61 -6.86 2.39
C GLY D 8 -8.88 -7.33 1.66
N GLN D 9 -9.31 -6.60 0.61
CA GLN D 9 -10.53 -6.85 -0.16
C GLN D 9 -10.40 -8.15 -0.98
N MET D 10 -11.55 -8.77 -1.31
CA MET D 10 -11.65 -9.98 -2.12
C MET D 10 -11.97 -9.58 -3.56
N VAL D 11 -11.13 -10.02 -4.51
CA VAL D 11 -11.22 -9.53 -5.88
C VAL D 11 -11.09 -10.70 -6.85
N HIS D 12 -11.71 -10.53 -8.03
CA HIS D 12 -11.64 -11.51 -9.10
C HIS D 12 -10.32 -11.36 -9.86
N GLN D 13 -9.58 -12.47 -9.99
CA GLN D 13 -8.47 -12.56 -10.91
C GLN D 13 -8.81 -13.52 -12.04
N CYS D 14 -8.10 -13.36 -13.15
CA CYS D 14 -8.08 -14.33 -14.23
C CYS D 14 -7.41 -15.61 -13.76
N ILE D 15 -7.69 -16.71 -14.45
CA ILE D 15 -6.98 -17.95 -14.20
C ILE D 15 -5.59 -17.74 -14.75
N SER D 16 -4.56 -18.19 -14.03
CA SER D 16 -3.21 -18.05 -14.53
C SER D 16 -3.05 -19.02 -15.69
N PRO D 17 -2.16 -18.72 -16.66
CA PRO D 17 -1.70 -19.74 -17.61
C PRO D 17 -1.08 -20.95 -16.90
N ARG D 18 -0.41 -20.69 -15.76
CA ARG D 18 0.26 -21.74 -15.00
C ARG D 18 -0.80 -22.75 -14.60
N THR D 19 -1.94 -22.24 -14.10
CA THR D 19 -3.05 -23.09 -13.65
C THR D 19 -3.71 -23.83 -14.80
N LEU D 20 -3.97 -23.12 -15.90
CA LEU D 20 -4.56 -23.71 -17.08
C LEU D 20 -3.70 -24.88 -17.53
N ASN D 21 -2.40 -24.60 -17.69
CA ASN D 21 -1.48 -25.57 -18.26
C ASN D 21 -1.40 -26.76 -17.30
N ALA D 22 -1.33 -26.45 -16.02
CA ALA D 22 -1.23 -27.46 -14.98
C ALA D 22 -2.37 -28.46 -15.12
N TRP D 23 -3.58 -27.93 -15.35
CA TRP D 23 -4.80 -28.73 -15.39
C TRP D 23 -4.80 -29.63 -16.62
N VAL D 24 -4.38 -29.06 -17.74
CA VAL D 24 -4.40 -29.79 -18.98
C VAL D 24 -3.41 -30.94 -18.87
N LYS D 25 -2.22 -30.65 -18.31
CA LYS D 25 -1.16 -31.63 -18.17
C LYS D 25 -1.63 -32.77 -17.29
N VAL D 26 -2.24 -32.41 -16.16
CA VAL D 26 -2.78 -33.39 -15.24
C VAL D 26 -3.64 -34.38 -16.00
N VAL D 27 -4.55 -33.84 -16.82
CA VAL D 27 -5.53 -34.67 -17.50
C VAL D 27 -4.85 -35.47 -18.59
N GLU D 28 -3.88 -34.84 -19.29
CA GLU D 28 -3.12 -35.51 -20.34
C GLU D 28 -2.33 -36.67 -19.71
N GLU D 29 -1.55 -36.37 -18.68
CA GLU D 29 -0.65 -37.36 -18.09
C GLU D 29 -1.43 -38.42 -17.31
N LYS D 30 -2.39 -38.02 -16.46
CA LYS D 30 -2.96 -38.91 -15.44
C LYS D 30 -4.39 -39.36 -15.74
N ALA D 31 -4.97 -38.98 -16.89
CA ALA D 31 -6.30 -39.40 -17.33
C ALA D 31 -7.30 -39.13 -16.20
N PHE D 32 -7.97 -40.20 -15.72
CA PHE D 32 -8.84 -40.13 -14.55
C PHE D 32 -8.40 -41.10 -13.47
N SER D 33 -7.09 -41.13 -13.26
CA SER D 33 -6.52 -41.66 -12.04
C SER D 33 -7.11 -40.88 -10.88
N PRO D 34 -7.29 -41.49 -9.68
CA PRO D 34 -7.93 -40.79 -8.57
C PRO D 34 -7.27 -39.47 -8.17
N GLU D 35 -5.95 -39.37 -8.28
CA GLU D 35 -5.25 -38.20 -7.78
C GLU D 35 -5.52 -36.98 -8.66
N VAL D 36 -6.33 -37.17 -9.72
CA VAL D 36 -6.76 -36.04 -10.52
C VAL D 36 -7.75 -35.18 -9.71
N ILE D 37 -8.64 -35.81 -8.94
CA ILE D 37 -9.65 -35.10 -8.18
C ILE D 37 -9.00 -34.04 -7.27
N PRO D 38 -8.09 -34.44 -6.35
CA PRO D 38 -7.48 -33.50 -5.41
C PRO D 38 -6.68 -32.45 -6.17
N MET D 39 -6.13 -32.86 -7.30
CA MET D 39 -5.34 -31.97 -8.12
C MET D 39 -6.25 -30.94 -8.77
N PHE D 40 -7.41 -31.38 -9.26
CA PHE D 40 -8.43 -30.46 -9.78
C PHE D 40 -8.88 -29.51 -8.69
N SER D 41 -9.18 -30.07 -7.51
CA SER D 41 -9.68 -29.30 -6.40
C SER D 41 -8.69 -28.20 -6.02
N ALA D 42 -7.40 -28.56 -5.98
CA ALA D 42 -6.34 -27.64 -5.60
C ALA D 42 -6.19 -26.55 -6.66
N LEU D 43 -6.17 -26.97 -7.92
CA LEU D 43 -5.97 -26.05 -9.03
C LEU D 43 -7.19 -25.15 -9.22
N SER D 44 -8.34 -25.53 -8.62
CA SER D 44 -9.55 -24.73 -8.70
C SER D 44 -9.77 -23.96 -7.39
N CYS D 45 -8.76 -23.91 -6.53
CA CYS D 45 -8.84 -23.07 -5.34
C CYS D 45 -9.28 -21.67 -5.78
N GLY D 46 -10.33 -21.17 -5.13
CA GLY D 46 -10.79 -19.81 -5.35
C GLY D 46 -11.80 -19.67 -6.48
N ALA D 47 -12.01 -20.75 -7.25
CA ALA D 47 -12.63 -20.67 -8.56
C ALA D 47 -14.09 -20.21 -8.46
N THR D 48 -14.45 -19.27 -9.36
CA THR D 48 -15.85 -19.04 -9.74
C THR D 48 -16.35 -20.22 -10.57
N PRO D 49 -17.67 -20.46 -10.66
CA PRO D 49 -18.23 -21.42 -11.62
C PRO D 49 -17.74 -21.20 -13.04
N GLN D 50 -17.54 -19.93 -13.40
CA GLN D 50 -17.00 -19.62 -14.71
C GLN D 50 -15.63 -20.27 -14.88
N ASP D 51 -14.79 -20.16 -13.84
CA ASP D 51 -13.43 -20.68 -13.88
C ASP D 51 -13.49 -22.21 -13.98
N LEU D 52 -14.46 -22.81 -13.29
CA LEU D 52 -14.63 -24.25 -13.30
C LEU D 52 -15.04 -24.73 -14.70
N ASN D 53 -15.92 -23.95 -15.36
CA ASN D 53 -16.33 -24.25 -16.74
C ASN D 53 -15.11 -24.14 -17.68
N THR D 54 -14.38 -23.03 -17.55
CA THR D 54 -13.15 -22.83 -18.29
C THR D 54 -12.26 -24.06 -18.19
N MET D 55 -12.04 -24.49 -16.95
CA MET D 55 -11.15 -25.61 -16.69
C MET D 55 -11.65 -26.86 -17.40
N LEU D 56 -12.94 -27.16 -17.29
CA LEU D 56 -13.50 -28.37 -17.88
C LEU D 56 -13.50 -28.27 -19.41
N ASN D 57 -13.73 -27.05 -19.91
CA ASN D 57 -13.74 -26.83 -21.34
C ASN D 57 -12.36 -27.07 -21.93
N THR D 58 -11.30 -26.78 -21.18
CA THR D 58 -9.96 -26.89 -21.75
C THR D 58 -9.58 -28.36 -21.90
N VAL D 59 -10.29 -29.25 -21.20
CA VAL D 59 -10.15 -30.68 -21.44
C VAL D 59 -10.72 -31.01 -22.80
N GLY D 60 -9.79 -31.34 -23.72
CA GLY D 60 -10.12 -32.07 -24.93
C GLY D 60 -9.90 -33.58 -24.75
N GLY D 61 -10.61 -34.37 -25.53
CA GLY D 61 -10.61 -35.81 -25.29
C GLY D 61 -11.44 -36.11 -24.06
N HIS D 62 -11.55 -37.41 -23.73
CA HIS D 62 -12.35 -37.84 -22.60
C HIS D 62 -13.75 -37.23 -22.67
N GLN D 63 -14.30 -37.09 -23.87
CA GLN D 63 -15.54 -36.35 -24.03
C GLN D 63 -16.73 -37.19 -23.55
N ALA D 64 -16.58 -38.52 -23.55
CA ALA D 64 -17.56 -39.39 -22.91
C ALA D 64 -17.62 -39.07 -21.43
N ALA D 65 -16.46 -39.12 -20.76
CA ALA D 65 -16.37 -38.75 -19.36
C ALA D 65 -17.00 -37.38 -19.11
N MET D 66 -16.77 -36.43 -20.02
CA MET D 66 -17.18 -35.05 -19.78
C MET D 66 -18.68 -34.90 -19.97
N GLN D 67 -19.27 -35.72 -20.85
CA GLN D 67 -20.72 -35.74 -20.97
C GLN D 67 -21.33 -36.39 -19.72
N MET D 68 -20.78 -37.54 -19.29
CA MET D 68 -21.11 -38.16 -18.02
C MET D 68 -21.09 -37.13 -16.90
N LEU D 69 -20.07 -36.28 -16.92
CA LEU D 69 -19.92 -35.25 -15.91
C LEU D 69 -21.11 -34.28 -15.95
N LYS D 70 -21.50 -33.84 -17.16
CA LYS D 70 -22.61 -32.93 -17.34
C LYS D 70 -23.89 -33.54 -16.76
N GLU D 71 -24.07 -34.84 -16.99
CA GLU D 71 -25.23 -35.54 -16.46
C GLU D 71 -25.22 -35.46 -14.92
N THR D 72 -24.07 -35.75 -14.31
CA THR D 72 -23.98 -35.69 -12.87
C THR D 72 -24.27 -34.28 -12.37
N ILE D 73 -23.89 -33.26 -13.13
CA ILE D 73 -24.17 -31.89 -12.73
C ILE D 73 -25.67 -31.61 -12.81
N ASN D 74 -26.33 -32.06 -13.90
CA ASN D 74 -27.78 -31.91 -14.03
C ASN D 74 -28.51 -32.49 -12.81
N GLU D 75 -28.15 -33.73 -12.44
CA GLU D 75 -28.75 -34.41 -11.29
C GLU D 75 -28.66 -33.51 -10.05
N GLU D 76 -27.46 -32.94 -9.79
CA GLU D 76 -27.19 -32.24 -8.53
C GLU D 76 -27.81 -30.84 -8.52
N ALA D 77 -27.97 -30.25 -9.72
CA ALA D 77 -28.57 -28.94 -9.86
C ALA D 77 -30.08 -29.02 -9.63
N ALA D 78 -30.70 -30.07 -10.22
CA ALA D 78 -32.11 -30.38 -10.03
C ALA D 78 -32.43 -30.60 -8.55
N GLU D 79 -31.55 -31.35 -7.88
CA GLU D 79 -31.68 -31.59 -6.45
C GLU D 79 -31.52 -30.28 -5.67
N TRP D 80 -30.61 -29.42 -6.11
CA TRP D 80 -30.43 -28.12 -5.48
C TRP D 80 -31.73 -27.32 -5.57
N ASP D 81 -32.38 -27.40 -6.75
CA ASP D 81 -33.59 -26.66 -7.04
C ASP D 81 -34.76 -27.18 -6.21
N ARG D 82 -34.80 -28.49 -5.95
CA ARG D 82 -35.74 -29.06 -5.01
C ARG D 82 -35.55 -28.44 -3.62
N LEU D 83 -34.32 -28.51 -3.09
CA LEU D 83 -34.05 -28.10 -1.71
C LEU D 83 -34.12 -26.58 -1.51
N HIS D 84 -33.96 -25.77 -2.57
CA HIS D 84 -33.92 -24.32 -2.43
C HIS D 84 -34.64 -23.67 -3.60
N PRO D 85 -36.00 -23.65 -3.64
CA PRO D 85 -36.71 -22.93 -4.71
C PRO D 85 -36.56 -21.41 -4.53
N VAL D 86 -36.77 -20.67 -5.62
CA VAL D 86 -36.19 -19.34 -5.75
C VAL D 86 -37.26 -18.25 -5.57
N GLY D 89 -40.92 -14.66 -8.16
CA GLY D 89 -41.35 -13.26 -8.41
C GLY D 89 -40.36 -12.55 -9.33
N PRO D 90 -40.46 -11.19 -9.42
CA PRO D 90 -39.37 -10.35 -9.91
C PRO D 90 -38.56 -9.80 -8.74
N ILE D 91 -37.24 -9.92 -8.83
CA ILE D 91 -36.35 -9.70 -7.70
C ILE D 91 -36.52 -8.26 -7.20
N ALA D 92 -36.29 -8.06 -5.89
CA ALA D 92 -36.05 -6.74 -5.31
C ALA D 92 -35.03 -5.95 -6.14
N PRO D 93 -35.35 -4.72 -6.58
CA PRO D 93 -34.35 -3.86 -7.24
C PRO D 93 -33.10 -3.63 -6.40
N GLY D 94 -31.93 -3.71 -7.05
CA GLY D 94 -30.65 -3.48 -6.38
C GLY D 94 -30.12 -4.77 -5.75
N GLN D 95 -31.02 -5.50 -5.09
CA GLN D 95 -30.66 -6.61 -4.25
C GLN D 95 -30.25 -7.83 -5.08
N MET D 96 -29.63 -8.77 -4.37
CA MET D 96 -28.99 -9.93 -4.93
C MET D 96 -29.94 -11.13 -4.80
N ARG D 97 -30.14 -11.84 -5.92
CA ARG D 97 -31.15 -12.89 -6.01
C ARG D 97 -30.58 -14.22 -5.54
N GLU D 98 -31.47 -15.15 -5.18
CA GLU D 98 -31.09 -16.51 -4.84
C GLU D 98 -30.71 -17.23 -6.13
N PRO D 99 -29.59 -17.98 -6.15
CA PRO D 99 -29.17 -18.75 -7.32
C PRO D 99 -29.92 -20.07 -7.47
N ARG D 100 -30.41 -20.31 -8.68
CA ARG D 100 -30.93 -21.62 -9.06
C ARG D 100 -29.74 -22.55 -9.29
N GLY D 101 -30.03 -23.85 -9.43
CA GLY D 101 -29.03 -24.84 -9.77
C GLY D 101 -28.18 -24.40 -10.97
N SER D 102 -28.84 -23.91 -12.02
CA SER D 102 -28.15 -23.60 -13.26
C SER D 102 -27.31 -22.32 -13.10
N ASP D 103 -27.58 -21.53 -12.07
CA ASP D 103 -26.79 -20.35 -11.80
C ASP D 103 -25.46 -20.76 -11.18
N ILE D 104 -25.49 -21.88 -10.43
CA ILE D 104 -24.32 -22.40 -9.75
C ILE D 104 -23.37 -23.06 -10.75
N ALA D 105 -23.91 -23.69 -11.80
CA ALA D 105 -23.10 -24.31 -12.84
C ALA D 105 -22.57 -23.23 -13.79
N GLY D 106 -22.95 -21.98 -13.52
CA GLY D 106 -22.45 -20.86 -14.30
C GLY D 106 -23.12 -20.78 -15.68
N THR D 107 -24.23 -21.53 -15.86
CA THR D 107 -24.96 -21.57 -17.12
C THR D 107 -25.80 -20.29 -17.28
N THR D 108 -26.54 -19.92 -16.22
CA THR D 108 -27.52 -18.85 -16.31
C THR D 108 -27.07 -17.61 -15.52
N SER D 109 -25.98 -17.70 -14.75
CA SER D 109 -25.44 -16.58 -14.00
C SER D 109 -24.37 -15.86 -14.82
N THR D 110 -24.20 -14.56 -14.56
CA THR D 110 -23.07 -13.81 -15.08
C THR D 110 -21.94 -13.91 -14.08
N LEU D 111 -20.74 -13.54 -14.52
CA LEU D 111 -19.60 -13.53 -13.62
C LEU D 111 -19.91 -12.65 -12.41
N GLN D 112 -20.56 -11.50 -12.64
CA GLN D 112 -20.79 -10.53 -11.58
C GLN D 112 -21.64 -11.17 -10.51
N GLU D 113 -22.72 -11.84 -10.94
CA GLU D 113 -23.59 -12.54 -9.99
C GLU D 113 -22.75 -13.51 -9.16
N GLN D 114 -21.91 -14.29 -9.84
CA GLN D 114 -21.10 -15.34 -9.23
C GLN D 114 -20.21 -14.73 -8.15
N ILE D 115 -19.59 -13.59 -8.48
CA ILE D 115 -18.73 -12.86 -7.55
C ILE D 115 -19.57 -12.35 -6.38
N GLY D 116 -20.69 -11.68 -6.72
CA GLY D 116 -21.64 -11.22 -5.73
C GLY D 116 -21.97 -12.28 -4.69
N TRP D 117 -22.32 -13.50 -5.15
CA TRP D 117 -22.74 -14.56 -4.26
C TRP D 117 -21.58 -14.99 -3.36
N MET D 118 -20.39 -15.03 -3.93
CA MET D 118 -19.24 -15.61 -3.25
C MET D 118 -18.68 -14.63 -2.21
N THR D 119 -18.66 -13.34 -2.57
CA THR D 119 -18.01 -12.31 -1.76
C THR D 119 -19.00 -11.67 -0.78
N HIS D 120 -20.31 -11.81 -1.03
CA HIS D 120 -21.34 -11.39 -0.09
C HIS D 120 -21.09 -11.97 1.29
N ASN D 121 -21.60 -11.28 2.32
CA ASN D 121 -21.51 -11.71 3.71
C ASN D 121 -22.92 -11.85 4.28
N PRO D 122 -23.42 -13.06 4.60
CA PRO D 122 -22.65 -14.31 4.50
C PRO D 122 -22.49 -14.75 3.05
N PRO D 123 -21.42 -15.51 2.71
CA PRO D 123 -21.21 -15.98 1.33
C PRO D 123 -22.21 -17.05 0.92
N ILE D 124 -22.66 -16.98 -0.34
CA ILE D 124 -23.26 -18.13 -1.04
C ILE D 124 -22.17 -18.74 -1.92
N PRO D 125 -21.47 -19.82 -1.48
CA PRO D 125 -20.22 -20.23 -2.12
C PRO D 125 -20.47 -21.09 -3.35
N VAL D 126 -21.02 -20.43 -4.38
CA VAL D 126 -21.43 -21.12 -5.60
C VAL D 126 -20.23 -21.85 -6.22
N GLY D 127 -19.05 -21.23 -6.13
CA GLY D 127 -17.82 -21.86 -6.56
C GLY D 127 -17.65 -23.21 -5.87
N GLU D 128 -17.77 -23.19 -4.54
CA GLU D 128 -17.52 -24.40 -3.76
C GLU D 128 -18.61 -25.44 -3.98
N ILE D 129 -19.85 -24.98 -4.21
CA ILE D 129 -20.98 -25.87 -4.43
C ILE D 129 -20.79 -26.60 -5.75
N TYR D 130 -20.63 -25.84 -6.83
CA TYR D 130 -20.39 -26.40 -8.15
C TYR D 130 -19.20 -27.36 -8.12
N LYS D 131 -18.13 -26.96 -7.43
CA LYS D 131 -16.93 -27.77 -7.27
C LYS D 131 -17.31 -29.12 -6.66
N ARG D 132 -18.17 -29.08 -5.62
CA ARG D 132 -18.69 -30.27 -4.96
C ARG D 132 -19.32 -31.18 -6.01
N TRP D 133 -20.15 -30.58 -6.89
CA TRP D 133 -20.87 -31.34 -7.90
C TRP D 133 -19.87 -31.95 -8.89
N ILE D 134 -18.94 -31.12 -9.37
CA ILE D 134 -17.96 -31.59 -10.34
C ILE D 134 -17.20 -32.76 -9.74
N ILE D 135 -16.78 -32.61 -8.49
CA ILE D 135 -16.04 -33.68 -7.84
C ILE D 135 -16.91 -34.94 -7.71
N LEU D 136 -18.22 -34.79 -7.45
CA LEU D 136 -19.08 -35.96 -7.47
C LEU D 136 -18.91 -36.67 -8.81
N GLY D 137 -19.07 -35.91 -9.90
CA GLY D 137 -19.04 -36.45 -11.24
C GLY D 137 -17.68 -37.08 -11.57
N LEU D 138 -16.63 -36.44 -11.04
CA LEU D 138 -15.27 -36.89 -11.30
C LEU D 138 -15.04 -38.24 -10.60
N ASN D 139 -15.67 -38.45 -9.43
CA ASN D 139 -15.54 -39.73 -8.75
C ASN D 139 -16.18 -40.85 -9.59
N LYS D 140 -17.36 -40.57 -10.16
CA LYS D 140 -18.10 -41.58 -10.91
C LYS D 140 -17.26 -41.98 -12.13
N ILE D 141 -16.66 -40.98 -12.77
CA ILE D 141 -15.74 -41.18 -13.88
C ILE D 141 -14.54 -42.02 -13.44
N VAL D 142 -13.89 -41.67 -12.33
CA VAL D 142 -12.69 -42.36 -11.89
C VAL D 142 -12.99 -43.85 -11.70
N ARG D 143 -14.16 -44.15 -11.11
CA ARG D 143 -14.60 -45.53 -10.93
CA ARG D 143 -14.60 -45.53 -10.93
C ARG D 143 -14.83 -46.17 -12.30
N MET D 144 -15.49 -45.42 -13.19
CA MET D 144 -15.73 -45.88 -14.56
C MET D 144 -14.39 -46.26 -15.19
N TYR D 145 -13.49 -45.28 -15.29
CA TYR D 145 -12.19 -45.47 -15.91
C TYR D 145 -11.35 -46.49 -15.13
N SER D 146 -11.73 -46.88 -13.89
CA SER D 146 -10.97 -47.90 -13.17
C SER D 146 -11.07 -49.25 -13.88
N PRO D 147 -9.91 -49.86 -14.26
CA PRO D 147 -9.93 -51.09 -15.06
C PRO D 147 -10.40 -52.32 -14.30
N THR D 148 -10.01 -52.44 -13.02
CA THR D 148 -10.12 -53.69 -12.32
C THR D 148 -10.91 -53.49 -11.02
N SER D 149 -11.69 -54.52 -10.69
CA SER D 149 -12.36 -54.61 -9.42
C SER D 149 -11.35 -55.02 -8.34
N ILE D 150 -11.60 -54.56 -7.11
CA ILE D 150 -10.77 -54.89 -5.95
C ILE D 150 -10.75 -56.40 -5.72
N LEU D 151 -11.80 -57.09 -6.19
CA LEU D 151 -11.91 -58.53 -6.05
C LEU D 151 -10.88 -59.24 -6.91
N ASP D 152 -10.47 -58.60 -8.02
CA ASP D 152 -9.58 -59.21 -8.99
C ASP D 152 -8.14 -58.79 -8.73
N ILE D 153 -7.90 -58.02 -7.64
CA ILE D 153 -6.54 -57.70 -7.23
C ILE D 153 -6.06 -58.81 -6.30
N ARG D 154 -5.39 -59.81 -6.92
CA ARG D 154 -4.81 -60.92 -6.19
C ARG D 154 -3.29 -60.82 -6.29
N GLN D 155 -2.59 -61.06 -5.18
CA GLN D 155 -1.14 -61.02 -5.15
C GLN D 155 -0.61 -62.09 -6.08
N GLY D 156 0.19 -61.68 -7.07
CA GLY D 156 0.90 -62.61 -7.94
C GLY D 156 1.78 -63.56 -7.13
N PRO D 157 2.06 -64.77 -7.65
CA PRO D 157 2.86 -65.76 -6.91
C PRO D 157 4.31 -65.33 -6.68
N LYS D 158 4.84 -64.48 -7.58
CA LYS D 158 6.17 -63.91 -7.42
C LYS D 158 6.07 -62.40 -7.18
N GLU D 159 4.94 -61.92 -6.65
CA GLU D 159 4.75 -60.49 -6.45
C GLU D 159 5.10 -60.15 -4.99
N PRO D 160 6.04 -59.21 -4.74
CA PRO D 160 6.33 -58.75 -3.38
C PRO D 160 5.05 -58.17 -2.79
N PHE D 161 4.84 -58.44 -1.51
CA PHE D 161 3.62 -58.01 -0.86
C PHE D 161 3.37 -56.52 -1.11
N ARG D 162 4.42 -55.69 -0.93
CA ARG D 162 4.25 -54.24 -0.98
C ARG D 162 3.62 -53.84 -2.31
N ASP D 163 4.04 -54.49 -3.40
CA ASP D 163 3.55 -54.18 -4.73
C ASP D 163 2.06 -54.48 -4.82
N TYR D 164 1.71 -55.68 -4.36
CA TYR D 164 0.34 -56.15 -4.25
C TYR D 164 -0.53 -55.14 -3.50
N VAL D 165 -0.07 -54.76 -2.31
CA VAL D 165 -0.78 -53.79 -1.49
C VAL D 165 -0.93 -52.48 -2.25
N ASP D 166 0.15 -52.01 -2.89
CA ASP D 166 0.12 -50.80 -3.70
C ASP D 166 -1.02 -50.90 -4.71
N ARG D 167 -1.10 -52.04 -5.40
CA ARG D 167 -2.15 -52.26 -6.38
C ARG D 167 -3.51 -52.29 -5.69
N PHE D 168 -3.55 -53.04 -4.58
CA PHE D 168 -4.78 -53.21 -3.82
C PHE D 168 -5.39 -51.86 -3.53
N TYR D 169 -4.61 -51.00 -2.86
CA TYR D 169 -5.13 -49.75 -2.34
C TYR D 169 -5.32 -48.75 -3.47
N LYS D 170 -4.46 -48.78 -4.51
CA LYS D 170 -4.68 -47.93 -5.68
C LYS D 170 -6.07 -48.26 -6.26
N THR D 171 -6.32 -49.57 -6.42
CA THR D 171 -7.55 -50.03 -7.02
C THR D 171 -8.73 -49.65 -6.12
N LEU D 172 -8.53 -49.82 -4.83
CA LEU D 172 -9.56 -49.57 -3.85
C LEU D 172 -9.94 -48.08 -3.85
N ARG D 173 -8.93 -47.22 -4.04
CA ARG D 173 -9.13 -45.78 -4.07
C ARG D 173 -10.03 -45.40 -5.23
N ALA D 174 -9.89 -46.11 -6.36
CA ALA D 174 -10.70 -45.83 -7.54
C ALA D 174 -12.19 -46.10 -7.31
N GLU D 175 -12.56 -47.02 -6.41
CA GLU D 175 -13.94 -47.47 -6.32
C GLU D 175 -14.73 -46.60 -5.34
N GLN D 176 -16.06 -46.52 -5.55
CA GLN D 176 -16.96 -45.64 -4.79
C GLN D 176 -17.82 -46.43 -3.81
N ALA D 177 -17.58 -46.25 -2.49
CA ALA D 177 -18.53 -46.66 -1.48
C ALA D 177 -18.27 -45.88 -0.20
N SER D 178 -19.20 -45.89 0.77
CA SER D 178 -18.90 -45.34 2.09
C SER D 178 -17.59 -45.96 2.57
N GLN D 179 -16.72 -45.20 3.26
CA GLN D 179 -15.49 -45.73 3.80
C GLN D 179 -15.79 -46.77 4.88
N GLU D 180 -17.08 -46.91 5.29
CA GLU D 180 -17.58 -48.05 6.05
C GLU D 180 -17.48 -49.32 5.19
N VAL D 181 -17.95 -49.22 3.93
CA VAL D 181 -17.96 -50.31 2.96
C VAL D 181 -16.53 -50.65 2.51
N LYS D 182 -15.65 -49.65 2.54
CA LYS D 182 -14.27 -49.81 2.09
C LYS D 182 -13.43 -50.36 3.23
N ASN D 183 -13.81 -50.03 4.47
CA ASN D 183 -13.20 -50.60 5.67
C ASN D 183 -13.52 -52.10 5.72
N THR D 186 -10.64 -53.45 3.38
CA THR D 186 -9.32 -53.18 4.00
C THR D 186 -8.80 -54.53 4.41
N GLU D 187 -8.27 -54.68 5.63
CA GLU D 187 -7.32 -55.76 5.94
C GLU D 187 -8.08 -57.06 6.22
N THR D 188 -8.84 -57.50 5.21
CA THR D 188 -9.71 -58.68 5.27
C THR D 188 -9.76 -59.38 3.91
N LEU D 189 -10.00 -58.55 2.88
CA LEU D 189 -9.86 -58.94 1.49
C LEU D 189 -8.38 -58.84 1.06
N LEU D 190 -7.65 -57.96 1.74
CA LEU D 190 -6.23 -57.81 1.51
C LEU D 190 -5.55 -59.13 1.83
N VAL D 191 -5.94 -59.75 2.94
CA VAL D 191 -5.36 -61.01 3.36
C VAL D 191 -5.90 -62.13 2.50
N GLN D 192 -7.21 -62.10 2.24
CA GLN D 192 -7.84 -63.15 1.45
C GLN D 192 -7.06 -63.28 0.14
N ASN D 193 -6.85 -62.14 -0.55
CA ASN D 193 -6.30 -62.13 -1.90
C ASN D 193 -4.78 -62.30 -1.91
N ALA D 194 -4.14 -62.16 -0.74
CA ALA D 194 -2.71 -62.45 -0.62
C ALA D 194 -2.46 -63.85 -1.18
N ASN D 195 -1.23 -64.09 -1.63
CA ASN D 195 -0.88 -65.41 -2.14
C ASN D 195 -0.68 -66.34 -0.94
N PRO D 196 -0.80 -67.67 -1.13
CA PRO D 196 -0.64 -68.63 -0.03
C PRO D 196 0.48 -68.35 0.98
N ASP D 197 1.72 -68.18 0.48
CA ASP D 197 2.88 -68.01 1.35
C ASP D 197 2.63 -66.91 2.38
N CYS D 198 2.11 -65.77 1.88
CA CYS D 198 1.82 -64.62 2.71
C CYS D 198 0.57 -64.83 3.56
N LYS D 199 -0.46 -65.45 3.00
CA LYS D 199 -1.72 -65.60 3.70
C LYS D 199 -1.50 -66.41 4.98
N THR D 200 -0.67 -67.47 4.89
CA THR D 200 -0.25 -68.23 6.05
C THR D 200 0.30 -67.27 7.10
N ILE D 201 1.30 -66.50 6.69
CA ILE D 201 2.06 -65.63 7.57
C ILE D 201 1.13 -64.61 8.21
N LEU D 202 0.23 -64.03 7.40
CA LEU D 202 -0.66 -62.97 7.85
C LEU D 202 -1.73 -63.52 8.79
N LYS D 203 -2.28 -64.70 8.45
CA LYS D 203 -3.29 -65.35 9.27
C LYS D 203 -2.71 -65.67 10.65
N ALA D 204 -1.40 -65.95 10.72
CA ALA D 204 -0.69 -66.21 11.97
C ALA D 204 -0.81 -65.06 12.98
N LEU D 205 -1.05 -63.83 12.52
CA LEU D 205 -1.16 -62.67 13.41
C LEU D 205 -2.63 -62.38 13.71
N GLY D 206 -2.88 -61.78 14.89
CA GLY D 206 -4.24 -61.67 15.39
C GLY D 206 -4.93 -60.47 14.77
N PRO D 207 -6.00 -60.63 13.97
CA PRO D 207 -6.69 -59.46 13.40
C PRO D 207 -6.95 -58.34 14.42
N ALA D 209 -3.75 -56.47 13.41
CA ALA D 209 -2.35 -56.15 12.98
C ALA D 209 -2.35 -54.87 12.14
N THR D 210 -1.32 -54.04 12.33
CA THR D 210 -1.11 -52.91 11.44
C THR D 210 -0.65 -53.42 10.07
N LEU D 211 -0.80 -52.53 9.08
CA LEU D 211 -0.32 -52.78 7.74
C LEU D 211 1.21 -52.87 7.77
N GLU D 212 1.85 -51.98 8.55
CA GLU D 212 3.29 -52.00 8.75
C GLU D 212 3.71 -53.41 9.14
N GLU D 213 2.99 -54.00 10.11
CA GLU D 213 3.29 -55.32 10.63
C GLU D 213 3.11 -56.38 9.54
N MET D 214 2.00 -56.31 8.83
CA MET D 214 1.70 -57.25 7.76
C MET D 214 2.75 -57.21 6.67
N MET D 215 3.29 -56.00 6.39
CA MET D 215 4.25 -55.81 5.31
C MET D 215 5.64 -56.27 5.74
N THR D 216 5.98 -56.05 7.02
CA THR D 216 7.21 -56.60 7.56
C THR D 216 7.14 -58.12 7.49
N ALA D 217 6.05 -58.69 8.01
CA ALA D 217 5.86 -60.13 8.08
C ALA D 217 6.02 -60.81 6.73
N CYS D 218 5.75 -60.08 5.64
CA CYS D 218 5.64 -60.67 4.31
C CYS D 218 6.76 -60.16 3.40
N GLN D 219 7.94 -59.90 3.99
CA GLN D 219 9.03 -59.18 3.34
C GLN D 219 10.24 -60.12 3.29
N PRO E 1 11.50 -2.07 -18.75
CA PRO E 1 10.37 -1.33 -19.30
C PRO E 1 9.94 -0.24 -18.33
N ILE E 2 8.92 0.52 -18.73
CA ILE E 2 8.22 1.44 -17.83
C ILE E 2 6.83 0.85 -17.60
N VAL E 3 6.48 0.69 -16.31
CA VAL E 3 5.22 0.06 -15.92
C VAL E 3 4.78 0.65 -14.59
N GLN E 4 3.56 0.27 -14.15
CA GLN E 4 2.86 1.00 -13.11
C GLN E 4 2.87 0.24 -11.77
N ASN E 5 3.39 0.88 -10.72
CA ASN E 5 3.49 0.25 -9.40
C ASN E 5 2.08 0.14 -8.79
N GLN E 7 0.76 0.97 -6.33
CA GLN E 7 0.33 2.32 -5.91
C GLN E 7 -0.40 3.00 -7.08
N GLY E 8 0.36 3.46 -8.09
CA GLY E 8 -0.20 4.31 -9.12
C GLY E 8 0.86 4.97 -10.03
N GLN E 9 2.08 5.22 -9.50
CA GLN E 9 3.18 5.88 -10.21
C GLN E 9 3.73 4.98 -11.33
N MET E 10 4.37 5.61 -12.34
CA MET E 10 5.02 4.93 -13.46
C MET E 10 6.51 4.83 -13.16
N VAL E 11 7.05 3.60 -13.21
CA VAL E 11 8.41 3.35 -12.76
C VAL E 11 9.13 2.45 -13.76
N HIS E 12 10.48 2.59 -13.81
CA HIS E 12 11.32 1.75 -14.63
C HIS E 12 11.56 0.42 -13.94
N GLN E 13 11.28 -0.68 -14.65
CA GLN E 13 11.73 -2.00 -14.24
C GLN E 13 12.78 -2.52 -15.20
N CYS E 14 13.56 -3.48 -14.72
CA CYS E 14 14.45 -4.27 -15.56
C CYS E 14 13.63 -5.14 -16.49
N ILE E 15 14.25 -5.59 -17.57
CA ILE E 15 13.62 -6.59 -18.42
C ILE E 15 13.64 -7.90 -17.65
N SER E 16 12.53 -8.64 -17.67
CA SER E 16 12.54 -9.92 -16.98
C SER E 16 13.43 -10.87 -17.76
N PRO E 17 14.06 -11.87 -17.09
CA PRO E 17 14.64 -13.01 -17.79
C PRO E 17 13.61 -13.74 -18.66
N ARG E 18 12.34 -13.78 -18.20
CA ARG E 18 11.27 -14.46 -18.92
C ARG E 18 11.17 -13.81 -20.30
N THR E 19 11.17 -12.47 -20.31
CA THR E 19 11.03 -11.70 -21.53
C THR E 19 12.25 -11.85 -22.44
N LEU E 20 13.44 -11.76 -21.85
CA LEU E 20 14.68 -11.93 -22.59
C LEU E 20 14.66 -13.28 -23.29
N ASN E 21 14.39 -14.32 -22.50
CA ASN E 21 14.47 -15.68 -22.99
C ASN E 21 13.42 -15.86 -24.09
N ALA E 22 12.23 -15.31 -23.84
CA ALA E 22 11.12 -15.41 -24.77
C ALA E 22 11.55 -14.90 -26.13
N TRP E 23 12.26 -13.76 -26.13
CA TRP E 23 12.63 -13.07 -27.35
C TRP E 23 13.67 -13.87 -28.12
N VAL E 24 14.63 -14.42 -27.38
CA VAL E 24 15.70 -15.15 -28.00
C VAL E 24 15.11 -16.39 -28.66
N LYS E 25 14.21 -17.07 -27.92
CA LYS E 25 13.57 -18.29 -28.40
C LYS E 25 12.80 -18.01 -29.68
N VAL E 26 12.01 -16.93 -29.64
CA VAL E 26 11.23 -16.53 -30.79
C VAL E 26 12.13 -16.47 -32.01
N VAL E 27 13.27 -15.80 -31.86
CA VAL E 27 14.16 -15.54 -32.97
C VAL E 27 14.85 -16.85 -33.39
N GLU E 28 15.21 -17.68 -32.40
CA GLU E 28 15.84 -18.96 -32.67
C GLU E 28 14.85 -19.84 -33.41
N GLU E 29 13.65 -20.02 -32.87
CA GLU E 29 12.67 -20.93 -33.43
C GLU E 29 12.09 -20.39 -34.74
N LYS E 30 11.69 -19.11 -34.80
CA LYS E 30 10.84 -18.62 -35.89
C LYS E 30 11.58 -17.70 -36.88
N ALA E 31 12.90 -17.49 -36.71
CA ALA E 31 13.72 -16.70 -37.63
C ALA E 31 13.07 -15.34 -37.83
N PHE E 32 12.72 -15.00 -39.10
CA PHE E 32 11.96 -13.80 -39.41
C PHE E 32 10.70 -14.16 -40.19
N SER E 33 10.02 -15.21 -39.69
CA SER E 33 8.63 -15.44 -40.01
C SER E 33 7.85 -14.19 -39.57
N PRO E 34 6.74 -13.84 -40.25
CA PRO E 34 6.03 -12.60 -39.92
C PRO E 34 5.58 -12.49 -38.46
N GLU E 35 5.21 -13.61 -37.84
CA GLU E 35 4.64 -13.55 -36.49
C GLU E 35 5.70 -13.18 -35.46
N VAL E 36 6.94 -12.95 -35.91
CA VAL E 36 7.98 -12.45 -35.02
C VAL E 36 7.68 -10.99 -34.67
N ILE E 37 7.21 -10.20 -35.64
CA ILE E 37 6.96 -8.77 -35.42
C ILE E 37 6.00 -8.58 -34.24
N PRO E 38 4.78 -9.15 -34.27
CA PRO E 38 3.80 -8.94 -33.20
C PRO E 38 4.34 -9.48 -31.89
N MET E 39 5.15 -10.54 -31.99
CA MET E 39 5.73 -11.16 -30.82
C MET E 39 6.79 -10.23 -30.22
N PHE E 40 7.60 -9.59 -31.08
CA PHE E 40 8.54 -8.59 -30.65
C PHE E 40 7.81 -7.43 -29.99
N SER E 41 6.75 -6.96 -30.67
CA SER E 41 6.00 -5.82 -30.21
C SER E 41 5.42 -6.07 -28.82
N ALA E 42 4.88 -7.29 -28.62
CA ALA E 42 4.27 -7.68 -27.37
C ALA E 42 5.33 -7.77 -26.27
N LEU E 43 6.44 -8.42 -26.60
CA LEU E 43 7.51 -8.65 -25.64
C LEU E 43 8.22 -7.34 -25.31
N SER E 44 8.04 -6.31 -26.14
CA SER E 44 8.63 -4.99 -25.91
C SER E 44 7.60 -4.03 -25.35
N CYS E 45 6.43 -4.54 -24.91
CA CYS E 45 5.48 -3.69 -24.23
C CYS E 45 6.22 -2.94 -23.12
N GLY E 46 6.06 -1.61 -23.12
CA GLY E 46 6.58 -0.78 -22.04
C GLY E 46 8.01 -0.30 -22.26
N ALA E 47 8.67 -0.84 -23.31
CA ALA E 47 10.11 -0.78 -23.44
C ALA E 47 10.61 0.65 -23.61
N THR E 48 11.68 0.98 -22.87
CA THR E 48 12.55 2.10 -23.21
C THR E 48 13.36 1.73 -24.45
N PRO E 49 13.90 2.73 -25.20
CA PRO E 49 14.85 2.45 -26.26
C PRO E 49 16.03 1.59 -25.80
N GLN E 50 16.44 1.78 -24.55
CA GLN E 50 17.50 0.95 -23.99
C GLN E 50 17.09 -0.52 -24.01
N ASP E 51 15.83 -0.79 -23.62
CA ASP E 51 15.31 -2.15 -23.55
C ASP E 51 15.25 -2.72 -24.96
N LEU E 52 14.88 -1.88 -25.93
CA LEU E 52 14.79 -2.30 -27.32
C LEU E 52 16.18 -2.68 -27.86
N ASN E 53 17.21 -1.90 -27.48
CA ASN E 53 18.58 -2.19 -27.85
C ASN E 53 19.04 -3.50 -27.23
N THR E 54 18.79 -3.64 -25.92
CA THR E 54 19.05 -4.87 -25.22
C THR E 54 18.48 -6.06 -25.98
N MET E 55 17.20 -5.95 -26.33
CA MET E 55 16.51 -7.03 -27.00
C MET E 55 17.21 -7.36 -28.32
N LEU E 56 17.53 -6.35 -29.12
CA LEU E 56 18.14 -6.57 -30.42
C LEU E 56 19.57 -7.10 -30.28
N ASN E 57 20.26 -6.63 -29.24
CA ASN E 57 21.61 -7.06 -28.99
C ASN E 57 21.64 -8.55 -28.62
N THR E 58 20.59 -9.05 -27.95
CA THR E 58 20.63 -10.44 -27.50
C THR E 58 20.46 -11.38 -28.68
N VAL E 59 19.96 -10.86 -29.80
CA VAL E 59 19.96 -11.61 -31.04
C VAL E 59 21.39 -11.77 -31.52
N GLY E 60 21.89 -13.01 -31.42
CA GLY E 60 23.05 -13.46 -32.17
C GLY E 60 22.62 -14.18 -33.45
N GLY E 61 23.52 -14.18 -34.44
CA GLY E 61 23.13 -14.64 -35.76
C GLY E 61 22.20 -13.64 -36.42
N HIS E 62 21.75 -13.93 -37.64
CA HIS E 62 20.93 -12.99 -38.38
C HIS E 62 21.56 -11.61 -38.41
N GLN E 63 22.88 -11.55 -38.49
CA GLN E 63 23.58 -10.29 -38.32
C GLN E 63 23.45 -9.43 -39.58
N ALA E 64 23.22 -10.08 -40.74
CA ALA E 64 22.86 -9.36 -41.95
C ALA E 64 21.55 -8.62 -41.73
N ALA E 65 20.52 -9.36 -41.31
CA ALA E 65 19.24 -8.76 -40.96
C ALA E 65 19.41 -7.59 -40.00
N MET E 66 20.30 -7.76 -39.01
CA MET E 66 20.40 -6.80 -37.93
C MET E 66 21.15 -5.56 -38.41
N GLN E 67 22.06 -5.71 -39.36
CA GLN E 67 22.69 -4.55 -39.97
C GLN E 67 21.68 -3.82 -40.85
N MET E 68 20.95 -4.56 -41.68
CA MET E 68 19.81 -4.05 -42.44
C MET E 68 18.90 -3.24 -41.54
N LEU E 69 18.66 -3.76 -40.33
CA LEU E 69 17.79 -3.12 -39.37
C LEU E 69 18.38 -1.76 -38.98
N LYS E 70 19.68 -1.72 -38.69
CA LYS E 70 20.38 -0.48 -38.31
C LYS E 70 20.22 0.56 -39.41
N GLU E 71 20.33 0.11 -40.66
CA GLU E 71 20.16 1.01 -41.79
C GLU E 71 18.75 1.61 -41.78
N THR E 72 17.74 0.75 -41.60
CA THR E 72 16.37 1.23 -41.55
C THR E 72 16.19 2.23 -40.41
N ILE E 73 16.88 2.03 -39.30
CA ILE E 73 16.80 2.95 -38.18
C ILE E 73 17.45 4.29 -38.55
N ASN E 74 18.63 4.26 -39.18
CA ASN E 74 19.28 5.48 -39.65
C ASN E 74 18.33 6.32 -40.51
N GLU E 75 17.71 5.67 -41.51
CA GLU E 75 16.78 6.33 -42.42
C GLU E 75 15.71 7.07 -41.61
N GLU E 76 15.11 6.40 -40.61
CA GLU E 76 13.94 6.92 -39.93
C GLU E 76 14.33 7.99 -38.90
N ALA E 77 15.56 7.91 -38.38
CA ALA E 77 16.07 8.87 -37.42
C ALA E 77 16.39 10.18 -38.13
N ALA E 78 17.02 10.07 -39.30
CA ALA E 78 17.34 11.20 -40.18
C ALA E 78 16.06 11.94 -40.57
N GLU E 79 15.03 11.16 -40.92
CA GLU E 79 13.74 11.73 -41.25
C GLU E 79 13.11 12.40 -40.03
N TRP E 80 13.28 11.80 -38.84
CA TRP E 80 12.79 12.41 -37.62
C TRP E 80 13.45 13.77 -37.42
N ASP E 81 14.75 13.84 -37.72
CA ASP E 81 15.56 15.03 -37.52
C ASP E 81 15.14 16.13 -38.50
N ARG E 82 14.76 15.74 -39.72
CA ARG E 82 14.16 16.66 -40.67
C ARG E 82 12.88 17.26 -40.08
N LEU E 83 11.93 16.41 -39.66
CA LEU E 83 10.61 16.86 -39.23
C LEU E 83 10.64 17.59 -37.88
N HIS E 84 11.66 17.38 -37.05
CA HIS E 84 11.70 17.98 -35.72
C HIS E 84 13.12 18.41 -35.38
N PRO E 85 13.64 19.54 -35.93
CA PRO E 85 14.98 20.01 -35.55
C PRO E 85 15.01 20.54 -34.11
N VAL E 86 16.19 20.56 -33.51
CA VAL E 86 16.29 20.58 -32.06
C VAL E 86 16.69 21.97 -31.54
N GLY E 89 21.01 24.81 -29.47
CA GLY E 89 21.48 25.79 -28.46
C GLY E 89 22.17 25.07 -27.30
N PRO E 90 22.26 25.70 -26.09
CA PRO E 90 22.35 24.96 -24.83
C PRO E 90 20.95 24.87 -24.21
N ILE E 91 20.51 23.64 -23.87
CA ILE E 91 19.17 23.45 -23.32
C ILE E 91 19.07 24.26 -22.02
N ALA E 92 17.84 24.67 -21.68
CA ALA E 92 17.50 25.20 -20.36
C ALA E 92 18.01 24.26 -19.28
N PRO E 93 18.79 24.75 -18.28
CA PRO E 93 19.11 23.94 -17.11
C PRO E 93 17.89 23.40 -16.38
N GLY E 94 17.97 22.12 -15.98
CA GLY E 94 16.90 21.46 -15.24
C GLY E 94 15.87 20.85 -16.18
N GLN E 95 15.53 21.61 -17.22
CA GLN E 95 14.46 21.26 -18.13
C GLN E 95 14.87 20.11 -19.04
N MET E 96 13.84 19.55 -19.68
CA MET E 96 13.93 18.37 -20.50
C MET E 96 14.00 18.80 -21.97
N ARG E 97 15.01 18.28 -22.68
CA ARG E 97 15.33 18.72 -24.02
C ARG E 97 14.54 17.91 -25.04
N GLU E 98 14.40 18.44 -26.26
CA GLU E 98 13.80 17.70 -27.35
C GLU E 98 14.79 16.62 -27.80
N PRO E 99 14.32 15.36 -28.01
CA PRO E 99 15.18 14.27 -28.49
C PRO E 99 15.43 14.32 -29.99
N ARG E 100 16.70 14.20 -30.37
CA ARG E 100 17.08 13.99 -31.75
C ARG E 100 16.76 12.53 -32.11
N GLY E 101 16.84 12.22 -33.41
CA GLY E 101 16.67 10.86 -33.88
C GLY E 101 17.52 9.87 -33.09
N SER E 102 18.79 10.21 -32.86
CA SER E 102 19.72 9.27 -32.25
C SER E 102 19.43 9.12 -30.75
N ASP E 103 18.67 10.06 -30.18
CA ASP E 103 18.27 9.97 -28.78
C ASP E 103 17.17 8.92 -28.64
N ILE E 104 16.35 8.80 -29.69
CA ILE E 104 15.23 7.87 -29.74
C ILE E 104 15.74 6.44 -29.90
N ALA E 105 16.82 6.25 -30.66
CA ALA E 105 17.40 4.94 -30.84
C ALA E 105 18.23 4.56 -29.62
N GLY E 106 18.27 5.45 -28.63
CA GLY E 106 18.94 5.18 -27.38
C GLY E 106 20.46 5.24 -27.51
N THR E 107 20.95 5.80 -28.65
CA THR E 107 22.37 5.92 -28.92
C THR E 107 22.97 7.06 -28.10
N THR E 108 22.32 8.22 -28.11
CA THR E 108 22.87 9.43 -27.52
C THR E 108 22.14 9.85 -26.24
N SER E 109 21.01 9.18 -25.92
CA SER E 109 20.27 9.46 -24.71
C SER E 109 20.73 8.54 -23.58
N THR E 110 20.59 9.00 -22.33
CA THR E 110 20.75 8.16 -21.16
C THR E 110 19.39 7.55 -20.83
N LEU E 111 19.41 6.53 -19.98
CA LEU E 111 18.18 5.92 -19.53
C LEU E 111 17.27 6.99 -18.91
N GLN E 112 17.87 7.90 -18.13
CA GLN E 112 17.10 8.89 -17.38
C GLN E 112 16.34 9.76 -18.36
N GLU E 113 17.04 10.22 -19.40
CA GLU E 113 16.40 11.03 -20.43
C GLU E 113 15.21 10.27 -21.01
N GLN E 114 15.44 8.99 -21.34
CA GLN E 114 14.44 8.15 -21.99
C GLN E 114 13.20 8.04 -21.11
N ILE E 115 13.43 7.85 -19.81
CA ILE E 115 12.34 7.77 -18.83
C ILE E 115 11.63 9.12 -18.76
N GLY E 116 12.42 10.18 -18.61
CA GLY E 116 11.92 11.56 -18.61
C GLY E 116 10.93 11.79 -19.75
N TRP E 117 11.34 11.43 -20.98
CA TRP E 117 10.53 11.70 -22.15
C TRP E 117 9.22 10.91 -22.10
N MET E 118 9.31 9.66 -21.63
CA MET E 118 8.21 8.73 -21.71
C MET E 118 7.18 9.03 -20.62
N THR E 119 7.66 9.38 -19.42
CA THR E 119 6.82 9.55 -18.26
C THR E 119 6.33 11.00 -18.10
N HIS E 120 7.02 11.94 -18.76
CA HIS E 120 6.57 13.33 -18.82
C HIS E 120 5.13 13.41 -19.30
N ASN E 121 4.44 14.49 -18.91
CA ASN E 121 3.06 14.76 -19.32
C ASN E 121 3.03 16.11 -20.04
N PRO E 122 2.74 16.17 -21.37
CA PRO E 122 2.41 14.99 -22.17
C PRO E 122 3.65 14.14 -22.47
N PRO E 123 3.49 12.83 -22.72
CA PRO E 123 4.63 11.96 -23.02
C PRO E 123 5.25 12.23 -24.39
N ILE E 124 6.58 12.16 -24.47
CA ILE E 124 7.29 11.95 -25.73
C ILE E 124 7.63 10.45 -25.81
N PRO E 125 6.84 9.62 -26.52
CA PRO E 125 6.93 8.16 -26.36
C PRO E 125 8.07 7.58 -27.20
N VAL E 126 9.29 7.90 -26.79
CA VAL E 126 10.49 7.52 -27.53
C VAL E 126 10.54 6.00 -27.69
N GLY E 127 10.11 5.29 -26.65
CA GLY E 127 10.00 3.84 -26.73
C GLY E 127 9.13 3.43 -27.90
N GLU E 128 7.93 4.04 -27.99
CA GLU E 128 6.97 3.66 -29.00
C GLU E 128 7.45 4.09 -30.39
N ILE E 129 8.15 5.23 -30.47
CA ILE E 129 8.66 5.75 -31.73
C ILE E 129 9.73 4.80 -32.27
N TYR E 130 10.76 4.55 -31.47
CA TYR E 130 11.83 3.64 -31.83
C TYR E 130 11.26 2.27 -32.23
N LYS E 131 10.27 1.80 -31.45
CA LYS E 131 9.60 0.54 -31.73
C LYS E 131 9.00 0.56 -33.12
N ARG E 132 8.36 1.69 -33.48
CA ARG E 132 7.78 1.91 -34.79
C ARG E 132 8.86 1.70 -35.84
N TRP E 133 10.05 2.28 -35.60
CA TRP E 133 11.15 2.21 -36.55
C TRP E 133 11.63 0.76 -36.67
N ILE E 134 11.83 0.12 -35.51
CA ILE E 134 12.32 -1.25 -35.51
C ILE E 134 11.35 -2.11 -36.29
N ILE E 135 10.06 -1.94 -36.04
CA ILE E 135 9.07 -2.73 -36.72
C ILE E 135 9.10 -2.44 -38.22
N LEU E 136 9.33 -1.19 -38.64
CA LEU E 136 9.52 -0.93 -40.06
C LEU E 136 10.62 -1.85 -40.59
N GLY E 137 11.78 -1.82 -39.92
CA GLY E 137 12.93 -2.57 -40.36
C GLY E 137 12.67 -4.07 -40.36
N LEU E 138 11.89 -4.52 -39.36
CA LEU E 138 11.58 -5.93 -39.22
C LEU E 138 10.71 -6.39 -40.38
N ASN E 139 9.82 -5.51 -40.88
CA ASN E 139 8.99 -5.87 -42.02
C ASN E 139 9.86 -6.07 -43.26
N LYS E 140 10.84 -5.17 -43.47
CA LYS E 140 11.67 -5.23 -44.66
C LYS E 140 12.47 -6.54 -44.64
N ILE E 141 12.97 -6.90 -43.44
CA ILE E 141 13.66 -8.15 -43.21
C ILE E 141 12.73 -9.32 -43.53
N VAL E 142 11.50 -9.33 -42.98
CA VAL E 142 10.58 -10.45 -43.15
C VAL E 142 10.34 -10.70 -44.64
N ARG E 143 10.19 -9.61 -45.42
CA ARG E 143 10.02 -9.71 -46.87
CA ARG E 143 10.02 -9.71 -46.87
C ARG E 143 11.30 -10.28 -47.47
N MET E 144 12.46 -9.76 -47.02
CA MET E 144 13.74 -10.24 -47.47
C MET E 144 13.81 -11.75 -47.23
N TYR E 145 13.69 -12.17 -45.97
CA TYR E 145 13.77 -13.57 -45.59
C TYR E 145 12.63 -14.39 -46.21
N SER E 146 11.57 -13.76 -46.79
CA SER E 146 10.52 -14.52 -47.44
C SER E 146 11.06 -15.23 -48.68
N PRO E 147 10.94 -16.59 -48.75
CA PRO E 147 11.57 -17.35 -49.83
C PRO E 147 10.89 -17.17 -51.19
N THR E 148 9.56 -17.08 -51.18
CA THR E 148 8.81 -17.27 -52.40
C THR E 148 7.88 -16.08 -52.63
N SER E 149 7.72 -15.74 -53.93
CA SER E 149 6.73 -14.78 -54.35
C SER E 149 5.35 -15.42 -54.34
N ILE E 150 4.33 -14.59 -54.09
CA ILE E 150 2.94 -15.03 -54.10
C ILE E 150 2.56 -15.61 -55.45
N LEU E 151 3.27 -15.19 -56.51
CA LEU E 151 3.02 -15.66 -57.86
C LEU E 151 3.42 -17.12 -58.00
N ASP E 152 4.38 -17.56 -57.18
CA ASP E 152 4.93 -18.90 -57.29
C ASP E 152 4.27 -19.85 -56.30
N ILE E 153 3.25 -19.35 -55.57
CA ILE E 153 2.44 -20.20 -54.71
C ILE E 153 1.30 -20.75 -55.56
N ARG E 154 1.55 -21.94 -56.14
CA ARG E 154 0.59 -22.68 -56.92
C ARG E 154 0.19 -23.94 -56.16
N GLN E 155 -1.10 -24.25 -56.13
CA GLN E 155 -1.61 -25.42 -55.46
C GLN E 155 -1.03 -26.64 -56.15
N GLY E 156 -0.31 -27.47 -55.38
CA GLY E 156 0.19 -28.74 -55.86
C GLY E 156 -0.95 -29.62 -56.36
N PRO E 157 -0.68 -30.57 -57.30
CA PRO E 157 -1.74 -31.41 -57.86
C PRO E 157 -2.37 -32.36 -56.84
N LYS E 158 -1.61 -32.73 -55.81
CA LYS E 158 -2.12 -33.56 -54.72
C LYS E 158 -2.17 -32.75 -53.43
N GLU E 159 -2.26 -31.41 -53.52
CA GLU E 159 -2.26 -30.56 -52.34
C GLU E 159 -3.70 -30.22 -51.96
N PRO E 160 -4.14 -30.54 -50.72
CA PRO E 160 -5.46 -30.10 -50.26
C PRO E 160 -5.56 -28.60 -50.35
N PHE E 161 -6.73 -28.11 -50.74
CA PHE E 161 -6.91 -26.68 -50.93
C PHE E 161 -6.44 -25.93 -49.68
N ARG E 162 -6.86 -26.38 -48.50
CA ARG E 162 -6.60 -25.67 -47.26
C ARG E 162 -5.11 -25.39 -47.09
N ASP E 163 -4.28 -26.39 -47.44
CA ASP E 163 -2.84 -26.29 -47.30
C ASP E 163 -2.30 -25.21 -48.22
N TYR E 164 -2.75 -25.27 -49.48
CA TYR E 164 -2.46 -24.28 -50.50
C TYR E 164 -2.77 -22.87 -50.01
N VAL E 165 -3.99 -22.69 -49.52
CA VAL E 165 -4.45 -21.41 -49.00
C VAL E 165 -3.54 -20.97 -47.85
N ASP E 166 -3.24 -21.89 -46.93
CA ASP E 166 -2.35 -21.64 -45.81
C ASP E 166 -1.03 -21.07 -46.34
N ARG E 167 -0.48 -21.72 -47.38
CA ARG E 167 0.76 -21.27 -47.98
C ARG E 167 0.55 -19.91 -48.64
N PHE E 168 -0.55 -19.81 -49.39
CA PHE E 168 -0.88 -18.59 -50.11
C PHE E 168 -0.80 -17.40 -49.15
N TYR E 169 -1.58 -17.46 -48.08
CA TYR E 169 -1.76 -16.33 -47.19
C TYR E 169 -0.52 -16.14 -46.32
N LYS E 170 0.15 -17.24 -45.93
CA LYS E 170 1.42 -17.11 -45.21
C LYS E 170 2.38 -16.31 -46.07
N THR E 171 2.47 -16.69 -47.35
CA THR E 171 3.40 -16.05 -48.26
C THR E 171 3.01 -14.60 -48.46
N LEU E 172 1.70 -14.37 -48.58
CA LEU E 172 1.18 -13.05 -48.83
C LEU E 172 1.48 -12.12 -47.65
N ARG E 173 1.40 -12.68 -46.43
CA ARG E 173 1.66 -11.94 -45.20
C ARG E 173 3.10 -11.44 -45.19
N ALA E 174 4.03 -12.26 -45.71
CA ALA E 174 5.43 -11.91 -45.74
C ALA E 174 5.72 -10.69 -46.63
N GLU E 175 4.91 -10.42 -47.66
CA GLU E 175 5.26 -9.40 -48.65
C GLU E 175 4.72 -8.03 -48.21
N GLN E 176 5.39 -6.95 -48.65
CA GLN E 176 5.10 -5.58 -48.19
C GLN E 176 4.37 -4.75 -49.26
N ALA E 177 3.08 -4.43 -49.03
CA ALA E 177 2.35 -3.52 -49.91
C ALA E 177 1.10 -3.05 -49.18
N SER E 178 0.51 -1.92 -49.63
CA SER E 178 -0.79 -1.51 -49.11
C SER E 178 -1.73 -2.71 -49.23
N GLN E 179 -2.63 -2.92 -48.25
CA GLN E 179 -3.62 -3.99 -48.32
C GLN E 179 -4.57 -3.76 -49.49
N GLU E 180 -4.51 -2.57 -50.13
CA GLU E 180 -5.11 -2.33 -51.44
C GLU E 180 -4.42 -3.18 -52.50
N VAL E 181 -3.07 -3.20 -52.48
CA VAL E 181 -2.22 -3.95 -53.40
C VAL E 181 -2.34 -5.46 -53.13
N LYS E 182 -2.63 -5.82 -51.87
CA LYS E 182 -2.71 -7.21 -51.45
C LYS E 182 -4.11 -7.74 -51.73
N ASN E 183 -5.10 -6.84 -51.69
CA ASN E 183 -6.47 -7.17 -52.09
C ASN E 183 -6.48 -7.46 -53.60
N THR E 186 -5.53 -11.29 -53.41
CA THR E 186 -6.55 -12.06 -52.66
C THR E 186 -7.26 -12.92 -53.68
N GLU E 187 -8.60 -12.98 -53.64
CA GLU E 187 -9.36 -14.11 -54.20
C GLU E 187 -9.52 -13.96 -55.72
N THR E 188 -8.35 -13.90 -56.39
CA THR E 188 -8.24 -13.68 -57.84
C THR E 188 -7.02 -14.43 -58.39
N LEU E 189 -5.91 -14.22 -57.68
CA LEU E 189 -4.68 -15.00 -57.87
C LEU E 189 -4.78 -16.32 -57.10
N LEU E 190 -5.57 -16.30 -56.02
CA LEU E 190 -5.83 -17.51 -55.26
C LEU E 190 -6.49 -18.53 -56.15
N VAL E 191 -7.46 -18.09 -56.97
CA VAL E 191 -8.18 -18.98 -57.85
C VAL E 191 -7.29 -19.32 -59.04
N GLN E 192 -6.60 -18.31 -59.59
CA GLN E 192 -5.75 -18.53 -60.74
C GLN E 192 -4.80 -19.68 -60.44
N ASN E 193 -4.12 -19.60 -59.28
CA ASN E 193 -3.05 -20.51 -58.93
C ASN E 193 -3.56 -21.85 -58.40
N ALA E 194 -4.86 -21.92 -58.07
CA ALA E 194 -5.47 -23.19 -57.71
C ALA E 194 -5.19 -24.21 -58.82
N ASN E 195 -5.20 -25.50 -58.46
CA ASN E 195 -4.99 -26.53 -59.45
C ASN E 195 -6.29 -26.68 -60.25
N PRO E 196 -6.23 -27.23 -61.48
CA PRO E 196 -7.41 -27.42 -62.32
C PRO E 196 -8.71 -27.86 -61.62
N ASP E 197 -8.65 -28.98 -60.89
CA ASP E 197 -9.84 -29.56 -60.26
C ASP E 197 -10.57 -28.51 -59.44
N CYS E 198 -9.80 -27.76 -58.63
CA CYS E 198 -10.35 -26.71 -57.79
C CYS E 198 -10.76 -25.47 -58.57
N LYS E 199 -9.94 -25.10 -59.57
CA LYS E 199 -10.17 -23.88 -60.31
C LYS E 199 -11.53 -23.97 -60.99
N THR E 200 -11.86 -25.14 -61.57
CA THR E 200 -13.16 -25.40 -62.13
C THR E 200 -14.24 -25.04 -61.11
N ILE E 201 -14.13 -25.68 -59.94
CA ILE E 201 -15.12 -25.59 -58.89
C ILE E 201 -15.27 -24.13 -58.44
N LEU E 202 -14.13 -23.44 -58.29
CA LEU E 202 -14.11 -22.08 -57.76
C LEU E 202 -14.63 -21.10 -58.81
N LYS E 203 -14.25 -21.31 -60.08
CA LYS E 203 -14.71 -20.45 -61.17
C LYS E 203 -16.24 -20.54 -61.29
N ALA E 204 -16.82 -21.70 -60.94
CA ALA E 204 -18.26 -21.90 -60.95
C ALA E 204 -19.01 -20.90 -60.05
N LEU E 205 -18.36 -20.34 -59.03
CA LEU E 205 -18.99 -19.39 -58.10
C LEU E 205 -18.64 -17.95 -58.51
N GLY E 206 -19.44 -16.97 -58.08
CA GLY E 206 -19.37 -15.62 -58.63
C GLY E 206 -18.23 -14.81 -58.04
N ALA E 209 -17.64 -14.70 -53.53
CA ALA E 209 -17.65 -15.88 -52.61
C ALA E 209 -16.70 -15.63 -51.43
N THR E 210 -17.12 -16.07 -50.24
CA THR E 210 -16.23 -16.07 -49.09
C THR E 210 -15.17 -17.16 -49.29
N LEU E 211 -14.09 -17.01 -48.52
CA LEU E 211 -13.03 -18.00 -48.45
C LEU E 211 -13.59 -19.28 -47.84
N GLU E 212 -14.42 -19.13 -46.80
CA GLU E 212 -15.11 -20.26 -46.19
C GLU E 212 -15.79 -21.09 -47.27
N GLU E 213 -16.51 -20.41 -48.17
CA GLU E 213 -17.26 -21.05 -49.25
C GLU E 213 -16.30 -21.75 -50.21
N MET E 214 -15.24 -21.05 -50.60
CA MET E 214 -14.26 -21.60 -51.53
C MET E 214 -13.59 -22.86 -50.96
N MET E 215 -13.39 -22.87 -49.63
CA MET E 215 -12.68 -23.96 -48.97
C MET E 215 -13.62 -25.16 -48.79
N THR E 216 -14.89 -24.88 -48.50
CA THR E 216 -15.90 -25.94 -48.47
C THR E 216 -15.98 -26.58 -49.86
N ALA E 217 -16.17 -25.73 -50.88
CA ALA E 217 -16.35 -26.16 -52.25
C ALA E 217 -15.21 -27.08 -52.72
N CYS E 218 -14.02 -26.94 -52.14
CA CYS E 218 -12.83 -27.60 -52.65
C CYS E 218 -12.32 -28.64 -51.65
N GLN E 219 -13.23 -29.28 -50.92
CA GLN E 219 -12.90 -30.09 -49.75
C GLN E 219 -13.35 -31.54 -50.00
N PRO F 1 19.96 -7.50 -6.45
CA PRO F 1 20.00 -6.19 -7.12
C PRO F 1 19.44 -5.11 -6.20
N ILE F 2 19.46 -3.87 -6.68
CA ILE F 2 18.74 -2.77 -6.07
C ILE F 2 17.60 -2.41 -7.01
N VAL F 3 16.38 -2.37 -6.47
CA VAL F 3 15.17 -2.10 -7.25
C VAL F 3 14.15 -1.39 -6.35
N GLN F 4 13.05 -0.95 -6.95
CA GLN F 4 12.16 0.02 -6.32
C GLN F 4 10.85 -0.62 -5.86
N ASN F 5 10.56 -0.52 -4.55
CA ASN F 5 9.36 -1.12 -3.97
C ASN F 5 8.15 -0.31 -4.44
N LEU F 6 7.00 -1.00 -4.62
CA LEU F 6 5.81 -0.40 -5.19
C LEU F 6 5.42 0.87 -4.44
N GLN F 7 5.88 1.01 -3.18
CA GLN F 7 5.83 2.27 -2.45
C GLN F 7 6.58 3.35 -3.23
N GLY F 8 7.93 3.29 -3.21
CA GLY F 8 8.74 4.36 -3.77
C GLY F 8 10.24 4.22 -3.48
N GLN F 9 10.59 3.63 -2.31
CA GLN F 9 11.95 3.47 -1.81
C GLN F 9 12.75 2.48 -2.67
N MET F 10 14.10 2.64 -2.66
CA MET F 10 15.03 1.75 -3.34
C MET F 10 15.57 0.72 -2.36
N VAL F 11 15.43 -0.57 -2.69
CA VAL F 11 15.71 -1.62 -1.74
C VAL F 11 16.52 -2.75 -2.40
N HIS F 12 17.32 -3.43 -1.58
CA HIS F 12 18.11 -4.57 -2.02
C HIS F 12 17.23 -5.81 -2.09
N GLN F 13 17.24 -6.48 -3.24
CA GLN F 13 16.69 -7.82 -3.37
C GLN F 13 17.82 -8.81 -3.61
N CYS F 14 17.52 -10.08 -3.32
CA CYS F 14 18.35 -11.19 -3.73
C CYS F 14 18.30 -11.34 -5.24
N ILE F 15 19.30 -12.02 -5.80
CA ILE F 15 19.23 -12.39 -7.21
C ILE F 15 18.20 -13.50 -7.30
N SER F 16 17.32 -13.44 -8.32
CA SER F 16 16.34 -14.50 -8.48
C SER F 16 17.07 -15.75 -8.92
N PRO F 17 16.55 -16.95 -8.60
CA PRO F 17 16.95 -18.18 -9.27
C PRO F 17 16.80 -18.09 -10.79
N ARG F 18 15.75 -17.38 -11.25
CA ARG F 18 15.45 -17.25 -12.67
C ARG F 18 16.67 -16.61 -13.32
N THR F 19 17.18 -15.54 -12.68
CA THR F 19 18.32 -14.79 -13.20
C THR F 19 19.61 -15.61 -13.16
N LEU F 20 19.84 -16.28 -12.02
CA LEU F 20 21.01 -17.13 -11.87
C LEU F 20 21.04 -18.16 -12.99
N ASN F 21 19.91 -18.86 -13.15
CA ASN F 21 19.83 -19.97 -14.06
C ASN F 21 20.04 -19.42 -15.48
N ALA F 22 19.39 -18.28 -15.74
CA ALA F 22 19.45 -17.66 -17.05
C ALA F 22 20.91 -17.43 -17.44
N TRP F 23 21.70 -16.94 -16.47
CA TRP F 23 23.08 -16.55 -16.71
C TRP F 23 23.94 -17.77 -17.00
N VAL F 24 23.71 -18.81 -16.22
CA VAL F 24 24.51 -20.01 -16.35
C VAL F 24 24.24 -20.62 -17.72
N LYS F 25 22.94 -20.66 -18.10
CA LYS F 25 22.53 -21.24 -19.37
C LYS F 25 23.17 -20.48 -20.53
N VAL F 26 23.09 -19.15 -20.45
CA VAL F 26 23.68 -18.29 -21.45
C VAL F 26 25.11 -18.72 -21.69
N VAL F 27 25.87 -18.87 -20.60
CA VAL F 27 27.30 -19.13 -20.68
C VAL F 27 27.52 -20.56 -21.18
N GLU F 28 26.68 -21.49 -20.71
CA GLU F 28 26.77 -22.88 -21.14
C GLU F 28 26.48 -22.96 -22.62
N GLU F 29 25.35 -22.41 -23.06
CA GLU F 29 24.91 -22.54 -24.45
C GLU F 29 25.80 -21.69 -25.37
N LYS F 30 26.07 -20.43 -25.04
CA LYS F 30 26.60 -19.46 -26.00
C LYS F 30 28.07 -19.09 -25.76
N ALA F 31 28.75 -19.71 -24.78
CA ALA F 31 30.17 -19.51 -24.52
C ALA F 31 30.45 -18.02 -24.38
N PHE F 32 31.33 -17.48 -25.24
CA PHE F 32 31.57 -16.04 -25.33
C PHE F 32 31.31 -15.53 -26.74
N SER F 33 30.20 -15.99 -27.31
CA SER F 33 29.57 -15.34 -28.43
C SER F 33 29.25 -13.91 -28.01
N PRO F 34 29.27 -12.93 -28.94
CA PRO F 34 29.07 -11.53 -28.55
C PRO F 34 27.77 -11.26 -27.80
N GLU F 35 26.69 -11.98 -28.13
CA GLU F 35 25.39 -11.66 -27.56
C GLU F 35 25.32 -12.06 -26.09
N VAL F 36 26.42 -12.59 -25.55
CA VAL F 36 26.51 -12.84 -24.13
C VAL F 36 26.60 -11.53 -23.37
N ILE F 37 27.35 -10.55 -23.90
CA ILE F 37 27.56 -9.27 -23.22
C ILE F 37 26.22 -8.61 -22.91
N PRO F 38 25.36 -8.34 -23.93
CA PRO F 38 24.09 -7.64 -23.68
C PRO F 38 23.20 -8.47 -22.76
N MET F 39 23.34 -9.79 -22.88
CA MET F 39 22.55 -10.69 -22.07
C MET F 39 23.03 -10.61 -20.62
N PHE F 40 24.34 -10.56 -20.41
CA PHE F 40 24.91 -10.34 -19.08
C PHE F 40 24.43 -9.01 -18.52
N SER F 41 24.55 -7.97 -19.36
CA SER F 41 24.20 -6.63 -18.95
C SER F 41 22.74 -6.56 -18.50
N ALA F 42 21.85 -7.21 -19.27
CA ALA F 42 20.42 -7.22 -18.98
C ALA F 42 20.15 -7.99 -17.69
N LEU F 43 20.78 -9.17 -17.57
CA LEU F 43 20.56 -10.03 -16.42
C LEU F 43 21.18 -9.42 -15.16
N SER F 44 22.08 -8.44 -15.33
CA SER F 44 22.70 -7.76 -14.20
C SER F 44 22.06 -6.38 -13.99
N CYS F 45 20.91 -6.12 -14.62
CA CYS F 45 20.16 -4.91 -14.33
C CYS F 45 19.99 -4.80 -12.81
N GLY F 46 20.39 -3.65 -12.27
CA GLY F 46 20.17 -3.36 -10.86
C GLY F 46 21.30 -3.83 -9.95
N ALA F 47 22.25 -4.58 -10.51
CA ALA F 47 23.20 -5.37 -9.74
C ALA F 47 24.10 -4.50 -8.87
N THR F 48 24.25 -4.91 -7.60
CA THR F 48 25.40 -4.51 -6.78
C THR F 48 26.65 -5.22 -7.31
N PRO F 49 27.87 -4.71 -7.01
CA PRO F 49 29.10 -5.45 -7.28
C PRO F 49 29.08 -6.87 -6.71
N GLN F 50 28.44 -7.03 -5.55
CA GLN F 50 28.30 -8.35 -4.97
C GLN F 50 27.56 -9.27 -5.94
N ASP F 51 26.48 -8.76 -6.55
CA ASP F 51 25.66 -9.55 -7.45
C ASP F 51 26.47 -9.88 -8.70
N LEU F 52 27.30 -8.94 -9.14
CA LEU F 52 28.15 -9.15 -10.31
C LEU F 52 29.19 -10.25 -10.03
N ASN F 53 29.74 -10.26 -8.81
CA ASN F 53 30.68 -11.29 -8.39
C ASN F 53 29.98 -12.65 -8.34
N THR F 54 28.81 -12.68 -7.70
CA THR F 54 27.98 -13.87 -7.67
C THR F 54 27.83 -14.44 -9.07
N MET F 55 27.42 -13.57 -9.99
CA MET F 55 27.16 -13.99 -11.35
C MET F 55 28.41 -14.61 -11.98
N LEU F 56 29.56 -13.93 -11.82
CA LEU F 56 30.79 -14.40 -12.44
C LEU F 56 31.28 -15.69 -11.76
N ASN F 57 31.05 -15.76 -10.45
CA ASN F 57 31.46 -16.94 -9.69
C ASN F 57 30.68 -18.17 -10.16
N THR F 58 29.41 -17.99 -10.55
CA THR F 58 28.60 -19.15 -10.89
C THR F 58 29.05 -19.74 -12.23
N VAL F 59 29.79 -18.96 -13.01
CA VAL F 59 30.45 -19.50 -14.19
C VAL F 59 31.54 -20.45 -13.74
N GLY F 60 31.31 -21.74 -13.98
CA GLY F 60 32.35 -22.76 -14.02
C GLY F 60 32.84 -22.99 -15.45
N GLY F 61 34.07 -23.46 -15.57
CA GLY F 61 34.69 -23.53 -16.88
C GLY F 61 35.05 -22.13 -17.36
N HIS F 62 35.64 -22.06 -18.55
CA HIS F 62 36.10 -20.77 -19.07
C HIS F 62 36.95 -20.03 -18.04
N GLN F 63 37.74 -20.76 -17.27
CA GLN F 63 38.45 -20.17 -16.15
C GLN F 63 39.64 -19.36 -16.66
N ALA F 64 40.17 -19.69 -17.84
CA ALA F 64 41.15 -18.83 -18.49
C ALA F 64 40.53 -17.47 -18.78
N ALA F 65 39.39 -17.47 -19.48
CA ALA F 65 38.65 -16.24 -19.73
C ALA F 65 38.42 -15.46 -18.44
N MET F 66 38.09 -16.17 -17.36
CA MET F 66 37.67 -15.51 -16.12
C MET F 66 38.87 -14.93 -15.40
N GLN F 67 40.04 -15.55 -15.55
CA GLN F 67 41.27 -14.98 -15.02
C GLN F 67 41.64 -13.73 -15.83
N MET F 68 41.60 -13.84 -17.17
CA MET F 68 41.74 -12.71 -18.08
C MET F 68 40.83 -11.57 -17.64
N LEU F 69 39.60 -11.92 -17.26
CA LEU F 69 38.63 -10.93 -16.83
C LEU F 69 39.13 -10.22 -15.59
N LYS F 70 39.64 -10.98 -14.61
CA LYS F 70 40.15 -10.41 -13.35
C LYS F 70 41.28 -9.42 -13.68
N GLU F 71 42.13 -9.77 -14.62
CA GLU F 71 43.22 -8.89 -15.04
C GLU F 71 42.64 -7.58 -15.58
N THR F 72 41.65 -7.68 -16.47
CA THR F 72 41.03 -6.48 -17.02
C THR F 72 40.42 -5.63 -15.89
N ILE F 73 39.90 -6.26 -14.85
CA ILE F 73 39.32 -5.53 -13.74
C ILE F 73 40.44 -4.83 -12.96
N ASN F 74 41.55 -5.52 -12.68
CA ASN F 74 42.70 -4.90 -12.03
C ASN F 74 43.13 -3.62 -12.74
N GLU F 75 43.32 -3.72 -14.07
CA GLU F 75 43.73 -2.57 -14.88
C GLU F 75 42.79 -1.39 -14.62
N GLU F 76 41.46 -1.64 -14.64
CA GLU F 76 40.48 -0.56 -14.63
C GLU F 76 40.31 0.01 -13.23
N ALA F 77 40.56 -0.81 -12.19
CA ALA F 77 40.46 -0.40 -10.81
C ALA F 77 41.64 0.51 -10.46
N ALA F 78 42.84 0.11 -10.92
CA ALA F 78 44.07 0.88 -10.76
C ALA F 78 43.93 2.24 -11.42
N GLU F 79 43.34 2.26 -12.62
CA GLU F 79 43.08 3.50 -13.33
C GLU F 79 42.05 4.34 -12.57
N TRP F 80 41.05 3.70 -11.98
CA TRP F 80 40.06 4.41 -11.17
C TRP F 80 40.76 5.10 -10.01
N ASP F 81 41.73 4.39 -9.40
CA ASP F 81 42.46 4.86 -8.23
C ASP F 81 43.37 6.03 -8.60
N ARG F 82 43.92 6.03 -9.81
CA ARG F 82 44.64 7.17 -10.34
C ARG F 82 43.70 8.38 -10.40
N LEU F 83 42.56 8.24 -11.08
CA LEU F 83 41.66 9.36 -11.36
C LEU F 83 40.91 9.86 -10.10
N HIS F 84 40.78 9.03 -9.06
CA HIS F 84 40.02 9.41 -7.88
C HIS F 84 40.72 8.87 -6.63
N PRO F 85 41.81 9.49 -6.14
CA PRO F 85 42.42 9.07 -4.87
C PRO F 85 41.51 9.45 -3.68
N VAL F 86 41.68 8.76 -2.55
CA VAL F 86 40.57 8.61 -1.61
C VAL F 86 40.80 9.46 -0.35
N ILE F 91 38.63 8.73 8.37
CA ILE F 91 37.44 9.20 7.58
C ILE F 91 36.27 9.51 8.51
N ALA F 92 35.45 10.47 8.07
CA ALA F 92 34.45 11.09 8.92
C ALA F 92 33.51 10.04 9.54
N PRO F 93 33.36 10.01 10.88
CA PRO F 93 32.36 9.15 11.51
C PRO F 93 30.95 9.39 11.00
N GLY F 94 30.21 8.29 10.75
CA GLY F 94 28.82 8.37 10.31
C GLY F 94 28.71 8.50 8.80
N GLN F 95 29.62 9.30 8.23
CA GLN F 95 29.57 9.64 6.82
C GLN F 95 30.02 8.46 5.97
N MET F 96 29.71 8.60 4.68
CA MET F 96 29.97 7.60 3.67
C MET F 96 31.28 7.95 2.94
N ARG F 97 32.16 6.94 2.84
CA ARG F 97 33.51 7.15 2.33
C ARG F 97 33.54 7.04 0.81
N GLU F 98 34.57 7.61 0.18
CA GLU F 98 34.78 7.45 -1.25
C GLU F 98 35.29 6.03 -1.50
N PRO F 99 34.73 5.31 -2.52
CA PRO F 99 35.17 3.97 -2.87
C PRO F 99 36.44 3.95 -3.68
N ARG F 100 37.40 3.10 -3.25
CA ARG F 100 38.58 2.80 -4.05
C ARG F 100 38.15 1.85 -5.17
N GLY F 101 39.06 1.63 -6.12
CA GLY F 101 38.84 0.66 -7.17
C GLY F 101 38.37 -0.69 -6.63
N SER F 102 39.03 -1.18 -5.57
CA SER F 102 38.74 -2.52 -5.08
C SER F 102 37.40 -2.56 -4.35
N ASP F 103 36.88 -1.39 -3.97
CA ASP F 103 35.58 -1.31 -3.33
C ASP F 103 34.48 -1.49 -4.38
N ILE F 104 34.78 -1.05 -5.61
CA ILE F 104 33.86 -1.12 -6.73
C ILE F 104 33.75 -2.57 -7.23
N ALA F 105 34.86 -3.32 -7.18
CA ALA F 105 34.85 -4.71 -7.59
C ALA F 105 34.24 -5.58 -6.49
N GLY F 106 33.85 -4.94 -5.39
CA GLY F 106 33.18 -5.64 -4.31
C GLY F 106 34.16 -6.49 -3.49
N THR F 107 35.47 -6.25 -3.69
CA THR F 107 36.51 -7.00 -2.98
C THR F 107 36.63 -6.49 -1.55
N THR F 108 36.70 -5.16 -1.37
CA THR F 108 37.00 -4.56 -0.08
C THR F 108 35.77 -3.87 0.52
N SER F 109 34.68 -3.75 -0.24
CA SER F 109 33.44 -3.15 0.26
C SER F 109 32.53 -4.23 0.82
N THR F 110 31.67 -3.84 1.78
CA THR F 110 30.58 -4.69 2.23
C THR F 110 29.36 -4.39 1.38
N LEU F 111 28.37 -5.27 1.44
CA LEU F 111 27.13 -5.05 0.72
C LEU F 111 26.54 -3.69 1.13
N GLN F 112 26.60 -3.37 2.42
CA GLN F 112 25.96 -2.17 2.94
C GLN F 112 26.60 -0.95 2.27
N GLU F 113 27.93 -0.94 2.23
CA GLU F 113 28.64 0.15 1.58
C GLU F 113 28.14 0.30 0.13
N GLN F 114 28.07 -0.84 -0.57
CA GLN F 114 27.71 -0.88 -1.98
C GLN F 114 26.32 -0.27 -2.17
N ILE F 115 25.39 -0.64 -1.28
CA ILE F 115 24.03 -0.11 -1.30
C ILE F 115 24.06 1.39 -1.01
N GLY F 116 24.78 1.76 0.07
CA GLY F 116 24.98 3.15 0.43
C GLY F 116 25.39 4.00 -0.78
N TRP F 117 26.40 3.53 -1.53
CA TRP F 117 26.93 4.30 -2.64
C TRP F 117 25.90 4.45 -3.74
N MET F 118 25.15 3.37 -3.97
CA MET F 118 24.25 3.30 -5.12
C MET F 118 22.97 4.08 -4.86
N THR F 119 22.46 4.02 -3.63
CA THR F 119 21.18 4.58 -3.27
C THR F 119 21.32 6.02 -2.76
N HIS F 120 22.53 6.41 -2.33
CA HIS F 120 22.83 7.80 -1.98
C HIS F 120 22.42 8.75 -3.10
N ASN F 121 22.12 9.99 -2.73
CA ASN F 121 21.75 11.04 -3.67
C ASN F 121 22.75 12.20 -3.54
N PRO F 122 23.61 12.49 -4.55
CA PRO F 122 23.62 11.79 -5.83
C PRO F 122 24.22 10.38 -5.71
N PRO F 123 23.86 9.43 -6.59
CA PRO F 123 24.41 8.07 -6.53
C PRO F 123 25.87 8.01 -6.94
N ILE F 124 26.65 7.16 -6.25
CA ILE F 124 27.91 6.63 -6.77
C ILE F 124 27.62 5.24 -7.33
N PRO F 125 27.41 5.07 -8.66
CA PRO F 125 26.82 3.84 -9.20
C PRO F 125 27.88 2.74 -9.37
N VAL F 126 28.37 2.25 -8.23
CA VAL F 126 29.45 1.28 -8.21
C VAL F 126 29.06 0.04 -9.01
N GLY F 127 27.78 -0.34 -8.93
CA GLY F 127 27.26 -1.43 -9.73
C GLY F 127 27.52 -1.17 -11.21
N GLU F 128 27.15 0.04 -11.66
CA GLU F 128 27.25 0.37 -13.07
C GLU F 128 28.71 0.51 -13.50
N ILE F 129 29.56 1.00 -12.59
CA ILE F 129 30.98 1.19 -12.89
C ILE F 129 31.63 -0.18 -13.07
N TYR F 130 31.51 -1.03 -12.06
CA TYR F 130 32.04 -2.39 -12.11
C TYR F 130 31.55 -3.12 -13.35
N LYS F 131 30.24 -2.96 -13.65
CA LYS F 131 29.63 -3.56 -14.83
C LYS F 131 30.37 -3.11 -16.08
N ARG F 132 30.67 -1.80 -16.15
CA ARG F 132 31.43 -1.21 -17.25
C ARG F 132 32.74 -1.97 -17.40
N TRP F 133 33.42 -2.22 -16.27
CA TRP F 133 34.71 -2.89 -16.28
C TRP F 133 34.55 -4.33 -16.77
N ILE F 134 33.57 -5.02 -16.20
CA ILE F 134 33.35 -6.42 -16.55
C ILE F 134 33.08 -6.50 -18.05
N ILE F 135 32.23 -5.60 -18.55
CA ILE F 135 31.92 -5.62 -19.97
C ILE F 135 33.18 -5.33 -20.80
N LEU F 136 34.07 -4.44 -20.32
CA LEU F 136 35.33 -4.27 -21.03
C LEU F 136 36.01 -5.62 -21.18
N GLY F 137 36.15 -6.33 -20.04
CA GLY F 137 36.86 -7.60 -20.01
C GLY F 137 36.18 -8.65 -20.89
N LEU F 138 34.84 -8.60 -20.90
CA LEU F 138 34.06 -9.55 -21.65
C LEU F 138 34.27 -9.33 -23.15
N ASN F 139 34.46 -8.07 -23.57
CA ASN F 139 34.73 -7.79 -24.97
C ASN F 139 36.07 -8.40 -25.38
N LYS F 140 37.10 -8.25 -24.51
CA LYS F 140 38.43 -8.73 -24.85
C LYS F 140 38.39 -10.24 -25.01
N ILE F 141 37.64 -10.91 -24.10
CA ILE F 141 37.40 -12.34 -24.16
C ILE F 141 36.69 -12.69 -25.47
N VAL F 142 35.60 -11.99 -25.82
CA VAL F 142 34.82 -12.34 -26.99
C VAL F 142 35.70 -12.31 -28.24
N ARG F 143 36.59 -11.30 -28.33
CA ARG F 143 37.53 -11.19 -29.43
CA ARG F 143 37.53 -11.19 -29.43
C ARG F 143 38.50 -12.36 -29.37
N MET F 144 39.00 -12.65 -28.16
CA MET F 144 39.90 -13.78 -27.95
C MET F 144 39.22 -15.05 -28.48
N TYR F 145 38.06 -15.39 -27.91
CA TYR F 145 37.34 -16.60 -28.27
C TYR F 145 36.86 -16.53 -29.74
N SER F 146 36.91 -15.36 -30.42
CA SER F 146 36.52 -15.31 -31.83
C SER F 146 37.47 -16.13 -32.68
N PRO F 147 36.95 -17.14 -33.44
CA PRO F 147 37.82 -18.06 -34.18
C PRO F 147 38.48 -17.43 -35.40
N THR F 148 37.74 -16.58 -36.11
CA THR F 148 38.13 -16.21 -37.46
C THR F 148 38.22 -14.69 -37.57
N SER F 149 39.23 -14.28 -38.37
CA SER F 149 39.39 -12.89 -38.75
C SER F 149 38.36 -12.55 -39.84
N ILE F 150 37.94 -11.29 -39.85
CA ILE F 150 37.00 -10.77 -40.85
C ILE F 150 37.62 -10.90 -42.25
N LEU F 151 38.95 -10.95 -42.32
CA LEU F 151 39.66 -11.09 -43.59
C LEU F 151 39.45 -12.46 -44.18
N ASP F 152 39.19 -13.46 -43.32
CA ASP F 152 39.04 -14.84 -43.74
C ASP F 152 37.58 -15.20 -43.98
N ILE F 153 36.67 -14.22 -43.82
CA ILE F 153 35.28 -14.42 -44.17
C ILE F 153 35.10 -14.05 -45.64
N ARG F 154 35.25 -15.08 -46.50
CA ARG F 154 35.02 -14.95 -47.94
C ARG F 154 33.77 -15.73 -48.31
N GLN F 155 32.93 -15.14 -49.17
CA GLN F 155 31.71 -15.79 -49.63
C GLN F 155 32.10 -17.04 -50.39
N GLY F 156 31.60 -18.19 -49.93
CA GLY F 156 31.76 -19.44 -50.65
C GLY F 156 31.20 -19.35 -52.06
N PRO F 157 31.69 -20.17 -53.01
CA PRO F 157 31.23 -20.09 -54.41
C PRO F 157 29.77 -20.50 -54.58
N LYS F 158 29.26 -21.37 -53.68
CA LYS F 158 27.87 -21.76 -53.67
C LYS F 158 27.17 -21.23 -52.41
N GLU F 159 27.69 -20.14 -51.83
CA GLU F 159 27.11 -19.59 -50.61
C GLU F 159 26.16 -18.45 -50.97
N PRO F 160 24.87 -18.51 -50.56
CA PRO F 160 23.95 -17.39 -50.76
C PRO F 160 24.51 -16.15 -50.08
N PHE F 161 24.35 -15.00 -50.73
CA PHE F 161 24.92 -13.77 -50.22
C PHE F 161 24.52 -13.59 -48.74
N ARG F 162 23.23 -13.76 -48.43
CA ARG F 162 22.71 -13.49 -47.10
C ARG F 162 23.51 -14.24 -46.04
N ASP F 163 23.87 -15.50 -46.34
CA ASP F 163 24.58 -16.34 -45.40
C ASP F 163 25.96 -15.76 -45.14
N TYR F 164 26.64 -15.43 -46.25
CA TYR F 164 27.93 -14.78 -46.25
C TYR F 164 27.91 -13.52 -45.36
N VAL F 165 26.95 -12.65 -45.63
CA VAL F 165 26.78 -11.43 -44.87
C VAL F 165 26.58 -11.75 -43.40
N ASP F 166 25.70 -12.73 -43.10
CA ASP F 166 25.45 -13.18 -41.74
C ASP F 166 26.79 -13.51 -41.07
N ARG F 167 27.62 -14.28 -41.78
CA ARG F 167 28.92 -14.67 -41.25
C ARG F 167 29.80 -13.43 -41.11
N PHE F 168 29.80 -12.61 -42.16
CA PHE F 168 30.61 -11.41 -42.20
C PHE F 168 30.38 -10.59 -40.92
N TYR F 169 29.12 -10.22 -40.69
CA TYR F 169 28.78 -9.28 -39.64
C TYR F 169 28.87 -9.97 -38.28
N LYS F 170 28.54 -11.27 -38.20
CA LYS F 170 28.73 -11.99 -36.94
C LYS F 170 30.20 -11.90 -36.56
N THR F 171 31.07 -12.18 -37.55
CA THR F 171 32.50 -12.21 -37.30
C THR F 171 32.97 -10.81 -36.92
N LEU F 172 32.43 -9.82 -37.62
CA LEU F 172 32.85 -8.45 -37.43
C LEU F 172 32.46 -7.98 -36.04
N ARG F 173 31.30 -8.45 -35.55
CA ARG F 173 30.80 -8.09 -34.22
C ARG F 173 31.77 -8.59 -33.15
N ALA F 174 32.38 -9.76 -33.38
CA ALA F 174 33.32 -10.33 -32.43
C ALA F 174 34.59 -9.48 -32.27
N GLU F 175 34.99 -8.71 -33.29
CA GLU F 175 36.30 -8.06 -33.26
C GLU F 175 36.18 -6.68 -32.63
N GLN F 176 37.31 -6.18 -32.07
CA GLN F 176 37.37 -4.86 -31.42
C GLN F 176 38.07 -3.81 -32.28
N ALA F 177 37.32 -2.80 -32.75
CA ALA F 177 37.92 -1.66 -33.42
C ALA F 177 36.95 -0.49 -33.35
N SER F 178 37.47 0.74 -33.56
CA SER F 178 36.62 1.91 -33.69
C SER F 178 35.51 1.57 -34.70
N GLN F 179 34.27 2.02 -34.48
CA GLN F 179 33.18 1.80 -35.44
C GLN F 179 33.48 2.53 -36.74
N GLU F 180 34.52 3.38 -36.76
CA GLU F 180 35.14 3.92 -37.98
C GLU F 180 35.78 2.77 -38.76
N VAL F 181 36.55 1.92 -38.06
CA VAL F 181 37.25 0.76 -38.63
C VAL F 181 36.23 -0.32 -39.06
N LYS F 182 35.09 -0.37 -38.38
CA LYS F 182 34.08 -1.38 -38.63
C LYS F 182 33.17 -0.90 -39.77
N ASN F 183 33.02 0.41 -39.90
CA ASN F 183 32.31 1.02 -41.02
C ASN F 183 33.10 0.77 -42.32
N GLU F 187 31.59 -1.88 -45.23
CA GLU F 187 30.92 -2.41 -46.47
C GLU F 187 31.81 -2.07 -47.70
N THR F 188 33.01 -2.65 -47.68
CA THR F 188 34.13 -2.40 -48.59
C THR F 188 34.98 -3.66 -48.75
N LEU F 189 35.22 -4.31 -47.59
CA LEU F 189 35.70 -5.66 -47.46
C LEU F 189 34.56 -6.66 -47.68
N LEU F 190 33.33 -6.22 -47.40
CA LEU F 190 32.16 -7.04 -47.67
C LEU F 190 32.09 -7.35 -49.16
N VAL F 191 32.33 -6.33 -49.98
CA VAL F 191 32.27 -6.47 -51.42
C VAL F 191 33.53 -7.19 -51.89
N GLN F 192 34.68 -6.80 -51.34
CA GLN F 192 35.94 -7.42 -51.74
C GLN F 192 35.80 -8.93 -51.64
N ASN F 193 35.34 -9.40 -50.46
CA ASN F 193 35.34 -10.81 -50.12
C ASN F 193 34.17 -11.55 -50.76
N ALA F 194 33.18 -10.81 -51.29
CA ALA F 194 32.10 -11.43 -52.06
C ALA F 194 32.71 -12.29 -53.15
N ASN F 195 31.96 -13.31 -53.60
CA ASN F 195 32.45 -14.16 -54.67
C ASN F 195 32.28 -13.38 -55.97
N PRO F 196 33.04 -13.74 -57.03
CA PRO F 196 32.96 -13.05 -58.32
C PRO F 196 31.57 -12.65 -58.81
N ASP F 197 30.64 -13.62 -58.88
CA ASP F 197 29.31 -13.38 -59.44
C ASP F 197 28.67 -12.17 -58.77
N CYS F 198 28.75 -12.14 -57.43
CA CYS F 198 28.19 -11.06 -56.64
C CYS F 198 29.01 -9.78 -56.75
N LYS F 199 30.34 -9.91 -56.73
CA LYS F 199 31.21 -8.76 -56.71
C LYS F 199 30.95 -7.92 -57.96
N THR F 200 30.79 -8.58 -59.11
CA THR F 200 30.41 -7.92 -60.34
C THR F 200 29.17 -7.05 -60.09
N ILE F 201 28.12 -7.72 -59.60
CA ILE F 201 26.81 -7.12 -59.42
C ILE F 201 26.91 -5.94 -58.45
N LEU F 202 27.66 -6.12 -57.37
CA LEU F 202 27.77 -5.13 -56.31
C LEU F 202 28.61 -3.94 -56.78
N LYS F 203 29.71 -4.23 -57.49
CA LYS F 203 30.57 -3.18 -58.03
C LYS F 203 29.78 -2.30 -59.00
N ALA F 204 28.78 -2.87 -59.69
CA ALA F 204 27.91 -2.14 -60.60
C ALA F 204 27.17 -0.97 -59.92
N LEU F 205 26.97 -1.01 -58.60
CA LEU F 205 26.27 0.04 -57.86
C LEU F 205 27.29 0.99 -57.22
N GLY F 206 26.86 2.21 -56.90
CA GLY F 206 27.80 3.28 -56.55
C GLY F 206 28.28 3.19 -55.12
N ALA F 209 25.44 2.28 -51.77
CA ALA F 209 24.29 1.34 -51.78
C ALA F 209 23.98 0.86 -50.37
N THR F 210 22.69 0.71 -50.06
CA THR F 210 22.29 0.06 -48.82
C THR F 210 22.62 -1.43 -48.91
N LEU F 211 22.66 -2.05 -47.73
CA LEU F 211 22.81 -3.49 -47.61
C LEU F 211 21.59 -4.18 -48.20
N GLU F 212 20.40 -3.63 -47.91
CA GLU F 212 19.16 -4.10 -48.50
C GLU F 212 19.32 -4.24 -50.01
N GLU F 213 19.87 -3.18 -50.63
CA GLU F 213 20.04 -3.13 -52.08
C GLU F 213 21.03 -4.19 -52.52
N MET F 214 22.17 -4.28 -51.82
CA MET F 214 23.19 -5.25 -52.15
C MET F 214 22.67 -6.68 -52.05
N MET F 215 21.78 -6.93 -51.09
CA MET F 215 21.26 -8.28 -50.84
C MET F 215 20.19 -8.63 -51.85
N THR F 216 19.37 -7.65 -52.25
CA THR F 216 18.43 -7.86 -53.33
C THR F 216 19.21 -8.19 -54.60
N ALA F 217 20.19 -7.34 -54.93
CA ALA F 217 20.99 -7.46 -56.14
C ALA F 217 21.62 -8.85 -56.27
N CYS F 218 21.88 -9.52 -55.16
CA CYS F 218 22.67 -10.74 -55.14
C CYS F 218 21.82 -11.95 -54.75
N GLN F 219 20.54 -11.94 -55.12
CA GLN F 219 19.56 -12.86 -54.55
C GLN F 219 18.94 -13.72 -55.63
N PRO G 1 -27.46 25.62 21.91
CA PRO G 1 -27.76 25.32 23.31
C PRO G 1 -28.10 26.60 24.06
N ILE G 2 -28.41 26.45 25.36
CA ILE G 2 -28.54 27.58 26.27
C ILE G 2 -27.35 27.54 27.22
N VAL G 3 -26.61 28.66 27.32
CA VAL G 3 -25.43 28.76 28.16
C VAL G 3 -25.28 30.20 28.66
N GLN G 4 -24.30 30.45 29.53
CA GLN G 4 -24.27 31.65 30.35
C GLN G 4 -23.20 32.65 29.87
N ASN G 5 -23.62 33.88 29.52
CA ASN G 5 -22.70 34.89 29.03
C ASN G 5 -21.79 35.37 30.17
N GLN G 9 -26.33 36.48 32.39
CA GLN G 9 -27.59 36.09 31.71
C GLN G 9 -27.42 34.74 31.01
N MET G 10 -28.54 34.02 30.83
CA MET G 10 -28.62 32.75 30.11
C MET G 10 -29.09 33.03 28.68
N VAL G 11 -28.30 32.59 27.69
CA VAL G 11 -28.51 33.00 26.32
C VAL G 11 -28.39 31.79 25.39
N HIS G 12 -29.12 31.87 24.26
CA HIS G 12 -29.08 30.83 23.24
C HIS G 12 -27.84 31.01 22.37
N GLN G 13 -27.06 29.94 22.22
CA GLN G 13 -26.03 29.85 21.21
C GLN G 13 -26.42 28.83 20.16
N CYS G 14 -25.79 28.96 19.00
CA CYS G 14 -25.84 27.95 17.97
C CYS G 14 -25.08 26.71 18.43
N ILE G 15 -25.36 25.57 17.81
CA ILE G 15 -24.56 24.39 18.05
C ILE G 15 -23.23 24.63 17.38
N SER G 16 -22.12 24.27 18.04
CA SER G 16 -20.84 24.46 17.41
C SER G 16 -20.71 23.46 16.28
N PRO G 17 -19.93 23.76 15.22
CA PRO G 17 -19.48 22.74 14.28
C PRO G 17 -18.76 21.58 14.98
N ARG G 18 -18.00 21.91 16.05
CA ARG G 18 -17.22 20.94 16.78
C ARG G 18 -18.19 19.89 17.31
N THR G 19 -19.31 20.36 17.88
CA THR G 19 -20.32 19.48 18.47
C THR G 19 -21.05 18.66 17.41
N LEU G 20 -21.44 19.33 16.32
CA LEU G 20 -22.10 18.65 15.21
C LEU G 20 -21.23 17.52 14.71
N ASN G 21 -19.97 17.84 14.43
CA ASN G 21 -19.05 16.90 13.82
C ASN G 21 -18.84 15.76 14.81
N ALA G 22 -18.67 16.12 16.08
CA ALA G 22 -18.43 15.16 17.14
C ALA G 22 -19.52 14.11 17.13
N TRP G 23 -20.77 14.56 16.98
CA TRP G 23 -21.95 13.71 17.08
C TRP G 23 -22.00 12.77 15.88
N VAL G 24 -21.71 13.31 14.72
CA VAL G 24 -21.80 12.52 13.50
C VAL G 24 -20.75 11.43 13.56
N LYS G 25 -19.53 11.81 14.00
CA LYS G 25 -18.40 10.90 14.09
C LYS G 25 -18.75 9.76 15.03
N VAL G 26 -19.28 10.13 16.20
CA VAL G 26 -19.68 9.16 17.21
C VAL G 26 -20.55 8.11 16.55
N VAL G 27 -21.55 8.56 15.79
CA VAL G 27 -22.55 7.68 15.22
C VAL G 27 -21.91 6.86 14.09
N GLU G 28 -21.04 7.51 13.31
CA GLU G 28 -20.33 6.84 12.22
C GLU G 28 -19.43 5.76 12.81
N GLU G 29 -18.57 6.13 13.76
CA GLU G 29 -17.58 5.22 14.30
C GLU G 29 -18.24 4.16 15.20
N LYS G 30 -19.14 4.54 16.11
CA LYS G 30 -19.57 3.67 17.21
C LYS G 30 -21.00 3.14 17.05
N ALA G 31 -21.69 3.44 15.93
CA ALA G 31 -23.03 2.94 15.64
C ALA G 31 -23.95 3.21 16.82
N PHE G 32 -24.52 2.14 17.42
CA PHE G 32 -25.29 2.24 18.65
C PHE G 32 -24.72 1.32 19.73
N SER G 33 -23.39 1.35 19.83
CA SER G 33 -22.68 0.88 20.99
C SER G 33 -23.21 1.67 22.18
N PRO G 34 -23.25 1.09 23.41
CA PRO G 34 -23.83 1.78 24.56
C PRO G 34 -23.21 3.14 24.86
N GLU G 35 -21.90 3.31 24.63
CA GLU G 35 -21.22 4.53 25.04
C GLU G 35 -21.64 5.70 24.14
N VAL G 36 -22.53 5.45 23.18
CA VAL G 36 -23.10 6.52 22.38
C VAL G 36 -24.05 7.35 23.24
N ILE G 37 -24.82 6.70 24.11
CA ILE G 37 -25.80 7.39 24.95
C ILE G 37 -25.14 8.51 25.75
N PRO G 38 -24.13 8.20 26.60
CA PRO G 38 -23.49 9.21 27.44
C PRO G 38 -22.83 10.28 26.57
N MET G 39 -22.34 9.84 25.40
CA MET G 39 -21.67 10.74 24.49
C MET G 39 -22.71 11.69 23.88
N PHE G 40 -23.89 11.17 23.52
CA PHE G 40 -24.99 12.00 23.05
C PHE G 40 -25.39 12.98 24.15
N SER G 41 -25.55 12.45 25.36
CA SER G 41 -26.00 13.26 26.48
C SER G 41 -25.03 14.42 26.74
N ALA G 42 -23.74 14.14 26.67
CA ALA G 42 -22.69 15.12 26.90
C ALA G 42 -22.70 16.16 25.79
N LEU G 43 -22.78 15.69 24.55
CA LEU G 43 -22.74 16.55 23.39
C LEU G 43 -24.01 17.40 23.30
N SER G 44 -25.07 16.99 24.01
CA SER G 44 -26.33 17.72 24.03
C SER G 44 -26.47 18.53 25.32
N CYS G 45 -25.37 18.67 26.08
CA CYS G 45 -25.39 19.55 27.23
C CYS G 45 -25.92 20.92 26.79
N GLY G 46 -26.94 21.41 27.49
CA GLY G 46 -27.46 22.75 27.25
C GLY G 46 -28.58 22.80 26.20
N ALA G 47 -28.81 21.67 25.51
CA ALA G 47 -29.56 21.67 24.26
C ALA G 47 -31.01 22.07 24.47
N THR G 48 -31.50 22.94 23.57
CA THR G 48 -32.93 23.08 23.31
C THR G 48 -33.43 21.85 22.57
N PRO G 49 -34.75 21.54 22.61
CA PRO G 49 -35.33 20.50 21.74
C PRO G 49 -34.98 20.70 20.26
N GLN G 50 -34.88 21.97 19.84
CA GLN G 50 -34.48 22.24 18.48
C GLN G 50 -33.09 21.66 18.20
N ASP G 51 -32.18 21.85 19.16
CA ASP G 51 -30.80 21.38 19.02
C ASP G 51 -30.80 19.85 18.99
N LEU G 52 -31.67 19.24 19.78
CA LEU G 52 -31.78 17.79 19.84
C LEU G 52 -32.28 17.24 18.49
N ASN G 53 -33.24 17.95 17.87
CA ASN G 53 -33.74 17.58 16.56
C ASN G 53 -32.63 17.70 15.51
N THR G 54 -31.94 18.84 15.54
CA THR G 54 -30.79 19.07 14.69
C THR G 54 -29.84 17.88 14.77
N MET G 55 -29.49 17.51 15.99
CA MET G 55 -28.53 16.45 16.22
C MET G 55 -29.03 15.14 15.58
N LEU G 56 -30.30 14.80 15.81
CA LEU G 56 -30.85 13.55 15.32
C LEU G 56 -30.99 13.58 13.79
N ASN G 57 -31.32 14.77 13.28
CA ASN G 57 -31.46 14.93 11.84
C ASN G 57 -30.11 14.72 11.14
N THR G 58 -29.01 15.09 11.78
CA THR G 58 -27.72 15.01 11.12
C THR G 58 -27.27 13.55 11.00
N VAL G 59 -27.88 12.67 11.79
CA VAL G 59 -27.68 11.23 11.59
C VAL G 59 -28.34 10.83 10.29
N GLY G 60 -27.50 10.50 9.31
CA GLY G 60 -27.88 9.72 8.15
C GLY G 60 -27.56 8.23 8.34
N GLY G 61 -28.29 7.38 7.61
CA GLY G 61 -28.20 5.96 7.89
C GLY G 61 -28.90 5.64 9.21
N HIS G 62 -28.90 4.36 9.59
CA HIS G 62 -29.58 3.93 10.80
C HIS G 62 -31.01 4.47 10.85
N GLN G 63 -31.67 4.52 9.69
CA GLN G 63 -32.95 5.21 9.61
C GLN G 63 -34.06 4.35 10.24
N ALA G 64 -33.85 3.03 10.26
CA ALA G 64 -34.72 2.13 11.02
C ALA G 64 -34.67 2.51 12.50
N ALA G 65 -33.45 2.55 13.06
CA ALA G 65 -33.25 2.99 14.43
C ALA G 65 -33.92 4.33 14.69
N MET G 66 -33.82 5.25 13.72
CA MET G 66 -34.27 6.62 13.93
C MET G 66 -35.79 6.69 13.88
N GLN G 67 -36.42 5.81 13.09
CA GLN G 67 -37.86 5.73 13.10
C GLN G 67 -38.34 5.11 14.42
N MET G 68 -37.70 4.00 14.83
CA MET G 68 -37.90 3.41 16.16
C MET G 68 -37.83 4.50 17.24
N LEU G 69 -36.85 5.39 17.09
CA LEU G 69 -36.65 6.45 18.06
C LEU G 69 -37.89 7.36 18.08
N LYS G 70 -38.40 7.75 16.90
CA LYS G 70 -39.56 8.61 16.80
C LYS G 70 -40.75 7.96 17.51
N GLU G 71 -40.91 6.65 17.33
CA GLU G 71 -41.98 5.92 18.00
C GLU G 71 -41.84 6.04 19.51
N THR G 72 -40.63 5.82 20.03
CA THR G 72 -40.41 5.93 21.45
C THR G 72 -40.73 7.35 21.94
N ILE G 73 -40.45 8.35 21.12
CA ILE G 73 -40.76 9.72 21.51
C ILE G 73 -42.28 9.92 21.54
N ASN G 74 -43.01 9.41 20.54
CA ASN G 74 -44.47 9.50 20.53
C ASN G 74 -45.05 8.93 21.82
N GLU G 75 -44.62 7.72 22.19
CA GLU G 75 -45.10 7.06 23.40
C GLU G 75 -44.94 7.99 24.61
N GLU G 76 -43.76 8.62 24.75
CA GLU G 76 -43.43 9.36 25.96
C GLU G 76 -44.10 10.75 25.97
N ALA G 77 -44.38 11.29 24.78
CA ALA G 77 -45.05 12.57 24.64
C ALA G 77 -46.54 12.42 24.99
N ALA G 78 -47.15 11.33 24.49
CA ALA G 78 -48.53 10.95 24.80
C ALA G 78 -48.71 10.76 26.30
N GLU G 79 -47.75 10.08 26.93
CA GLU G 79 -47.75 9.88 28.37
C GLU G 79 -47.60 11.23 29.09
N TRP G 80 -46.78 12.12 28.56
CA TRP G 80 -46.62 13.44 29.13
C TRP G 80 -47.97 14.18 29.11
N ASP G 81 -48.70 14.01 28.00
CA ASP G 81 -49.97 14.68 27.77
C ASP G 81 -51.06 14.13 28.70
N ARG G 82 -50.98 12.83 29.01
CA ARG G 82 -51.83 12.24 30.05
C ARG G 82 -51.56 12.94 31.38
N LEU G 83 -50.30 12.96 31.83
CA LEU G 83 -49.94 13.44 33.15
C LEU G 83 -50.08 14.97 33.30
N HIS G 84 -50.05 15.74 32.20
CA HIS G 84 -50.09 17.19 32.28
C HIS G 84 -50.92 17.76 31.13
N PRO G 85 -52.28 17.69 31.15
CA PRO G 85 -53.10 18.00 29.97
C PRO G 85 -53.05 19.45 29.45
N ARG G 97 -47.24 29.73 28.12
CA ARG G 97 -48.21 28.61 28.16
C ARG G 97 -47.50 27.33 28.61
N GLU G 98 -48.28 26.38 29.14
CA GLU G 98 -47.77 25.07 29.47
C GLU G 98 -47.51 24.29 28.18
N PRO G 99 -46.35 23.60 28.09
CA PRO G 99 -46.00 22.82 26.90
C PRO G 99 -46.68 21.45 26.88
N ARG G 100 -47.28 21.13 25.72
CA ARG G 100 -47.73 19.78 25.45
C ARG G 100 -46.51 18.90 25.14
N GLY G 101 -46.75 17.59 25.06
CA GLY G 101 -45.73 16.64 24.67
C GLY G 101 -45.03 17.06 23.39
N SER G 102 -45.79 17.48 22.38
CA SER G 102 -45.24 17.78 21.08
C SER G 102 -44.45 19.09 21.11
N ASP G 103 -44.67 19.91 22.14
CA ASP G 103 -43.93 21.14 22.29
C ASP G 103 -42.53 20.82 22.81
N ILE G 104 -42.43 19.74 23.59
CA ILE G 104 -41.17 19.29 24.18
C ILE G 104 -40.28 18.64 23.12
N ALA G 105 -40.88 17.95 22.15
CA ALA G 105 -40.13 17.34 21.06
C ALA G 105 -39.75 18.40 20.03
N GLY G 106 -40.17 19.64 20.28
CA GLY G 106 -39.79 20.75 19.43
C GLY G 106 -40.58 20.75 18.12
N THR G 107 -41.66 19.94 18.07
CA THR G 107 -42.48 19.81 16.87
C THR G 107 -43.40 21.02 16.73
N THR G 108 -44.08 21.39 17.83
CA THR G 108 -45.12 22.40 17.81
C THR G 108 -44.66 23.70 18.50
N SER G 109 -43.50 23.68 19.17
CA SER G 109 -42.97 24.87 19.83
C SER G 109 -42.02 25.61 18.87
N THR G 110 -41.90 26.92 19.07
CA THR G 110 -40.87 27.72 18.43
C THR G 110 -39.64 27.72 19.34
N LEU G 111 -38.51 28.13 18.77
CA LEU G 111 -37.30 28.25 19.56
C LEU G 111 -37.56 29.16 20.76
N GLN G 112 -38.29 30.26 20.53
CA GLN G 112 -38.49 31.28 21.57
C GLN G 112 -39.22 30.63 22.74
N GLU G 113 -40.28 29.88 22.43
CA GLU G 113 -41.02 29.18 23.47
C GLU G 113 -40.06 28.29 24.27
N GLN G 114 -39.23 27.52 23.55
CA GLN G 114 -38.32 26.54 24.14
C GLN G 114 -37.37 27.26 25.11
N ILE G 115 -36.86 28.41 24.68
CA ILE G 115 -35.97 29.22 25.50
C ILE G 115 -36.73 29.75 26.72
N GLY G 116 -37.91 30.32 26.45
CA GLY G 116 -38.83 30.78 27.49
C GLY G 116 -38.99 29.73 28.58
N TRP G 117 -39.30 28.49 28.21
CA TRP G 117 -39.57 27.44 29.19
C TRP G 117 -38.33 27.12 29.99
N MET G 118 -37.18 27.13 29.34
CA MET G 118 -35.95 26.65 29.94
C MET G 118 -35.37 27.71 30.88
N THR G 119 -35.47 28.98 30.49
CA THR G 119 -34.85 30.09 31.21
C THR G 119 -35.81 30.71 32.23
N HIS G 120 -37.10 30.48 32.07
CA HIS G 120 -38.12 30.89 33.05
C HIS G 120 -37.77 30.38 34.44
N ASN G 121 -38.29 31.08 35.45
CA ASN G 121 -38.11 30.73 36.85
C ASN G 121 -39.49 30.49 37.49
N PRO G 122 -39.86 29.25 37.90
CA PRO G 122 -39.00 28.08 37.81
C PRO G 122 -38.84 27.59 36.37
N PRO G 123 -37.73 26.90 36.04
CA PRO G 123 -37.53 26.37 34.68
C PRO G 123 -38.44 25.19 34.37
N ILE G 124 -38.99 25.17 33.14
CA ILE G 124 -39.57 23.98 32.56
C ILE G 124 -38.52 23.40 31.61
N PRO G 125 -37.72 22.38 32.02
CA PRO G 125 -36.52 21.99 31.30
C PRO G 125 -36.86 21.06 30.12
N VAL G 126 -37.51 21.66 29.11
CA VAL G 126 -38.00 20.91 27.97
C VAL G 126 -36.84 20.20 27.27
N GLY G 127 -35.67 20.87 27.24
CA GLY G 127 -34.47 20.25 26.70
C GLY G 127 -34.18 18.95 27.43
N GLU G 128 -34.17 19.02 28.76
CA GLU G 128 -33.78 17.87 29.58
C GLU G 128 -34.84 16.77 29.49
N ILE G 129 -36.12 17.17 29.37
CA ILE G 129 -37.22 16.21 29.30
C ILE G 129 -37.11 15.43 27.98
N TYR G 130 -37.08 16.16 26.86
CA TYR G 130 -36.95 15.55 25.55
C TYR G 130 -35.72 14.65 25.51
N LYS G 131 -34.60 15.12 26.09
CA LYS G 131 -33.36 14.37 26.15
C LYS G 131 -33.62 13.03 26.85
N ARG G 132 -34.37 13.07 27.96
CA ARG G 132 -34.76 11.88 28.71
C ARG G 132 -35.44 10.90 27.75
N TRP G 133 -36.37 11.42 26.93
CA TRP G 133 -37.13 10.60 26.01
C TRP G 133 -36.20 10.00 24.96
N ILE G 134 -35.35 10.85 24.37
CA ILE G 134 -34.45 10.40 23.33
C ILE G 134 -33.58 9.29 23.89
N ILE G 135 -33.06 9.50 25.10
CA ILE G 135 -32.21 8.51 25.72
C ILE G 135 -32.99 7.21 25.96
N LEU G 136 -34.28 7.29 26.33
CA LEU G 136 -35.08 6.08 26.41
C LEU G 136 -34.98 5.34 25.08
N GLY G 137 -35.27 6.07 24.00
CA GLY G 137 -35.33 5.46 22.67
C GLY G 137 -33.97 4.90 22.25
N LEU G 138 -32.91 5.60 22.67
CA LEU G 138 -31.55 5.20 22.33
C LEU G 138 -31.20 3.91 23.04
N ASN G 139 -31.72 3.70 24.26
CA ASN G 139 -31.49 2.44 24.96
C ASN G 139 -32.14 1.28 24.21
N LYS G 140 -33.37 1.49 23.72
CA LYS G 140 -34.11 0.42 23.06
C LYS G 140 -33.35 0.03 21.80
N ILE G 141 -32.84 1.04 21.08
CA ILE G 141 -32.00 0.84 19.90
C ILE G 141 -30.74 0.07 20.28
N VAL G 142 -30.02 0.49 21.32
CA VAL G 142 -28.76 -0.14 21.70
C VAL G 142 -28.98 -1.63 21.96
N ARG G 143 -30.09 -1.96 22.64
CA ARG G 143 -30.46 -3.35 22.91
C ARG G 143 -30.76 -4.04 21.58
N MET G 144 -31.50 -3.36 20.71
CA MET G 144 -31.81 -3.88 19.38
C MET G 144 -30.50 -4.22 18.66
N TYR G 145 -29.64 -3.22 18.48
CA TYR G 145 -28.38 -3.38 17.78
C TYR G 145 -27.44 -4.34 18.55
N SER G 146 -27.72 -4.69 19.82
CA SER G 146 -26.90 -5.67 20.54
C SER G 146 -27.00 -7.04 19.89
N PRO G 147 -25.87 -7.66 19.46
CA PRO G 147 -25.92 -8.94 18.76
C PRO G 147 -26.31 -10.13 19.63
N THR G 148 -25.84 -10.16 20.89
CA THR G 148 -25.87 -11.37 21.67
C THR G 148 -26.55 -11.14 23.01
N SER G 149 -27.25 -12.17 23.49
CA SER G 149 -27.78 -12.20 24.84
C SER G 149 -26.65 -12.51 25.84
N ILE G 150 -26.79 -11.97 27.05
CA ILE G 150 -25.84 -12.20 28.13
C ILE G 150 -25.75 -13.69 28.45
N LEU G 151 -26.81 -14.43 28.15
CA LEU G 151 -26.88 -15.87 28.38
C LEU G 151 -25.91 -16.60 27.47
N ASP G 152 -25.63 -16.02 26.29
CA ASP G 152 -24.81 -16.66 25.28
C ASP G 152 -23.35 -16.20 25.38
N ILE G 153 -23.04 -15.35 26.39
CA ILE G 153 -21.66 -14.98 26.66
C ILE G 153 -21.05 -16.02 27.60
N ARG G 154 -20.43 -17.04 26.99
CA ARG G 154 -19.69 -18.07 27.70
C ARG G 154 -18.21 -17.90 27.37
N GLN G 155 -17.36 -18.04 28.40
CA GLN G 155 -15.92 -17.92 28.21
C GLN G 155 -15.46 -19.04 27.29
N GLY G 156 -14.83 -18.66 26.17
CA GLY G 156 -14.21 -19.62 25.28
C GLY G 156 -13.16 -20.46 26.01
N PRO G 157 -12.87 -21.70 25.56
CA PRO G 157 -11.91 -22.57 26.24
C PRO G 157 -10.47 -22.03 26.19
N LYS G 158 -10.16 -21.24 25.16
CA LYS G 158 -8.87 -20.58 25.04
C LYS G 158 -9.02 -19.06 25.19
N GLU G 159 -10.09 -18.61 25.86
CA GLU G 159 -10.32 -17.19 26.04
C GLU G 159 -9.79 -16.74 27.40
N PRO G 160 -8.87 -15.74 27.46
CA PRO G 160 -8.43 -15.17 28.73
C PRO G 160 -9.64 -14.64 29.50
N PHE G 161 -9.64 -14.85 30.81
CA PHE G 161 -10.77 -14.43 31.62
C PHE G 161 -11.13 -12.98 31.32
N ARG G 162 -10.11 -12.09 31.30
CA ARG G 162 -10.38 -10.66 31.20
C ARG G 162 -11.20 -10.36 29.95
N ASP G 163 -10.90 -11.05 28.85
CA ASP G 163 -11.59 -10.85 27.58
C ASP G 163 -13.06 -11.23 27.72
N TYR G 164 -13.28 -12.42 28.30
CA TYR G 164 -14.58 -12.94 28.62
C TYR G 164 -15.40 -11.93 29.42
N VAL G 165 -14.79 -11.45 30.51
CA VAL G 165 -15.45 -10.48 31.36
C VAL G 165 -15.78 -9.21 30.56
N ASP G 166 -14.81 -8.74 29.75
CA ASP G 166 -14.99 -7.58 28.88
C ASP G 166 -16.24 -7.80 28.03
N ARG G 167 -16.35 -8.99 27.43
CA ARG G 167 -17.49 -9.32 26.60
C ARG G 167 -18.74 -9.37 27.45
N PHE G 168 -18.63 -10.04 28.59
CA PHE G 168 -19.74 -10.20 29.51
C PHE G 168 -20.38 -8.84 29.78
N TYR G 169 -19.57 -7.92 30.31
CA TYR G 169 -20.08 -6.66 30.80
C TYR G 169 -20.45 -5.74 29.63
N LYS G 170 -19.71 -5.80 28.52
CA LYS G 170 -20.10 -5.05 27.34
C LYS G 170 -21.50 -5.47 26.92
N THR G 171 -21.71 -6.79 26.87
CA THR G 171 -22.99 -7.32 26.43
C THR G 171 -24.08 -6.94 27.42
N LEU G 172 -23.73 -7.01 28.71
CA LEU G 172 -24.67 -6.73 29.77
C LEU G 172 -25.12 -5.27 29.70
N ARG G 173 -24.16 -4.38 29.36
CA ARG G 173 -24.41 -2.95 29.27
C ARG G 173 -25.43 -2.67 28.18
N ALA G 174 -25.38 -3.45 27.09
CA ALA G 174 -26.30 -3.28 25.97
C ALA G 174 -27.75 -3.58 26.35
N GLU G 175 -28.00 -4.44 27.34
CA GLU G 175 -29.35 -4.92 27.61
C GLU G 175 -30.06 -3.99 28.59
N GLN G 176 -31.40 -4.00 28.54
CA GLN G 176 -32.27 -3.10 29.28
C GLN G 176 -32.95 -3.78 30.47
N ALA G 177 -32.56 -3.40 31.69
CA ALA G 177 -33.22 -3.92 32.89
C ALA G 177 -32.82 -3.06 34.09
N SER G 178 -33.63 -3.08 35.16
CA SER G 178 -33.24 -2.45 36.41
C SER G 178 -31.82 -2.92 36.74
N GLN G 179 -30.97 -2.04 37.31
CA GLN G 179 -29.63 -2.45 37.73
C GLN G 179 -29.72 -3.45 38.89
N GLU G 180 -30.93 -3.66 39.44
CA GLU G 180 -31.26 -4.78 40.31
C GLU G 180 -31.15 -6.08 39.51
N VAL G 181 -31.75 -6.10 38.30
CA VAL G 181 -31.77 -7.24 37.39
C VAL G 181 -30.38 -7.50 36.82
N LYS G 182 -29.57 -6.44 36.69
CA LYS G 182 -28.24 -6.52 36.10
C LYS G 182 -27.24 -6.94 37.19
N ASN G 183 -27.53 -6.55 38.45
CA ASN G 183 -26.76 -7.00 39.59
C ASN G 183 -26.96 -8.51 39.77
N ALA G 184 -28.16 -8.99 39.45
CA ALA G 184 -28.47 -10.41 39.57
C ALA G 184 -27.74 -11.21 38.49
N ALA G 185 -27.71 -10.66 37.27
CA ALA G 185 -27.03 -11.33 36.17
C ALA G 185 -25.53 -11.44 36.45
N THR G 186 -24.90 -10.36 36.95
CA THR G 186 -23.51 -10.42 37.39
C THR G 186 -23.32 -11.58 38.38
N GLU G 187 -24.06 -11.49 39.52
CA GLU G 187 -23.72 -12.18 40.75
C GLU G 187 -24.09 -13.66 40.70
N THR G 188 -24.14 -14.27 39.50
CA THR G 188 -24.45 -15.68 39.29
C THR G 188 -23.69 -16.19 38.06
N LEU G 189 -23.89 -15.43 36.98
CA LEU G 189 -23.84 -15.88 35.62
C LEU G 189 -22.42 -15.69 35.10
N LEU G 190 -21.70 -14.69 35.65
CA LEU G 190 -20.32 -14.48 35.24
C LEU G 190 -19.50 -15.72 35.57
N VAL G 191 -19.71 -16.26 36.77
CA VAL G 191 -18.96 -17.42 37.21
C VAL G 191 -19.51 -18.66 36.52
N GLN G 192 -20.84 -18.75 36.46
CA GLN G 192 -21.47 -19.89 35.82
C GLN G 192 -20.86 -20.10 34.44
N ASN G 193 -20.83 -19.03 33.64
CA ASN G 193 -20.48 -19.10 32.22
C ASN G 193 -18.96 -19.16 32.04
N ALA G 194 -18.18 -18.88 33.08
CA ALA G 194 -16.74 -19.08 33.02
C ALA G 194 -16.46 -20.50 32.55
N ASN G 195 -15.30 -20.71 31.93
CA ASN G 195 -14.94 -22.04 31.47
C ASN G 195 -14.51 -22.86 32.69
N PRO G 196 -14.56 -24.21 32.60
CA PRO G 196 -14.16 -25.07 33.70
C PRO G 196 -12.93 -24.66 34.51
N ASP G 197 -11.80 -24.46 33.81
CA ASP G 197 -10.52 -24.18 34.46
C ASP G 197 -10.67 -23.02 35.44
N CYS G 198 -11.32 -21.95 34.96
CA CYS G 198 -11.55 -20.76 35.76
C CYS G 198 -12.61 -20.98 36.84
N LYS G 199 -13.68 -21.69 36.48
CA LYS G 199 -14.81 -21.83 37.38
C LYS G 199 -14.34 -22.54 38.66
N THR G 200 -13.50 -23.58 38.48
CA THR G 200 -12.85 -24.24 39.61
C THR G 200 -12.20 -23.20 40.52
N ILE G 201 -11.30 -22.42 39.91
CA ILE G 201 -10.47 -21.47 40.62
C ILE G 201 -11.35 -20.43 41.32
N LEU G 202 -12.38 -19.96 40.62
CA LEU G 202 -13.25 -18.90 41.13
C LEU G 202 -14.13 -19.43 42.26
N LYS G 203 -14.66 -20.66 42.08
CA LYS G 203 -15.51 -21.28 43.10
C LYS G 203 -14.71 -21.48 44.39
N ALA G 204 -13.39 -21.70 44.27
CA ALA G 204 -12.50 -21.83 45.43
C ALA G 204 -12.52 -20.62 46.36
N LEU G 205 -12.89 -19.43 45.85
CA LEU G 205 -12.90 -18.20 46.65
C LEU G 205 -14.33 -17.92 47.11
N GLY G 206 -14.50 -17.06 48.14
CA GLY G 206 -15.82 -16.60 48.56
C GLY G 206 -16.39 -15.57 47.60
N ALA G 209 -15.77 -12.53 46.74
CA ALA G 209 -14.52 -12.08 46.09
C ALA G 209 -14.78 -10.86 45.21
N THR G 210 -13.83 -9.91 45.20
CA THR G 210 -13.87 -8.82 44.23
C THR G 210 -13.58 -9.38 42.84
N LEU G 211 -13.96 -8.59 41.83
CA LEU G 211 -13.66 -8.88 40.45
C LEU G 211 -12.14 -8.84 40.24
N GLU G 212 -11.49 -7.85 40.85
CA GLU G 212 -10.04 -7.76 40.84
C GLU G 212 -9.42 -9.10 41.23
N GLU G 213 -9.95 -9.67 42.33
CA GLU G 213 -9.46 -10.94 42.87
C GLU G 213 -9.73 -12.08 41.88
N MET G 214 -10.95 -12.12 41.34
CA MET G 214 -11.33 -13.16 40.38
C MET G 214 -10.46 -13.10 39.13
N MET G 215 -10.06 -11.90 38.72
CA MET G 215 -9.29 -11.71 37.50
C MET G 215 -7.81 -12.04 37.73
N THR G 216 -7.31 -11.73 38.93
CA THR G 216 -5.98 -12.17 39.32
C THR G 216 -5.94 -13.70 39.34
N ALA G 217 -6.90 -14.30 40.04
CA ALA G 217 -6.99 -15.74 40.22
C ALA G 217 -6.97 -16.49 38.88
N CYS G 218 -7.45 -15.84 37.81
CA CYS G 218 -7.70 -16.50 36.54
C CYS G 218 -6.76 -15.98 35.45
N GLN G 219 -5.52 -15.62 35.84
CA GLN G 219 -4.61 -14.84 35.00
C GLN G 219 -3.36 -15.70 34.70
N PRO H 1 -7.33 41.27 10.83
CA PRO H 1 -8.55 41.94 10.36
C PRO H 1 -8.95 43.07 11.31
N ILE H 2 -10.05 43.76 10.99
CA ILE H 2 -10.69 44.69 11.89
C ILE H 2 -12.02 44.08 12.29
N VAL H 3 -12.27 43.99 13.62
CA VAL H 3 -13.47 43.37 14.16
C VAL H 3 -13.81 44.03 15.50
N GLN H 4 -14.94 43.63 16.11
CA GLN H 4 -15.54 44.33 17.23
C GLN H 4 -15.31 43.60 18.56
N ASN H 5 -14.67 44.28 19.54
CA ASN H 5 -14.43 43.67 20.84
C ASN H 5 -15.77 43.56 21.60
N LEU H 6 -15.91 42.51 22.42
CA LEU H 6 -17.17 42.24 23.12
C LEU H 6 -17.63 43.46 23.93
N GLN H 7 -16.69 44.38 24.23
CA GLN H 7 -17.01 45.71 24.72
C GLN H 7 -17.89 46.44 23.71
N GLY H 8 -17.32 46.89 22.59
CA GLY H 8 -18.06 47.71 21.63
C GLY H 8 -17.19 48.33 20.54
N GLN H 9 -15.91 48.61 20.87
CA GLN H 9 -14.93 49.27 20.02
C GLN H 9 -14.54 48.38 18.83
N MET H 10 -14.06 49.02 17.74
CA MET H 10 -13.55 48.34 16.55
C MET H 10 -12.03 48.27 16.64
N VAL H 11 -11.47 47.06 16.54
CA VAL H 11 -10.07 46.84 16.86
C VAL H 11 -9.44 45.95 15.81
N HIS H 12 -8.12 46.13 15.62
CA HIS H 12 -7.31 45.29 14.76
C HIS H 12 -6.96 43.99 15.49
N GLN H 13 -7.24 42.85 14.85
CA GLN H 13 -6.73 41.57 15.28
C GLN H 13 -5.71 41.05 14.25
N CYS H 14 -4.88 40.13 14.72
CA CYS H 14 -4.07 39.30 13.86
C CYS H 14 -4.95 38.37 13.03
N ILE H 15 -4.40 37.88 11.92
CA ILE H 15 -5.07 36.83 11.17
C ILE H 15 -4.91 35.57 12.00
N SER H 16 -5.96 34.76 12.11
CA SER H 16 -5.81 33.53 12.87
C SER H 16 -4.93 32.58 12.09
N PRO H 17 -4.19 31.66 12.76
CA PRO H 17 -3.60 30.52 12.08
C PRO H 17 -4.63 29.68 11.33
N ARG H 18 -5.85 29.60 11.88
CA ARG H 18 -6.93 28.80 11.30
C ARG H 18 -7.19 29.37 9.91
N THR H 19 -7.27 30.72 9.82
CA THR H 19 -7.54 31.40 8.57
C THR H 19 -6.39 31.27 7.58
N LEU H 20 -5.16 31.45 8.07
CA LEU H 20 -3.98 31.29 7.24
C LEU H 20 -3.97 29.91 6.61
N ASN H 21 -4.13 28.90 7.46
CA ASN H 21 -4.02 27.52 7.04
C ASN H 21 -5.14 27.24 6.03
N ALA H 22 -6.33 27.74 6.37
CA ALA H 22 -7.51 27.54 5.55
C ALA H 22 -7.23 28.02 4.13
N TRP H 23 -6.58 29.19 4.01
CA TRP H 23 -6.36 29.84 2.74
C TRP H 23 -5.36 29.05 1.92
N VAL H 24 -4.31 28.59 2.60
CA VAL H 24 -3.24 27.89 1.90
C VAL H 24 -3.83 26.59 1.36
N LYS H 25 -4.62 25.89 2.21
CA LYS H 25 -5.23 24.61 1.84
C LYS H 25 -6.13 24.80 0.63
N VAL H 26 -6.96 25.83 0.69
CA VAL H 26 -7.87 26.16 -0.40
C VAL H 26 -7.09 26.19 -1.70
N VAL H 27 -5.97 26.92 -1.69
CA VAL H 27 -5.20 27.17 -2.89
C VAL H 27 -4.49 25.87 -3.30
N GLU H 28 -3.99 25.11 -2.31
CA GLU H 28 -3.32 23.85 -2.56
C GLU H 28 -4.33 22.87 -3.18
N GLU H 29 -5.47 22.68 -2.52
CA GLU H 29 -6.44 21.69 -2.93
C GLU H 29 -7.16 22.13 -4.22
N LYS H 30 -7.64 23.38 -4.29
CA LYS H 30 -8.61 23.79 -5.31
C LYS H 30 -8.02 24.68 -6.40
N ALA H 31 -6.70 24.96 -6.38
CA ALA H 31 -6.02 25.75 -7.39
C ALA H 31 -6.76 27.07 -7.58
N PHE H 32 -7.23 27.33 -8.81
CA PHE H 32 -8.08 28.49 -9.11
C PHE H 32 -9.39 28.04 -9.74
N SER H 33 -9.97 26.98 -9.15
CA SER H 33 -11.36 26.67 -9.32
C SER H 33 -12.17 27.88 -8.89
N PRO H 34 -13.36 28.15 -9.48
CA PRO H 34 -14.12 29.35 -9.14
C PRO H 34 -14.44 29.51 -7.65
N GLU H 35 -14.67 28.41 -6.94
CA GLU H 35 -15.15 28.51 -5.57
C GLU H 35 -14.01 28.98 -4.65
N VAL H 36 -12.84 29.23 -5.21
CA VAL H 36 -11.75 29.83 -4.45
C VAL H 36 -12.08 31.29 -4.15
N ILE H 37 -12.69 32.01 -5.10
CA ILE H 37 -13.01 33.43 -4.94
C ILE H 37 -13.85 33.64 -3.67
N PRO H 38 -15.03 33.01 -3.57
CA PRO H 38 -15.92 33.22 -2.42
C PRO H 38 -15.22 32.78 -1.12
N MET H 39 -14.38 31.76 -1.26
CA MET H 39 -13.66 31.23 -0.13
C MET H 39 -12.60 32.24 0.32
N PHE H 40 -11.91 32.86 -0.65
CA PHE H 40 -10.97 33.93 -0.34
C PHE H 40 -11.72 35.10 0.31
N SER H 41 -12.84 35.47 -0.29
CA SER H 41 -13.62 36.60 0.18
C SER H 41 -14.05 36.39 1.63
N ALA H 42 -14.49 35.17 1.95
CA ALA H 42 -14.96 34.82 3.28
C ALA H 42 -13.80 34.84 4.26
N LEU H 43 -12.69 34.23 3.86
CA LEU H 43 -11.52 34.11 4.70
C LEU H 43 -10.86 35.48 4.92
N SER H 44 -11.18 36.45 4.06
CA SER H 44 -10.66 37.81 4.16
C SER H 44 -11.69 38.76 4.77
N CYS H 45 -12.77 38.20 5.34
CA CYS H 45 -13.72 39.04 6.06
C CYS H 45 -12.95 39.91 7.05
N GLY H 46 -13.18 41.22 7.01
CA GLY H 46 -12.61 42.14 7.98
C GLY H 46 -11.22 42.67 7.60
N ALA H 47 -10.65 42.12 6.51
CA ALA H 47 -9.22 42.24 6.25
C ALA H 47 -8.80 43.69 5.97
N THR H 48 -7.69 44.10 6.59
CA THR H 48 -6.90 45.23 6.12
C THR H 48 -6.19 44.85 4.82
N PRO H 49 -5.78 45.82 3.98
CA PRO H 49 -4.91 45.53 2.84
C PRO H 49 -3.65 44.76 3.23
N GLN H 50 -3.12 45.03 4.43
CA GLN H 50 -1.99 44.30 4.93
C GLN H 50 -2.33 42.81 5.02
N ASP H 51 -3.52 42.50 5.54
CA ASP H 51 -3.96 41.11 5.72
C ASP H 51 -4.12 40.47 4.35
N LEU H 52 -4.62 41.22 3.38
CA LEU H 52 -4.82 40.73 2.03
C LEU H 52 -3.46 40.40 1.38
N ASN H 53 -2.45 41.25 1.63
CA ASN H 53 -1.10 41.01 1.14
C ASN H 53 -0.53 39.75 1.78
N THR H 54 -0.64 39.67 3.11
CA THR H 54 -0.24 38.49 3.85
C THR H 54 -0.81 37.25 3.19
N MET H 55 -2.13 37.27 2.96
CA MET H 55 -2.81 36.12 2.41
C MET H 55 -2.23 35.74 1.05
N LEU H 56 -2.03 36.73 0.17
CA LEU H 56 -1.53 36.47 -1.17
C LEU H 56 -0.07 36.02 -1.13
N ASN H 57 0.69 36.59 -0.19
CA ASN H 57 2.09 36.24 -0.06
C ASN H 57 2.22 34.77 0.37
N THR H 58 1.28 34.25 1.17
CA THR H 58 1.43 32.91 1.70
C THR H 58 1.19 31.88 0.59
N VAL H 59 0.57 32.31 -0.50
CA VAL H 59 0.49 31.48 -1.68
C VAL H 59 1.88 31.37 -2.29
N GLY H 60 2.44 30.15 -2.18
CA GLY H 60 3.56 29.71 -3.02
C GLY H 60 3.07 28.92 -4.22
N GLY H 61 3.89 28.92 -5.28
CA GLY H 61 3.43 28.38 -6.54
C GLY H 61 2.41 29.29 -7.17
N HIS H 62 1.90 28.92 -8.35
CA HIS H 62 0.97 29.76 -9.08
C HIS H 62 1.50 31.19 -9.20
N GLN H 63 2.82 31.33 -9.38
CA GLN H 63 3.43 32.64 -9.31
C GLN H 63 3.14 33.44 -10.60
N ALA H 64 2.88 32.73 -11.71
CA ALA H 64 2.38 33.37 -12.91
C ALA H 64 1.05 34.04 -12.62
N ALA H 65 0.08 33.26 -12.08
CA ALA H 65 -1.20 33.80 -11.67
C ALA H 65 -1.03 35.00 -10.76
N MET H 66 -0.05 34.93 -9.85
CA MET H 66 0.08 35.96 -8.82
C MET H 66 0.69 37.22 -9.40
N GLN H 67 1.53 37.08 -10.43
CA GLN H 67 2.04 38.25 -11.14
C GLN H 67 0.90 38.87 -11.97
N MET H 68 0.15 38.04 -12.70
CA MET H 68 -1.07 38.45 -13.37
C MET H 68 -1.95 39.26 -12.43
N LEU H 69 -2.06 38.76 -11.19
CA LEU H 69 -2.89 39.41 -10.19
C LEU H 69 -2.36 40.82 -9.92
N LYS H 70 -1.03 40.96 -9.74
CA LYS H 70 -0.41 42.26 -9.47
C LYS H 70 -0.71 43.23 -10.61
N GLU H 71 -0.67 42.73 -11.84
CA GLU H 71 -0.99 43.56 -12.99
C GLU H 71 -2.43 44.06 -12.90
N THR H 72 -3.36 43.16 -12.60
CA THR H 72 -4.75 43.57 -12.46
C THR H 72 -4.90 44.61 -11.36
N ILE H 73 -4.10 44.51 -10.30
CA ILE H 73 -4.17 45.48 -9.23
C ILE H 73 -3.63 46.82 -9.71
N ASN H 74 -2.51 46.84 -10.45
CA ASN H 74 -1.98 48.06 -11.03
C ASN H 74 -3.04 48.80 -11.84
N GLU H 75 -3.70 48.08 -12.74
CA GLU H 75 -4.75 48.64 -13.60
C GLU H 75 -5.78 49.36 -12.72
N GLU H 76 -6.25 48.71 -11.65
CA GLU H 76 -7.38 49.20 -10.87
C GLU H 76 -6.97 50.34 -9.94
N ALA H 77 -5.69 50.36 -9.53
CA ALA H 77 -5.15 51.40 -8.67
C ALA H 77 -4.97 52.68 -9.47
N ALA H 78 -4.44 52.54 -10.70
CA ALA H 78 -4.29 53.64 -11.65
C ALA H 78 -5.64 54.27 -11.97
N GLU H 79 -6.66 53.43 -12.17
CA GLU H 79 -8.02 53.89 -12.39
C GLU H 79 -8.56 54.61 -11.14
N TRP H 80 -8.22 54.10 -9.96
CA TRP H 80 -8.62 54.76 -8.73
C TRP H 80 -8.02 56.17 -8.68
N ASP H 81 -6.76 56.28 -9.10
CA ASP H 81 -5.99 57.52 -9.07
C ASP H 81 -6.55 58.52 -10.08
N ARG H 82 -7.05 58.04 -11.21
CA ARG H 82 -7.78 58.87 -12.15
C ARG H 82 -9.01 59.46 -11.45
N LEU H 83 -9.88 58.60 -10.88
CA LEU H 83 -11.17 59.02 -10.35
C LEU H 83 -11.03 59.83 -9.05
N HIS H 84 -9.91 59.72 -8.31
CA HIS H 84 -9.76 60.41 -7.04
C HIS H 84 -8.32 60.91 -6.88
N PRO H 85 -7.92 62.02 -7.54
CA PRO H 85 -6.58 62.57 -7.35
C PRO H 85 -6.42 63.19 -5.95
N VAL H 86 -5.17 63.29 -5.48
CA VAL H 86 -4.91 63.43 -4.05
C VAL H 86 -4.53 64.88 -3.71
N ILE H 91 -0.75 69.34 3.23
CA ILE H 91 -2.10 69.06 3.82
C ILE H 91 -2.19 69.76 5.17
N ALA H 92 -3.44 70.07 5.56
CA ALA H 92 -3.76 70.52 6.91
C ALA H 92 -3.14 69.61 7.97
N PRO H 93 -2.38 70.17 8.93
CA PRO H 93 -1.98 69.41 10.13
C PRO H 93 -3.16 68.78 10.86
N GLY H 94 -2.97 67.54 11.30
CA GLY H 94 -3.97 66.83 12.09
C GLY H 94 -4.93 66.07 11.19
N GLN H 95 -5.30 66.72 10.08
CA GLN H 95 -6.30 66.17 9.18
C GLN H 95 -5.72 64.99 8.38
N MET H 96 -6.64 64.14 7.94
CA MET H 96 -6.32 62.75 7.61
C MET H 96 -6.29 62.60 6.09
N ARG H 97 -5.21 62.00 5.57
CA ARG H 97 -4.92 62.10 4.14
C ARG H 97 -5.74 61.11 3.30
N GLU H 98 -6.00 61.57 2.06
CA GLU H 98 -6.73 60.77 1.10
C GLU H 98 -5.78 59.68 0.60
N PRO H 99 -6.25 58.41 0.50
CA PRO H 99 -5.42 57.31 0.00
C PRO H 99 -5.34 57.29 -1.53
N ARG H 100 -4.10 57.18 -2.03
CA ARG H 100 -3.86 56.88 -3.42
C ARG H 100 -4.17 55.40 -3.66
N GLY H 101 -4.19 55.02 -4.94
CA GLY H 101 -4.34 53.63 -5.32
C GLY H 101 -3.36 52.74 -4.58
N SER H 102 -2.09 53.16 -4.50
CA SER H 102 -1.05 52.31 -3.94
C SER H 102 -1.18 52.22 -2.42
N ASP H 103 -1.93 53.14 -1.82
CA ASP H 103 -2.18 53.11 -0.39
C ASP H 103 -3.21 52.02 -0.09
N ILE H 104 -4.12 51.79 -1.05
CA ILE H 104 -5.19 50.80 -0.92
C ILE H 104 -4.62 49.38 -1.07
N ALA H 105 -3.60 49.21 -1.92
CA ALA H 105 -2.96 47.91 -2.10
C ALA H 105 -2.01 47.65 -0.94
N GLY H 106 -1.92 48.60 -0.01
CA GLY H 106 -1.10 48.43 1.17
C GLY H 106 0.38 48.56 0.88
N THR H 107 0.71 49.09 -0.32
CA THR H 107 2.10 49.26 -0.74
C THR H 107 2.72 50.46 -0.05
N THR H 108 2.01 51.60 -0.06
CA THR H 108 2.56 52.87 0.41
C THR H 108 1.93 53.30 1.74
N SER H 109 0.88 52.60 2.20
CA SER H 109 0.24 52.91 3.47
C SER H 109 0.86 52.05 4.58
N THR H 110 0.83 52.57 5.81
CA THR H 110 1.15 51.79 7.00
C THR H 110 -0.12 51.14 7.50
N LEU H 111 0.03 50.15 8.38
CA LEU H 111 -1.12 49.51 8.98
C LEU H 111 -2.01 50.58 9.65
N GLN H 112 -1.39 51.56 10.32
CA GLN H 112 -2.12 52.55 11.10
C GLN H 112 -3.02 53.33 10.14
N GLU H 113 -2.44 53.77 9.02
CA GLU H 113 -3.20 54.51 8.02
C GLU H 113 -4.43 53.67 7.61
N GLN H 114 -4.17 52.39 7.31
CA GLN H 114 -5.19 51.47 6.81
C GLN H 114 -6.33 51.38 7.82
N ILE H 115 -5.96 51.25 9.10
CA ILE H 115 -6.93 51.19 10.19
C ILE H 115 -7.70 52.51 10.28
N GLY H 116 -6.95 53.62 10.29
CA GLY H 116 -7.51 54.95 10.28
C GLY H 116 -8.62 55.09 9.23
N TRP H 117 -8.32 54.68 7.99
CA TRP H 117 -9.27 54.85 6.89
C TRP H 117 -10.51 53.99 7.12
N MET H 118 -10.30 52.78 7.64
CA MET H 118 -11.36 51.80 7.73
C MET H 118 -12.30 52.10 8.90
N THR H 119 -11.71 52.55 10.02
CA THR H 119 -12.44 52.74 11.27
C THR H 119 -12.98 54.17 11.39
N HIS H 120 -12.42 55.12 10.62
CA HIS H 120 -12.95 56.47 10.53
C HIS H 120 -14.44 56.44 10.18
N ASN H 121 -15.15 57.51 10.58
CA ASN H 121 -16.56 57.68 10.29
C ASN H 121 -16.75 58.98 9.50
N PRO H 122 -17.15 58.96 8.21
CA PRO H 122 -17.49 57.73 7.49
C PRO H 122 -16.25 56.92 7.14
N PRO H 123 -16.37 55.58 6.98
CA PRO H 123 -15.23 54.74 6.62
C PRO H 123 -14.77 54.95 5.18
N ILE H 124 -13.45 54.93 4.96
CA ILE H 124 -12.86 54.66 3.65
C ILE H 124 -12.45 53.20 3.64
N PRO H 125 -13.26 52.27 3.08
CA PRO H 125 -13.06 50.83 3.30
C PRO H 125 -11.99 50.27 2.35
N VAL H 126 -10.75 50.68 2.61
CA VAL H 126 -9.61 50.31 1.77
C VAL H 126 -9.50 48.80 1.68
N GLY H 127 -9.79 48.11 2.80
CA GLY H 127 -9.83 46.66 2.80
C GLY H 127 -10.78 46.14 1.73
N GLU H 128 -12.00 46.68 1.73
CA GLU H 128 -13.05 46.20 0.84
C GLU H 128 -12.74 46.58 -0.61
N ILE H 129 -12.11 47.75 -0.80
CA ILE H 129 -11.77 48.23 -2.14
C ILE H 129 -10.71 47.31 -2.75
N TYR H 130 -9.58 47.15 -2.04
CA TYR H 130 -8.50 46.28 -2.47
C TYR H 130 -9.04 44.87 -2.73
N LYS H 131 -9.91 44.38 -1.84
CA LYS H 131 -10.52 43.07 -1.98
C LYS H 131 -11.26 42.98 -3.33
N ARG H 132 -12.00 44.05 -3.66
CA ARG H 132 -12.71 44.16 -4.93
C ARG H 132 -11.70 43.94 -6.07
N TRP H 133 -10.55 44.62 -5.97
CA TRP H 133 -9.53 44.54 -7.01
C TRP H 133 -8.97 43.12 -7.10
N ILE H 134 -8.62 42.57 -5.94
CA ILE H 134 -8.05 41.23 -5.92
C ILE H 134 -9.04 40.27 -6.56
N ILE H 135 -10.32 40.39 -6.19
CA ILE H 135 -11.32 39.50 -6.74
C ILE H 135 -11.43 39.69 -8.26
N LEU H 136 -11.30 40.95 -8.75
CA LEU H 136 -11.25 41.13 -10.20
C LEU H 136 -10.15 40.24 -10.77
N GLY H 137 -8.95 40.37 -10.21
CA GLY H 137 -7.78 39.66 -10.72
C GLY H 137 -7.95 38.14 -10.60
N LEU H 138 -8.62 37.72 -9.53
CA LEU H 138 -8.84 36.31 -9.29
C LEU H 138 -9.79 35.74 -10.34
N ASN H 139 -10.76 36.54 -10.80
CA ASN H 139 -11.65 36.10 -11.86
C ASN H 139 -10.86 35.88 -13.15
N LYS H 140 -9.95 36.79 -13.48
CA LYS H 140 -9.21 36.72 -14.73
C LYS H 140 -8.36 35.45 -14.71
N ILE H 141 -7.75 35.17 -13.54
CA ILE H 141 -6.99 33.96 -13.31
C ILE H 141 -7.89 32.73 -13.49
N VAL H 142 -9.06 32.71 -12.84
CA VAL H 142 -9.94 31.54 -12.89
C VAL H 142 -10.29 31.21 -14.34
N ARG H 143 -10.56 32.25 -15.14
CA ARG H 143 -10.86 32.09 -16.56
CA ARG H 143 -10.85 32.10 -16.56
C ARG H 143 -9.61 31.55 -17.26
N MET H 144 -8.45 32.13 -16.93
CA MET H 144 -7.17 31.65 -17.47
C MET H 144 -7.03 30.17 -17.19
N TYR H 145 -7.03 29.80 -15.90
CA TYR H 145 -6.86 28.42 -15.49
C TYR H 145 -8.03 27.54 -15.99
N SER H 146 -9.15 28.11 -16.48
CA SER H 146 -10.24 27.30 -17.03
C SER H 146 -9.78 26.59 -18.30
N PRO H 147 -9.85 25.24 -18.38
CA PRO H 147 -9.37 24.50 -19.54
C PRO H 147 -10.19 24.70 -20.82
N THR H 148 -11.52 24.77 -20.68
CA THR H 148 -12.39 24.63 -21.83
C THR H 148 -13.34 25.82 -21.94
N SER H 149 -13.64 26.18 -23.20
CA SER H 149 -14.69 27.14 -23.49
C SER H 149 -16.06 26.48 -23.35
N ILE H 150 -17.06 27.28 -22.98
CA ILE H 150 -18.43 26.83 -22.83
C ILE H 150 -18.95 26.28 -24.16
N LEU H 151 -18.36 26.76 -25.26
CA LEU H 151 -18.76 26.33 -26.61
C LEU H 151 -18.35 24.88 -26.84
N ASP H 152 -17.30 24.42 -26.15
CA ASP H 152 -16.76 23.09 -26.35
C ASP H 152 -17.33 22.12 -25.31
N ILE H 153 -18.26 22.57 -24.47
CA ILE H 153 -18.97 21.69 -23.56
C ILE H 153 -20.18 21.14 -24.28
N ARG H 154 -19.98 19.97 -24.93
CA ARG H 154 -21.03 19.22 -25.59
C ARG H 154 -21.25 17.93 -24.81
N GLN H 155 -22.54 17.56 -24.62
CA GLN H 155 -22.88 16.34 -23.92
C GLN H 155 -22.33 15.17 -24.70
N GLY H 156 -21.48 14.36 -24.05
CA GLY H 156 -20.98 13.13 -24.63
C GLY H 156 -22.14 12.20 -24.99
N PRO H 157 -21.97 11.30 -25.98
CA PRO H 157 -23.05 10.41 -26.41
C PRO H 157 -23.49 9.42 -25.34
N LYS H 158 -22.54 9.06 -24.44
CA LYS H 158 -22.84 8.19 -23.32
C LYS H 158 -22.76 8.97 -22.00
N GLU H 159 -22.93 10.30 -22.04
CA GLU H 159 -22.83 11.12 -20.85
C GLU H 159 -24.23 11.38 -20.28
N PRO H 160 -24.49 11.02 -19.00
CA PRO H 160 -25.75 11.38 -18.36
C PRO H 160 -25.93 12.88 -18.38
N PHE H 161 -27.17 13.32 -18.62
CA PHE H 161 -27.45 14.73 -18.75
C PHE H 161 -26.86 15.49 -17.55
N ARG H 162 -27.11 14.99 -16.33
CA ARG H 162 -26.73 15.72 -15.13
C ARG H 162 -25.24 16.06 -15.15
N ASP H 163 -24.42 15.11 -15.62
CA ASP H 163 -22.98 15.29 -15.67
C ASP H 163 -22.62 16.41 -16.63
N TYR H 164 -23.22 16.34 -17.82
CA TYR H 164 -23.12 17.35 -18.85
C TYR H 164 -23.43 18.75 -18.29
N VAL H 165 -24.59 18.85 -17.65
CA VAL H 165 -25.02 20.11 -17.07
C VAL H 165 -24.01 20.57 -16.03
N ASP H 166 -23.55 19.64 -15.17
CA ASP H 166 -22.54 19.94 -14.15
C ASP H 166 -21.33 20.55 -14.84
N ARG H 167 -20.88 19.95 -15.95
CA ARG H 167 -19.73 20.46 -16.69
C ARG H 167 -20.08 21.80 -17.28
N PHE H 168 -21.27 21.88 -17.90
CA PHE H 168 -21.73 23.09 -18.54
C PHE H 168 -21.58 24.26 -17.58
N TYR H 169 -22.25 24.16 -16.43
CA TYR H 169 -22.35 25.27 -15.52
C TYR H 169 -21.03 25.50 -14.79
N LYS H 170 -20.27 24.42 -14.50
CA LYS H 170 -18.95 24.59 -13.91
C LYS H 170 -18.11 25.44 -14.87
N THR H 171 -18.16 25.08 -16.15
CA THR H 171 -17.35 25.75 -17.15
C THR H 171 -17.82 27.19 -17.29
N LEU H 172 -19.13 27.37 -17.27
CA LEU H 172 -19.73 28.67 -17.46
C LEU H 172 -19.33 29.59 -16.31
N ARG H 173 -19.26 29.04 -15.09
CA ARG H 173 -18.89 29.78 -13.89
C ARG H 173 -17.47 30.31 -14.02
N ALA H 174 -16.60 29.55 -14.66
CA ALA H 174 -15.21 29.93 -14.85
C ALA H 174 -15.07 31.17 -15.74
N GLU H 175 -16.02 31.42 -16.67
CA GLU H 175 -15.82 32.43 -17.69
C GLU H 175 -16.36 33.77 -17.22
N GLN H 176 -15.83 34.86 -17.80
CA GLN H 176 -16.09 36.23 -17.38
C GLN H 176 -17.02 36.97 -18.33
N ALA H 177 -18.25 37.27 -17.90
CA ALA H 177 -19.16 38.10 -18.67
C ALA H 177 -20.28 38.59 -17.76
N SER H 178 -20.98 39.67 -18.15
CA SER H 178 -22.19 40.09 -17.47
C SER H 178 -23.08 38.85 -17.30
N GLN H 179 -23.78 38.71 -16.17
CA GLN H 179 -24.71 37.60 -15.97
C GLN H 179 -25.89 37.71 -16.96
N GLU H 180 -25.98 38.85 -17.68
CA GLU H 180 -26.82 39.01 -18.86
C GLU H 180 -26.30 38.09 -19.96
N VAL H 181 -24.96 38.12 -20.20
CA VAL H 181 -24.27 37.33 -21.21
C VAL H 181 -24.28 35.84 -20.83
N LYS H 182 -24.32 35.55 -19.52
CA LYS H 182 -24.26 34.19 -19.02
C LYS H 182 -25.68 33.60 -19.02
N ASN H 183 -26.67 34.48 -18.83
CA ASN H 183 -28.07 34.09 -18.95
C ASN H 183 -28.37 33.71 -20.41
N ALA H 184 -27.70 34.40 -21.34
CA ALA H 184 -27.89 34.15 -22.76
C ALA H 184 -27.26 32.82 -23.14
N ALA H 185 -26.07 32.54 -22.60
CA ALA H 185 -25.37 31.30 -22.89
C ALA H 185 -26.18 30.11 -22.37
N THR H 186 -26.74 30.20 -21.14
CA THR H 186 -27.65 29.17 -20.64
C THR H 186 -28.78 28.92 -21.65
N GLU H 187 -29.55 30.00 -21.92
CA GLU H 187 -30.90 29.92 -22.45
C GLU H 187 -30.90 29.61 -23.96
N THR H 188 -29.84 28.97 -24.49
CA THR H 188 -29.71 28.59 -25.89
C THR H 188 -28.89 27.29 -25.99
N LEU H 189 -27.74 27.36 -25.32
CA LEU H 189 -26.54 26.63 -25.65
C LEU H 189 -26.56 25.31 -24.88
N LEU H 190 -27.20 25.31 -23.70
CA LEU H 190 -27.30 24.09 -22.91
C LEU H 190 -28.06 23.04 -23.72
N VAL H 191 -29.15 23.47 -24.35
CA VAL H 191 -29.97 22.54 -25.12
C VAL H 191 -29.29 22.25 -26.45
N GLN H 192 -28.74 23.31 -27.07
CA GLN H 192 -28.06 23.14 -28.34
C GLN H 192 -27.03 22.02 -28.22
N ASN H 193 -26.18 22.10 -27.19
CA ASN H 193 -25.01 21.23 -27.04
C ASN H 193 -25.40 19.87 -26.47
N ALA H 194 -26.64 19.73 -25.94
CA ALA H 194 -27.13 18.43 -25.53
C ALA H 194 -26.97 17.46 -26.68
N ASN H 195 -26.86 16.17 -26.38
CA ASN H 195 -26.72 15.17 -27.42
C ASN H 195 -28.10 14.95 -28.03
N PRO H 196 -28.18 14.44 -29.28
CA PRO H 196 -29.46 14.20 -29.96
C PRO H 196 -30.61 13.64 -29.10
N ASP H 197 -30.36 12.52 -28.43
CA ASP H 197 -31.38 11.81 -27.67
C ASP H 197 -32.08 12.79 -26.71
N CYS H 198 -31.27 13.57 -25.99
CA CYS H 198 -31.76 14.54 -25.04
C CYS H 198 -32.38 15.75 -25.71
N LYS H 199 -31.74 16.23 -26.80
CA LYS H 199 -32.18 17.45 -27.44
C LYS H 199 -33.62 17.28 -27.94
N THR H 200 -33.92 16.10 -28.51
CA THR H 200 -35.27 15.73 -28.88
C THR H 200 -36.21 15.97 -27.70
N ILE H 201 -35.88 15.30 -26.58
CA ILE H 201 -36.71 15.27 -25.40
C ILE H 201 -36.90 16.69 -24.87
N LEU H 202 -35.82 17.47 -24.85
CA LEU H 202 -35.83 18.81 -24.29
C LEU H 202 -36.59 19.77 -25.18
N LYS H 203 -36.41 19.64 -26.51
CA LYS H 203 -37.10 20.48 -27.48
C LYS H 203 -38.61 20.26 -27.36
N ALA H 204 -39.02 19.03 -26.98
CA ALA H 204 -40.43 18.69 -26.79
C ALA H 204 -41.11 19.58 -25.74
N LEU H 205 -40.36 20.17 -24.80
CA LEU H 205 -40.92 21.00 -23.75
C LEU H 205 -40.79 22.48 -24.14
N GLY H 206 -41.61 23.36 -23.55
CA GLY H 206 -41.42 24.79 -23.68
C GLY H 206 -40.25 25.28 -22.84
N ALA H 209 -39.32 25.56 -19.70
CA ALA H 209 -39.15 24.44 -18.73
C ALA H 209 -38.10 24.80 -17.67
N THR H 210 -38.31 24.35 -16.43
CA THR H 210 -37.28 24.44 -15.41
C THR H 210 -36.16 23.45 -15.75
N LEU H 211 -35.01 23.70 -15.13
CA LEU H 211 -33.86 22.80 -15.22
C LEU H 211 -34.20 21.47 -14.56
N GLU H 212 -34.89 21.54 -13.41
CA GLU H 212 -35.40 20.35 -12.73
C GLU H 212 -36.14 19.46 -13.73
N GLU H 213 -37.05 20.09 -14.50
CA GLU H 213 -37.87 19.38 -15.47
C GLU H 213 -37.00 18.78 -16.57
N MET H 214 -36.07 19.58 -17.11
CA MET H 214 -35.18 19.13 -18.17
C MET H 214 -34.32 17.95 -17.72
N MET H 215 -33.93 17.93 -16.44
CA MET H 215 -33.04 16.91 -15.91
C MET H 215 -33.82 15.64 -15.62
N THR H 216 -35.08 15.78 -15.15
CA THR H 216 -35.95 14.63 -15.00
C THR H 216 -36.17 13.99 -16.38
N ALA H 217 -36.58 14.83 -17.34
CA ALA H 217 -36.91 14.40 -18.70
C ALA H 217 -35.78 13.60 -19.33
N CYS H 218 -34.53 13.86 -18.93
CA CYS H 218 -33.37 13.32 -19.60
C CYS H 218 -32.61 12.32 -18.71
N GLN H 219 -33.34 11.59 -17.88
CA GLN H 219 -32.78 10.80 -16.79
C GLN H 219 -33.14 9.32 -17.03
N PRO I 1 -22.28 35.56 10.62
CA PRO I 1 -23.61 35.42 11.22
C PRO I 1 -23.94 36.63 12.10
N ILE I 2 -25.13 36.63 12.68
CA ILE I 2 -25.50 37.55 13.75
C ILE I 2 -25.61 36.74 15.03
N VAL I 3 -24.88 37.16 16.07
CA VAL I 3 -24.77 36.42 17.31
C VAL I 3 -24.51 37.41 18.46
N GLN I 4 -24.49 36.89 19.69
CA GLN I 4 -24.54 37.72 20.88
C GLN I 4 -23.18 37.80 21.59
N ASN I 5 -22.67 39.04 21.76
CA ASN I 5 -21.38 39.25 22.43
C ASN I 5 -21.54 38.94 23.92
N LEU I 6 -20.47 38.44 24.55
CA LEU I 6 -20.51 37.97 25.93
C LEU I 6 -21.08 39.03 26.86
N GLN I 7 -21.03 40.32 26.44
CA GLN I 7 -21.77 41.36 27.14
C GLN I 7 -23.27 41.09 27.03
N GLY I 8 -23.88 41.25 25.86
CA GLY I 8 -25.33 41.15 25.74
C GLY I 8 -25.89 41.60 24.38
N GLN I 9 -25.19 42.52 23.68
CA GLN I 9 -25.59 43.07 22.39
C GLN I 9 -25.53 42.02 21.27
N MET I 10 -26.30 42.24 20.20
CA MET I 10 -26.34 41.41 19.00
C MET I 10 -25.43 42.04 17.94
N VAL I 11 -24.48 41.25 17.43
CA VAL I 11 -23.45 41.77 16.55
C VAL I 11 -23.24 40.84 15.37
N HIS I 12 -22.77 41.39 14.25
CA HIS I 12 -22.32 40.63 13.09
C HIS I 12 -20.93 40.06 13.34
N GLN I 13 -20.77 38.74 13.15
CA GLN I 13 -19.47 38.11 13.06
C GLN I 13 -19.25 37.60 11.64
N CYS I 14 -17.99 37.39 11.29
CA CYS I 14 -17.62 36.66 10.09
C CYS I 14 -18.00 35.19 10.26
N ILE I 15 -18.10 34.46 9.15
CA ILE I 15 -18.24 33.03 9.21
C ILE I 15 -16.90 32.47 9.66
N SER I 16 -16.91 31.50 10.56
CA SER I 16 -15.65 30.92 10.99
C SER I 16 -15.09 30.10 9.84
N PRO I 17 -13.76 29.95 9.74
CA PRO I 17 -13.17 28.91 8.89
C PRO I 17 -13.69 27.52 9.25
N ARG I 18 -13.95 27.28 10.54
CA ARG I 18 -14.41 25.97 11.03
C ARG I 18 -15.73 25.68 10.32
N THR I 19 -16.62 26.69 10.28
CA THR I 19 -17.93 26.56 9.66
C THR I 19 -17.84 26.38 8.14
N LEU I 20 -17.00 27.19 7.51
CA LEU I 20 -16.78 27.10 6.08
C LEU I 20 -16.34 25.69 5.73
N ASN I 21 -15.29 25.23 6.43
CA ASN I 21 -14.67 23.96 6.12
C ASN I 21 -15.70 22.85 6.36
N ALA I 22 -16.43 22.98 7.47
CA ALA I 22 -17.45 22.01 7.85
C ALA I 22 -18.42 21.81 6.70
N TRP I 23 -18.85 22.93 6.09
CA TRP I 23 -19.86 22.93 5.05
C TRP I 23 -19.34 22.27 3.79
N VAL I 24 -18.10 22.59 3.45
CA VAL I 24 -17.52 22.09 2.23
C VAL I 24 -17.37 20.58 2.38
N LYS I 25 -16.90 20.13 3.55
CA LYS I 25 -16.69 18.72 3.83
C LYS I 25 -18.00 17.96 3.71
N VAL I 26 -19.03 18.52 4.34
CA VAL I 26 -20.37 17.94 4.31
C VAL I 26 -20.73 17.64 2.86
N VAL I 27 -20.54 18.64 2.00
CA VAL I 27 -20.98 18.56 0.61
C VAL I 27 -20.08 17.58 -0.14
N GLU I 28 -18.77 17.61 0.16
CA GLU I 28 -17.81 16.71 -0.47
C GLU I 28 -18.15 15.28 -0.08
N GLU I 29 -18.26 15.02 1.23
CA GLU I 29 -18.46 13.67 1.74
C GLU I 29 -19.88 13.17 1.43
N LYS I 30 -20.92 13.97 1.69
CA LYS I 30 -22.30 13.47 1.73
C LYS I 30 -23.15 13.89 0.53
N ALA I 31 -22.57 14.61 -0.46
CA ALA I 31 -23.27 15.01 -1.67
C ALA I 31 -24.57 15.71 -1.30
N PHE I 32 -25.72 15.17 -1.76
CA PHE I 32 -27.04 15.65 -1.37
C PHE I 32 -27.87 14.52 -0.78
N SER I 33 -27.20 13.74 0.09
CA SER I 33 -27.88 12.90 1.05
C SER I 33 -28.79 13.78 1.88
N PRO I 34 -29.95 13.29 2.38
CA PRO I 34 -30.89 14.14 3.11
C PRO I 34 -30.27 14.83 4.33
N GLU I 35 -29.33 14.19 5.03
CA GLU I 35 -28.82 14.74 6.27
C GLU I 35 -27.94 15.96 6.01
N VAL I 36 -27.79 16.35 4.73
CA VAL I 36 -27.12 17.58 4.39
C VAL I 36 -27.98 18.78 4.80
N ILE I 37 -29.30 18.68 4.60
CA ILE I 37 -30.22 19.79 4.90
C ILE I 37 -30.04 20.24 6.35
N PRO I 38 -30.25 19.35 7.35
CA PRO I 38 -30.17 19.74 8.75
C PRO I 38 -28.76 20.23 9.09
N MET I 39 -27.78 19.65 8.40
CA MET I 39 -26.40 20.02 8.62
C MET I 39 -26.16 21.42 8.07
N PHE I 40 -26.72 21.73 6.90
CA PHE I 40 -26.66 23.08 6.35
C PHE I 40 -27.36 24.05 7.29
N SER I 41 -28.55 23.67 7.74
CA SER I 41 -29.36 24.52 8.58
C SER I 41 -28.60 24.87 9.87
N ALA I 42 -27.95 23.86 10.46
CA ALA I 42 -27.21 24.03 11.70
C ALA I 42 -26.00 24.92 11.47
N LEU I 43 -25.26 24.63 10.39
CA LEU I 43 -24.05 25.37 10.08
C LEU I 43 -24.37 26.81 9.67
N SER I 44 -25.63 27.07 9.30
CA SER I 44 -26.06 28.41 8.92
C SER I 44 -26.82 29.09 10.06
N CYS I 45 -26.76 28.53 11.27
CA CYS I 45 -27.36 29.19 12.42
C CYS I 45 -26.83 30.62 12.47
N GLY I 46 -27.74 31.59 12.55
CA GLY I 46 -27.37 32.99 12.72
C GLY I 46 -27.15 33.73 11.41
N ALA I 47 -27.14 33.00 10.29
CA ALA I 47 -26.60 33.49 9.02
C ALA I 47 -27.39 34.68 8.48
N THR I 48 -26.67 35.71 8.04
CA THR I 48 -27.20 36.68 7.09
C THR I 48 -27.36 36.04 5.72
N PRO I 49 -28.22 36.58 4.83
CA PRO I 49 -28.26 36.14 3.43
C PRO I 49 -26.90 36.15 2.77
N GLN I 50 -26.06 37.12 3.15
CA GLN I 50 -24.71 37.18 2.62
C GLN I 50 -23.96 35.89 2.97
N ASP I 51 -24.11 35.45 4.23
CA ASP I 51 -23.43 34.26 4.73
C ASP I 51 -23.95 33.03 3.98
N LEU I 52 -25.25 33.02 3.70
CA LEU I 52 -25.88 31.92 2.98
C LEU I 52 -25.33 31.84 1.55
N ASN I 53 -25.14 33.01 0.92
CA ASN I 53 -24.55 33.07 -0.42
C ASN I 53 -23.12 32.56 -0.39
N THR I 54 -22.35 33.08 0.57
CA THR I 54 -20.99 32.61 0.80
C THR I 54 -20.95 31.09 0.84
N MET I 55 -21.81 30.53 1.68
CA MET I 55 -21.85 29.10 1.90
C MET I 55 -22.11 28.37 0.58
N LEU I 56 -23.11 28.84 -0.18
CA LEU I 56 -23.49 28.17 -1.42
C LEU I 56 -22.40 28.35 -2.49
N ASN I 57 -21.76 29.52 -2.47
CA ASN I 57 -20.70 29.80 -3.42
C ASN I 57 -19.51 28.87 -3.18
N THR I 58 -19.25 28.49 -1.92
CA THR I 58 -18.07 27.70 -1.64
C THR I 58 -18.25 26.27 -2.14
N VAL I 59 -19.50 25.87 -2.40
CA VAL I 59 -19.76 24.62 -3.09
C VAL I 59 -19.29 24.75 -4.53
N GLY I 60 -18.19 24.04 -4.83
CA GLY I 60 -17.81 23.70 -6.19
C GLY I 60 -18.33 22.31 -6.59
N GLY I 61 -18.50 22.12 -7.89
CA GLY I 61 -19.17 20.92 -8.34
C GLY I 61 -20.66 21.00 -8.03
N HIS I 62 -21.41 19.96 -8.39
CA HIS I 62 -22.85 19.96 -8.20
C HIS I 62 -23.47 21.23 -8.76
N GLN I 63 -22.94 21.74 -9.88
CA GLN I 63 -23.34 23.05 -10.36
C GLN I 63 -24.73 22.98 -11.00
N ALA I 64 -25.11 21.79 -11.51
CA ALA I 64 -26.47 21.56 -11.94
C ALA I 64 -27.44 21.76 -10.76
N ALA I 65 -27.18 21.03 -9.67
CA ALA I 65 -27.95 21.20 -8.45
C ALA I 65 -28.03 22.66 -8.03
N MET I 66 -26.91 23.39 -8.17
CA MET I 66 -26.83 24.74 -7.65
C MET I 66 -27.60 25.70 -8.54
N GLN I 67 -27.67 25.41 -9.84
CA GLN I 67 -28.50 26.20 -10.74
C GLN I 67 -29.98 25.92 -10.44
N MET I 68 -30.34 24.62 -10.31
CA MET I 68 -31.66 24.21 -9.84
C MET I 68 -32.04 25.00 -8.58
N LEU I 69 -31.06 25.14 -7.68
CA LEU I 69 -31.29 25.82 -6.43
C LEU I 69 -31.67 27.27 -6.69
N LYS I 70 -30.92 27.95 -7.59
CA LYS I 70 -31.18 29.34 -7.93
C LYS I 70 -32.60 29.50 -8.46
N GLU I 71 -33.03 28.54 -9.28
CA GLU I 71 -34.37 28.56 -9.83
C GLU I 71 -35.40 28.50 -8.70
N THR I 72 -35.20 27.57 -7.75
CA THR I 72 -36.12 27.46 -6.64
C THR I 72 -36.14 28.76 -5.83
N ILE I 73 -35.01 29.45 -5.74
CA ILE I 73 -34.98 30.70 -5.01
C ILE I 73 -35.77 31.76 -5.78
N ASN I 74 -35.60 31.85 -7.11
CA ASN I 74 -36.38 32.78 -7.92
C ASN I 74 -37.87 32.60 -7.68
N GLU I 75 -38.36 31.36 -7.75
CA GLU I 75 -39.76 31.04 -7.55
C GLU I 75 -40.23 31.63 -6.22
N GLU I 76 -39.46 31.43 -5.14
CA GLU I 76 -39.91 31.77 -3.79
C GLU I 76 -39.79 33.28 -3.52
N ALA I 77 -38.87 33.94 -4.22
CA ALA I 77 -38.67 35.39 -4.10
C ALA I 77 -39.82 36.12 -4.80
N ALA I 78 -40.18 35.63 -6.00
CA ALA I 78 -41.31 36.12 -6.78
C ALA I 78 -42.62 35.99 -5.99
N GLU I 79 -42.78 34.84 -5.33
CA GLU I 79 -43.94 34.61 -4.47
C GLU I 79 -43.91 35.56 -3.28
N TRP I 80 -42.72 35.83 -2.72
CA TRP I 80 -42.59 36.77 -1.63
C TRP I 80 -43.07 38.15 -2.08
N ASP I 81 -42.70 38.51 -3.32
CA ASP I 81 -43.00 39.81 -3.89
C ASP I 81 -44.49 39.96 -4.15
N ARG I 82 -45.16 38.86 -4.53
CA ARG I 82 -46.61 38.83 -4.62
C ARG I 82 -47.21 39.16 -3.24
N LEU I 83 -46.84 38.39 -2.20
CA LEU I 83 -47.47 38.48 -0.89
C LEU I 83 -47.11 39.78 -0.15
N HIS I 84 -46.00 40.44 -0.48
CA HIS I 84 -45.56 41.62 0.25
C HIS I 84 -44.95 42.65 -0.73
N PRO I 85 -45.75 43.39 -1.53
CA PRO I 85 -45.21 44.18 -2.64
C PRO I 85 -44.25 45.34 -2.28
N MET I 96 -35.40 52.50 7.44
CA MET I 96 -35.19 51.12 6.97
C MET I 96 -36.35 50.74 6.04
N ARG I 97 -36.01 50.26 4.85
CA ARG I 97 -36.99 49.99 3.81
C ARG I 97 -37.52 48.57 3.95
N GLU I 98 -38.68 48.29 3.37
CA GLU I 98 -39.21 46.92 3.30
C GLU I 98 -38.40 46.14 2.26
N PRO I 99 -37.96 44.90 2.56
CA PRO I 99 -37.17 44.10 1.64
C PRO I 99 -38.02 43.40 0.57
N ARG I 100 -37.60 43.53 -0.69
CA ARG I 100 -38.14 42.74 -1.77
C ARG I 100 -37.56 41.32 -1.66
N GLY I 101 -38.11 40.41 -2.47
CA GLY I 101 -37.59 39.05 -2.57
C GLY I 101 -36.09 39.05 -2.80
N SER I 102 -35.61 39.90 -3.72
CA SER I 102 -34.21 39.86 -4.11
C SER I 102 -33.31 40.44 -3.02
N ASP I 103 -33.91 41.18 -2.07
CA ASP I 103 -33.17 41.72 -0.96
C ASP I 103 -32.90 40.61 0.05
N ILE I 104 -33.83 39.64 0.12
CA ILE I 104 -33.76 38.51 1.03
C ILE I 104 -32.70 37.51 0.55
N ALA I 105 -32.55 37.36 -0.77
CA ALA I 105 -31.55 36.47 -1.33
C ALA I 105 -30.17 37.14 -1.29
N GLY I 106 -30.14 38.37 -0.78
CA GLY I 106 -28.89 39.09 -0.60
C GLY I 106 -28.34 39.60 -1.93
N THR I 107 -29.18 39.58 -2.98
CA THR I 107 -28.78 40.03 -4.31
C THR I 107 -28.75 41.57 -4.36
N THR I 108 -29.81 42.21 -3.86
CA THR I 108 -29.99 43.64 -4.02
C THR I 108 -29.79 44.38 -2.68
N SER I 109 -29.66 43.64 -1.56
CA SER I 109 -29.43 44.25 -0.26
C SER I 109 -27.94 44.33 0.04
N THR I 110 -27.54 45.30 0.86
CA THR I 110 -26.20 45.36 1.42
C THR I 110 -26.20 44.60 2.73
N LEU I 111 -25.01 44.29 3.23
CA LEU I 111 -24.89 43.62 4.51
C LEU I 111 -25.61 44.45 5.58
N GLN I 112 -25.44 45.77 5.52
CA GLN I 112 -25.96 46.65 6.56
C GLN I 112 -27.48 46.50 6.60
N GLU I 113 -28.10 46.55 5.41
CA GLU I 113 -29.55 46.38 5.34
C GLU I 113 -29.95 45.06 6.01
N GLN I 114 -29.22 43.99 5.65
CA GLN I 114 -29.51 42.64 6.11
C GLN I 114 -29.47 42.59 7.64
N ILE I 115 -28.45 43.23 8.21
CA ILE I 115 -28.29 43.32 9.65
C ILE I 115 -29.43 44.13 10.25
N GLY I 116 -29.67 45.31 9.66
CA GLY I 116 -30.79 46.16 10.02
C GLY I 116 -32.09 45.37 10.16
N TRP I 117 -32.42 44.58 9.14
CA TRP I 117 -33.69 43.86 9.12
C TRP I 117 -33.73 42.81 10.23
N MET I 118 -32.59 42.16 10.47
CA MET I 118 -32.54 41.02 11.36
C MET I 118 -32.55 41.48 12.82
N THR I 119 -31.85 42.58 13.11
CA THR I 119 -31.63 43.05 14.47
C THR I 119 -32.71 44.06 14.88
N HIS I 120 -33.39 44.67 13.92
CA HIS I 120 -34.54 45.54 14.18
C HIS I 120 -35.56 44.83 15.07
N ASN I 121 -36.35 45.64 15.79
CA ASN I 121 -37.40 45.14 16.66
C ASN I 121 -38.74 45.75 16.21
N PRO I 122 -39.71 44.96 15.68
CA PRO I 122 -39.59 43.51 15.54
C PRO I 122 -38.63 43.13 14.41
N PRO I 123 -38.01 41.93 14.47
CA PRO I 123 -37.09 41.49 13.41
C PRO I 123 -37.81 41.14 12.11
N ILE I 124 -37.19 41.52 10.98
CA ILE I 124 -37.49 40.93 9.68
C ILE I 124 -36.41 39.88 9.41
N PRO I 125 -36.65 38.56 9.67
CA PRO I 125 -35.56 37.58 9.73
C PRO I 125 -35.20 37.07 8.32
N VAL I 126 -34.61 37.99 7.54
CA VAL I 126 -34.29 37.73 6.15
C VAL I 126 -33.37 36.51 6.04
N GLY I 127 -32.46 36.36 7.01
CA GLY I 127 -31.62 35.18 7.08
C GLY I 127 -32.47 33.91 7.12
N GLU I 128 -33.45 33.90 8.04
CA GLU I 128 -34.26 32.71 8.26
C GLU I 128 -35.18 32.46 7.07
N ILE I 129 -35.65 33.54 6.42
CA ILE I 129 -36.54 33.43 5.27
C ILE I 129 -35.78 32.81 4.10
N TYR I 130 -34.65 33.42 3.73
CA TYR I 130 -33.81 32.93 2.65
C TYR I 130 -33.42 31.47 2.91
N LYS I 131 -33.09 31.16 4.17
CA LYS I 131 -32.72 29.80 4.58
C LYS I 131 -33.88 28.86 4.26
N ARG I 132 -35.12 29.29 4.57
CA ARG I 132 -36.32 28.53 4.27
C ARG I 132 -36.33 28.19 2.77
N TRP I 133 -36.03 29.20 1.95
CA TRP I 133 -36.07 29.04 0.50
C TRP I 133 -34.98 28.06 0.06
N ILE I 134 -33.76 28.27 0.58
CA ILE I 134 -32.64 27.41 0.21
C ILE I 134 -33.00 25.97 0.57
N ILE I 135 -33.55 25.78 1.77
CA ILE I 135 -33.91 24.44 2.19
C ILE I 135 -34.99 23.86 1.27
N LEU I 136 -35.94 24.69 0.80
CA LEU I 136 -36.88 24.18 -0.19
C LEU I 136 -36.10 23.59 -1.36
N GLY I 137 -35.18 24.40 -1.91
CA GLY I 137 -34.42 24.02 -3.09
C GLY I 137 -33.56 22.78 -2.83
N LEU I 138 -33.04 22.68 -1.60
CA LEU I 138 -32.18 21.58 -1.22
C LEU I 138 -33.00 20.29 -1.18
N ASN I 139 -34.27 20.38 -0.78
CA ASN I 139 -35.14 19.19 -0.79
C ASN I 139 -35.34 18.70 -2.22
N LYS I 140 -35.57 19.62 -3.17
CA LYS I 140 -35.85 19.24 -4.54
C LYS I 140 -34.62 18.53 -5.11
N ILE I 141 -33.44 19.07 -4.79
CA ILE I 141 -32.16 18.47 -5.16
C ILE I 141 -32.04 17.08 -4.54
N VAL I 142 -32.29 16.94 -3.24
CA VAL I 142 -32.12 15.66 -2.55
C VAL I 142 -32.97 14.59 -3.22
N ARG I 143 -34.21 14.95 -3.60
CA ARG I 143 -35.11 14.05 -4.31
CA ARG I 143 -35.11 14.05 -4.31
C ARG I 143 -34.50 13.73 -5.67
N MET I 144 -34.01 14.77 -6.35
CA MET I 144 -33.35 14.59 -7.64
C MET I 144 -32.22 13.58 -7.49
N TYR I 145 -31.26 13.88 -6.64
CA TYR I 145 -30.10 13.03 -6.42
C TYR I 145 -30.51 11.68 -5.81
N SER I 146 -31.75 11.49 -5.32
CA SER I 146 -32.20 10.19 -4.83
C SER I 146 -32.26 9.18 -5.97
N PRO I 147 -31.53 8.03 -5.86
CA PRO I 147 -31.47 7.05 -6.95
C PRO I 147 -32.78 6.30 -7.19
N THR I 148 -33.49 5.95 -6.12
CA THR I 148 -34.54 4.97 -6.21
C THR I 148 -35.85 5.52 -5.66
N SER I 149 -36.96 5.10 -6.27
CA SER I 149 -38.29 5.33 -5.75
C SER I 149 -38.57 4.37 -4.59
N ILE I 150 -39.39 4.83 -3.64
CA ILE I 150 -39.80 4.03 -2.49
C ILE I 150 -40.52 2.77 -2.95
N LEU I 151 -41.11 2.83 -4.15
CA LEU I 151 -41.85 1.70 -4.72
C LEU I 151 -40.89 0.59 -5.10
N ASP I 152 -39.63 0.93 -5.39
CA ASP I 152 -38.64 -0.03 -5.86
C ASP I 152 -37.78 -0.53 -4.70
N ILE I 153 -38.09 -0.09 -3.47
CA ILE I 153 -37.42 -0.62 -2.29
C ILE I 153 -38.16 -1.86 -1.82
N ARG I 154 -37.74 -3.01 -2.34
CA ARG I 154 -38.23 -4.32 -1.95
C ARG I 154 -37.13 -5.05 -1.19
N GLN I 155 -37.50 -5.73 -0.10
CA GLN I 155 -36.55 -6.49 0.70
C GLN I 155 -36.00 -7.61 -0.18
N GLY I 156 -34.68 -7.63 -0.35
CA GLY I 156 -34.01 -8.71 -1.03
C GLY I 156 -34.30 -10.05 -0.35
N PRO I 157 -34.25 -11.19 -1.08
CA PRO I 157 -34.54 -12.50 -0.49
C PRO I 157 -33.52 -12.92 0.57
N LYS I 158 -32.29 -12.41 0.45
CA LYS I 158 -31.25 -12.64 1.45
C LYS I 158 -30.92 -11.36 2.22
N GLU I 159 -31.85 -10.40 2.26
CA GLU I 159 -31.61 -9.15 2.93
C GLU I 159 -32.19 -9.19 4.34
N PRO I 160 -31.39 -8.95 5.41
CA PRO I 160 -31.90 -8.82 6.76
C PRO I 160 -32.94 -7.71 6.81
N PHE I 161 -34.01 -7.93 7.56
CA PHE I 161 -35.09 -6.97 7.61
C PHE I 161 -34.54 -5.57 7.92
N ARG I 162 -33.66 -5.47 8.92
CA ARG I 162 -33.19 -4.18 9.40
C ARG I 162 -32.60 -3.37 8.25
N ASP I 163 -31.85 -4.05 7.37
CA ASP I 163 -31.19 -3.40 6.25
C ASP I 163 -32.24 -2.84 5.30
N TYR I 164 -33.22 -3.69 4.97
CA TYR I 164 -34.36 -3.33 4.15
C TYR I 164 -35.05 -2.08 4.68
N VAL I 165 -35.37 -2.12 5.97
CA VAL I 165 -36.04 -0.99 6.61
C VAL I 165 -35.15 0.26 6.50
N ASP I 166 -33.85 0.10 6.79
CA ASP I 166 -32.88 1.19 6.68
C ASP I 166 -32.98 1.79 5.28
N ARG I 167 -33.00 0.94 4.25
CA ARG I 167 -33.11 1.40 2.88
C ARG I 167 -34.46 2.07 2.68
N PHE I 168 -35.51 1.41 3.16
CA PHE I 168 -36.87 1.90 3.01
C PHE I 168 -36.93 3.35 3.46
N TYR I 169 -36.56 3.57 4.73
CA TYR I 169 -36.75 4.87 5.36
C TYR I 169 -35.73 5.88 4.82
N LYS I 170 -34.51 5.44 4.50
CA LYS I 170 -33.53 6.32 3.88
C LYS I 170 -34.13 6.85 2.58
N THR I 171 -34.68 5.93 1.79
CA THR I 171 -35.23 6.28 0.49
C THR I 171 -36.41 7.20 0.67
N LEU I 172 -37.24 6.88 1.67
CA LEU I 172 -38.45 7.62 1.93
C LEU I 172 -38.11 9.06 2.34
N ARG I 173 -37.02 9.21 3.11
CA ARG I 173 -36.56 10.50 3.59
C ARG I 173 -36.17 11.38 2.40
N ALA I 174 -35.60 10.78 1.37
CA ALA I 174 -35.19 11.51 0.18
C ALA I 174 -36.37 12.12 -0.59
N GLU I 175 -37.56 11.54 -0.50
CA GLU I 175 -38.68 11.93 -1.37
C GLU I 175 -39.49 13.05 -0.71
N GLN I 176 -40.17 13.84 -1.56
CA GLN I 176 -40.91 15.04 -1.16
C GLN I 176 -42.41 14.82 -1.12
N ALA I 177 -43.02 14.82 0.06
CA ALA I 177 -44.47 14.75 0.21
C ALA I 177 -44.84 15.14 1.64
N SER I 178 -46.10 15.56 1.85
CA SER I 178 -46.59 15.79 3.21
C SER I 178 -46.27 14.54 4.02
N GLN I 179 -45.90 14.69 5.31
CA GLN I 179 -45.65 13.55 6.18
C GLN I 179 -46.95 12.75 6.39
N GLU I 180 -48.10 13.29 5.93
CA GLU I 180 -49.34 12.55 5.77
C GLU I 180 -49.15 11.48 4.69
N VAL I 181 -48.57 11.88 3.55
CA VAL I 181 -48.31 11.03 2.38
C VAL I 181 -47.21 10.02 2.71
N LYS I 182 -46.30 10.39 3.61
CA LYS I 182 -45.16 9.56 3.96
C LYS I 182 -45.58 8.56 5.05
N ASN I 183 -46.55 8.99 5.89
CA ASN I 183 -47.17 8.10 6.87
C ASN I 183 -47.95 7.01 6.15
N ALA I 184 -48.54 7.37 5.00
CA ALA I 184 -49.32 6.43 4.20
C ALA I 184 -48.39 5.40 3.56
N ALA I 185 -47.26 5.89 3.03
CA ALA I 185 -46.30 5.00 2.39
C ALA I 185 -45.74 4.00 3.41
N THR I 186 -45.39 4.44 4.63
CA THR I 186 -44.99 3.53 5.69
C THR I 186 -46.05 2.45 5.89
N GLU I 187 -47.27 2.90 6.23
CA GLU I 187 -48.28 2.09 6.89
C GLU I 187 -48.99 1.16 5.90
N THR I 188 -48.34 0.76 4.80
CA THR I 188 -48.84 -0.16 3.80
C THR I 188 -47.66 -0.97 3.20
N LEU I 189 -46.67 -0.18 2.77
CA LEU I 189 -45.76 -0.49 1.71
C LEU I 189 -44.53 -1.16 2.31
N LEU I 190 -44.20 -0.83 3.57
CA LEU I 190 -43.07 -1.46 4.24
C LEU I 190 -43.32 -2.96 4.33
N VAL I 191 -44.56 -3.33 4.71
CA VAL I 191 -44.91 -4.73 4.87
C VAL I 191 -45.10 -5.35 3.50
N GLN I 192 -45.79 -4.61 2.62
CA GLN I 192 -46.05 -5.12 1.28
C GLN I 192 -44.73 -5.58 0.66
N ASN I 193 -43.72 -4.69 0.69
CA ASN I 193 -42.47 -4.89 -0.03
C ASN I 193 -41.53 -5.84 0.71
N ALA I 194 -41.83 -6.14 1.99
CA ALA I 194 -41.07 -7.16 2.72
C ALA I 194 -41.07 -8.44 1.88
N ASN I 195 -40.05 -9.28 2.08
CA ASN I 195 -39.97 -10.54 1.34
C ASN I 195 -40.97 -11.50 2.00
N PRO I 196 -41.41 -12.55 1.27
CA PRO I 196 -42.37 -13.52 1.80
C PRO I 196 -42.17 -13.98 3.26
N ASP I 197 -40.96 -14.45 3.59
CA ASP I 197 -40.67 -15.02 4.90
C ASP I 197 -41.09 -14.03 5.99
N CYS I 198 -40.70 -12.76 5.81
CA CYS I 198 -41.00 -11.70 6.75
C CYS I 198 -42.47 -11.29 6.70
N LYS I 199 -43.02 -11.20 5.49
CA LYS I 199 -44.37 -10.69 5.31
C LYS I 199 -45.34 -11.60 6.08
N THR I 200 -45.13 -12.92 5.98
CA THR I 200 -45.88 -13.88 6.77
C THR I 200 -45.86 -13.46 8.24
N ILE I 201 -44.63 -13.34 8.77
CA ILE I 201 -44.39 -13.10 10.18
C ILE I 201 -45.04 -11.77 10.59
N LEU I 202 -44.90 -10.75 9.74
CA LEU I 202 -45.39 -9.41 10.05
C LEU I 202 -46.91 -9.37 9.97
N LYS I 203 -47.48 -10.03 8.96
CA LYS I 203 -48.93 -10.09 8.80
C LYS I 203 -49.57 -10.77 10.01
N ALA I 204 -48.85 -11.71 10.64
CA ALA I 204 -49.31 -12.40 11.84
C ALA I 204 -49.62 -11.44 13.00
N LEU I 205 -49.01 -10.23 13.02
CA LEU I 205 -49.23 -9.26 14.09
C LEU I 205 -50.26 -8.22 13.64
N GLY I 206 -50.85 -7.47 14.57
CA GLY I 206 -51.65 -6.29 14.24
C GLY I 206 -50.77 -5.12 13.83
N ALA I 209 -48.71 -3.00 15.24
CA ALA I 209 -47.39 -3.39 15.79
C ALA I 209 -46.40 -2.23 15.69
N THR I 210 -45.55 -2.08 16.70
CA THR I 210 -44.43 -1.14 16.60
C THR I 210 -43.41 -1.69 15.60
N LEU I 211 -42.56 -0.78 15.13
CA LEU I 211 -41.44 -1.14 14.27
C LEU I 211 -40.46 -2.01 15.04
N GLU I 212 -40.22 -1.65 16.32
CA GLU I 212 -39.41 -2.45 17.22
C GLU I 212 -39.86 -3.90 17.17
N GLU I 213 -41.19 -4.10 17.28
CA GLU I 213 -41.78 -5.43 17.31
C GLU I 213 -41.57 -6.13 15.97
N MET I 214 -41.83 -5.41 14.87
CA MET I 214 -41.68 -5.97 13.54
C MET I 214 -40.23 -6.40 13.28
N MET I 215 -39.27 -5.64 13.82
CA MET I 215 -37.86 -5.89 13.58
C MET I 215 -37.36 -7.04 14.45
N THR I 216 -37.89 -7.15 15.67
CA THR I 216 -37.61 -8.32 16.51
C THR I 216 -38.15 -9.56 15.80
N ALA I 217 -39.43 -9.51 15.41
CA ALA I 217 -40.12 -10.63 14.79
C ALA I 217 -39.37 -11.17 13.58
N CYS I 218 -38.59 -10.31 12.91
CA CYS I 218 -38.00 -10.65 11.61
C CYS I 218 -36.47 -10.74 11.72
N GLN I 219 -35.97 -11.20 12.87
CA GLN I 219 -34.56 -11.08 13.22
C GLN I 219 -33.98 -12.47 13.43
N PRO J 1 2.26 36.67 22.55
CA PRO J 1 2.17 37.94 21.84
C PRO J 1 1.59 39.02 22.75
N ILE J 2 1.48 40.25 22.21
CA ILE J 2 0.72 41.31 22.84
C ILE J 2 -0.53 41.55 22.00
N VAL J 3 -1.71 41.51 22.63
CA VAL J 3 -2.99 41.62 21.94
C VAL J 3 -4.02 42.24 22.91
N GLN J 4 -5.22 42.52 22.39
CA GLN J 4 -6.16 43.40 23.05
C GLN J 4 -7.34 42.64 23.68
N ASN J 5 -7.53 42.79 25.00
CA ASN J 5 -8.59 42.11 25.72
C ASN J 5 -9.96 42.70 25.32
N GLN J 9 -7.78 46.89 27.22
CA GLN J 9 -6.35 46.87 27.61
C GLN J 9 -5.55 46.08 26.57
N MET J 10 -4.24 46.38 26.47
CA MET J 10 -3.26 45.58 25.72
C MET J 10 -2.54 44.66 26.69
N VAL J 11 -2.56 43.35 26.41
CA VAL J 11 -2.08 42.36 27.38
C VAL J 11 -1.21 41.33 26.67
N HIS J 12 -0.28 40.75 27.44
CA HIS J 12 0.56 39.66 26.98
C HIS J 12 -0.22 38.35 27.05
N GLN J 13 -0.26 37.62 25.93
CA GLN J 13 -0.71 36.24 25.91
C GLN J 13 0.46 35.32 25.61
N CYS J 14 0.30 34.05 25.99
CA CYS J 14 1.17 32.98 25.53
C CYS J 14 0.98 32.77 24.03
N ILE J 15 1.98 32.15 23.39
CA ILE J 15 1.81 31.71 22.03
C ILE J 15 0.87 30.53 22.07
N SER J 16 -0.09 30.46 21.13
CA SER J 16 -1.00 29.33 21.14
C SER J 16 -0.21 28.11 20.68
N PRO J 17 -0.60 26.89 21.11
CA PRO J 17 -0.15 25.67 20.47
C PRO J 17 -0.44 25.65 18.96
N ARG J 18 -1.58 26.24 18.56
CA ARG J 18 -2.01 26.27 17.17
C ARG J 18 -0.91 27.00 16.39
N THR J 19 -0.45 28.13 16.93
CA THR J 19 0.57 28.95 16.29
C THR J 19 1.93 28.25 16.24
N LEU J 20 2.31 27.65 17.37
CA LEU J 20 3.56 26.90 17.46
C LEU J 20 3.56 25.82 16.39
N ASN J 21 2.50 25.02 16.37
CA ASN J 21 2.41 23.86 15.50
C ASN J 21 2.44 24.37 14.05
N ALA J 22 1.69 25.44 13.80
CA ALA J 22 1.59 26.02 12.48
C ALA J 22 2.99 26.34 11.95
N TRP J 23 3.83 26.91 12.82
CA TRP J 23 5.15 27.38 12.45
C TRP J 23 6.07 26.20 12.14
N VAL J 24 5.97 25.17 12.97
CA VAL J 24 6.83 24.02 12.83
C VAL J 24 6.48 23.34 11.51
N LYS J 25 5.18 23.21 11.24
CA LYS J 25 4.67 22.55 10.04
C LYS J 25 5.17 23.30 8.81
N VAL J 26 5.03 24.62 8.85
CA VAL J 26 5.48 25.47 7.76
C VAL J 26 6.91 25.11 7.42
N VAL J 27 7.76 25.05 8.45
CA VAL J 27 9.18 24.86 8.27
C VAL J 27 9.45 23.42 7.81
N GLU J 28 8.69 22.46 8.37
CA GLU J 28 8.82 21.07 8.00
C GLU J 28 8.44 20.91 6.53
N GLU J 29 7.24 21.38 6.17
CA GLU J 29 6.70 21.17 4.84
C GLU J 29 7.44 22.03 3.81
N LYS J 30 7.66 23.33 4.08
CA LYS J 30 8.06 24.29 3.05
C LYS J 30 9.53 24.73 3.15
N ALA J 31 10.32 24.18 4.09
CA ALA J 31 11.75 24.47 4.23
C ALA J 31 11.93 25.99 4.31
N PHE J 32 12.71 26.55 3.36
CA PHE J 32 12.85 27.99 3.21
C PHE J 32 12.47 28.44 1.81
N SER J 33 11.35 27.89 1.33
CA SER J 33 10.59 28.45 0.24
C SER J 33 10.23 29.88 0.62
N PRO J 34 10.12 30.82 -0.35
CA PRO J 34 9.87 32.23 -0.01
C PRO J 34 8.62 32.46 0.83
N GLU J 35 7.56 31.66 0.62
CA GLU J 35 6.28 31.93 1.27
C GLU J 35 6.36 31.60 2.76
N VAL J 36 7.53 31.15 3.22
CA VAL J 36 7.75 30.96 4.65
C VAL J 36 7.82 32.32 5.35
N ILE J 37 8.46 33.31 4.71
CA ILE J 37 8.64 34.63 5.31
C ILE J 37 7.28 35.22 5.71
N PRO J 38 6.34 35.40 4.76
CA PRO J 38 5.05 36.01 5.07
C PRO J 38 4.28 35.17 6.10
N MET J 39 4.51 33.86 6.02
CA MET J 39 3.84 32.94 6.92
C MET J 39 4.42 33.11 8.34
N PHE J 40 5.75 33.27 8.43
CA PHE J 40 6.38 33.57 9.70
C PHE J 40 5.86 34.90 10.24
N SER J 41 5.84 35.91 9.36
CA SER J 41 5.44 37.24 9.75
C SER J 41 4.01 37.24 10.31
N ALA J 42 3.12 36.50 9.64
CA ALA J 42 1.73 36.41 10.03
C ALA J 42 1.60 35.69 11.38
N LEU J 43 2.30 34.56 11.48
CA LEU J 43 2.24 33.74 12.68
C LEU J 43 2.90 34.44 13.86
N SER J 44 3.73 35.46 13.59
CA SER J 44 4.38 36.24 14.63
C SER J 44 3.68 37.58 14.85
N CYS J 45 2.47 37.74 14.30
CA CYS J 45 1.68 38.92 14.58
C CYS J 45 1.63 39.10 16.10
N GLY J 46 1.98 40.30 16.56
CA GLY J 46 1.85 40.63 17.98
C GLY J 46 3.07 40.27 18.82
N ALA J 47 4.03 39.57 18.22
CA ALA J 47 5.07 38.85 18.96
C ALA J 47 5.98 39.81 19.73
N THR J 48 6.26 39.46 20.98
CA THR J 48 7.41 39.95 21.71
C THR J 48 8.67 39.30 21.12
N PRO J 49 9.87 39.91 21.30
CA PRO J 49 11.13 39.25 20.95
C PRO J 49 11.26 37.86 21.58
N GLN J 50 10.72 37.71 22.79
CA GLN J 50 10.73 36.40 23.43
C GLN J 50 9.98 35.39 22.56
N ASP J 51 8.82 35.80 22.03
CA ASP J 51 7.98 34.93 21.22
C ASP J 51 8.72 34.58 19.92
N LEU J 52 9.45 35.56 19.38
CA LEU J 52 10.22 35.35 18.16
C LEU J 52 11.34 34.34 18.39
N ASN J 53 12.00 34.42 19.58
CA ASN J 53 13.03 33.48 19.95
C ASN J 53 12.43 32.07 20.08
N THR J 54 11.32 31.99 20.82
CA THR J 54 10.58 30.76 20.97
C THR J 54 10.35 30.11 19.61
N MET J 55 9.82 30.91 18.69
CA MET J 55 9.48 30.42 17.37
C MET J 55 10.71 29.87 16.66
N LEU J 56 11.82 30.61 16.70
CA LEU J 56 13.03 30.18 16.01
C LEU J 56 13.66 28.97 16.70
N ASN J 57 13.55 28.92 18.02
CA ASN J 57 14.08 27.81 18.77
C ASN J 57 13.34 26.52 18.42
N THR J 58 12.03 26.60 18.12
CA THR J 58 11.27 25.40 17.89
C THR J 58 11.63 24.78 16.54
N VAL J 59 12.26 25.56 15.67
CA VAL J 59 12.85 25.00 14.46
C VAL J 59 14.04 24.13 14.85
N GLY J 60 13.84 22.82 14.68
CA GLY J 60 14.93 21.86 14.61
C GLY J 60 15.33 21.56 13.16
N GLY J 61 16.58 21.14 12.97
CA GLY J 61 17.10 21.04 11.63
C GLY J 61 17.38 22.43 11.08
N HIS J 62 17.87 22.50 9.85
CA HIS J 62 18.21 23.77 9.23
C HIS J 62 19.08 24.61 10.16
N GLN J 63 19.99 23.95 10.89
CA GLN J 63 20.71 24.65 11.95
C GLN J 63 21.81 25.53 11.34
N ALA J 64 22.27 25.19 10.14
CA ALA J 64 23.15 26.08 9.37
C ALA J 64 22.41 27.38 9.08
N ALA J 65 21.22 27.28 8.48
CA ALA J 65 20.37 28.44 8.23
C ALA J 65 20.18 29.26 9.50
N MET J 66 19.99 28.58 10.62
CA MET J 66 19.63 29.26 11.86
C MET J 66 20.84 29.97 12.47
N GLN J 67 22.03 29.42 12.24
CA GLN J 67 23.25 30.11 12.65
C GLN J 67 23.46 31.33 11.76
N MET J 68 23.33 31.15 10.43
CA MET J 68 23.32 32.25 9.47
C MET J 68 22.38 33.35 9.95
N LEU J 69 21.21 32.94 10.43
CA LEU J 69 20.21 33.89 10.89
C LEU J 69 20.75 34.69 12.07
N LYS J 70 21.39 34.01 13.05
CA LYS J 70 21.95 34.67 14.21
C LYS J 70 22.98 35.72 13.78
N GLU J 71 23.79 35.37 12.78
CA GLU J 71 24.77 36.30 12.26
C GLU J 71 24.07 37.55 11.71
N THR J 72 23.03 37.35 10.91
CA THR J 72 22.30 38.48 10.36
C THR J 72 21.71 39.34 11.49
N ILE J 73 21.31 38.72 12.59
CA ILE J 73 20.76 39.48 13.70
C ILE J 73 21.88 40.29 14.36
N ASN J 74 23.06 39.68 14.57
CA ASN J 74 24.20 40.40 15.13
C ASN J 74 24.49 41.66 14.33
N GLU J 75 24.59 41.53 13.00
CA GLU J 75 24.87 42.64 12.10
C GLU J 75 23.87 43.78 12.38
N GLU J 76 22.58 43.46 12.46
CA GLU J 76 21.53 44.48 12.50
C GLU J 76 21.42 45.09 13.90
N ALA J 77 21.80 44.34 14.94
CA ALA J 77 21.78 44.82 16.31
C ALA J 77 22.92 45.82 16.54
N ALA J 78 24.11 45.46 16.01
CA ALA J 78 25.30 46.31 16.02
C ALA J 78 25.02 47.63 15.32
N GLU J 79 24.34 47.55 14.16
CA GLU J 79 23.94 48.73 13.42
C GLU J 79 22.92 49.55 14.21
N TRP J 80 22.02 48.88 14.92
CA TRP J 80 21.06 49.57 15.77
C TRP J 80 21.80 50.36 16.84
N ASP J 81 22.86 49.75 17.39
CA ASP J 81 23.64 50.32 18.47
C ASP J 81 24.45 51.52 17.98
N ARG J 82 24.91 51.48 16.72
CA ARG J 82 25.51 52.63 16.08
C ARG J 82 24.50 53.78 16.04
N LEU J 83 23.31 53.54 15.47
CA LEU J 83 22.33 54.60 15.21
C LEU J 83 21.66 55.11 16.50
N HIS J 84 21.66 54.33 17.59
CA HIS J 84 20.97 54.73 18.82
C HIS J 84 21.79 54.28 20.04
N PRO J 85 22.90 54.95 20.40
CA PRO J 85 23.86 54.41 21.39
C PRO J 85 23.37 54.18 22.81
N MET J 96 10.92 53.01 31.66
CA MET J 96 11.61 52.21 30.62
C MET J 96 12.93 52.93 30.32
N ARG J 97 14.02 52.17 30.29
CA ARG J 97 15.29 52.56 29.68
C ARG J 97 15.23 52.38 28.16
N GLU J 98 16.15 53.02 27.42
CA GLU J 98 16.27 52.79 26.00
C GLU J 98 16.88 51.42 25.74
N PRO J 99 16.30 50.62 24.80
CA PRO J 99 16.83 49.29 24.48
C PRO J 99 18.03 49.33 23.54
N ARG J 100 19.07 48.57 23.93
CA ARG J 100 20.19 48.31 23.04
C ARG J 100 19.75 47.26 22.01
N GLY J 101 20.60 47.04 21.01
CA GLY J 101 20.37 46.01 20.00
C GLY J 101 20.03 44.67 20.65
N SER J 102 20.80 44.28 21.67
CA SER J 102 20.66 42.95 22.26
C SER J 102 19.39 42.86 23.09
N ASP J 103 18.81 44.01 23.45
CA ASP J 103 17.56 44.03 24.20
C ASP J 103 16.41 43.72 23.24
N ILE J 104 16.58 44.12 21.97
CA ILE J 104 15.59 43.92 20.93
C ILE J 104 15.54 42.45 20.50
N ALA J 105 16.70 41.77 20.49
CA ALA J 105 16.77 40.36 20.15
C ALA J 105 16.30 39.51 21.33
N GLY J 106 15.94 40.18 22.43
CA GLY J 106 15.41 39.50 23.59
C GLY J 106 16.50 38.76 24.37
N THR J 107 17.78 39.07 24.06
CA THR J 107 18.92 38.44 24.71
C THR J 107 19.11 39.02 26.11
N THR J 108 19.10 40.35 26.22
CA THR J 108 19.46 41.04 27.46
C THR J 108 18.24 41.67 28.13
N SER J 109 17.07 41.67 27.45
CA SER J 109 15.84 42.20 28.02
C SER J 109 15.06 41.09 28.71
N THR J 110 14.25 41.47 29.70
CA THR J 110 13.27 40.58 30.29
C THR J 110 11.96 40.75 29.52
N LEU J 111 11.05 39.81 29.72
CA LEU J 111 9.74 39.91 29.09
C LEU J 111 9.10 41.25 29.49
N GLN J 112 9.24 41.63 30.76
CA GLN J 112 8.56 42.81 31.29
C GLN J 112 9.05 44.03 30.51
N GLU J 113 10.38 44.14 30.34
CA GLU J 113 10.94 45.24 29.59
C GLU J 113 10.32 45.26 28.19
N GLN J 114 10.27 44.10 27.55
CA GLN J 114 9.80 43.95 26.18
C GLN J 114 8.36 44.46 26.08
N ILE J 115 7.53 44.08 27.06
CA ILE J 115 6.14 44.53 27.13
C ILE J 115 6.10 46.03 27.35
N GLY J 116 6.87 46.49 28.35
CA GLY J 116 7.01 47.91 28.62
C GLY J 116 7.26 48.71 27.36
N TRP J 117 8.24 48.30 26.55
CA TRP J 117 8.62 49.05 25.36
C TRP J 117 7.48 49.06 24.35
N MET J 118 6.79 47.94 24.23
CA MET J 118 5.82 47.76 23.17
C MET J 118 4.51 48.48 23.50
N THR J 119 4.12 48.44 24.79
CA THR J 119 2.84 48.95 25.23
C THR J 119 2.93 50.42 25.67
N HIS J 120 4.15 50.90 25.98
CA HIS J 120 4.41 52.30 26.27
C HIS J 120 3.87 53.19 25.15
N ASN J 121 3.56 54.45 25.52
CA ASN J 121 3.08 55.45 24.58
C ASN J 121 4.05 56.64 24.59
N PRO J 122 4.81 56.93 23.51
CA PRO J 122 4.72 56.19 22.25
C PRO J 122 5.37 54.81 22.36
N PRO J 123 4.95 53.82 21.54
CA PRO J 123 5.55 52.48 21.57
C PRO J 123 6.96 52.45 21.01
N ILE J 124 7.85 51.68 21.66
CA ILE J 124 9.09 51.21 21.06
C ILE J 124 8.86 49.79 20.60
N PRO J 125 8.55 49.54 19.30
CA PRO J 125 8.04 48.23 18.85
C PRO J 125 9.18 47.23 18.63
N VAL J 126 9.77 46.82 19.75
CA VAL J 126 10.92 45.93 19.73
C VAL J 126 10.57 44.63 19.01
N GLY J 127 9.33 44.17 19.21
CA GLY J 127 8.84 43.02 18.49
C GLY J 127 8.97 43.22 16.98
N GLU J 128 8.48 44.36 16.50
CA GLU J 128 8.43 44.64 15.08
C GLU J 128 9.85 44.86 14.53
N ILE J 129 10.73 45.45 15.35
CA ILE J 129 12.10 45.73 14.93
C ILE J 129 12.83 44.40 14.75
N TYR J 130 12.85 43.58 15.81
CA TYR J 130 13.49 42.26 15.77
C TYR J 130 12.94 41.44 14.59
N LYS J 131 11.62 41.50 14.40
CA LYS J 131 10.96 40.80 13.31
C LYS J 131 11.56 41.24 11.98
N ARG J 132 11.77 42.56 11.83
CA ARG J 132 12.38 43.14 10.64
C ARG J 132 13.73 42.45 10.41
N TRP J 133 14.52 42.31 11.49
CA TRP J 133 15.85 41.73 11.41
C TRP J 133 15.74 40.26 11.01
N ILE J 134 14.87 39.53 11.69
CA ILE J 134 14.71 38.11 11.41
C ILE J 134 14.34 37.94 9.95
N ILE J 135 13.40 38.75 9.47
CA ILE J 135 12.98 38.66 8.09
C ILE J 135 14.15 38.98 7.16
N LEU J 136 15.02 39.94 7.52
CA LEU J 136 16.22 40.15 6.71
C LEU J 136 16.95 38.82 6.58
N GLY J 137 17.22 38.19 7.73
CA GLY J 137 18.00 36.95 7.76
C GLY J 137 17.32 35.82 7.00
N LEU J 138 15.98 35.81 7.07
CA LEU J 138 15.20 34.78 6.41
C LEU J 138 15.30 34.94 4.90
N ASN J 139 15.40 36.19 4.42
CA ASN J 139 15.56 36.41 2.99
C ASN J 139 16.92 35.86 2.52
N LYS J 140 17.97 36.09 3.31
CA LYS J 140 19.31 35.67 2.93
C LYS J 140 19.34 34.14 2.82
N ILE J 141 18.68 33.49 3.79
CA ILE J 141 18.50 32.04 3.80
C ILE J 141 17.73 31.60 2.56
N VAL J 142 16.60 32.22 2.26
CA VAL J 142 15.76 31.80 1.15
C VAL J 142 16.56 31.84 -0.15
N ARG J 143 17.38 32.89 -0.32
CA ARG J 143 18.24 33.03 -1.48
CA ARG J 143 18.24 33.03 -1.48
C ARG J 143 19.28 31.90 -1.45
N MET J 144 19.86 31.66 -0.27
CA MET J 144 20.82 30.57 -0.09
C MET J 144 20.17 29.26 -0.54
N TYR J 145 19.07 28.88 0.10
CA TYR J 145 18.38 27.64 -0.20
C TYR J 145 17.82 27.65 -1.64
N SER J 146 17.77 28.80 -2.34
CA SER J 146 17.32 28.82 -3.74
C SER J 146 18.28 28.04 -4.63
N PRO J 147 17.82 27.01 -5.37
CA PRO J 147 18.70 26.20 -6.21
C PRO J 147 19.27 26.93 -7.43
N THR J 148 18.45 27.76 -8.08
CA THR J 148 18.77 28.23 -9.41
C THR J 148 18.75 29.75 -9.46
N SER J 149 19.66 30.30 -10.28
CA SER J 149 19.63 31.70 -10.63
C SER J 149 18.54 31.97 -11.68
N ILE J 150 17.98 33.18 -11.63
CA ILE J 150 16.95 33.62 -12.56
C ILE J 150 17.49 33.56 -14.00
N LEU J 151 18.81 33.67 -14.14
CA LEU J 151 19.47 33.63 -15.45
C LEU J 151 19.37 32.25 -16.07
N ASP J 152 19.25 31.23 -15.21
CA ASP J 152 19.25 29.84 -15.66
C ASP J 152 17.81 29.33 -15.81
N ILE J 153 16.81 30.20 -15.59
CA ILE J 153 15.43 29.84 -15.84
C ILE J 153 15.11 30.19 -17.29
N ARG J 154 15.31 29.19 -18.16
CA ARG J 154 14.97 29.24 -19.57
C ARG J 154 13.80 28.30 -19.81
N GLN J 155 12.84 28.75 -20.63
CA GLN J 155 11.68 27.93 -20.97
C GLN J 155 12.17 26.70 -21.71
N GLY J 156 11.86 25.52 -21.18
CA GLY J 156 12.14 24.27 -21.86
C GLY J 156 11.47 24.23 -23.22
N PRO J 157 12.01 23.45 -24.19
CA PRO J 157 11.44 23.41 -25.55
C PRO J 157 10.04 22.79 -25.59
N LYS J 158 9.73 21.91 -24.62
CA LYS J 158 8.41 21.32 -24.48
C LYS J 158 7.73 21.83 -23.22
N GLU J 159 8.13 23.01 -22.72
CA GLU J 159 7.56 23.54 -21.49
C GLU J 159 6.45 24.53 -21.83
N PRO J 160 5.20 24.32 -21.33
CA PRO J 160 4.14 25.31 -21.49
C PRO J 160 4.59 26.63 -20.90
N PHE J 161 4.24 27.72 -21.56
CA PHE J 161 4.68 29.04 -21.12
C PHE J 161 4.36 29.23 -19.64
N ARG J 162 3.13 28.90 -19.23
CA ARG J 162 2.67 29.19 -17.88
C ARG J 162 3.61 28.57 -16.86
N ASP J 163 4.09 27.35 -17.14
CA ASP J 163 4.97 26.63 -16.23
C ASP J 163 6.29 27.39 -16.09
N TYR J 164 6.84 27.76 -17.26
CA TYR J 164 8.04 28.58 -17.36
C TYR J 164 7.93 29.82 -16.50
N VAL J 165 6.85 30.56 -16.73
CA VAL J 165 6.61 31.79 -15.98
C VAL J 165 6.54 31.48 -14.49
N ASP J 166 5.79 30.42 -14.12
CA ASP J 166 5.68 29.97 -12.74
C ASP J 166 7.09 29.80 -12.16
N ARG J 167 7.96 29.11 -12.90
CA ARG J 167 9.33 28.88 -12.46
C ARG J 167 10.07 30.21 -12.39
N PHE J 168 9.91 31.01 -13.46
CA PHE J 168 10.57 32.29 -13.55
C PHE J 168 10.34 33.08 -12.26
N TYR J 169 9.06 33.31 -11.96
CA TYR J 169 8.70 34.23 -10.89
C TYR J 169 8.95 33.57 -9.52
N LYS J 170 8.77 32.24 -9.42
CA LYS J 170 9.11 31.55 -8.18
C LYS J 170 10.60 31.80 -7.90
N THR J 171 11.42 31.61 -8.94
CA THR J 171 12.86 31.74 -8.79
C THR J 171 13.21 33.18 -8.45
N LEU J 172 12.53 34.10 -9.12
CA LEU J 172 12.79 35.52 -8.95
C LEU J 172 12.45 35.95 -7.52
N ARG J 173 11.38 35.37 -6.97
CA ARG J 173 10.93 35.65 -5.61
C ARG J 173 12.01 35.25 -4.60
N ALA J 174 12.72 34.17 -4.89
CA ALA J 174 13.78 33.67 -4.02
C ALA J 174 14.96 34.64 -3.92
N GLU J 175 15.21 35.47 -4.94
CA GLU J 175 16.44 36.25 -5.01
C GLU J 175 16.23 37.61 -4.35
N GLN J 176 17.35 38.21 -3.90
CA GLN J 176 17.36 39.44 -3.10
C GLN J 176 17.80 40.66 -3.91
N ALA J 177 16.89 41.59 -4.18
CA ALA J 177 17.27 42.87 -4.80
C ALA J 177 16.11 43.85 -4.64
N SER J 178 16.38 45.16 -4.77
CA SER J 178 15.30 46.14 -4.82
C SER J 178 14.29 45.67 -5.86
N GLN J 179 12.99 45.87 -5.62
CA GLN J 179 11.95 45.51 -6.59
C GLN J 179 12.10 46.38 -7.85
N GLU J 180 12.97 47.41 -7.81
CA GLU J 180 13.45 48.11 -9.00
C GLU J 180 14.29 47.14 -9.85
N VAL J 181 15.21 46.41 -9.20
CA VAL J 181 16.11 45.43 -9.82
C VAL J 181 15.33 44.20 -10.31
N LYS J 182 14.21 43.91 -9.63
CA LYS J 182 13.40 42.74 -9.94
C LYS J 182 12.42 43.10 -11.06
N ASN J 183 12.01 44.38 -11.11
CA ASN J 183 11.21 44.91 -12.20
C ASN J 183 12.04 44.89 -13.48
N ALA J 184 13.35 45.11 -13.36
CA ALA J 184 14.26 45.10 -14.50
C ALA J 184 14.44 43.68 -15.02
N ALA J 185 14.58 42.72 -14.10
CA ALA J 185 14.73 41.32 -14.47
C ALA J 185 13.49 40.82 -15.21
N THR J 186 12.28 41.14 -14.71
CA THR J 186 11.04 40.83 -15.42
C THR J 186 11.12 41.37 -16.85
N GLU J 187 11.27 42.72 -16.95
CA GLU J 187 10.92 43.48 -18.13
C GLU J 187 11.97 43.35 -19.23
N THR J 188 12.72 42.23 -19.27
CA THR J 188 13.72 41.93 -20.29
C THR J 188 13.78 40.41 -20.51
N LEU J 189 13.92 39.73 -19.38
CA LEU J 189 14.57 38.45 -19.24
C LEU J 189 13.51 37.37 -19.39
N LEU J 190 12.26 37.67 -19.00
CA LEU J 190 11.19 36.71 -19.16
C LEU J 190 11.03 36.36 -20.63
N VAL J 191 11.05 37.40 -21.47
CA VAL J 191 10.86 37.20 -22.90
C VAL J 191 12.14 36.64 -23.49
N GLN J 192 13.29 37.20 -23.07
CA GLN J 192 14.56 36.73 -23.58
C GLN J 192 14.64 35.22 -23.44
N ASN J 193 14.36 34.71 -22.22
CA ASN J 193 14.58 33.31 -21.87
C ASN J 193 13.46 32.42 -22.39
N ALA J 194 12.34 33.01 -22.84
CA ALA J 194 11.30 32.23 -23.50
C ALA J 194 11.94 31.43 -24.63
N ASN J 195 11.32 30.30 -24.99
CA ASN J 195 11.85 29.49 -26.07
C ASN J 195 11.48 30.18 -27.38
N PRO J 196 12.21 29.88 -28.48
CA PRO J 196 11.96 30.49 -29.78
C PRO J 196 10.49 30.67 -30.19
N ASP J 197 9.72 29.58 -30.17
CA ASP J 197 8.34 29.57 -30.63
C ASP J 197 7.56 30.70 -29.96
N CYS J 198 7.72 30.80 -28.63
CA CYS J 198 7.05 31.81 -27.82
C CYS J 198 7.64 33.20 -28.04
N LYS J 199 8.97 33.27 -28.12
CA LYS J 199 9.65 34.56 -28.20
C LYS J 199 9.19 35.29 -29.45
N THR J 200 9.07 34.56 -30.57
CA THR J 200 8.48 35.10 -31.79
C THR J 200 7.15 35.77 -31.47
N ILE J 201 6.25 34.96 -30.88
CA ILE J 201 4.87 35.35 -30.64
C ILE J 201 4.85 36.58 -29.72
N LEU J 202 5.69 36.56 -28.69
CA LEU J 202 5.71 37.60 -27.67
C LEU J 202 6.31 38.89 -28.23
N LYS J 203 7.40 38.75 -29.03
CA LYS J 203 8.03 39.90 -29.64
C LYS J 203 7.07 40.60 -30.60
N ALA J 204 6.14 39.84 -31.20
CA ALA J 204 5.11 40.39 -32.08
C ALA J 204 4.24 41.46 -31.40
N LEU J 205 4.12 41.42 -30.05
CA LEU J 205 3.30 42.39 -29.31
C LEU J 205 4.18 43.50 -28.76
N GLY J 206 3.61 44.65 -28.40
CA GLY J 206 4.32 45.66 -27.61
C GLY J 206 4.47 45.23 -26.16
N ALA J 209 2.55 44.85 -23.55
CA ALA J 209 1.55 43.75 -23.39
C ALA J 209 1.44 43.34 -21.92
N THR J 210 0.22 43.01 -21.48
CA THR J 210 0.04 42.41 -20.17
C THR J 210 0.58 40.98 -20.20
N LEU J 211 0.84 40.46 -19.00
CA LEU J 211 1.24 39.07 -18.82
C LEU J 211 0.10 38.16 -19.23
N GLU J 212 -1.13 38.54 -18.86
CA GLU J 212 -2.33 37.84 -19.29
C GLU J 212 -2.30 37.62 -20.81
N GLU J 213 -1.99 38.71 -21.54
CA GLU J 213 -1.94 38.69 -22.99
C GLU J 213 -0.82 37.76 -23.47
N MET J 214 0.37 37.88 -22.88
CA MET J 214 1.50 37.06 -23.24
C MET J 214 1.23 35.58 -23.02
N MET J 215 0.46 35.26 -21.98
CA MET J 215 0.19 33.88 -21.60
C MET J 215 -0.90 33.29 -22.49
N THR J 216 -1.89 34.12 -22.87
CA THR J 216 -2.87 33.71 -23.85
C THR J 216 -2.16 33.42 -25.18
N ALA J 217 -1.35 34.38 -25.63
CA ALA J 217 -0.64 34.32 -26.91
C ALA J 217 0.19 33.04 -27.02
N CYS J 218 0.63 32.48 -25.90
CA CYS J 218 1.60 31.40 -25.90
C CYS J 218 0.98 30.10 -25.37
N GLN J 219 -0.32 29.90 -25.64
CA GLN J 219 -1.14 28.88 -24.99
C GLN J 219 -1.64 27.91 -26.07
N PRO K 1 -2.82 26.59 33.73
CA PRO K 1 -1.87 27.70 33.82
C PRO K 1 -2.48 28.85 34.61
N ILE K 2 -1.69 29.93 34.78
CA ILE K 2 -2.19 31.20 35.27
C ILE K 2 -2.15 32.18 34.10
N VAL K 3 -3.29 32.84 33.85
CA VAL K 3 -3.41 33.81 32.77
C VAL K 3 -4.42 34.89 33.17
N GLN K 4 -4.58 35.92 32.33
CA GLN K 4 -5.23 37.16 32.71
C GLN K 4 -6.63 37.30 32.10
N ASN K 5 -7.65 37.45 32.96
CA ASN K 5 -9.04 37.58 32.51
C ASN K 5 -9.24 38.93 31.80
N GLN K 9 -7.52 40.76 36.30
CA GLN K 9 -7.08 39.84 37.37
C GLN K 9 -6.38 38.61 36.76
N MET K 10 -5.50 37.99 37.55
CA MET K 10 -4.74 36.80 37.16
C MET K 10 -5.43 35.56 37.74
N VAL K 11 -5.78 34.60 36.88
CA VAL K 11 -6.65 33.51 37.28
C VAL K 11 -6.10 32.18 36.73
N HIS K 12 -6.41 31.11 37.47
CA HIS K 12 -6.01 29.76 37.10
C HIS K 12 -6.96 29.20 36.04
N GLN K 13 -6.40 28.71 34.94
CA GLN K 13 -7.11 27.89 33.98
C GLN K 13 -6.59 26.46 34.02
N CYS K 14 -7.42 25.54 33.56
CA CYS K 14 -7.00 24.17 33.28
C CYS K 14 -6.04 24.16 32.09
N ILE K 15 -5.25 23.10 31.98
CA ILE K 15 -4.46 22.92 30.78
C ILE K 15 -5.42 22.52 29.69
N SER K 16 -5.26 23.08 28.49
CA SER K 16 -6.15 22.72 27.40
C SER K 16 -5.80 21.31 26.98
N PRO K 17 -6.77 20.54 26.44
CA PRO K 17 -6.45 19.34 25.67
C PRO K 17 -5.48 19.60 24.52
N ARG K 18 -5.61 20.79 23.90
CA ARG K 18 -4.77 21.17 22.75
C ARG K 18 -3.32 21.13 23.22
N THR K 19 -3.07 21.72 24.41
CA THR K 19 -1.73 21.80 24.99
C THR K 19 -1.20 20.43 25.39
N LEU K 20 -2.05 19.64 26.05
CA LEU K 20 -1.70 18.29 26.45
C LEU K 20 -1.26 17.50 25.23
N ASN K 21 -2.13 17.51 24.20
CA ASN K 21 -1.92 16.70 23.02
C ASN K 21 -0.64 17.18 22.33
N ALA K 22 -0.49 18.50 22.28
CA ALA K 22 0.66 19.10 21.63
C ALA K 22 1.95 18.55 22.24
N TRP K 23 1.96 18.45 23.58
CA TRP K 23 3.15 18.06 24.32
C TRP K 23 3.46 16.59 24.07
N VAL K 24 2.42 15.78 24.07
CA VAL K 24 2.59 14.35 23.91
C VAL K 24 3.16 14.11 22.51
N LYS K 25 2.59 14.80 21.51
CA LYS K 25 3.00 14.64 20.12
C LYS K 25 4.46 15.03 19.96
N VAL K 26 4.82 16.17 20.55
CA VAL K 26 6.19 16.66 20.52
C VAL K 26 7.12 15.54 20.95
N VAL K 27 6.78 14.90 22.08
CA VAL K 27 7.65 13.91 22.69
C VAL K 27 7.64 12.64 21.84
N GLU K 28 6.46 12.29 21.31
CA GLU K 28 6.32 11.12 20.44
C GLU K 28 7.14 11.34 19.18
N GLU K 29 6.93 12.45 18.49
CA GLU K 29 7.56 12.71 17.21
C GLU K 29 9.05 13.02 17.39
N LYS K 30 9.43 13.89 18.33
CA LYS K 30 10.76 14.49 18.36
C LYS K 30 11.66 13.96 19.49
N ALA K 31 11.19 12.98 20.28
CA ALA K 31 11.97 12.35 21.34
C ALA K 31 12.55 13.43 22.24
N PHE K 32 13.89 13.47 22.36
CA PHE K 32 14.58 14.54 23.07
C PHE K 32 15.61 15.20 22.16
N SER K 33 15.18 15.46 20.92
CA SER K 33 15.83 16.42 20.07
C SER K 33 15.85 17.76 20.81
N PRO K 34 16.85 18.64 20.59
CA PRO K 34 16.95 19.89 21.35
C PRO K 34 15.71 20.78 21.24
N GLU K 35 15.02 20.78 20.10
CA GLU K 35 13.92 21.73 19.90
C GLU K 35 12.71 21.32 20.75
N VAL K 36 12.84 20.25 21.52
CA VAL K 36 11.81 19.87 22.48
C VAL K 36 11.81 20.87 23.64
N ILE K 37 12.98 21.32 24.08
CA ILE K 37 13.10 22.23 25.22
C ILE K 37 12.24 23.48 24.98
N PRO K 38 12.51 24.25 23.89
CA PRO K 38 11.77 25.49 23.66
C PRO K 38 10.30 25.21 23.47
N MET K 39 10.01 24.04 22.90
CA MET K 39 8.64 23.65 22.66
C MET K 39 7.95 23.34 23.99
N PHE K 40 8.65 22.66 24.91
CA PHE K 40 8.15 22.43 26.24
C PHE K 40 7.93 23.77 26.94
N SER K 41 8.93 24.63 26.86
CA SER K 41 8.89 25.92 27.53
C SER K 41 7.68 26.73 27.05
N ALA K 42 7.43 26.73 25.74
CA ALA K 42 6.33 27.46 25.14
C ALA K 42 5.00 26.86 25.59
N LEU K 43 4.91 25.54 25.51
CA LEU K 43 3.69 24.83 25.85
C LEU K 43 3.38 24.93 27.34
N SER K 44 4.40 25.27 28.15
CA SER K 44 4.23 25.42 29.59
C SER K 44 4.15 26.90 29.98
N CYS K 45 3.95 27.79 28.99
CA CYS K 45 3.72 29.19 29.29
C CYS K 45 2.60 29.28 30.32
N GLY K 46 2.86 29.99 31.41
CA GLY K 46 1.84 30.26 32.42
C GLY K 46 1.75 29.18 33.51
N ALA K 47 2.47 28.07 33.32
CA ALA K 47 2.23 26.83 34.06
C ALA K 47 2.50 26.99 35.54
N THR K 48 1.57 26.47 36.37
CA THR K 48 1.85 26.12 37.75
C THR K 48 2.75 24.90 37.79
N PRO K 49 3.49 24.65 38.89
CA PRO K 49 4.20 23.38 39.08
C PRO K 49 3.30 22.16 38.89
N GLN K 50 2.03 22.29 39.29
CA GLN K 50 1.07 21.23 39.08
C GLN K 50 0.96 20.91 37.59
N ASP K 51 0.87 21.97 36.77
CA ASP K 51 0.70 21.82 35.34
C ASP K 51 1.96 21.17 34.75
N LEU K 52 3.13 21.56 35.29
CA LEU K 52 4.40 21.01 34.84
C LEU K 52 4.48 19.51 35.16
N ASN K 53 3.97 19.10 36.34
CA ASN K 53 3.92 17.71 36.73
C ASN K 53 2.98 16.94 35.78
N THR K 54 1.79 17.50 35.59
CA THR K 54 0.83 16.95 34.64
C THR K 54 1.51 16.66 33.31
N MET K 55 2.19 17.67 32.80
CA MET K 55 2.84 17.57 31.51
C MET K 55 3.86 16.42 31.50
N LEU K 56 4.70 16.34 32.52
CA LEU K 56 5.73 15.32 32.59
C LEU K 56 5.13 13.94 32.79
N ASN K 57 4.04 13.89 33.57
CA ASN K 57 3.38 12.63 33.83
C ASN K 57 2.77 12.07 32.54
N THR K 58 2.32 12.95 31.63
CA THR K 58 1.64 12.47 30.43
C THR K 58 2.65 11.82 29.47
N VAL K 59 3.93 12.12 29.66
CA VAL K 59 4.97 11.40 28.95
C VAL K 59 5.01 9.97 29.46
N GLY K 60 4.57 9.05 28.60
CA GLY K 60 4.88 7.64 28.71
C GLY K 60 6.09 7.26 27.85
N GLY K 61 6.77 6.18 28.22
CA GLY K 61 8.04 5.88 27.59
C GLY K 61 9.10 6.87 28.06
N HIS K 62 10.32 6.69 27.57
CA HIS K 62 11.44 7.53 27.97
C HIS K 62 11.52 7.62 29.50
N GLN K 63 11.22 6.52 30.18
CA GLN K 63 11.07 6.57 31.63
C GLN K 63 12.45 6.65 32.30
N ALA K 64 13.50 6.17 31.61
CA ALA K 64 14.87 6.39 32.07
C ALA K 64 15.14 7.89 32.11
N ALA K 65 14.92 8.57 30.97
CA ALA K 65 15.05 10.01 30.89
C ALA K 65 14.27 10.70 32.01
N MET K 66 13.06 10.20 32.30
CA MET K 66 12.16 10.89 33.21
C MET K 66 12.62 10.68 34.65
N GLN K 67 13.25 9.54 34.93
CA GLN K 67 13.84 9.33 36.24
C GLN K 67 15.08 10.23 36.39
N MET K 68 15.95 10.23 35.37
CA MET K 68 17.06 11.18 35.28
C MET K 68 16.58 12.59 35.58
N LEU K 69 15.42 12.94 35.01
CA LEU K 69 14.87 14.27 35.19
C LEU K 69 14.56 14.52 36.67
N LYS K 70 13.93 13.53 37.34
CA LYS K 70 13.58 13.64 38.75
C LYS K 70 14.85 13.88 39.58
N GLU K 71 15.92 13.17 39.23
CA GLU K 71 17.18 13.36 39.92
C GLU K 71 17.67 14.80 39.77
N THR K 72 17.64 15.32 38.55
CA THR K 72 18.07 16.69 38.31
C THR K 72 17.21 17.65 39.12
N ILE K 73 15.92 17.35 39.29
CA ILE K 73 15.06 18.21 40.07
C ILE K 73 15.46 18.14 41.55
N ASN K 74 15.72 16.93 42.08
CA ASN K 74 16.18 16.79 43.45
C ASN K 74 17.41 17.65 43.72
N GLU K 75 18.41 17.57 42.84
CA GLU K 75 19.65 18.33 42.95
C GLU K 75 19.31 19.82 43.12
N GLU K 76 18.41 20.35 42.26
CA GLU K 76 18.16 21.79 42.19
C GLU K 76 17.27 22.26 43.34
N ALA K 77 16.43 21.36 43.87
CA ALA K 77 15.54 21.66 44.99
C ALA K 77 16.36 21.75 46.27
N ALA K 78 17.29 20.79 46.44
CA ALA K 78 18.23 20.76 47.55
C ALA K 78 19.08 22.03 47.58
N GLU K 79 19.56 22.44 46.39
CA GLU K 79 20.31 23.67 46.26
C GLU K 79 19.44 24.88 46.60
N TRP K 80 18.16 24.84 46.20
CA TRP K 80 17.24 25.91 46.55
C TRP K 80 17.12 26.03 48.06
N ASP K 81 17.06 24.86 48.73
CA ASP K 81 16.88 24.78 50.17
C ASP K 81 18.12 25.28 50.91
N ARG K 82 19.31 25.04 50.33
CA ARG K 82 20.53 25.65 50.83
C ARG K 82 20.41 27.17 50.79
N LEU K 83 20.11 27.74 49.61
CA LEU K 83 20.14 29.18 49.39
C LEU K 83 18.99 29.92 50.09
N HIS K 84 17.88 29.23 50.41
CA HIS K 84 16.72 29.89 51.00
C HIS K 84 16.09 28.99 52.06
N PRO K 85 16.66 28.86 53.29
CA PRO K 85 16.06 28.03 54.33
C PRO K 85 14.74 28.60 54.86
N VAL K 86 13.93 27.76 55.48
CA VAL K 86 12.57 28.12 55.84
C VAL K 86 12.45 28.40 57.34
N HIS K 87 11.48 29.26 57.74
CA HIS K 87 11.20 29.51 59.15
C HIS K 87 10.93 28.17 59.82
N GLN K 95 -1.45 33.16 56.51
CA GLN K 95 -0.12 33.71 56.12
C GLN K 95 0.12 33.22 54.68
N MET K 96 1.05 33.82 53.94
CA MET K 96 1.64 33.05 52.84
C MET K 96 3.05 32.63 53.24
N ARG K 97 3.35 31.33 53.22
CA ARG K 97 4.63 30.84 53.72
C ARG K 97 5.68 30.84 52.61
N GLU K 98 6.97 30.84 52.97
CA GLU K 98 8.04 30.70 52.00
C GLU K 98 8.08 29.25 51.52
N PRO K 99 8.21 29.03 50.19
CA PRO K 99 8.26 27.69 49.62
C PRO K 99 9.62 27.03 49.74
N ARG K 100 9.63 25.78 50.21
CA ARG K 100 10.81 24.93 50.14
C ARG K 100 10.98 24.45 48.70
N GLY K 101 12.13 23.82 48.43
CA GLY K 101 12.39 23.21 47.14
C GLY K 101 11.24 22.30 46.70
N SER K 102 10.74 21.47 47.63
CA SER K 102 9.75 20.47 47.27
C SER K 102 8.38 21.11 47.02
N ASP K 103 8.20 22.35 47.49
CA ASP K 103 6.98 23.08 47.25
C ASP K 103 6.96 23.59 45.82
N ILE K 104 8.16 23.88 45.29
CA ILE K 104 8.33 24.39 43.94
C ILE K 104 8.10 23.27 42.91
N ALA K 105 8.49 22.04 43.25
CA ALA K 105 8.28 20.89 42.36
C ALA K 105 6.83 20.44 42.45
N GLY K 106 6.04 21.11 43.29
CA GLY K 106 4.63 20.83 43.40
C GLY K 106 4.36 19.54 44.18
N THR K 107 5.41 19.03 44.87
CA THR K 107 5.30 17.80 45.65
C THR K 107 4.56 18.07 46.96
N THR K 108 4.95 19.13 47.67
CA THR K 108 4.46 19.38 49.02
C THR K 108 3.52 20.59 49.06
N SER K 109 3.40 21.33 47.96
CA SER K 109 2.48 22.47 47.87
C SER K 109 1.13 22.02 47.31
N THR K 110 0.07 22.74 47.67
CA THR K 110 -1.22 22.60 47.04
C THR K 110 -1.28 23.57 45.87
N LEU K 111 -2.27 23.38 45.00
CA LEU K 111 -2.47 24.28 43.88
C LEU K 111 -2.63 25.70 44.42
N GLN K 112 -3.38 25.86 45.52
CA GLN K 112 -3.72 27.18 46.04
C GLN K 112 -2.42 27.89 46.41
N GLU K 113 -1.55 27.18 47.13
CA GLU K 113 -0.26 27.75 47.51
C GLU K 113 0.47 28.23 46.26
N GLN K 114 0.51 27.36 45.23
CA GLN K 114 1.24 27.61 44.00
C GLN K 114 0.72 28.90 43.35
N ILE K 115 -0.61 29.04 43.32
CA ILE K 115 -1.25 30.22 42.77
C ILE K 115 -0.90 31.45 43.62
N GLY K 116 -1.07 31.30 44.94
CA GLY K 116 -0.68 32.33 45.89
C GLY K 116 0.71 32.89 45.59
N TRP K 117 1.69 31.99 45.44
CA TRP K 117 3.07 32.41 45.26
C TRP K 117 3.25 33.16 43.95
N MET K 118 2.55 32.69 42.92
CA MET K 118 2.77 33.18 41.57
C MET K 118 2.08 34.52 41.36
N THR K 119 0.88 34.67 41.94
CA THR K 119 0.05 35.84 41.71
C THR K 119 0.31 36.93 42.76
N HIS K 120 0.90 36.56 43.91
CA HIS K 120 1.36 37.53 44.90
C HIS K 120 2.23 38.61 44.27
N ASN K 121 2.24 39.79 44.89
CA ASN K 121 3.06 40.91 44.47
C ASN K 121 4.00 41.31 45.61
N PRO K 122 5.34 41.14 45.51
CA PRO K 122 6.00 40.62 44.31
C PRO K 122 5.76 39.12 44.13
N PRO K 123 5.81 38.60 42.88
CA PRO K 123 5.60 37.16 42.63
C PRO K 123 6.76 36.33 43.13
N ILE K 124 6.45 35.15 43.72
CA ILE K 124 7.40 34.07 43.86
C ILE K 124 7.11 33.09 42.72
N PRO K 125 7.86 33.14 41.58
CA PRO K 125 7.40 32.49 40.35
C PRO K 125 7.78 31.01 40.34
N VAL K 126 7.13 30.25 41.22
CA VAL K 126 7.44 28.85 41.43
C VAL K 126 7.31 28.09 40.12
N GLY K 127 6.33 28.46 39.31
CA GLY K 127 6.17 27.89 37.99
C GLY K 127 7.46 28.07 37.19
N GLU K 128 7.96 29.31 37.15
CA GLU K 128 9.11 29.63 36.32
C GLU K 128 10.37 28.99 36.90
N ILE K 129 10.45 28.88 38.23
CA ILE K 129 11.61 28.29 38.88
C ILE K 129 11.67 26.80 38.55
N TYR K 130 10.59 26.07 38.85
CA TYR K 130 10.50 24.65 38.55
C TYR K 130 10.80 24.40 37.07
N LYS K 131 10.24 25.27 36.19
CA LYS K 131 10.45 25.17 34.76
C LYS K 131 11.95 25.24 34.46
N ARG K 132 12.65 26.17 35.13
CA ARG K 132 14.09 26.33 35.00
C ARG K 132 14.75 24.99 35.31
N TRP K 133 14.32 24.34 36.39
CA TRP K 133 14.90 23.08 36.83
C TRP K 133 14.62 22.00 35.79
N ILE K 134 13.36 21.91 35.35
CA ILE K 134 12.98 20.89 34.38
C ILE K 134 13.83 21.08 33.13
N ILE K 135 13.97 22.32 32.68
CA ILE K 135 14.76 22.59 31.49
C ILE K 135 16.23 22.19 31.73
N LEU K 136 16.76 22.41 32.94
CA LEU K 136 18.10 21.90 33.22
C LEU K 136 18.13 20.40 32.92
N GLY K 137 17.18 19.67 33.50
CA GLY K 137 17.14 18.22 33.39
C GLY K 137 16.95 17.78 31.95
N LEU K 138 16.16 18.56 31.19
CA LEU K 138 15.88 18.26 29.81
C LEU K 138 17.14 18.43 28.99
N ASN K 139 18.00 19.39 29.33
CA ASN K 139 19.27 19.55 28.62
C ASN K 139 20.15 18.33 28.85
N LYS K 140 20.20 17.81 30.08
CA LYS K 140 21.07 16.68 30.40
C LYS K 140 20.61 15.47 29.59
N ILE K 141 19.28 15.29 29.52
CA ILE K 141 18.67 14.26 28.70
C ILE K 141 19.04 14.45 27.23
N VAL K 142 18.87 15.65 26.69
CA VAL K 142 19.12 15.91 25.28
C VAL K 142 20.56 15.53 24.93
N ARG K 143 21.51 15.86 25.82
CA ARG K 143 22.91 15.52 25.64
CA ARG K 143 22.91 15.52 25.64
C ARG K 143 23.04 14.00 25.69
N MET K 144 22.36 13.38 26.68
CA MET K 144 22.35 11.93 26.80
C MET K 144 21.89 11.31 25.49
N TYR K 145 20.67 11.64 25.06
CA TYR K 145 20.08 11.10 23.85
C TYR K 145 20.88 11.55 22.60
N SER K 146 21.79 12.52 22.69
CA SER K 146 22.62 12.90 21.55
C SER K 146 23.57 11.77 21.17
N PRO K 147 23.54 11.27 19.91
CA PRO K 147 24.39 10.15 19.49
C PRO K 147 25.88 10.46 19.45
N THR K 148 26.25 11.66 18.99
CA THR K 148 27.62 11.92 18.60
C THR K 148 28.18 13.15 19.32
N SER K 149 29.47 13.11 19.62
CA SER K 149 30.21 14.27 20.09
C SER K 149 30.53 15.20 18.91
N ILE K 150 30.61 16.50 19.22
CA ILE K 150 30.93 17.53 18.23
C ILE K 150 32.31 17.25 17.62
N LEU K 151 33.16 16.55 18.37
CA LEU K 151 34.50 16.21 17.91
C LEU K 151 34.45 15.21 16.77
N ASP K 152 33.38 14.40 16.72
CA ASP K 152 33.26 13.34 15.74
C ASP K 152 32.43 13.80 14.54
N ILE K 153 32.01 15.07 14.53
CA ILE K 153 31.33 15.64 13.37
C ILE K 153 32.39 16.19 12.42
N ARG K 154 32.80 15.31 11.49
CA ARG K 154 33.70 15.64 10.41
C ARG K 154 32.92 15.60 9.10
N GLN K 155 33.17 16.59 8.22
CA GLN K 155 32.51 16.64 6.92
C GLN K 155 32.94 15.42 6.13
N GLY K 156 31.96 14.62 5.71
CA GLY K 156 32.20 13.50 4.82
C GLY K 156 32.87 13.96 3.53
N PRO K 157 33.65 13.10 2.84
CA PRO K 157 34.33 13.50 1.62
C PRO K 157 33.39 13.83 0.46
N LYS K 158 32.18 13.22 0.47
CA LYS K 158 31.15 13.54 -0.49
C LYS K 158 29.97 14.25 0.17
N GLU K 159 30.21 14.93 1.30
CA GLU K 159 29.15 15.61 2.01
C GLU K 159 29.14 17.09 1.62
N PRO K 160 28.01 17.63 1.11
CA PRO K 160 27.88 19.07 0.86
C PRO K 160 28.14 19.82 2.15
N PHE K 161 28.84 20.95 2.04
CA PHE K 161 29.19 21.71 3.23
C PHE K 161 27.95 21.95 4.10
N ARG K 162 26.85 22.40 3.46
CA ARG K 162 25.66 22.82 4.20
C ARG K 162 25.19 21.70 5.13
N ASP K 163 25.25 20.45 4.62
CA ASP K 163 24.79 19.30 5.38
C ASP K 163 25.67 19.11 6.61
N TYR K 164 26.99 19.16 6.38
CA TYR K 164 28.00 19.10 7.41
C TYR K 164 27.73 20.12 8.50
N VAL K 165 27.55 21.37 8.10
CA VAL K 165 27.28 22.45 9.02
C VAL K 165 26.00 22.16 9.80
N ASP K 166 24.95 21.72 9.09
CA ASP K 166 23.68 21.35 9.69
C ASP K 166 23.95 20.32 10.80
N ARG K 167 24.75 19.31 10.49
CA ARG K 167 25.09 18.28 11.48
C ARG K 167 25.90 18.90 12.60
N PHE K 168 26.89 19.70 12.21
CA PHE K 168 27.77 20.34 13.17
C PHE K 168 26.94 21.03 14.25
N TYR K 169 26.09 21.96 13.81
CA TYR K 169 25.38 22.84 14.73
C TYR K 169 24.25 22.08 15.42
N LYS K 170 23.61 21.11 14.74
CA LYS K 170 22.62 20.27 15.40
C LYS K 170 23.29 19.57 16.57
N THR K 171 24.46 18.99 16.30
CA THR K 171 25.18 18.23 17.30
C THR K 171 25.61 19.16 18.44
N LEU K 172 26.07 20.34 18.05
CA LEU K 172 26.58 21.31 19.00
C LEU K 172 25.45 21.76 19.93
N ARG K 173 24.25 21.90 19.37
CA ARG K 173 23.07 22.33 20.12
C ARG K 173 22.74 21.31 21.20
N ALA K 174 22.95 20.02 20.91
CA ALA K 174 22.68 18.96 21.84
C ALA K 174 23.57 19.02 23.09
N GLU K 175 24.78 19.60 22.99
CA GLU K 175 25.75 19.52 24.08
C GLU K 175 25.58 20.71 25.02
N GLN K 176 26.01 20.51 26.27
CA GLN K 176 25.84 21.48 27.36
C GLN K 176 27.15 22.19 27.72
N ALA K 177 27.25 23.49 27.42
CA ALA K 177 28.35 24.32 27.92
C ALA K 177 27.94 25.79 27.83
N SER K 178 28.66 26.68 28.53
CA SER K 178 28.45 28.11 28.35
C SER K 178 28.54 28.40 26.85
N GLN K 179 27.71 29.33 26.32
CA GLN K 179 27.78 29.71 24.91
C GLN K 179 29.13 30.38 24.62
N GLU K 180 29.93 30.68 25.67
CA GLU K 180 31.35 31.01 25.53
C GLU K 180 32.11 29.79 25.00
N VAL K 181 31.85 28.62 25.61
CA VAL K 181 32.48 27.34 25.27
C VAL K 181 32.00 26.85 23.90
N LYS K 182 30.76 27.23 23.52
CA LYS K 182 30.16 26.79 22.29
C LYS K 182 30.60 27.72 21.15
N ASN K 183 30.87 28.99 21.49
CA ASN K 183 31.45 29.95 20.58
C ASN K 183 32.88 29.52 20.22
N ALA K 184 33.57 28.92 21.21
CA ALA K 184 34.93 28.44 21.00
C ALA K 184 34.95 27.23 20.08
N ALA K 185 33.98 26.32 20.28
CA ALA K 185 33.89 25.12 19.46
C ALA K 185 33.60 25.50 18.01
N THR K 186 32.66 26.45 17.77
CA THR K 186 32.42 26.97 16.43
C THR K 186 33.73 27.46 15.82
N GLU K 187 34.35 28.45 16.49
CA GLU K 187 35.33 29.34 15.89
C GLU K 187 36.70 28.69 15.73
N THR K 188 36.76 27.36 15.61
CA THR K 188 37.97 26.58 15.40
C THR K 188 37.66 25.34 14.54
N LEU K 189 36.64 24.64 15.03
CA LEU K 189 36.45 23.22 14.87
C LEU K 189 35.60 23.00 13.62
N LEU K 190 34.73 23.95 13.29
CA LEU K 190 33.92 23.83 12.09
C LEU K 190 34.83 23.75 10.88
N VAL K 191 35.86 24.61 10.85
CA VAL K 191 36.77 24.66 9.72
C VAL K 191 37.73 23.48 9.82
N GLN K 192 38.23 23.22 11.04
CA GLN K 192 39.15 22.12 11.24
C GLN K 192 38.56 20.85 10.64
N ASN K 193 37.30 20.53 11.00
CA ASN K 193 36.67 19.26 10.68
C ASN K 193 36.13 19.25 9.25
N ALA K 194 36.07 20.42 8.59
CA ALA K 194 35.74 20.46 7.17
C ALA K 194 36.67 19.51 6.42
N ASN K 195 36.21 19.00 5.27
CA ASN K 195 37.04 18.11 4.48
C ASN K 195 38.08 18.96 3.77
N PRO K 196 39.22 18.36 3.34
CA PRO K 196 40.28 19.09 2.65
C PRO K 196 39.85 20.13 1.62
N ASP K 197 39.03 19.71 0.65
CA ASP K 197 38.63 20.56 -0.46
C ASP K 197 38.07 21.88 0.05
N CYS K 198 37.18 21.78 1.05
CA CYS K 198 36.56 22.94 1.67
C CYS K 198 37.54 23.71 2.55
N LYS K 199 38.35 22.99 3.33
CA LYS K 199 39.22 23.61 4.30
C LYS K 199 40.19 24.56 3.58
N THR K 200 40.71 24.11 2.43
CA THR K 200 41.51 24.96 1.55
C THR K 200 40.77 26.27 1.29
N ILE K 201 39.55 26.13 0.75
CA ILE K 201 38.74 27.24 0.30
C ILE K 201 38.46 28.18 1.47
N LEU K 202 38.13 27.60 2.63
CA LEU K 202 37.74 28.36 3.80
C LEU K 202 38.94 29.07 4.42
N LYS K 203 40.09 28.38 4.47
CA LYS K 203 41.32 28.94 5.01
C LYS K 203 41.74 30.15 4.16
N ALA K 204 41.42 30.13 2.85
CA ALA K 204 41.72 31.24 1.95
C ALA K 204 41.08 32.57 2.40
N LEU K 205 39.99 32.52 3.19
CA LEU K 205 39.30 33.73 3.64
C LEU K 205 39.76 34.07 5.06
N GLY K 206 39.53 35.31 5.51
CA GLY K 206 39.68 35.66 6.92
C GLY K 206 38.52 35.13 7.76
N ALA K 209 35.34 35.66 8.29
CA ALA K 209 34.28 35.41 7.29
C ALA K 209 32.97 35.02 7.97
N THR K 210 31.84 35.47 7.41
CA THR K 210 30.54 34.99 7.85
C THR K 210 30.36 33.54 7.42
N LEU K 211 29.41 32.87 8.07
CA LEU K 211 29.00 31.52 7.72
C LEU K 211 28.38 31.54 6.33
N GLU K 212 27.56 32.55 6.05
CA GLU K 212 26.99 32.76 4.72
C GLU K 212 28.09 32.67 3.67
N GLU K 213 29.19 33.40 3.92
CA GLU K 213 30.33 33.48 3.01
C GLU K 213 30.99 32.11 2.87
N MET K 214 31.22 31.45 4.01
CA MET K 214 31.85 30.13 4.02
C MET K 214 31.01 29.10 3.26
N MET K 215 29.68 29.24 3.32
CA MET K 215 28.77 28.27 2.71
C MET K 215 28.65 28.54 1.21
N THR K 216 28.69 29.81 0.82
CA THR K 216 28.77 30.15 -0.60
C THR K 216 30.07 29.58 -1.17
N ALA K 217 31.19 29.90 -0.50
CA ALA K 217 32.52 29.52 -0.96
C ALA K 217 32.62 28.00 -1.18
N CYS K 218 31.82 27.21 -0.48
CA CYS K 218 31.98 25.76 -0.46
C CYS K 218 30.80 25.06 -1.13
N GLN K 219 30.21 25.69 -2.16
CA GLN K 219 28.92 25.31 -2.71
C GLN K 219 29.12 24.90 -4.18
N PRO L 1 -17.61 21.17 33.58
CA PRO L 1 -16.75 21.49 34.73
C PRO L 1 -17.24 22.74 35.44
N ILE L 2 -16.56 23.11 36.51
CA ILE L 2 -16.73 24.40 37.16
C ILE L 2 -15.48 25.22 36.90
N VAL L 3 -15.66 26.43 36.35
CA VAL L 3 -14.56 27.31 35.97
C VAL L 3 -15.02 28.76 36.10
N GLN L 4 -14.08 29.70 35.89
CA GLN L 4 -14.25 31.08 36.34
C GLN L 4 -14.51 32.04 35.17
N ASN L 5 -15.65 32.74 35.20
CA ASN L 5 -16.04 33.64 34.12
C ASN L 5 -15.13 34.88 34.10
N GLN L 9 -16.90 35.26 38.97
CA GLN L 9 -17.79 34.19 39.52
C GLN L 9 -17.35 32.81 39.00
N MET L 10 -17.66 31.77 39.78
CA MET L 10 -17.43 30.37 39.43
C MET L 10 -18.71 29.78 38.87
N VAL L 11 -18.63 29.21 37.65
CA VAL L 11 -19.82 28.83 36.91
C VAL L 11 -19.61 27.45 36.28
N HIS L 12 -20.74 26.73 36.11
CA HIS L 12 -20.73 25.43 35.47
C HIS L 12 -20.69 25.61 33.96
N GLN L 13 -19.74 24.93 33.31
CA GLN L 13 -19.74 24.75 31.86
C GLN L 13 -19.99 23.29 31.52
N CYS L 14 -20.45 23.08 30.29
CA CYS L 14 -20.48 21.76 29.70
C CYS L 14 -19.06 21.24 29.48
N ILE L 15 -18.93 19.92 29.35
CA ILE L 15 -17.66 19.36 28.92
C ILE L 15 -17.51 19.70 27.45
N SER L 16 -16.32 20.12 27.03
CA SER L 16 -16.13 20.42 25.62
C SER L 16 -16.14 19.11 24.86
N PRO L 17 -16.55 19.13 23.57
CA PRO L 17 -16.27 18.02 22.66
C PRO L 17 -14.77 17.70 22.60
N ARG L 18 -13.92 18.75 22.68
CA ARG L 18 -12.48 18.60 22.58
C ARG L 18 -12.05 17.67 23.71
N THR L 19 -12.58 17.93 24.92
CA THR L 19 -12.24 17.15 26.11
C THR L 19 -12.76 15.72 26.02
N LEU L 20 -14.02 15.58 25.59
CA LEU L 20 -14.62 14.27 25.42
C LEU L 20 -13.77 13.43 24.48
N ASN L 21 -13.47 14.02 23.31
CA ASN L 21 -12.78 13.30 22.26
C ASN L 21 -11.38 12.94 22.79
N ALA L 22 -10.76 13.91 23.46
CA ALA L 22 -9.42 13.73 23.99
C ALA L 22 -9.38 12.49 24.88
N TRP L 23 -10.41 12.33 25.71
CA TRP L 23 -10.47 11.28 26.71
C TRP L 23 -10.65 9.93 26.04
N VAL L 24 -11.52 9.90 25.04
CA VAL L 24 -11.83 8.66 24.36
C VAL L 24 -10.56 8.19 23.65
N LYS L 25 -9.88 9.14 22.98
CA LYS L 25 -8.67 8.84 22.22
C LYS L 25 -7.61 8.27 23.16
N VAL L 26 -7.43 8.93 24.29
CA VAL L 26 -6.47 8.51 25.29
C VAL L 26 -6.69 7.02 25.58
N VAL L 27 -7.96 6.67 25.83
CA VAL L 27 -8.29 5.33 26.27
C VAL L 27 -8.14 4.36 25.10
N GLU L 28 -8.53 4.82 23.90
CA GLU L 28 -8.39 4.01 22.69
C GLU L 28 -6.92 3.74 22.44
N GLU L 29 -6.11 4.80 22.37
CA GLU L 29 -4.71 4.69 22.01
C GLU L 29 -3.89 4.03 23.13
N LYS L 30 -4.06 4.46 24.40
CA LYS L 30 -3.12 4.12 25.46
C LYS L 30 -3.66 3.10 26.48
N ALA L 31 -4.88 2.57 26.27
CA ALA L 31 -5.47 1.55 27.13
C ALA L 31 -5.41 2.02 28.58
N PHE L 32 -4.73 1.25 29.45
CA PHE L 32 -4.48 1.64 30.83
C PHE L 32 -2.98 1.62 31.13
N SER L 33 -2.22 2.17 30.17
CA SER L 33 -0.86 2.60 30.43
C SER L 33 -0.90 3.61 31.57
N PRO L 34 0.15 3.71 32.42
CA PRO L 34 0.10 4.61 33.57
C PRO L 34 -0.20 6.08 33.21
N GLU L 35 0.28 6.55 32.05
CA GLU L 35 0.16 7.97 31.73
C GLU L 35 -1.30 8.33 31.41
N VAL L 36 -2.20 7.34 31.48
CA VAL L 36 -3.61 7.61 31.34
C VAL L 36 -4.12 8.36 32.58
N ILE L 37 -3.63 7.99 33.77
CA ILE L 37 -4.09 8.59 35.02
C ILE L 37 -3.92 10.12 34.95
N PRO L 38 -2.68 10.63 34.75
CA PRO L 38 -2.44 12.07 34.74
C PRO L 38 -3.23 12.75 33.63
N MET L 39 -3.40 12.01 32.54
CA MET L 39 -4.12 12.52 31.39
C MET L 39 -5.61 12.62 31.75
N PHE L 40 -6.16 11.62 32.45
CA PHE L 40 -7.52 11.68 32.94
C PHE L 40 -7.67 12.84 33.91
N SER L 41 -6.72 12.94 34.84
CA SER L 41 -6.77 13.96 35.87
C SER L 41 -6.79 15.36 35.25
N ALA L 42 -5.95 15.56 34.22
CA ALA L 42 -5.84 16.84 33.54
C ALA L 42 -7.13 17.14 32.79
N LEU L 43 -7.63 16.15 32.05
CA LEU L 43 -8.82 16.30 31.24
C LEU L 43 -10.06 16.47 32.12
N SER L 44 -9.96 16.09 33.40
CA SER L 44 -11.06 16.25 34.34
C SER L 44 -10.85 17.46 35.26
N CYS L 45 -9.90 18.33 34.90
CA CYS L 45 -9.73 19.58 35.63
C CYS L 45 -11.10 20.26 35.72
N GLY L 46 -11.50 20.62 36.94
CA GLY L 46 -12.71 21.38 37.15
C GLY L 46 -13.97 20.52 37.32
N ALA L 47 -13.84 19.21 37.10
CA ALA L 47 -14.99 18.34 36.85
C ALA L 47 -15.90 18.25 38.08
N THR L 48 -17.22 18.34 37.83
CA THR L 48 -18.23 17.83 38.74
C THR L 48 -18.22 16.30 38.70
N PRO L 49 -18.73 15.62 39.74
CA PRO L 49 -18.93 14.17 39.67
C PRO L 49 -19.74 13.74 38.44
N GLN L 50 -20.69 14.59 38.04
CA GLN L 50 -21.46 14.31 36.84
C GLN L 50 -20.52 14.20 35.63
N ASP L 51 -19.56 15.13 35.54
CA ASP L 51 -18.63 15.19 34.43
C ASP L 51 -17.74 13.95 34.46
N LEU L 52 -17.37 13.52 35.68
CA LEU L 52 -16.52 12.35 35.85
C LEU L 52 -17.27 11.08 35.39
N ASN L 53 -18.58 11.01 35.69
CA ASN L 53 -19.42 9.90 35.25
C ASN L 53 -19.51 9.90 33.72
N THR L 54 -19.82 11.08 33.17
CA THR L 54 -19.84 11.26 31.73
C THR L 54 -18.59 10.68 31.09
N MET L 55 -17.44 11.11 31.63
CA MET L 55 -16.17 10.71 31.08
C MET L 55 -16.02 9.18 31.12
N LEU L 56 -16.34 8.56 32.26
CA LEU L 56 -16.19 7.13 32.41
C LEU L 56 -17.19 6.37 31.54
N ASN L 57 -18.40 6.95 31.40
CA ASN L 57 -19.41 6.33 30.59
C ASN L 57 -19.00 6.30 29.12
N THR L 58 -18.25 7.31 28.66
CA THR L 58 -17.90 7.39 27.26
C THR L 58 -16.87 6.32 26.89
N VAL L 59 -16.19 5.78 27.90
CA VAL L 59 -15.35 4.62 27.69
C VAL L 59 -16.25 3.42 27.39
N GLY L 60 -16.18 3.00 26.11
CA GLY L 60 -16.62 1.67 25.70
C GLY L 60 -15.43 0.70 25.65
N GLY L 61 -15.75 -0.60 25.79
CA GLY L 61 -14.69 -1.57 25.97
C GLY L 61 -14.09 -1.44 27.36
N HIS L 62 -13.10 -2.29 27.66
CA HIS L 62 -12.48 -2.30 28.97
C HIS L 62 -13.55 -2.33 30.07
N GLN L 63 -14.63 -3.08 29.83
CA GLN L 63 -15.77 -3.03 30.74
C GLN L 63 -15.45 -3.82 32.02
N ALA L 64 -14.54 -4.79 31.93
CA ALA L 64 -14.01 -5.44 33.12
C ALA L 64 -13.33 -4.42 34.03
N ALA L 65 -12.37 -3.67 33.45
CA ALA L 65 -11.71 -2.59 34.16
C ALA L 65 -12.72 -1.64 34.79
N MET L 66 -13.79 -1.33 34.04
CA MET L 66 -14.73 -0.30 34.47
C MET L 66 -15.62 -0.82 35.59
N GLN L 67 -15.89 -2.13 35.60
CA GLN L 67 -16.60 -2.71 36.72
C GLN L 67 -15.71 -2.75 37.95
N MET L 68 -14.45 -3.20 37.78
CA MET L 68 -13.41 -3.10 38.80
C MET L 68 -13.40 -1.70 39.40
N LEU L 69 -13.49 -0.70 38.52
CA LEU L 69 -13.47 0.69 38.95
C LEU L 69 -14.65 0.98 39.87
N LYS L 70 -15.85 0.53 39.49
CA LYS L 70 -17.05 0.75 40.29
C LYS L 70 -16.87 0.15 41.69
N GLU L 71 -16.27 -1.05 41.73
CA GLU L 71 -16.01 -1.69 43.01
C GLU L 71 -15.10 -0.80 43.87
N THR L 72 -14.01 -0.31 43.28
CA THR L 72 -13.10 0.55 44.03
C THR L 72 -13.84 1.80 44.52
N ILE L 73 -14.80 2.31 43.74
CA ILE L 73 -15.54 3.48 44.17
C ILE L 73 -16.44 3.12 45.36
N ASN L 74 -17.13 1.96 45.29
CA ASN L 74 -17.94 1.49 46.41
C ASN L 74 -17.15 1.46 47.71
N GLU L 75 -15.96 0.84 47.66
CA GLU L 75 -15.08 0.72 48.82
C GLU L 75 -14.86 2.12 49.43
N GLU L 76 -14.52 3.11 48.59
CA GLU L 76 -14.08 4.40 49.07
C GLU L 76 -15.24 5.27 49.53
N ALA L 77 -16.44 5.03 48.97
CA ALA L 77 -17.65 5.75 49.35
C ALA L 77 -18.14 5.27 50.73
N ALA L 78 -18.09 3.94 50.92
CA ALA L 78 -18.42 3.30 52.19
C ALA L 78 -17.48 3.80 53.30
N GLU L 79 -16.20 3.91 52.98
CA GLU L 79 -15.21 4.45 53.91
C GLU L 79 -15.50 5.93 54.20
N TRP L 80 -15.93 6.67 53.17
CA TRP L 80 -16.30 8.07 53.37
C TRP L 80 -17.46 8.17 54.36
N ASP L 81 -18.41 7.23 54.24
CA ASP L 81 -19.61 7.20 55.04
C ASP L 81 -19.30 6.84 56.49
N ARG L 82 -18.29 5.97 56.69
CA ARG L 82 -17.76 5.70 58.02
C ARG L 82 -17.23 7.00 58.64
N LEU L 83 -16.31 7.69 57.94
CA LEU L 83 -15.60 8.84 58.49
C LEU L 83 -16.49 10.08 58.62
N HIS L 84 -17.60 10.18 57.87
CA HIS L 84 -18.44 11.37 57.89
C HIS L 84 -19.92 10.96 57.80
N PRO L 85 -20.57 10.44 58.87
CA PRO L 85 -21.90 9.83 58.76
C PRO L 85 -23.05 10.74 58.33
N MET L 96 -27.92 23.66 52.75
CA MET L 96 -27.14 22.67 51.95
C MET L 96 -26.73 21.52 52.87
N ARG L 97 -27.06 20.30 52.45
CA ARG L 97 -26.88 19.10 53.27
C ARG L 97 -25.47 18.56 53.11
N GLU L 98 -25.03 17.74 54.09
CA GLU L 98 -23.78 17.03 54.01
C GLU L 98 -23.91 15.90 53.00
N PRO L 99 -22.93 15.72 52.08
CA PRO L 99 -22.98 14.66 51.08
C PRO L 99 -22.54 13.31 51.63
N ARG L 100 -23.34 12.28 51.34
CA ARG L 100 -22.95 10.89 51.58
C ARG L 100 -21.94 10.49 50.50
N GLY L 101 -21.32 9.33 50.69
CA GLY L 101 -20.44 8.75 49.69
C GLY L 101 -21.09 8.73 48.30
N SER L 102 -22.36 8.30 48.24
CA SER L 102 -23.02 8.12 46.95
C SER L 102 -23.35 9.45 46.30
N ASP L 103 -23.35 10.53 47.10
CA ASP L 103 -23.60 11.87 46.57
C ASP L 103 -22.35 12.35 45.85
N ILE L 104 -21.18 11.90 46.33
CA ILE L 104 -19.89 12.27 45.77
C ILE L 104 -19.65 11.56 44.43
N ALA L 105 -20.14 10.32 44.29
CA ALA L 105 -20.02 9.58 43.05
C ALA L 105 -21.06 10.06 42.04
N GLY L 106 -21.87 11.04 42.47
CA GLY L 106 -22.85 11.65 41.59
C GLY L 106 -24.04 10.74 41.35
N THR L 107 -24.17 9.68 42.16
CA THR L 107 -25.26 8.71 42.03
C THR L 107 -26.55 9.30 42.61
N THR L 108 -26.48 9.88 43.80
CA THR L 108 -27.66 10.31 44.54
C THR L 108 -27.78 11.83 44.58
N SER L 109 -26.75 12.56 44.13
CA SER L 109 -26.78 14.02 44.10
C SER L 109 -27.27 14.49 42.73
N THR L 110 -27.87 15.69 42.70
CA THR L 110 -28.17 16.39 41.47
C THR L 110 -26.97 17.26 41.11
N LEU L 111 -26.95 17.73 39.87
CA LEU L 111 -25.90 18.64 39.45
C LEU L 111 -25.86 19.85 40.38
N GLN L 112 -27.04 20.36 40.75
CA GLN L 112 -27.13 21.60 41.52
C GLN L 112 -26.44 21.37 42.86
N GLU L 113 -26.75 20.24 43.51
CA GLU L 113 -26.12 19.91 44.77
C GLU L 113 -24.60 19.92 44.60
N GLN L 114 -24.12 19.26 43.53
CA GLN L 114 -22.71 19.08 43.26
C GLN L 114 -22.04 20.45 43.13
N ILE L 115 -22.69 21.36 42.40
CA ILE L 115 -22.22 22.72 42.22
C ILE L 115 -22.22 23.45 43.57
N GLY L 116 -23.35 23.37 44.27
CA GLY L 116 -23.48 23.91 45.61
C GLY L 116 -22.30 23.55 46.49
N TRP L 117 -21.95 22.26 46.54
CA TRP L 117 -20.90 21.79 47.43
C TRP L 117 -19.55 22.36 47.00
N MET L 118 -19.34 22.44 45.69
CA MET L 118 -18.03 22.79 45.16
C MET L 118 -17.78 24.30 45.27
N THR L 119 -18.83 25.09 45.03
CA THR L 119 -18.71 26.54 44.95
C THR L 119 -18.97 27.21 46.30
N HIS L 120 -19.63 26.49 47.22
CA HIS L 120 -19.82 26.95 48.60
C HIS L 120 -18.47 27.34 49.22
N ASN L 121 -18.53 28.24 50.20
CA ASN L 121 -17.36 28.69 50.95
C ASN L 121 -17.55 28.37 52.43
N PRO L 122 -16.78 27.44 53.04
CA PRO L 122 -15.68 26.73 52.37
C PRO L 122 -16.20 25.67 51.40
N PRO L 123 -15.43 25.30 50.36
CA PRO L 123 -15.86 24.29 49.40
C PRO L 123 -15.85 22.88 49.99
N ILE L 124 -16.87 22.08 49.63
CA ILE L 124 -16.81 20.63 49.74
C ILE L 124 -16.47 20.09 48.35
N PRO L 125 -15.20 19.76 48.04
CA PRO L 125 -14.77 19.54 46.66
C PRO L 125 -15.08 18.11 46.19
N VAL L 126 -16.38 17.85 46.05
CA VAL L 126 -16.88 16.53 45.71
C VAL L 126 -16.26 16.04 44.40
N GLY L 127 -16.06 16.98 43.47
CA GLY L 127 -15.36 16.66 42.23
C GLY L 127 -13.99 16.08 42.52
N GLU L 128 -13.23 16.78 43.36
CA GLU L 128 -11.85 16.39 43.63
C GLU L 128 -11.81 15.10 44.45
N ILE L 129 -12.79 14.90 45.33
CA ILE L 129 -12.86 13.69 46.16
C ILE L 129 -13.11 12.48 45.27
N TYR L 130 -14.21 12.53 44.50
CA TYR L 130 -14.56 11.46 43.57
C TYR L 130 -13.39 11.16 42.64
N LYS L 131 -12.73 12.23 42.14
CA LYS L 131 -11.59 12.09 41.26
C LYS L 131 -10.50 11.27 41.97
N ARG L 132 -10.26 11.56 43.25
CA ARG L 132 -9.30 10.83 44.08
C ARG L 132 -9.66 9.34 44.04
N TRP L 133 -10.95 9.04 44.19
CA TRP L 133 -11.41 7.66 44.23
C TRP L 133 -11.20 7.01 42.86
N ILE L 134 -11.61 7.70 41.81
CA ILE L 134 -11.47 7.17 40.46
C ILE L 134 -10.00 6.86 40.21
N ILE L 135 -9.13 7.80 40.58
CA ILE L 135 -7.71 7.60 40.36
C ILE L 135 -7.21 6.40 41.18
N LEU L 136 -7.74 6.18 42.41
CA LEU L 136 -7.38 4.97 43.13
C LEU L 136 -7.69 3.77 42.23
N GLY L 137 -8.92 3.72 41.72
CA GLY L 137 -9.39 2.58 40.94
C GLY L 137 -8.57 2.42 39.66
N LEU L 138 -8.18 3.56 39.08
CA LEU L 138 -7.41 3.56 37.85
C LEU L 138 -6.02 2.98 38.10
N ASN L 139 -5.45 3.21 39.29
CA ASN L 139 -4.16 2.63 39.61
C ASN L 139 -4.28 1.10 39.71
N LYS L 140 -5.36 0.60 40.32
CA LYS L 140 -5.54 -0.83 40.51
C LYS L 140 -5.64 -1.50 39.13
N ILE L 141 -6.38 -0.85 38.23
CA ILE L 141 -6.50 -1.28 36.84
C ILE L 141 -5.13 -1.28 36.16
N VAL L 142 -4.37 -0.19 36.28
CA VAL L 142 -3.09 -0.07 35.59
C VAL L 142 -2.17 -1.22 36.01
N ARG L 143 -2.17 -1.55 37.31
CA ARG L 143 -1.39 -2.65 37.84
C ARG L 143 -1.92 -3.95 37.26
N MET L 144 -3.26 -4.09 37.23
CA MET L 144 -3.89 -5.26 36.64
C MET L 144 -3.41 -5.43 35.20
N TYR L 145 -3.66 -4.42 34.36
CA TYR L 145 -3.29 -4.45 32.96
C TYR L 145 -1.75 -4.53 32.80
N SER L 146 -0.94 -4.29 33.85
CA SER L 146 0.52 -4.42 33.74
C SER L 146 0.91 -5.88 33.49
N PRO L 147 1.64 -6.18 32.39
CA PRO L 147 2.03 -7.56 32.08
C PRO L 147 3.03 -8.19 33.03
N THR L 148 4.03 -7.42 33.47
CA THR L 148 5.21 -8.01 34.10
C THR L 148 5.46 -7.41 35.48
N SER L 149 5.96 -8.25 36.39
CA SER L 149 6.45 -7.79 37.68
C SER L 149 7.85 -7.18 37.50
N ILE L 150 8.17 -6.21 38.34
CA ILE L 150 9.47 -5.54 38.37
C ILE L 150 10.58 -6.55 38.61
N LEU L 151 10.24 -7.67 39.27
CA LEU L 151 11.18 -8.73 39.57
C LEU L 151 11.64 -9.43 38.29
N ASP L 152 10.78 -9.42 37.27
CA ASP L 152 11.04 -10.14 36.03
C ASP L 152 11.66 -9.21 34.99
N ILE L 153 11.91 -7.95 35.35
CA ILE L 153 12.61 -7.03 34.47
C ILE L 153 14.11 -7.18 34.73
N ARG L 154 14.73 -8.07 33.94
CA ARG L 154 16.16 -8.30 33.91
C ARG L 154 16.70 -7.79 32.57
N GLN L 155 17.85 -7.11 32.61
CA GLN L 155 18.48 -6.60 31.41
C GLN L 155 18.87 -7.79 30.54
N GLY L 156 18.35 -7.82 29.31
CA GLY L 156 18.75 -8.81 28.33
C GLY L 156 20.26 -8.76 28.10
N PRO L 157 20.89 -9.88 27.67
CA PRO L 157 22.33 -9.91 27.45
C PRO L 157 22.78 -9.01 26.30
N LYS L 158 21.89 -8.77 25.33
CA LYS L 158 22.16 -7.86 24.23
C LYS L 158 21.26 -6.62 24.33
N GLU L 159 20.80 -6.29 25.54
CA GLU L 159 19.93 -5.14 25.72
C GLU L 159 20.73 -3.94 26.16
N PRO L 160 20.68 -2.79 25.43
CA PRO L 160 21.31 -1.56 25.88
C PRO L 160 20.77 -1.17 27.24
N PHE L 161 21.64 -0.68 28.11
CA PHE L 161 21.24 -0.34 29.46
C PHE L 161 19.99 0.55 29.43
N ARG L 162 20.01 1.60 28.60
CA ARG L 162 18.95 2.58 28.60
C ARG L 162 17.59 1.92 28.40
N ASP L 163 17.54 0.93 27.50
CA ASP L 163 16.31 0.23 27.18
C ASP L 163 15.80 -0.52 28.41
N TYR L 164 16.73 -1.25 29.04
CA TYR L 164 16.49 -1.96 30.28
C TYR L 164 15.89 -1.04 31.33
N VAL L 165 16.57 0.09 31.55
CA VAL L 165 16.11 1.05 32.54
C VAL L 165 14.71 1.55 32.15
N ASP L 166 14.50 1.86 30.86
CA ASP L 166 13.21 2.28 30.35
C ASP L 166 12.15 1.26 30.76
N ARG L 167 12.46 -0.03 30.53
CA ARG L 167 11.53 -1.10 30.88
C ARG L 167 11.37 -1.14 32.39
N PHE L 168 12.50 -1.08 33.10
CA PHE L 168 12.50 -1.14 34.54
C PHE L 168 11.48 -0.15 35.10
N TYR L 169 11.69 1.13 34.76
CA TYR L 169 10.92 2.20 35.38
C TYR L 169 9.50 2.22 34.83
N LYS L 170 9.30 1.88 33.55
CA LYS L 170 7.96 1.76 33.00
C LYS L 170 7.19 0.74 33.83
N THR L 171 7.83 -0.41 34.06
CA THR L 171 7.20 -1.49 34.78
C THR L 171 6.92 -1.07 36.21
N LEU L 172 7.90 -0.38 36.79
CA LEU L 172 7.82 0.04 38.17
C LEU L 172 6.67 1.04 38.35
N ARG L 173 6.47 1.90 37.35
CA ARG L 173 5.42 2.91 37.36
C ARG L 173 4.05 2.23 37.40
N ALA L 174 3.91 1.09 36.71
CA ALA L 174 2.67 0.35 36.67
C ALA L 174 2.27 -0.21 38.05
N GLU L 175 3.22 -0.47 38.95
CA GLU L 175 2.92 -1.18 40.18
C GLU L 175 2.56 -0.20 41.30
N GLN L 176 1.79 -0.70 42.28
CA GLN L 176 1.23 0.10 43.37
C GLN L 176 1.96 -0.13 44.68
N ALA L 177 2.69 0.89 45.17
CA ALA L 177 3.27 0.85 46.51
C ALA L 177 3.65 2.28 46.90
N SER L 178 3.83 2.52 48.22
CA SER L 178 4.39 3.78 48.67
C SER L 178 5.65 4.06 47.86
N GLN L 179 5.92 5.32 47.49
CA GLN L 179 7.15 5.68 46.77
C GLN L 179 8.37 5.42 47.66
N GLU L 180 8.15 5.14 48.96
CA GLU L 180 9.15 4.56 49.85
C GLU L 180 9.52 3.16 49.36
N VAL L 181 8.50 2.34 49.06
CA VAL L 181 8.64 0.95 48.58
C VAL L 181 9.22 0.93 47.16
N LYS L 182 8.96 2.00 46.38
CA LYS L 182 9.40 2.08 45.01
C LYS L 182 10.83 2.62 44.96
N ASN L 183 11.17 3.46 45.95
CA ASN L 183 12.54 3.93 46.14
C ASN L 183 13.43 2.75 46.53
N ALA L 184 12.86 1.79 47.29
CA ALA L 184 13.59 0.61 47.71
C ALA L 184 13.84 -0.32 46.53
N ALA L 185 12.82 -0.47 45.67
CA ALA L 185 12.95 -1.33 44.49
C ALA L 185 14.02 -0.77 43.55
N THR L 186 14.03 0.56 43.31
CA THR L 186 15.09 1.20 42.55
C THR L 186 16.46 0.82 43.14
N GLU L 187 16.65 1.20 44.42
CA GLU L 187 17.97 1.36 45.02
C GLU L 187 18.60 0.02 45.40
N THR L 188 18.23 -1.06 44.71
CA THR L 188 18.78 -2.40 44.90
C THR L 188 18.80 -3.15 43.56
N LEU L 189 17.62 -3.12 42.95
CA LEU L 189 17.11 -4.14 42.05
C LEU L 189 17.49 -3.73 40.64
N LEU L 190 17.61 -2.42 40.37
CA LEU L 190 18.02 -1.97 39.05
C LEU L 190 19.41 -2.52 38.75
N VAL L 191 20.31 -2.44 39.74
CA VAL L 191 21.67 -2.89 39.55
C VAL L 191 21.70 -4.42 39.59
N GLN L 192 20.97 -4.99 40.56
CA GLN L 192 20.92 -6.43 40.70
C GLN L 192 20.59 -7.06 39.35
N ASN L 193 19.51 -6.58 38.72
CA ASN L 193 18.92 -7.18 37.53
C ASN L 193 19.71 -6.79 36.28
N ALA L 194 20.59 -5.79 36.36
CA ALA L 194 21.48 -5.48 35.24
C ALA L 194 22.20 -6.75 34.84
N ASN L 195 22.63 -6.82 33.57
CA ASN L 195 23.35 -7.99 33.10
C ASN L 195 24.78 -7.88 33.64
N PRO L 196 25.51 -9.03 33.73
CA PRO L 196 26.88 -9.04 34.22
C PRO L 196 27.79 -7.89 33.79
N ASP L 197 27.90 -7.67 32.48
CA ASP L 197 28.82 -6.69 31.90
C ASP L 197 28.61 -5.33 32.58
N CYS L 198 27.32 -4.94 32.69
CA CYS L 198 26.95 -3.67 33.30
C CYS L 198 27.10 -3.69 34.81
N LYS L 199 26.72 -4.82 35.44
CA LYS L 199 26.70 -4.89 36.89
C LYS L 199 28.13 -4.67 37.40
N THR L 200 29.12 -5.27 36.73
CA THR L 200 30.53 -5.03 37.01
C THR L 200 30.79 -3.52 37.06
N ILE L 201 30.45 -2.88 35.93
CA ILE L 201 30.76 -1.47 35.71
C ILE L 201 30.07 -0.62 36.78
N LEU L 202 28.81 -0.96 37.08
CA LEU L 202 27.98 -0.19 38.00
C LEU L 202 28.48 -0.39 39.44
N LYS L 203 28.82 -1.63 39.79
CA LYS L 203 29.32 -1.96 41.12
C LYS L 203 30.63 -1.21 41.37
N ALA L 204 31.42 -0.96 40.31
CA ALA L 204 32.67 -0.19 40.41
C ALA L 204 32.47 1.21 41.00
N LEU L 205 31.26 1.79 40.88
CA LEU L 205 30.97 3.13 41.40
C LEU L 205 30.30 3.03 42.77
N GLY L 206 30.37 4.09 43.58
CA GLY L 206 30.00 3.99 44.99
C GLY L 206 28.49 4.10 45.19
N PRO L 207 27.77 3.02 45.61
CA PRO L 207 26.32 3.00 45.58
C PRO L 207 25.63 4.31 45.99
N ALA L 209 25.75 6.92 43.09
CA ALA L 209 25.89 7.38 41.68
C ALA L 209 24.52 7.83 41.16
N THR L 210 24.53 8.89 40.34
CA THR L 210 23.32 9.27 39.62
C THR L 210 23.03 8.23 38.55
N LEU L 211 21.78 8.24 38.08
CA LEU L 211 21.33 7.42 36.98
C LEU L 211 22.05 7.87 35.71
N GLU L 212 22.18 9.19 35.54
CA GLU L 212 22.95 9.77 34.44
C GLU L 212 24.32 9.08 34.35
N GLU L 213 25.00 8.99 35.51
CA GLU L 213 26.33 8.41 35.61
C GLU L 213 26.29 6.93 35.25
N MET L 214 25.32 6.20 35.82
CA MET L 214 25.18 4.77 35.56
C MET L 214 24.92 4.49 34.08
N MET L 215 24.19 5.38 33.41
CA MET L 215 23.81 5.19 32.03
C MET L 215 24.96 5.55 31.10
N THR L 216 25.75 6.57 31.46
CA THR L 216 26.97 6.87 30.75
C THR L 216 27.92 5.68 30.86
N ALA L 217 28.15 5.21 32.09
CA ALA L 217 29.07 4.13 32.40
C ALA L 217 28.76 2.87 31.59
N CYS L 218 27.49 2.69 31.19
CA CYS L 218 27.03 1.43 30.62
C CYS L 218 26.63 1.62 29.15
N GLN L 219 27.31 2.52 28.45
CA GLN L 219 26.92 3.02 27.14
C GLN L 219 28.03 2.65 26.14
N1 K3L M . -10.27 -48.73 5.05
N3 K3L M . -8.39 -41.30 -0.01
C4 K3L M . -8.46 -47.06 2.28
C5 K3L M . -9.51 -46.57 1.51
C6 K3L M . -10.82 -46.81 1.92
C7 K3L M . -7.51 -43.57 -0.18
C8 K3L M . -7.27 -42.08 -0.06
C10 K3L M . -9.91 -43.16 0.54
C13 K3L M . -6.71 -38.07 3.12
C15 K3L M . -5.33 -37.37 3.06
C17 K3L M . -3.77 -38.84 4.30
C20 K3L M . -2.79 -39.91 1.96
C21 K3L M . -3.74 -38.93 1.89
C22 K3L M . -9.10 -35.93 5.21
C24 K3L M . -9.13 -35.30 2.81
C26 K3L M . -11.03 -33.35 3.32
C28 K3L M . -9.60 -34.50 1.77
C1 K3L M . -11.08 -47.51 3.09
C2 K3L M . -10.03 -48.01 3.88
C3 K3L M . -8.71 -47.76 3.45
S1 K3L M . -9.16 -45.69 -0.01
N2 K3L M . -8.79 -44.11 0.34
C9 K3L M . -9.73 -41.87 -0.24
C11 K3L M . -8.36 -39.84 0.20
O1 K3L M . -10.36 -45.68 -0.78
O2 K3L M . -7.97 -46.25 -0.58
C12 K3L M . -8.07 -39.43 1.65
O3 K3L M . -6.10 -41.66 -0.06
O4 K3L M . -8.72 -39.78 2.58
N4 K3L M . -7.01 -38.66 1.82
C14 K3L M . -7.74 -37.05 3.50
C16 K3L M . -4.23 -38.40 3.08
C18 K3L M . -2.79 -39.81 4.30
C19 K3L M . -2.28 -40.37 3.15
F1 K3L M . -2.31 -40.23 5.50
F2 K3L M . -2.31 -40.46 0.80
N5 K3L M . -8.16 -36.91 4.82
C23 K3L M . -9.62 -35.12 4.11
N6 K3L M . -8.18 -36.29 2.51
C25 K3L M . -10.57 -34.12 4.36
C27 K3L M . -10.54 -33.54 2.01
O5 K3L M . -9.42 -35.85 6.38
C29 K3L M . -7.59 -37.69 5.88
C30 K3L M . -6.58 -37.12 6.63
C31 K3L M . -5.99 -37.84 7.66
C32 K3L M . -6.44 -39.13 7.93
C33 K3L M . -7.46 -39.70 7.18
C34 K3L M . -8.04 -38.97 6.14
O6 K3L M . -5.83 -39.78 8.98
C35 K3L M . -5.96 -41.19 9.07
N1 K3L N . 27.16 -40.48 13.77
N3 K3L N . 20.18 -36.18 9.23
C4 K3L N . 23.66 -40.34 12.57
C5 K3L N . 23.85 -40.01 11.23
C6 K3L N . 25.14 -39.85 10.75
C7 K3L N . 21.78 -37.86 8.47
C8 K3L N . 21.10 -36.51 8.30
C10 K3L N . 21.45 -37.44 10.93
C13 K3L N . 20.81 -31.52 9.41
C15 K3L N . 21.18 -30.55 8.28
C17 K3L N . 23.65 -30.42 7.97
C20 K3L N . 23.55 -32.05 5.77
C21 K3L N . 22.38 -31.71 6.39
C22 K3L N . 19.47 -29.50 12.39
C24 K3L N . 17.67 -30.27 10.86
C26 K3L N . 15.76 -29.08 12.45
C28 K3L N . 16.31 -30.37 10.52
C1 K3L N . 26.23 -40.01 11.59
C2 K3L N . 26.06 -40.34 12.94
C3 K3L N . 24.75 -40.50 13.41
S1 K3L N . 22.44 -39.84 10.13
N2 K3L N . 22.11 -38.24 9.87
C9 K3L N . 20.08 -36.93 10.49
C11 K3L N . 19.31 -35.01 9.10
O1 K3L N . 22.80 -40.38 8.85
O2 K3L N . 21.31 -40.39 10.81
C12 K3L N . 19.98 -33.78 9.68
O3 K3L N . 21.40 -35.83 7.31
O4 K3L N . 20.39 -33.78 10.80
N4 K3L N . 20.18 -32.74 8.88
C14 K3L N . 19.88 -30.83 10.36
C16 K3L N . 22.43 -30.90 7.52
C18 K3L N . 24.78 -30.77 7.29
C19 K3L N . 24.77 -31.59 6.20
F1 K3L N . 25.98 -30.31 7.70
F2 K3L N . 23.54 -32.85 4.68
N5 K3L N . 20.32 -30.16 11.49
C23 K3L N . 18.05 -29.57 12.02
N6 K3L N . 18.61 -30.89 10.03
C25 K3L N . 17.07 -28.97 12.81
C27 K3L N . 15.37 -29.80 11.31
O5 K3L N . 19.94 -28.95 13.37
C29 K3L N . 21.74 -30.07 11.77
C30 K3L N . 22.41 -28.95 11.34
C31 K3L N . 23.76 -28.85 11.56
C32 K3L N . 24.41 -29.87 12.24
C33 K3L N . 23.72 -30.99 12.66
C34 K3L N . 22.37 -31.09 12.43
O6 K3L N . 25.74 -29.76 12.45
C35 K3L N . 26.54 -30.92 12.25
N1 K3L O . -6.97 -8.73 -48.55
N3 K3L O . -1.80 -9.14 -41.04
C4 K3L O . -3.51 -9.36 -47.47
C5 K3L O . -3.72 -9.88 -46.20
C6 K3L O . -5.01 -10.00 -45.72
C7 K3L O . -2.38 -10.92 -42.61
C8 K3L O . -2.29 -10.41 -41.19
C10 K3L O . -2.28 -8.48 -43.31
C13 K3L O . -4.94 -8.10 -37.59
C15 K3L O . -5.26 -9.02 -36.39
C17 K3L O . -7.13 -10.52 -37.00
C20 K3L O . -5.42 -12.61 -37.57
C21 K3L O . -4.89 -11.43 -37.12
C22 K3L O . -5.91 -4.57 -36.55
C24 K3L O . -3.58 -5.08 -35.92
C26 K3L O . -3.30 -2.53 -34.82
C28 K3L O . -2.36 -4.68 -35.35
C1 K3L O . -6.09 -9.62 -46.49
C2 K3L O . -5.90 -9.10 -47.77
C3 K3L O . -4.59 -8.98 -48.25
S1 K3L O . -2.33 -10.38 -45.21
N2 K3L O . -2.59 -9.89 -43.66
C9 K3L O . -1.29 -8.38 -42.18
C11 K3L O . -1.79 -8.45 -39.74
O1 K3L O . -2.30 -11.81 -45.18
O2 K3L O . -1.17 -9.67 -45.66
C12 K3L O . -3.19 -7.95 -39.37
O3 K3L O . -2.65 -11.16 -40.26
O4 K3L O . -3.76 -7.14 -40.05
N4 K3L O . -3.73 -8.53 -38.29
C14 K3L O . -4.84 -6.72 -37.00
C16 K3L O . -5.76 -10.37 -36.84
C18 K3L O . -7.59 -11.72 -37.46
C19 K3L O . -6.78 -12.79 -37.77
F1 K3L O . -8.93 -11.86 -37.63
F2 K3L O . -4.57 -13.64 -37.88
N5 K3L O . -5.92 -5.86 -37.08
C23 K3L O . -4.64 -4.16 -35.95
N6 K3L O . -3.69 -6.37 -36.45
C25 K3L O . -4.50 -2.90 -35.39
C27 K3L O . -2.23 -3.44 -34.81
O5 K3L O . -6.91 -3.88 -36.67
C29 K3L O . -7.19 -6.30 -37.62
C30 K3L O . -8.18 -6.66 -36.72
C31 K3L O . -9.39 -7.11 -37.20
C32 K3L O . -9.60 -7.20 -38.57
C33 K3L O . -8.58 -6.86 -39.46
C34 K3L O . -7.39 -6.38 -38.98
O6 K3L O . -10.79 -7.66 -39.04
C35 K3L O . -10.72 -8.53 -40.17
N1 K3L P . -26.89 -33.12 -26.07
N3 K3L P . -19.53 -27.88 -24.82
C4 K3L P . -24.08 -31.64 -27.91
C5 K3L P . -23.10 -31.60 -26.94
C6 K3L P . -23.39 -32.06 -25.65
C7 K3L P . -19.64 -30.22 -25.52
C8 K3L P . -19.07 -29.15 -24.61
C10 K3L P . -21.58 -28.63 -25.94
C13 K3L P . -19.84 -26.45 -20.28
C15 K3L P . -18.84 -26.69 -19.14
C17 K3L P . -19.32 -28.86 -17.98
C20 K3L P . -17.39 -30.13 -19.50
C21 K3L P . -17.60 -28.79 -19.67
C22 K3L P . -21.84 -23.45 -19.04
C24 K3L P . -19.89 -22.77 -20.38
C26 K3L P . -20.58 -20.10 -20.02
C28 K3L P . -19.10 -21.76 -20.96
C1 K3L P . -24.64 -32.57 -25.37
C2 K3L P . -25.64 -32.63 -26.35
C3 K3L P . -25.33 -32.14 -27.62
S1 K3L P . -21.47 -30.95 -27.33
N2 K3L P . -21.00 -30.00 -26.06
C9 K3L P . -20.49 -27.57 -25.88
C11 K3L P . -19.09 -26.74 -24.00
O1 K3L P . -20.54 -32.04 -27.35
O2 K3L P . -21.59 -30.12 -28.48
C12 K3L P . -19.89 -26.58 -22.71
O3 K3L P . -18.20 -29.48 -23.79
O4 K3L P . -21.06 -26.35 -22.70
N4 K3L P . -19.23 -26.70 -21.57
C14 K3L P . -20.28 -25.03 -20.08
C16 K3L P . -18.58 -28.15 -18.91
C18 K3L P . -19.04 -30.19 -17.85
C19 K3L P . -18.10 -30.87 -18.59
F1 K3L P . -19.73 -30.89 -16.92
F2 K3L P . -16.44 -30.74 -20.28
N5 K3L P . -21.41 -24.76 -19.30
C23 K3L P . -21.02 -22.42 -19.63
N6 K3L P . -19.51 -24.10 -20.60
C25 K3L P . -21.36 -21.07 -19.44
C27 K3L P . -19.46 -20.46 -20.80
O5 K3L P . -22.84 -23.28 -18.35
C29 K3L P . -22.15 -25.81 -18.66
C30 K3L P . -21.89 -26.08 -17.34
C31 K3L P . -22.58 -27.09 -16.70
C32 K3L P . -23.55 -27.80 -17.40
C33 K3L P . -23.78 -27.54 -18.74
C34 K3L P . -23.09 -26.52 -19.37
O6 K3L P . -24.25 -28.80 -16.77
C35 K3L P . -24.59 -29.95 -17.54
N1 K3L Q . 29.33 0.01 -39.71
N3 K3L Q . 26.78 -3.97 -32.09
C4 K3L Q . 30.17 -2.05 -36.78
C5 K3L Q . 29.26 -3.09 -36.91
C6 K3L Q . 28.38 -3.09 -37.98
C7 K3L Q . 27.05 -5.02 -34.25
C8 K3L Q . 26.17 -4.65 -33.08
C10 K3L Q . 28.51 -3.08 -33.50
C13 K3L Q . 22.82 -1.52 -31.17
C15 K3L Q . 21.43 -2.11 -30.94
C17 K3L Q . 20.24 -2.07 -33.13
C20 K3L Q . 20.91 -4.71 -33.61
C21 K3L Q . 21.31 -4.11 -32.44
C22 K3L Q . 22.92 1.83 -29.33
C24 K3L Q . 23.41 -0.06 -27.83
C26 K3L Q . 23.78 1.71 -25.73
C28 K3L Q . 23.79 -0.54 -26.57
C1 K3L Q . 28.41 -2.06 -38.90
C2 K3L Q . 29.31 -1.02 -38.79
C3 K3L Q . 30.20 -1.03 -37.69
S1 K3L Q . 29.21 -4.42 -35.73
N2 K3L Q . 28.10 -4.02 -34.58
C9 K3L Q . 28.21 -3.64 -32.14
C11 K3L Q . 26.05 -3.50 -30.90
O1 K3L Q . 28.70 -5.59 -36.39
O2 K3L Q . 30.48 -4.48 -35.07
C12 K3L Q . 25.14 -2.33 -31.22
O3 K3L Q . 24.97 -4.99 -33.10
O4 K3L Q . 25.57 -1.26 -31.53
N4 K3L Q . 23.83 -2.57 -31.18
C14 K3L Q . 22.99 -0.51 -30.06
C16 K3L Q . 20.97 -2.77 -32.20
C18 K3L Q . 19.86 -2.72 -34.28
C19 K3L Q . 20.18 -4.03 -34.55
F1 K3L Q . 19.16 -2.03 -35.20
F2 K3L Q . 21.25 -6.01 -33.81
N5 K3L Q . 22.83 0.85 -30.32
C23 K3L Q . 23.25 1.32 -28.01
N6 K3L Q . 23.25 -0.98 -28.86
C25 K3L Q . 23.45 2.20 -26.96
C27 K3L Q . 23.96 0.32 -25.55
O5 K3L Q . 22.72 2.99 -29.62
C29 K3L Q . 22.38 1.33 -31.60
C30 K3L Q . 21.02 1.46 -31.79
C31 K3L Q . 20.56 1.90 -33.01
C32 K3L Q . 21.47 2.20 -34.02
C33 K3L Q . 22.83 2.02 -33.82
C34 K3L Q . 23.29 1.62 -32.59
O6 K3L Q . 21.01 2.63 -35.22
C35 K3L Q . 21.54 2.01 -36.38
N1 K3L R . 46.61 -15.41 -8.66
N3 K3L R . 37.94 -17.19 -7.00
C4 K3L R . 44.16 -17.79 -7.26
C5 K3L R . 43.27 -17.93 -8.33
C6 K3L R . 43.51 -17.21 -9.50
C7 K3L R . 39.30 -18.24 -8.72
C8 K3L R . 38.08 -17.44 -8.34
C10 K3L R . 40.35 -17.44 -6.54
C13 K3L R . 35.73 -13.03 -7.79
C15 K3L R . 34.64 -12.72 -8.84
C17 K3L R . 35.71 -11.90 -10.93
C20 K3L R . 35.47 -14.37 -12.12
C21 K3L R . 34.99 -14.19 -10.85
C22 K3L R . 35.48 -10.49 -4.93
C24 K3L R . 34.08 -12.49 -4.58
C26 K3L R . 33.20 -11.50 -2.15
C28 K3L R . 33.19 -13.24 -3.78
C1 K3L R . 44.61 -16.38 -9.61
C2 K3L R . 45.52 -16.24 -8.55
C3 K3L R . 45.26 -16.96 -7.36
S1 K3L R . 41.82 -19.00 -8.21
N2 K3L R . 40.53 -18.02 -7.90
C9 K3L R . 38.93 -17.62 -6.01
C11 K3L R . 36.82 -16.40 -6.47
O1 K3L R . 41.58 -19.60 -9.48
O2 K3L R . 41.99 -19.85 -7.07
C12 K3L R . 36.91 -14.97 -6.97
O3 K3L R . 37.30 -17.09 -9.24
O4 K3L R . 37.93 -14.35 -6.97
N4 K3L R . 35.81 -14.44 -7.49
C14 K3L R . 35.36 -12.36 -6.50
C16 K3L R . 35.12 -12.95 -10.25
C18 K3L R . 36.15 -12.14 -12.21
C19 K3L R . 36.07 -13.36 -12.83
F1 K3L R . 36.72 -11.10 -12.88
F2 K3L R . 35.35 -15.60 -12.71
N5 K3L R . 35.87 -11.12 -6.12
C23 K3L R . 34.53 -11.26 -4.12
N6 K3L R . 34.50 -13.04 -5.79
C25 K3L R . 34.09 -10.77 -2.90
C27 K3L R . 32.76 -12.74 -2.60
O5 K3L R . 35.95 -9.40 -4.68
C29 K3L R . 36.76 -10.41 -7.01
C30 K3L R . 36.24 -9.43 -7.82
C31 K3L R . 37.06 -8.80 -8.73
C32 K3L R . 38.40 -9.17 -8.80
C33 K3L R . 38.91 -10.17 -7.99
C34 K3L R . 38.08 -10.80 -7.09
O6 K3L R . 39.21 -8.53 -9.70
C35 K3L R . 40.43 -9.17 -10.05
N1 K3L S . -44.24 7.70 8.90
N3 K3L S . -37.78 13.65 8.87
C4 K3L S . -42.04 10.16 7.25
C5 K3L S . -40.83 9.49 7.34
C6 K3L S . -40.75 8.26 7.97
C7 K3L S . -37.35 11.30 8.29
C8 K3L S . -36.88 12.64 8.81
C10 K3L S . -39.68 12.21 8.56
C13 K3L S . -37.41 14.95 13.29
C15 K3L S . -36.06 14.76 14.01
C17 K3L S . -36.37 12.72 15.45
C20 K3L S . -34.60 11.28 13.94
C21 K3L S . -34.82 12.60 13.62
C22 K3L S . -39.17 18.08 14.67
C24 K3L S . -37.39 18.71 13.08
C26 K3L S . -37.94 21.42 13.49
C28 K3L S . -36.67 19.70 12.41
C1 K3L S . -41.88 7.67 8.49
C2 K3L S . -43.11 8.30 8.39
C3 K3L S . -43.17 9.56 7.76
S1 K3L S . -39.35 10.26 6.73
N2 K3L S . -38.80 11.14 8.02
C9 K3L S . -39.11 13.57 8.25
C11 K3L S . -37.46 14.91 9.55
O1 K3L S . -38.36 9.24 6.47
O2 K3L S . -39.71 11.15 5.68
C12 K3L S . -38.07 14.95 10.94
O3 K3L S . -35.69 12.77 9.17
O4 K3L S . -39.19 15.35 11.14
N4 K3L S . -37.26 14.50 11.91
C14 K3L S . -37.80 16.42 13.50
C16 K3L S . -35.73 13.34 14.37
C18 K3L S . -36.10 11.40 15.73
C19 K3L S . -35.22 10.64 15.00
F1 K3L S . -36.75 10.82 16.78
F2 K3L S . -33.72 10.57 13.21
N5 K3L S . -38.84 16.75 14.37
C23 K3L S . -38.40 19.11 13.97
N6 K3L S . -37.09 17.36 12.87
C25 K3L S . -38.68 20.47 14.17
C27 K3L S . -36.94 21.03 12.59
O5 K3L S . -40.07 18.30 15.46
C29 K3L S . -39.53 15.71 15.09
C30 K3L S . -39.24 15.51 16.42
C31 K3L S . -39.85 14.49 17.12
C32 K3L S . -40.78 13.68 16.46
C33 K3L S . -41.07 13.89 15.11
C34 K3L S . -40.44 14.91 14.42
O6 K3L S . -41.34 12.67 17.21
C35 K3L S . -42.08 11.66 16.53
N1 K3L T . 8.05 43.48 -11.26
N3 K3L T . 6.78 40.00 -3.67
C4 K3L T . 7.85 40.23 -9.57
C5 K3L T . 8.72 40.43 -8.51
C6 K3L T . 9.35 41.66 -8.35
C7 K3L T . 7.24 38.55 -5.58
C8 K3L T . 6.27 39.15 -4.59
C10 K3L T . 9.02 40.09 -4.85
C13 K3L T . 2.48 41.79 -2.50
C15 K3L T . 1.17 41.03 -2.24
C17 K3L T . -0.11 40.83 -4.36
C20 K3L T . 0.84 38.27 -4.77
C21 K3L T . 1.21 38.95 -3.63
C22 K3L T . 2.86 45.09 -0.56
C24 K3L T . 3.52 43.13 0.77
C26 K3L T . 4.10 44.78 2.92
C28 K3L T . 3.98 42.57 1.98
C1 K3L T . 9.13 42.67 -9.26
C2 K3L T . 8.26 42.48 -10.35
C3 K3L T . 7.63 41.24 -10.48
S1 K3L T . 9.01 39.13 -7.34
N2 K3L T . 8.23 39.55 -5.97
C9 K3L T . 8.10 40.67 -3.78
C11 K3L T . 5.98 40.41 -2.52
O1 K3L T . 8.43 37.92 -7.81
O2 K3L T . 10.40 39.16 -6.99
C12 K3L T . 4.78 41.23 -2.98
O3 K3L T . 5.09 38.78 -4.64
O4 K3L T . 4.90 42.11 -3.80
N4 K3L T . 3.61 40.86 -2.50
C14 K3L T . 2.78 42.80 -1.42
C16 K3L T . 0.74 40.24 -3.44
C18 K3L T . -0.46 40.11 -5.47
C19 K3L T . -0.01 38.82 -5.72
F1 K3L T . -1.27 40.71 -6.38
F2 K3L T . 1.32 37.02 -4.95
N5 K3L T . 2.62 44.15 -1.60
C23 K3L T . 3.36 44.51 0.68
N6 K3L T . 3.23 42.28 -0.29
C25 K3L T . 3.66 45.34 1.75
C27 K3L T . 4.26 43.39 3.03
O5 K3L T . 2.70 46.27 -0.75
C29 K3L T . 2.05 44.58 -2.86
C30 K3L T . 0.67 44.61 -2.96
C31 K3L T . 0.06 44.97 -4.14
C32 K3L T . 0.84 45.32 -5.23
C33 K3L T . 2.23 45.33 -5.14
C34 K3L T . 2.83 44.95 -3.95
O6 K3L T . 0.12 45.69 -6.35
C35 K3L T . 0.44 45.11 -7.60
N1 K3L U . -28.19 32.41 -15.72
N3 K3L U . -22.72 32.76 -9.64
C4 K3L U . -24.68 32.70 -14.72
C5 K3L U . -24.43 31.40 -14.31
C6 K3L U . -25.43 30.45 -14.33
C7 K3L U . -22.90 30.74 -11.06
C8 K3L U . -22.95 31.41 -9.71
C10 K3L U . -21.90 32.83 -11.95
C13 K3L U . -25.23 33.29 -5.60
C15 K3L U . -25.28 32.32 -4.42
C17 K3L U . -27.14 30.70 -4.84
C20 K3L U . -25.38 28.73 -5.61
C21 K3L U . -24.90 29.95 -5.19
C22 K3L U . -25.88 36.93 -4.55
C24 K3L U . -23.50 36.31 -4.29
C26 K3L U . -22.92 38.85 -3.33
C28 K3L U . -22.19 36.66 -3.92
C1 K3L U . -26.69 30.79 -14.80
C2 K3L U . -26.95 32.08 -15.25
C3 K3L U . -25.93 33.04 -15.20
S1 K3L U . -22.82 30.98 -13.68
N2 K3L U . -22.78 31.68 -12.20
C9 K3L U . -22.45 33.62 -10.80
C11 K3L U . -22.66 33.42 -8.33
O1 K3L U . -22.77 29.55 -13.49
O2 K3L U . -21.82 31.64 -14.47
C12 K3L U . -24.02 33.59 -7.69
O3 K3L U . -23.13 30.69 -8.71
O4 K3L U . -24.87 34.29 -8.18
N4 K3L U . -24.20 32.93 -6.55
C14 K3L U . -24.99 34.71 -5.10
C16 K3L U . -25.77 30.95 -4.81
C18 K3L U . -27.58 29.47 -5.26
C19 K3L U . -26.73 28.45 -5.63
F1 K3L U . -28.91 29.24 -5.28
F2 K3L U . -24.51 27.77 -5.99
N5 K3L U . -26.04 35.61 -5.01
C23 K3L U . -24.51 37.27 -4.17
N6 K3L U . -23.75 35.01 -4.75
C25 K3L U . -24.21 38.55 -3.69
C27 K3L U . -21.91 37.90 -3.45
O5 K3L U . -26.83 37.69 -4.49
C29 K3L U . -27.34 35.17 -5.47
C30 K3L U . -28.26 34.66 -4.57
C31 K3L U . -29.49 34.23 -5.03
C32 K3L U . -29.79 34.29 -6.39
C33 K3L U . -28.85 34.79 -7.28
C34 K3L U . -27.63 35.23 -6.82
O6 K3L U . -31.02 33.84 -6.79
C35 K3L U . -31.07 33.01 -7.94
N1 K3L V . 28.48 30.59 18.53
N3 K3L V . 20.92 28.26 21.12
C4 K3L V . 26.29 28.23 20.27
C5 K3L V . 25.73 27.55 19.20
C6 K3L V . 26.08 27.91 17.90
C7 K3L V . 22.02 27.09 19.26
C8 K3L V . 20.89 27.90 19.82
C10 K3L V . 22.93 26.89 21.56
C13 K3L V . 18.01 32.07 20.36
C15 K3L V . 16.92 32.12 19.27
C17 K3L V . 17.84 32.72 17.02
C20 K3L V . 17.62 30.12 16.13
C21 K3L V . 17.20 30.43 17.41
C22 K3L V . 17.78 34.62 23.26
C24 K3L V . 16.34 32.65 23.65
C26 K3L V . 15.48 33.73 26.06
C28 K3L V . 15.43 31.96 24.44
C1 K3L V . 27.00 28.91 17.68
C2 K3L V . 27.57 29.60 18.75
C3 K3L V . 27.21 29.23 20.05
S1 K3L V . 24.54 26.27 19.47
N2 K3L V . 23.23 27.05 20.11
C9 K3L V . 22.04 28.02 22.03
C11 K3L V . 19.77 29.00 21.67
O1 K3L V . 24.16 25.71 18.22
O2 K3L V . 25.03 25.40 20.50
C12 K3L V . 19.60 30.33 20.95
O3 K3L V . 19.96 28.20 19.07
O4 K3L V . 20.54 31.00 20.60
N4 K3L V . 18.35 30.68 20.67
C14 K3L V . 17.61 32.76 21.67
C16 K3L V . 17.34 31.74 17.87
C18 K3L V . 18.21 32.36 15.75
C19 K3L V . 18.13 31.08 15.26
F1 K3L V . 18.70 33.34 14.94
F2 K3L V . 17.50 28.83 15.70
N5 K3L V . 18.17 33.96 22.08
C23 K3L V . 16.82 33.89 24.09
N6 K3L V . 16.75 32.10 22.43
C25 K3L V . 16.38 34.43 25.30
C27 K3L V . 15.01 32.48 25.63
O5 K3L V . 18.25 35.70 23.54
C29 K3L V . 19.03 34.67 21.15
C30 K3L V . 18.46 35.66 20.38
C31 K3L V . 19.20 36.33 19.44
C32 K3L V . 20.52 36.02 19.25
C33 K3L V . 21.12 35.02 20.03
C34 K3L V . 20.38 34.34 20.98
O6 K3L V . 21.11 36.80 18.28
C35 K3L V . 22.34 36.36 17.70
N1 K3L W . 12.55 6.44 43.10
N3 K3L W . 5.31 8.80 39.51
C4 K3L W . 9.08 5.77 42.14
C5 K3L W . 9.23 5.56 40.78
C6 K3L W . 10.49 5.63 40.19
C7 K3L W . 7.15 7.43 38.64
C8 K3L W . 6.42 8.73 38.75
C10 K3L W . 5.42 6.33 40.03
C13 K3L W . 6.00 13.52 39.16
C15 K3L W . 6.07 14.32 37.85
C17 K3L W . 8.50 14.53 37.38
C20 K3L W . 8.38 12.63 35.42
C21 K3L W . 7.23 12.97 36.07
C22 K3L W . 4.67 15.42 42.23
C24 K3L W . 2.88 14.61 40.76
C26 K3L W . 0.98 15.71 42.43
C28 K3L W . 1.52 14.48 40.45
C1 K3L W . 11.58 5.94 40.96
C2 K3L W . 11.45 6.15 42.34
C3 K3L W . 10.18 6.06 42.91
S1 K3L W . 7.82 5.18 39.78
N2 K3L W . 6.87 6.52 39.76
C9 K3L W . 4.73 7.67 40.25
C11 K3L W . 4.58 10.06 39.66
O1 K3L W . 8.29 4.92 38.45
O2 K3L W . 7.05 4.18 40.47
C12 K3L W . 5.50 11.27 39.89
O3 K3L W . 6.89 9.68 38.10
O4 K3L W . 6.23 11.32 40.85
N4 K3L W . 5.48 12.19 38.92
C14 K3L W . 5.08 14.18 40.17
C16 K3L W . 7.29 13.94 37.07
C18 K3L W . 9.62 14.17 36.67
C19 K3L W . 9.60 13.20 35.68
F1 K3L W . 10.81 14.77 36.98
F2 K3L W . 8.32 11.66 34.47
N5 K3L W . 5.54 14.81 41.31
C23 K3L W . 3.26 15.29 41.91
N6 K3L W . 3.81 14.04 39.89
C25 K3L W . 2.29 15.85 42.74
C27 K3L W . 0.59 15.01 41.28
O5 K3L W . 5.13 15.99 43.19
C29 K3L W . 6.94 14.97 41.55
C30 K3L W . 7.52 16.16 41.19
C31 K3L W . 8.87 16.35 41.40
C32 K3L W . 9.62 15.35 41.99
C33 K3L W . 9.02 14.16 42.37
C34 K3L W . 7.67 13.97 42.15
O6 K3L W . 10.95 15.60 42.19
C35 K3L W . 11.89 14.65 41.70
N1 K3L X . -23.80 -5.11 38.71
N3 K3L X . -23.76 1.90 33.36
C4 K3L X . -24.94 -3.13 35.82
C5 K3L X . -23.85 -3.24 34.99
C6 K3L X . -22.73 -3.95 35.40
C7 K3L X . -22.45 -0.12 32.96
C8 K3L X . -22.62 1.37 32.87
C10 K3L X . -24.40 -0.07 34.56
C13 K3L X . -21.63 5.09 36.09
C15 K3L X . -20.30 5.81 35.76
C17 K3L X . -18.40 4.64 36.92
C20 K3L X . -17.83 3.21 34.64
C21 K3L X . -18.85 4.13 34.62
C22 K3L X . -23.87 7.31 38.31
C24 K3L X . -24.11 7.79 35.89
C26 K3L X . -25.94 9.78 36.43
C28 K3L X . -24.66 8.53 34.84
C1 K3L X . -22.72 -4.57 36.63
C2 K3L X . -23.82 -4.49 37.48
C3 K3L X . -24.94 -3.75 37.05
S1 K3L X . -23.82 -2.42 33.42
N2 K3L X . -23.42 -0.86 33.80
C9 K3L X . -24.92 1.08 33.74
C11 K3L X . -23.90 3.35 33.60
O1 K3L X . -22.75 -2.96 32.65
O2 K3L X . -25.15 -2.38 32.90
C12 K3L X . -23.31 3.71 34.94
O3 K3L X . -21.69 2.04 32.39
O4 K3L X . -23.79 3.35 35.97
N4 K3L X . -22.17 4.42 34.91
C14 K3L X . -22.64 6.11 36.56
C16 K3L X . -19.14 4.85 35.77
C18 K3L X . -17.39 3.70 36.90
C19 K3L X . -17.07 2.97 35.77
F1 K3L X . -16.68 3.51 38.04
F2 K3L X . -17.58 2.51 33.49
N5 K3L X . -22.94 6.32 37.90
C23 K3L X . -24.47 8.06 37.22
N6 K3L X . -23.18 6.80 35.58
C25 K3L X . -25.40 9.07 37.47
C27 K3L X . -25.56 9.50 35.10
O5 K3L X . -24.11 7.45 39.49
C29 K3L X . -22.27 5.52 38.88
C30 K3L X . -21.22 6.07 39.60
C31 K3L X . -20.53 5.30 40.52
C32 K3L X . -20.90 3.98 40.73
C33 K3L X . -21.95 3.41 39.99
C34 K3L X . -22.62 4.19 39.05
O6 K3L X . -20.20 3.19 41.62
C35 K3L X . -20.28 3.49 43.01
#